data_7T3I
#
_entry.id   7T3I
#
_cell.length_a   1.00
_cell.length_b   1.00
_cell.length_c   1.00
_cell.angle_alpha   90.00
_cell.angle_beta   90.00
_cell.angle_gamma   90.00
#
_symmetry.space_group_name_H-M   'P 1'
#
loop_
_entity.id
_entity.type
_entity.pdbx_description
1 polymer Rix7
2 polymer 'substrate peptide'
3 non-polymer "ADENOSINE-5'-TRIPHOSPHATE"
4 non-polymer 'PHOSPHATE ION'
#
loop_
_entity_poly.entity_id
_entity_poly.type
_entity_poly.pdbx_seq_one_letter_code
_entity_poly.pdbx_strand_id
1 'polypeptide(L)'
;MSRRPTLRLGLDRDVYNIVLNLEQQGTDENGKRPRLTVDYVYDTIKRSNSSLARQKKRMLEDSIERVLAVRKEQAKAEEE
TDSDDLIEAQERERERQKAAQAQRDANLLNRQIAKSWGFASSPGAKAADGEKGTDTGSIATPAPATPAVAENMAADTPTT
STGPVLPASSTDRQPNGEPRPKKRKAAPKEIDRTPPTKVSILDIAGVDDTLQRLLKEVWFPLRGGEACEKMGYRYDNGVL
LHGPSGCGKTTLAHAIAGSIGVAFIPVSAPSVIGGTSGESEKNIRDVFDEAIRLAPCLIFLDEIDAIAGRRESANKGMES
RIVAEIMNGMDRIRQNTPLGKNVVVLAATNRPEFLDPAIRRRFSVEIDMGMPSERAREQILRSLTRDLSLADDINFKELA
KMTPGYVGSDLQYVVKAAVSESFQANIDSLLAQARAKHPADHLANVSQPQRDWLLLEAHRDEEVSWPSTKITMEQFRKAV
SLVQPASKREGFSTIPDTTWSHVGALEDVRKKLEMSIIGPIKNPELFTRVGIKPAAGILLWGPPGCGKTLVAKAVANESK
ANFISIKGPELLNKYVGESERAVRQLFSRAKSSAPCILFFDQMDALVPRRDDSLSDASARVVNTLLTELDGVGDRSGIYV
IGATNRPDMIDEAIRRPGRLGTSIYVGLPSAEDRVKILKTLYRNTVKAPKKREGTNGEDVDMTDAAAEQQHQGTTDADLE
KVALDLRCTGFSGADLGNLMQAAAQACLERVYTQRQQKRKEGGSVAEEEEIEPVITMEDWEKALNEVKPSVKDPEKYMHS
GFAAALEHHHHHH
;
A,B,C,D,E,F
2 'polypeptide(L)'
;(UNK)(UNK)(UNK)(UNK)(UNK)(UNK)(UNK)(UNK)(UNK)(UNK)(UNK)(UNK)(UNK)(UNK)(UNK)(UNK)
(UNK)(UNK)(UNK)(UNK)(UNK)(UNK)(UNK)(UNK)(UNK)(UNK)(UNK)
;
G
#
# COMPACT_ATOMS: atom_id res chain seq x y z
N ASP A 192 47.10 19.37 -22.69
CA ASP A 192 46.26 20.57 -22.57
C ASP A 192 46.30 21.40 -23.85
N ARG A 193 46.36 22.71 -23.68
CA ARG A 193 46.49 23.68 -24.79
C ARG A 193 45.24 23.58 -25.66
N THR A 194 45.37 23.40 -27.00
CA THR A 194 44.28 23.46 -27.96
C THR A 194 43.85 22.06 -28.39
N PRO A 195 42.59 21.91 -28.78
CA PRO A 195 42.10 20.61 -29.25
C PRO A 195 42.77 20.20 -30.54
N PRO A 196 42.84 18.90 -30.83
CA PRO A 196 43.35 18.45 -32.12
C PRO A 196 42.27 18.49 -33.19
N THR A 197 42.72 18.33 -34.44
CA THR A 197 41.83 18.28 -35.59
C THR A 197 41.48 16.84 -35.98
N LYS A 198 41.41 15.94 -35.00
CA LYS A 198 41.10 14.54 -35.28
C LYS A 198 39.71 14.37 -35.86
N VAL A 199 38.78 15.27 -35.55
CA VAL A 199 37.43 15.23 -36.09
C VAL A 199 37.11 16.60 -36.70
N SER A 200 36.54 16.59 -37.90
CA SER A 200 36.19 17.80 -38.61
C SER A 200 34.68 17.97 -38.69
N ILE A 201 34.25 19.14 -39.16
CA ILE A 201 32.82 19.39 -39.35
C ILE A 201 32.25 18.48 -40.42
N LEU A 202 33.06 18.14 -41.43
CA LEU A 202 32.61 17.19 -42.45
C LEU A 202 32.30 15.83 -41.86
N ASP A 203 32.95 15.47 -40.74
CA ASP A 203 32.73 14.18 -40.13
C ASP A 203 31.36 14.05 -39.46
N ILE A 204 30.64 15.16 -39.28
CA ILE A 204 29.34 15.16 -38.62
C ILE A 204 28.32 15.81 -39.55
N ALA A 205 27.11 15.25 -39.55
CA ALA A 205 26.03 15.77 -40.39
C ALA A 205 24.70 15.51 -39.70
N GLY A 206 23.62 15.97 -40.33
CA GLY A 206 22.29 15.79 -39.78
C GLY A 206 21.95 16.71 -38.63
N VAL A 207 22.79 17.70 -38.34
CA VAL A 207 22.58 18.60 -37.22
C VAL A 207 22.53 20.03 -37.73
N ASP A 208 22.00 20.21 -38.94
CA ASP A 208 22.06 21.51 -39.60
C ASP A 208 21.36 22.59 -38.77
N ASP A 209 20.15 22.31 -38.29
CA ASP A 209 19.45 23.29 -37.46
C ASP A 209 20.16 23.49 -36.13
N THR A 210 20.61 22.39 -35.51
CA THR A 210 21.34 22.49 -34.25
C THR A 210 22.63 23.27 -34.43
N LEU A 211 23.39 22.97 -35.50
CA LEU A 211 24.62 23.69 -35.75
C LEU A 211 24.36 25.16 -36.03
N GLN A 212 23.30 25.46 -36.78
CA GLN A 212 22.97 26.85 -37.08
C GLN A 212 22.64 27.63 -35.81
N ARG A 213 21.86 27.01 -34.92
CA ARG A 213 21.54 27.68 -33.65
C ARG A 213 22.79 27.82 -32.78
N LEU A 214 23.67 26.80 -32.80
CA LEU A 214 24.86 26.85 -31.96
C LEU A 214 25.87 27.88 -32.48
N LEU A 215 25.82 28.19 -33.77
CA LEU A 215 26.74 29.17 -34.34
C LEU A 215 26.68 30.50 -33.61
N LYS A 216 25.46 30.98 -33.33
CA LYS A 216 25.28 32.24 -32.62
C LYS A 216 25.37 32.07 -31.10
N GLU A 217 25.90 30.94 -30.63
CA GLU A 217 25.97 30.68 -29.20
C GLU A 217 27.35 30.29 -28.69
N VAL A 218 28.22 29.71 -29.51
CA VAL A 218 29.56 29.35 -29.07
C VAL A 218 30.60 30.03 -29.96
N TRP A 219 30.38 30.02 -31.27
CA TRP A 219 31.30 30.69 -32.19
C TRP A 219 31.40 32.18 -31.88
N PHE A 220 30.26 32.85 -31.77
CA PHE A 220 30.29 34.30 -31.60
C PHE A 220 31.00 34.74 -30.32
N PRO A 221 30.70 34.18 -29.13
CA PRO A 221 31.47 34.60 -27.95
C PRO A 221 32.77 33.84 -27.80
N LEU A 222 33.44 33.56 -28.92
CA LEU A 222 34.84 33.13 -28.92
C LEU A 222 35.67 33.80 -30.00
N ARG A 223 35.07 34.30 -31.08
CA ARG A 223 35.76 35.08 -32.09
C ARG A 223 35.28 36.52 -32.15
N GLY A 224 34.01 36.78 -31.82
CA GLY A 224 33.52 38.13 -31.70
C GLY A 224 33.78 38.71 -30.33
N GLY A 225 34.91 38.32 -29.72
CA GLY A 225 35.27 38.87 -28.43
C GLY A 225 35.48 40.37 -28.47
N GLU A 226 36.01 40.89 -29.58
CA GLU A 226 36.11 42.34 -29.75
C GLU A 226 34.72 42.96 -29.86
N ALA A 227 33.79 42.27 -30.51
CA ALA A 227 32.42 42.78 -30.63
C ALA A 227 31.77 42.91 -29.26
N CYS A 228 31.97 41.92 -28.39
CA CYS A 228 31.43 42.01 -27.04
C CYS A 228 32.19 43.03 -26.20
N GLU A 229 33.50 43.15 -26.42
CA GLU A 229 34.30 44.12 -25.68
C GLU A 229 33.85 45.55 -25.96
N LYS A 230 33.65 45.88 -27.24
CA LYS A 230 33.05 47.15 -27.58
C LYS A 230 31.60 47.23 -27.08
N MET A 231 30.88 46.11 -27.17
CA MET A 231 29.54 46.02 -26.60
C MET A 231 29.58 46.14 -25.08
N GLY A 232 30.62 45.63 -24.44
CA GLY A 232 30.74 45.70 -23.00
C GLY A 232 29.72 44.88 -22.25
N TYR A 233 29.44 43.66 -22.72
CA TYR A 233 28.45 42.79 -22.12
C TYR A 233 29.09 41.45 -21.80
N ARG A 234 29.10 41.09 -20.51
CA ARG A 234 29.57 39.78 -20.11
C ARG A 234 28.60 38.70 -20.58
N TYR A 235 29.16 37.58 -21.03
CA TYR A 235 28.36 36.41 -21.43
C TYR A 235 28.64 35.32 -20.42
N ASP A 236 27.77 35.19 -19.43
CA ASP A 236 27.85 34.17 -18.39
C ASP A 236 26.63 33.25 -18.50
N ASN A 237 26.72 32.28 -19.40
CA ASN A 237 25.66 31.31 -19.61
C ASN A 237 26.28 29.99 -20.03
N GLY A 238 25.52 28.91 -19.82
CA GLY A 238 25.99 27.59 -20.15
C GLY A 238 25.13 26.87 -21.16
N VAL A 239 25.71 26.46 -22.27
CA VAL A 239 24.98 25.74 -23.30
C VAL A 239 24.87 24.27 -22.89
N LEU A 240 23.65 23.76 -22.85
CA LEU A 240 23.38 22.39 -22.44
C LEU A 240 22.92 21.56 -23.63
N LEU A 241 23.58 20.43 -23.84
CA LEU A 241 23.23 19.50 -24.91
C LEU A 241 22.53 18.29 -24.30
N HIS A 242 21.38 17.93 -24.87
CA HIS A 242 20.62 16.80 -24.38
C HIS A 242 19.87 16.16 -25.53
N GLY A 243 19.66 14.85 -25.42
CA GLY A 243 18.98 14.10 -26.44
C GLY A 243 19.16 12.60 -26.27
N PRO A 244 18.72 11.83 -27.26
CA PRO A 244 18.94 10.38 -27.21
C PRO A 244 20.42 10.06 -27.19
N SER A 245 20.75 8.94 -26.53
CA SER A 245 22.13 8.51 -26.42
C SER A 245 22.71 8.21 -27.81
N GLY A 246 23.93 8.70 -28.04
CA GLY A 246 24.62 8.45 -29.29
C GLY A 246 24.26 9.38 -30.42
N CYS A 247 23.62 10.50 -30.15
CA CYS A 247 23.32 11.45 -31.22
C CYS A 247 24.54 12.23 -31.67
N GLY A 248 25.73 11.93 -31.15
CA GLY A 248 26.93 12.61 -31.58
C GLY A 248 27.37 13.78 -30.73
N LYS A 249 26.81 13.94 -29.53
CA LYS A 249 27.17 15.07 -28.69
C LYS A 249 28.66 15.08 -28.36
N THR A 250 29.21 13.91 -28.04
CA THR A 250 30.65 13.82 -27.75
C THR A 250 31.48 14.20 -28.97
N THR A 251 31.07 13.72 -30.15
CA THR A 251 31.79 14.08 -31.37
C THR A 251 31.51 15.52 -31.77
N LEU A 252 30.28 15.99 -31.53
CA LEU A 252 29.95 17.38 -31.85
C LEU A 252 30.80 18.35 -31.06
N ALA A 253 30.98 18.08 -29.76
CA ALA A 253 31.79 18.96 -28.94
C ALA A 253 33.23 19.03 -29.45
N HIS A 254 33.81 17.87 -29.77
CA HIS A 254 35.18 17.85 -30.27
C HIS A 254 35.29 18.55 -31.62
N ALA A 255 34.31 18.36 -32.51
CA ALA A 255 34.35 19.03 -33.80
C ALA A 255 34.26 20.54 -33.63
N ILE A 256 33.37 21.01 -32.76
CA ILE A 256 33.23 22.44 -32.51
C ILE A 256 34.51 23.01 -31.93
N ALA A 257 35.09 22.31 -30.95
CA ALA A 257 36.33 22.79 -30.33
C ALA A 257 37.47 22.85 -31.34
N GLY A 258 37.58 21.83 -32.20
CA GLY A 258 38.62 21.86 -33.22
C GLY A 258 38.42 22.98 -34.22
N SER A 259 37.17 23.18 -34.66
CA SER A 259 36.89 24.24 -35.62
C SER A 259 37.19 25.62 -35.04
N ILE A 260 36.78 25.85 -33.79
CA ILE A 260 37.01 27.16 -33.17
C ILE A 260 38.50 27.38 -32.94
N GLY A 261 39.17 26.39 -32.36
CA GLY A 261 40.60 26.47 -32.15
C GLY A 261 41.04 27.12 -30.86
N VAL A 262 40.11 27.61 -30.04
CA VAL A 262 40.48 28.20 -28.76
C VAL A 262 40.95 27.10 -27.80
N ALA A 263 41.68 27.51 -26.76
CA ALA A 263 42.16 26.55 -25.78
C ALA A 263 41.01 25.83 -25.10
N PHE A 264 41.15 24.52 -24.95
CA PHE A 264 40.10 23.69 -24.39
C PHE A 264 40.70 22.56 -23.58
N ILE A 265 40.07 22.25 -22.46
CA ILE A 265 40.48 21.18 -21.57
C ILE A 265 39.32 20.20 -21.47
N PRO A 266 39.47 18.96 -21.94
CA PRO A 266 38.37 17.99 -21.83
C PRO A 266 38.17 17.55 -20.38
N VAL A 267 36.96 17.76 -19.87
CA VAL A 267 36.61 17.42 -18.50
C VAL A 267 35.48 16.42 -18.54
N SER A 268 35.74 15.22 -18.03
CA SER A 268 34.74 14.16 -17.94
C SER A 268 34.31 13.97 -16.49
N ALA A 269 33.11 13.42 -16.31
CA ALA A 269 32.59 13.21 -14.96
C ALA A 269 33.48 12.32 -14.12
N PRO A 270 33.95 11.14 -14.58
CA PRO A 270 34.83 10.33 -13.74
C PRO A 270 36.28 10.78 -13.77
N SER A 271 36.67 11.63 -14.73
CA SER A 271 38.07 11.97 -14.91
C SER A 271 38.62 12.87 -13.80
N VAL A 272 37.76 13.49 -13.01
CA VAL A 272 38.20 14.46 -12.02
C VAL A 272 38.03 13.97 -10.59
N ILE A 273 37.22 12.93 -10.35
CA ILE A 273 36.99 12.47 -8.98
C ILE A 273 38.25 11.78 -8.46
N GLY A 274 38.67 12.16 -7.26
CA GLY A 274 39.86 11.62 -6.65
C GLY A 274 39.56 10.93 -5.33
N GLY A 275 40.54 10.16 -4.86
CA GLY A 275 40.38 9.39 -3.63
C GLY A 275 40.52 10.22 -2.38
N THR A 276 41.64 10.93 -2.24
CA THR A 276 41.90 11.72 -1.04
C THR A 276 40.91 12.86 -0.93
N SER A 277 40.48 13.16 0.29
CA SER A 277 39.51 14.22 0.51
C SER A 277 40.09 15.57 0.13
N GLY A 278 39.27 16.38 -0.55
CA GLY A 278 39.67 17.70 -1.01
C GLY A 278 40.33 17.69 -2.37
N GLU A 279 40.80 16.53 -2.82
CA GLU A 279 41.42 16.43 -4.13
C GLU A 279 40.41 16.66 -5.24
N SER A 280 39.15 16.34 -5.00
CA SER A 280 38.12 16.63 -5.99
C SER A 280 37.88 18.13 -6.11
N GLU A 281 37.75 18.83 -4.98
CA GLU A 281 37.67 20.28 -5.02
C GLU A 281 38.94 20.88 -5.60
N LYS A 282 40.09 20.31 -5.25
CA LYS A 282 41.35 20.79 -5.83
C LYS A 282 41.32 20.69 -7.35
N ASN A 283 40.89 19.54 -7.88
CA ASN A 283 40.83 19.37 -9.32
C ASN A 283 39.87 20.37 -9.96
N ILE A 284 38.66 20.49 -9.39
CA ILE A 284 37.66 21.38 -9.99
C ILE A 284 38.15 22.81 -9.98
N ARG A 285 38.65 23.28 -8.82
CA ARG A 285 39.10 24.66 -8.69
C ARG A 285 40.29 24.94 -9.60
N ASP A 286 41.24 24.00 -9.67
CA ASP A 286 42.42 24.23 -10.51
C ASP A 286 42.06 24.24 -11.98
N VAL A 287 41.16 23.35 -12.41
CA VAL A 287 40.71 23.37 -13.80
C VAL A 287 40.01 24.68 -14.12
N PHE A 288 39.15 25.15 -13.21
CA PHE A 288 38.44 26.40 -13.45
C PHE A 288 39.40 27.58 -13.48
N ASP A 289 40.40 27.58 -12.60
CA ASP A 289 41.40 28.66 -12.58
C ASP A 289 42.23 28.64 -13.85
N GLU A 290 42.61 27.46 -14.34
CA GLU A 290 43.33 27.36 -15.60
C GLU A 290 42.47 27.86 -16.75
N ALA A 291 41.17 27.55 -16.73
CA ALA A 291 40.26 28.05 -17.75
C ALA A 291 40.20 29.58 -17.75
N ILE A 292 40.06 30.17 -16.55
CA ILE A 292 40.00 31.63 -16.47
C ILE A 292 41.32 32.25 -16.91
N ARG A 293 42.45 31.69 -16.47
CA ARG A 293 43.75 32.23 -16.83
C ARG A 293 43.99 32.16 -18.33
N LEU A 294 43.63 31.04 -18.96
CA LEU A 294 43.77 30.87 -20.41
C LEU A 294 42.44 31.22 -21.05
N ALA A 295 42.13 32.51 -21.06
CA ALA A 295 40.88 33.00 -21.64
C ALA A 295 41.14 33.67 -22.98
N PRO A 296 40.18 33.59 -23.92
CA PRO A 296 38.92 32.84 -23.82
C PRO A 296 39.12 31.35 -24.02
N CYS A 297 38.22 30.54 -23.47
CA CYS A 297 38.31 29.09 -23.60
C CYS A 297 36.92 28.48 -23.53
N LEU A 298 36.83 27.24 -23.98
CA LEU A 298 35.61 26.45 -23.90
C LEU A 298 35.82 25.34 -22.89
N ILE A 299 34.76 25.01 -22.14
CA ILE A 299 34.79 23.92 -21.17
C ILE A 299 33.64 22.98 -21.48
N PHE A 300 33.95 21.70 -21.68
CA PHE A 300 32.95 20.68 -21.97
C PHE A 300 32.89 19.70 -20.81
N LEU A 301 31.68 19.44 -20.33
CA LEU A 301 31.43 18.57 -19.19
C LEU A 301 30.60 17.38 -19.68
N ASP A 302 31.28 16.33 -20.14
CA ASP A 302 30.59 15.16 -20.64
C ASP A 302 29.95 14.39 -19.50
N GLU A 303 28.72 13.93 -19.74
CA GLU A 303 27.95 13.17 -18.75
C GLU A 303 27.87 13.94 -17.42
N ILE A 304 27.46 15.20 -17.51
CA ILE A 304 27.35 16.04 -16.32
C ILE A 304 26.31 15.48 -15.35
N ASP A 305 25.36 14.69 -15.85
CA ASP A 305 24.38 14.06 -14.97
C ASP A 305 25.04 13.08 -14.01
N ALA A 306 26.13 12.44 -14.44
CA ALA A 306 26.82 11.48 -13.59
C ALA A 306 27.44 12.11 -12.35
N ILE A 307 27.63 13.43 -12.34
CA ILE A 307 28.11 14.14 -11.16
C ILE A 307 26.97 14.97 -10.59
N ALA A 308 26.40 15.85 -11.42
CA ALA A 308 25.33 16.75 -11.00
C ALA A 308 23.98 16.05 -11.02
N GLY A 309 23.87 15.00 -10.21
CA GLY A 309 22.63 14.25 -10.13
C GLY A 309 21.69 14.78 -9.08
N ARG A 310 21.28 13.92 -8.15
CA ARG A 310 20.41 14.30 -7.05
C ARG A 310 21.16 14.11 -5.74
N ARG A 311 21.22 15.18 -4.94
CA ARG A 311 21.88 15.13 -3.65
C ARG A 311 21.02 14.44 -2.59
N GLU A 312 19.72 14.31 -2.83
CA GLU A 312 18.83 13.70 -1.84
C GLU A 312 18.96 12.19 -1.81
N SER A 313 19.27 11.57 -2.94
CA SER A 313 19.29 10.12 -3.05
C SER A 313 20.54 9.48 -2.46
N ALA A 314 21.61 10.25 -2.24
CA ALA A 314 22.84 9.75 -1.66
C ALA A 314 23.22 10.61 -0.46
N ASN A 315 23.77 9.99 0.58
CA ASN A 315 24.02 10.65 1.85
C ASN A 315 25.47 11.05 2.04
N LYS A 316 26.35 10.80 1.07
CA LYS A 316 27.76 11.12 1.24
C LYS A 316 27.97 12.64 1.27
N GLY A 317 28.99 13.05 2.01
CA GLY A 317 29.43 14.42 2.07
C GLY A 317 30.50 14.79 1.08
N MET A 318 30.76 13.93 0.09
CA MET A 318 31.78 14.15 -0.91
C MET A 318 31.21 14.62 -2.25
N GLU A 319 29.96 14.26 -2.55
CA GLU A 319 29.34 14.74 -3.78
C GLU A 319 28.82 16.17 -3.61
N SER A 320 28.39 16.52 -2.41
CA SER A 320 27.86 17.86 -2.16
C SER A 320 28.91 18.94 -2.36
N ARG A 321 30.15 18.69 -1.92
CA ARG A 321 31.22 19.66 -2.14
C ARG A 321 31.42 19.92 -3.62
N ILE A 322 31.30 18.89 -4.46
CA ILE A 322 31.48 19.07 -5.89
C ILE A 322 30.29 19.77 -6.52
N VAL A 323 29.06 19.38 -6.13
CA VAL A 323 27.88 19.99 -6.73
C VAL A 323 27.79 21.45 -6.36
N ALA A 324 28.41 21.84 -5.23
CA ALA A 324 28.50 23.25 -4.90
C ALA A 324 29.72 23.91 -5.54
N GLU A 325 30.78 23.14 -5.77
CA GLU A 325 31.98 23.70 -6.39
C GLU A 325 31.72 24.07 -7.84
N ILE A 326 30.89 23.29 -8.54
CA ILE A 326 30.49 23.70 -9.88
C ILE A 326 29.84 25.08 -9.85
N MET A 327 28.91 25.29 -8.91
CA MET A 327 28.24 26.57 -8.77
C MET A 327 29.23 27.69 -8.47
N ASN A 328 30.11 27.48 -7.50
CA ASN A 328 30.97 28.58 -7.07
C ASN A 328 32.05 28.91 -8.09
N GLY A 329 32.62 27.89 -8.76
CA GLY A 329 33.53 28.16 -9.85
C GLY A 329 32.85 28.86 -11.02
N MET A 330 31.63 28.43 -11.36
CA MET A 330 30.85 29.14 -12.36
C MET A 330 30.68 30.61 -12.00
N ASP A 331 30.36 30.90 -10.74
CA ASP A 331 30.29 32.29 -10.30
C ASP A 331 31.65 32.98 -10.39
N ARG A 332 32.74 32.24 -10.19
CA ARG A 332 34.07 32.84 -10.31
C ARG A 332 34.36 33.28 -11.74
N ILE A 333 33.97 32.47 -12.73
CA ILE A 333 34.00 32.97 -14.10
C ILE A 333 33.04 34.15 -14.28
N ARG A 334 31.85 34.07 -13.67
CA ARG A 334 30.91 35.19 -13.75
C ARG A 334 31.53 36.50 -13.28
N GLN A 335 32.45 36.44 -12.32
CA GLN A 335 33.11 37.63 -11.80
C GLN A 335 34.40 37.96 -12.55
N ASN A 336 35.28 36.96 -12.72
CA ASN A 336 36.62 37.19 -13.26
C ASN A 336 36.59 37.11 -14.78
N THR A 337 36.10 38.18 -15.41
CA THR A 337 36.13 38.33 -16.86
C THR A 337 36.42 39.77 -17.25
N PRO A 338 37.39 40.01 -18.14
CA PRO A 338 37.70 41.36 -18.58
C PRO A 338 36.74 41.91 -19.64
N LEU A 339 35.60 41.25 -19.87
CA LEU A 339 34.59 41.63 -20.85
C LEU A 339 35.10 41.57 -22.29
N GLY A 340 36.34 41.13 -22.50
CA GLY A 340 36.87 40.97 -23.84
C GLY A 340 37.21 39.52 -24.11
N LYS A 341 37.43 38.74 -23.04
CA LYS A 341 37.71 37.31 -23.14
C LYS A 341 36.73 36.60 -22.22
N ASN A 342 35.55 36.31 -22.74
CA ASN A 342 34.50 35.60 -22.00
C ASN A 342 34.58 34.11 -22.26
N VAL A 343 34.14 33.33 -21.27
CA VAL A 343 34.23 31.88 -21.29
C VAL A 343 32.84 31.30 -21.15
N VAL A 344 32.50 30.37 -22.04
CA VAL A 344 31.22 29.68 -22.01
C VAL A 344 31.49 28.21 -21.72
N VAL A 345 30.67 27.62 -20.85
CA VAL A 345 30.80 26.22 -20.45
C VAL A 345 29.73 25.40 -21.17
N LEU A 346 30.15 24.31 -21.81
CA LEU A 346 29.26 23.43 -22.54
C LEU A 346 29.07 22.14 -21.77
N ALA A 347 27.83 21.69 -21.64
CA ALA A 347 27.52 20.46 -20.93
C ALA A 347 26.61 19.58 -21.78
N ALA A 348 26.88 18.29 -21.79
CA ALA A 348 26.12 17.34 -22.58
C ALA A 348 25.76 16.13 -21.72
N THR A 349 24.55 15.62 -21.94
CA THR A 349 24.06 14.45 -21.23
C THR A 349 22.91 13.86 -22.04
N ASN A 350 22.54 12.62 -21.71
CA ASN A 350 21.41 11.96 -22.34
C ASN A 350 20.18 11.92 -21.45
N ARG A 351 20.26 12.51 -20.25
CA ARG A 351 19.12 12.52 -19.32
C ARG A 351 19.09 13.87 -18.63
N PRO A 352 18.43 14.86 -19.25
CA PRO A 352 18.33 16.18 -18.59
C PRO A 352 17.60 16.14 -17.27
N GLU A 353 16.64 15.22 -17.11
CA GLU A 353 15.85 15.17 -15.89
C GLU A 353 16.71 14.80 -14.69
N PHE A 354 17.67 13.89 -14.87
CA PHE A 354 18.46 13.40 -13.74
C PHE A 354 19.32 14.50 -13.14
N LEU A 355 19.53 15.60 -13.87
CA LEU A 355 20.27 16.73 -13.35
C LEU A 355 19.53 17.37 -12.19
N ASP A 356 20.29 17.97 -11.28
CA ASP A 356 19.72 18.76 -10.19
C ASP A 356 19.08 20.01 -10.79
N PRO A 357 17.79 20.27 -10.55
CA PRO A 357 17.15 21.45 -11.14
C PRO A 357 17.82 22.76 -10.77
N ALA A 358 18.46 22.84 -9.59
CA ALA A 358 19.16 24.05 -9.22
C ALA A 358 20.28 24.37 -10.22
N ILE A 359 21.05 23.36 -10.60
CA ILE A 359 22.06 23.56 -11.64
C ILE A 359 21.42 23.78 -12.99
N ARG A 360 20.37 23.02 -13.31
CA ARG A 360 19.73 23.13 -14.62
C ARG A 360 19.15 24.52 -14.86
N ARG A 361 18.81 25.25 -13.79
CA ARG A 361 18.22 26.57 -13.96
C ARG A 361 19.14 27.49 -14.76
N ARG A 362 20.43 27.49 -14.43
CA ARG A 362 21.32 28.48 -15.00
C ARG A 362 21.97 28.06 -16.32
N PHE A 363 21.81 26.80 -16.74
CA PHE A 363 22.06 26.43 -18.13
C PHE A 363 20.84 26.91 -18.91
N SER A 364 20.87 28.18 -19.30
CA SER A 364 19.68 28.83 -19.84
C SER A 364 19.24 28.20 -21.16
N VAL A 365 20.20 27.93 -22.05
CA VAL A 365 19.90 27.40 -23.38
C VAL A 365 20.14 25.90 -23.36
N GLU A 366 19.06 25.14 -23.51
CA GLU A 366 19.14 23.69 -23.66
C GLU A 366 18.84 23.34 -25.10
N ILE A 367 19.74 22.59 -25.74
CA ILE A 367 19.63 22.23 -27.14
C ILE A 367 19.31 20.74 -27.23
N ASP A 368 18.25 20.41 -27.96
CA ASP A 368 17.76 19.04 -28.05
C ASP A 368 18.11 18.56 -29.46
N MET A 369 19.09 17.67 -29.55
CA MET A 369 19.44 17.02 -30.81
C MET A 369 18.56 15.78 -30.96
N GLY A 370 17.33 16.02 -31.39
CA GLY A 370 16.33 14.97 -31.49
C GLY A 370 16.67 13.92 -32.54
N MET A 371 15.73 13.00 -32.69
CA MET A 371 15.89 11.90 -33.65
C MET A 371 15.97 12.46 -35.06
N PRO A 372 16.98 12.11 -35.85
CA PRO A 372 17.10 12.67 -37.20
C PRO A 372 15.91 12.30 -38.06
N SER A 373 15.54 13.21 -38.95
CA SER A 373 14.41 13.02 -39.85
C SER A 373 14.85 12.24 -41.09
N GLU A 374 13.99 12.22 -42.11
CA GLU A 374 14.29 11.45 -43.31
C GLU A 374 15.53 11.99 -44.03
N ARG A 375 15.56 13.30 -44.28
CA ARG A 375 16.69 13.88 -45.01
C ARG A 375 17.96 13.83 -44.17
N ALA A 376 17.84 14.00 -42.85
CA ALA A 376 19.01 13.95 -41.99
C ALA A 376 19.67 12.58 -42.03
N ARG A 377 18.87 11.52 -42.05
CA ARG A 377 19.43 10.18 -42.12
C ARG A 377 20.12 9.94 -43.45
N GLU A 378 19.56 10.44 -44.55
CA GLU A 378 20.22 10.33 -45.84
C GLU A 378 21.56 11.06 -45.83
N GLN A 379 21.58 12.28 -45.27
CA GLN A 379 22.82 13.05 -45.23
C GLN A 379 23.87 12.37 -44.37
N ILE A 380 23.48 11.84 -43.20
CA ILE A 380 24.44 11.18 -42.32
C ILE A 380 24.94 9.89 -42.96
N LEU A 381 24.07 9.19 -43.71
CA LEU A 381 24.51 8.01 -44.45
C LEU A 381 25.55 8.37 -45.48
N ARG A 382 25.34 9.46 -46.21
CA ARG A 382 26.35 9.90 -47.18
C ARG A 382 27.66 10.26 -46.49
N SER A 383 27.56 10.98 -45.37
CA SER A 383 28.77 11.37 -44.64
C SER A 383 29.54 10.15 -44.14
N LEU A 384 28.83 9.14 -43.63
CA LEU A 384 29.49 7.91 -43.20
C LEU A 384 30.11 7.18 -44.39
N THR A 385 29.38 7.07 -45.50
CA THR A 385 29.93 6.48 -46.71
C THR A 385 30.54 7.55 -47.61
N ARG A 386 31.33 8.43 -47.01
CA ARG A 386 32.19 9.35 -47.73
C ARG A 386 33.45 8.67 -48.27
N ASP A 387 34.03 7.74 -47.50
CA ASP A 387 35.31 7.15 -47.83
C ASP A 387 35.21 5.69 -48.31
N LEU A 388 34.04 5.27 -48.75
CA LEU A 388 33.82 3.89 -49.14
C LEU A 388 33.54 3.77 -50.63
N SER A 389 33.97 2.67 -51.22
CA SER A 389 33.74 2.39 -52.63
C SER A 389 32.32 1.87 -52.81
N LEU A 390 31.49 2.66 -53.49
CA LEU A 390 30.06 2.36 -53.61
C LEU A 390 29.68 2.30 -55.08
N ALA A 391 28.95 1.25 -55.46
CA ALA A 391 28.37 1.19 -56.79
C ALA A 391 27.27 2.24 -56.93
N ASP A 392 27.15 2.78 -58.14
CA ASP A 392 26.22 3.87 -58.40
C ASP A 392 24.75 3.44 -58.29
N ASP A 393 24.46 2.15 -58.23
CA ASP A 393 23.09 1.68 -58.15
C ASP A 393 22.43 1.97 -56.80
N ILE A 394 23.20 2.41 -55.81
CA ILE A 394 22.65 2.64 -54.47
C ILE A 394 21.71 3.84 -54.53
N ASN A 395 20.51 3.68 -53.96
CA ASN A 395 19.53 4.76 -53.87
C ASN A 395 19.40 5.12 -52.39
N PHE A 396 20.01 6.26 -52.01
CA PHE A 396 19.99 6.68 -50.61
C PHE A 396 18.58 7.00 -50.13
N LYS A 397 17.67 7.36 -51.04
CA LYS A 397 16.29 7.60 -50.64
C LYS A 397 15.66 6.34 -50.07
N GLU A 398 15.92 5.19 -50.69
CA GLU A 398 15.41 3.93 -50.16
C GLU A 398 15.98 3.62 -48.79
N LEU A 399 17.28 3.86 -48.61
CA LEU A 399 17.91 3.60 -47.31
C LEU A 399 17.32 4.50 -46.23
N ALA A 400 17.09 5.77 -46.55
CA ALA A 400 16.46 6.68 -45.59
C ALA A 400 15.04 6.23 -45.27
N LYS A 401 14.30 5.80 -46.30
CA LYS A 401 12.91 5.38 -46.11
C LYS A 401 12.79 4.10 -45.30
N MET A 402 13.84 3.28 -45.24
CA MET A 402 13.78 1.99 -44.59
C MET A 402 14.30 2.03 -43.14
N THR A 403 14.67 3.21 -42.63
CA THR A 403 15.22 3.35 -41.28
C THR A 403 14.47 4.44 -40.54
N PRO A 404 13.22 4.18 -40.14
CA PRO A 404 12.44 5.23 -39.45
C PRO A 404 13.00 5.59 -38.08
N GLY A 405 13.12 4.60 -37.19
CA GLY A 405 13.56 4.84 -35.83
C GLY A 405 15.03 4.60 -35.59
N TYR A 406 15.90 5.40 -36.21
CA TYR A 406 17.34 5.17 -36.14
C TYR A 406 18.06 6.44 -35.69
N VAL A 407 19.24 6.23 -35.11
CA VAL A 407 20.07 7.32 -34.61
C VAL A 407 21.40 7.25 -35.38
N GLY A 408 22.26 8.26 -35.16
CA GLY A 408 23.55 8.28 -35.84
C GLY A 408 24.38 7.04 -35.57
N SER A 409 24.47 6.64 -34.30
CA SER A 409 25.17 5.40 -33.97
C SER A 409 24.51 4.20 -34.63
N ASP A 410 23.19 4.24 -34.79
CA ASP A 410 22.49 3.16 -35.47
C ASP A 410 23.01 3.00 -36.90
N LEU A 411 23.11 4.12 -37.63
CA LEU A 411 23.59 4.06 -39.00
C LEU A 411 25.07 3.72 -39.07
N GLN A 412 25.85 4.14 -38.07
CA GLN A 412 27.24 3.73 -38.01
C GLN A 412 27.36 2.21 -37.90
N TYR A 413 26.54 1.61 -37.05
CA TYR A 413 26.54 0.16 -36.94
C TYR A 413 26.04 -0.49 -38.23
N VAL A 414 25.07 0.14 -38.90
CA VAL A 414 24.58 -0.39 -40.17
C VAL A 414 25.70 -0.43 -41.20
N VAL A 415 26.48 0.66 -41.31
CA VAL A 415 27.55 0.69 -42.30
C VAL A 415 28.67 -0.26 -41.90
N LYS A 416 28.91 -0.46 -40.60
CA LYS A 416 29.86 -1.48 -40.16
C LYS A 416 29.41 -2.86 -40.62
N ALA A 417 28.12 -3.17 -40.46
CA ALA A 417 27.60 -4.45 -40.93
C ALA A 417 27.72 -4.56 -42.44
N ALA A 418 27.54 -3.44 -43.14
CA ALA A 418 27.68 -3.45 -44.60
C ALA A 418 29.11 -3.79 -45.01
N VAL A 419 30.10 -3.22 -44.32
CA VAL A 419 31.49 -3.55 -44.61
C VAL A 419 31.77 -5.01 -44.32
N SER A 420 31.22 -5.52 -43.21
CA SER A 420 31.40 -6.93 -42.89
C SER A 420 30.80 -7.82 -43.98
N GLU A 421 29.62 -7.46 -44.48
CA GLU A 421 29.02 -8.21 -45.58
C GLU A 421 29.84 -8.11 -46.85
N SER A 422 30.48 -6.96 -47.08
CA SER A 422 31.32 -6.79 -48.26
C SER A 422 32.51 -7.75 -48.20
N PHE A 423 33.13 -7.87 -47.03
CA PHE A 423 34.26 -8.79 -46.91
C PHE A 423 33.84 -10.24 -46.66
N GLN A 424 32.55 -10.49 -46.47
CA GLN A 424 32.06 -11.86 -46.28
C GLN A 424 32.40 -12.74 -47.48
N ALA A 425 32.43 -12.18 -48.68
CA ALA A 425 32.76 -12.97 -49.87
C ALA A 425 34.21 -13.47 -49.81
N ASN A 426 35.15 -12.57 -49.47
CA ASN A 426 36.52 -13.02 -49.29
C ASN A 426 36.64 -14.00 -48.13
N ILE A 427 35.77 -13.85 -47.12
CA ILE A 427 35.75 -14.82 -46.03
C ILE A 427 35.42 -16.21 -46.57
N ASP A 428 34.40 -16.30 -47.43
CA ASP A 428 34.04 -17.57 -48.02
C ASP A 428 35.17 -18.12 -48.89
N SER A 429 35.81 -17.25 -49.67
CA SER A 429 36.89 -17.70 -50.54
C SER A 429 38.04 -18.28 -49.72
N LEU A 430 38.44 -17.58 -48.66
CA LEU A 430 39.50 -18.07 -47.79
C LEU A 430 39.10 -19.37 -47.11
N LEU A 431 37.84 -19.47 -46.67
CA LEU A 431 37.37 -20.71 -46.05
C LEU A 431 37.46 -21.87 -47.03
N ALA A 432 37.03 -21.67 -48.27
CA ALA A 432 37.08 -22.74 -49.27
C ALA A 432 38.52 -23.14 -49.55
N GLN A 433 39.42 -22.16 -49.70
CA GLN A 433 40.81 -22.47 -49.97
C GLN A 433 41.45 -23.24 -48.83
N ALA A 434 41.17 -22.83 -47.59
CA ALA A 434 41.73 -23.53 -46.43
C ALA A 434 41.16 -24.94 -46.32
N ARG A 435 39.87 -25.11 -46.57
CA ARG A 435 39.26 -26.43 -46.48
C ARG A 435 39.82 -27.36 -47.54
N ALA A 436 40.01 -26.86 -48.76
CA ALA A 436 40.62 -27.67 -49.81
C ALA A 436 42.09 -27.96 -49.54
N LYS A 437 42.79 -27.05 -48.87
CA LYS A 437 44.19 -27.29 -48.55
C LYS A 437 44.36 -28.48 -47.62
N HIS A 438 43.50 -28.60 -46.61
CA HIS A 438 43.64 -29.67 -45.64
C HIS A 438 43.29 -31.01 -46.28
N PRO A 439 44.01 -32.09 -45.94
CA PRO A 439 43.73 -33.40 -46.55
C PRO A 439 42.51 -34.08 -45.97
N ALA A 440 42.27 -35.32 -46.39
CA ALA A 440 41.23 -36.20 -45.90
C ALA A 440 39.82 -35.71 -46.18
N ASP A 441 39.68 -34.64 -46.97
CA ASP A 441 38.37 -34.09 -47.35
C ASP A 441 37.58 -33.65 -46.13
N HIS A 442 37.18 -34.59 -45.29
CA HIS A 442 36.49 -34.30 -44.04
C HIS A 442 37.42 -34.63 -42.87
N LEU A 443 37.64 -33.65 -42.01
CA LEU A 443 38.49 -33.82 -40.83
C LEU A 443 37.68 -34.03 -39.57
N ALA A 444 36.80 -33.08 -39.25
CA ALA A 444 35.95 -33.14 -38.06
C ALA A 444 34.50 -33.26 -38.50
N ASN A 445 33.83 -34.32 -38.07
CA ASN A 445 32.41 -34.54 -38.36
C ASN A 445 31.50 -33.97 -37.28
N VAL A 446 31.97 -33.01 -36.49
CA VAL A 446 31.19 -32.49 -35.38
C VAL A 446 30.10 -31.54 -35.88
N SER A 447 30.48 -30.54 -36.68
CA SER A 447 29.55 -29.55 -37.20
C SER A 447 30.26 -28.72 -38.24
N GLN A 448 29.48 -28.03 -39.07
CA GLN A 448 30.05 -27.23 -40.16
C GLN A 448 30.73 -25.96 -39.62
N PRO A 449 30.01 -25.06 -38.92
CA PRO A 449 30.69 -23.83 -38.46
C PRO A 449 31.83 -24.11 -37.49
N GLN A 450 31.71 -25.13 -36.65
CA GLN A 450 32.81 -25.48 -35.76
C GLN A 450 34.03 -25.96 -36.54
N ARG A 451 33.79 -26.76 -37.59
CA ARG A 451 34.88 -27.20 -38.45
C ARG A 451 35.55 -26.01 -39.13
N ASP A 452 34.75 -25.05 -39.59
CA ASP A 452 35.31 -23.85 -40.21
C ASP A 452 36.16 -23.06 -39.21
N TRP A 453 35.64 -22.91 -37.98
CA TRP A 453 36.41 -22.23 -36.94
C TRP A 453 37.74 -22.93 -36.68
N LEU A 454 37.71 -24.26 -36.58
CA LEU A 454 38.95 -24.99 -36.34
C LEU A 454 39.93 -24.84 -37.50
N LEU A 455 39.43 -24.89 -38.73
CA LEU A 455 40.30 -24.71 -39.90
C LEU A 455 40.90 -23.31 -39.92
N LEU A 456 40.15 -22.31 -39.46
CA LEU A 456 40.69 -20.95 -39.43
C LEU A 456 41.91 -20.84 -38.53
N GLU A 457 41.86 -21.46 -37.35
CA GLU A 457 43.03 -21.47 -36.48
C GLU A 457 44.10 -22.46 -36.93
N ALA A 458 43.73 -23.42 -37.77
CA ALA A 458 44.70 -24.42 -38.22
C ALA A 458 45.87 -23.78 -38.97
N HIS A 459 45.65 -22.63 -39.61
CA HIS A 459 46.71 -21.95 -40.35
C HIS A 459 47.06 -20.59 -39.76
N ARG A 460 46.06 -19.76 -39.44
CA ARG A 460 46.25 -18.49 -38.76
C ARG A 460 47.11 -17.52 -39.56
N ASP A 461 48.39 -17.84 -39.74
CA ASP A 461 49.34 -16.92 -40.35
C ASP A 461 49.30 -16.95 -41.87
N GLU A 462 48.53 -17.85 -42.47
CA GLU A 462 48.44 -17.92 -43.93
C GLU A 462 47.55 -16.79 -44.47
N GLU A 463 48.00 -15.55 -44.30
CA GLU A 463 47.20 -14.41 -44.73
C GLU A 463 47.21 -14.29 -46.26
N VAL A 464 46.10 -13.79 -46.80
CA VAL A 464 45.95 -13.60 -48.24
C VAL A 464 45.48 -12.16 -48.48
N SER A 465 45.74 -11.68 -49.70
CA SER A 465 45.32 -10.34 -50.06
C SER A 465 43.81 -10.20 -50.02
N TRP A 466 43.34 -9.08 -49.47
CA TRP A 466 41.91 -8.86 -49.30
C TRP A 466 41.41 -7.96 -50.43
N PRO A 467 40.59 -8.46 -51.35
CA PRO A 467 40.10 -7.62 -52.43
C PRO A 467 39.27 -6.46 -51.91
N SER A 468 39.42 -5.30 -52.56
CA SER A 468 38.66 -4.10 -52.20
C SER A 468 37.34 -4.06 -52.99
N THR A 469 36.49 -5.04 -52.72
CA THR A 469 35.23 -5.16 -53.43
C THR A 469 34.31 -3.99 -53.08
N LYS A 470 33.43 -3.66 -54.02
CA LYS A 470 32.49 -2.57 -53.84
C LYS A 470 31.25 -3.04 -53.10
N ILE A 471 30.65 -2.13 -52.34
CA ILE A 471 29.47 -2.43 -51.54
C ILE A 471 28.22 -2.20 -52.39
N THR A 472 27.47 -3.27 -52.63
CA THR A 472 26.24 -3.17 -53.41
C THR A 472 25.07 -2.74 -52.54
N MET A 473 24.02 -2.26 -53.19
CA MET A 473 22.80 -1.88 -52.46
C MET A 473 22.15 -3.09 -51.79
N GLU A 474 22.28 -4.27 -52.40
CA GLU A 474 21.75 -5.48 -51.77
C GLU A 474 22.41 -5.74 -50.43
N GLN A 475 23.72 -5.47 -50.32
CA GLN A 475 24.40 -5.65 -49.05
C GLN A 475 23.87 -4.68 -48.00
N PHE A 476 23.60 -3.44 -48.39
CA PHE A 476 23.00 -2.49 -47.46
C PHE A 476 21.61 -2.95 -47.02
N ARG A 477 20.81 -3.45 -47.96
CA ARG A 477 19.48 -3.94 -47.61
C ARG A 477 19.58 -5.10 -46.63
N LYS A 478 20.53 -6.00 -46.84
CA LYS A 478 20.73 -7.11 -45.92
C LYS A 478 21.16 -6.62 -44.54
N ALA A 479 22.11 -5.68 -44.51
CA ALA A 479 22.66 -5.21 -43.23
C ALA A 479 21.62 -4.45 -42.43
N VAL A 480 20.73 -3.72 -43.11
CA VAL A 480 19.74 -2.92 -42.40
C VAL A 480 18.83 -3.80 -41.55
N SER A 481 18.39 -4.93 -42.11
CA SER A 481 17.46 -5.80 -41.41
C SER A 481 18.05 -6.45 -40.16
N LEU A 482 19.38 -6.51 -40.04
CA LEU A 482 19.99 -7.17 -38.88
C LEU A 482 20.08 -6.22 -37.68
N VAL A 483 20.79 -5.12 -37.84
CA VAL A 483 21.19 -4.27 -36.71
C VAL A 483 20.06 -3.31 -36.39
N GLN A 484 19.42 -3.52 -35.23
CA GLN A 484 18.35 -2.64 -34.75
C GLN A 484 18.59 -2.29 -33.28
N PRO A 485 19.54 -1.39 -32.99
CA PRO A 485 19.68 -0.89 -31.61
C PRO A 485 18.84 0.35 -31.36
N ALA A 486 18.91 0.88 -30.14
CA ALA A 486 18.19 2.08 -29.71
C ALA A 486 16.69 1.86 -29.65
N SER A 487 16.25 0.66 -30.03
CA SER A 487 14.85 0.28 -29.89
C SER A 487 14.70 -1.18 -29.45
N LYS A 488 15.78 -1.83 -29.04
CA LYS A 488 15.76 -3.24 -28.67
C LYS A 488 15.61 -3.44 -27.16
N ARG A 489 15.33 -2.38 -26.41
CA ARG A 489 15.20 -2.48 -24.97
C ARG A 489 13.82 -3.01 -24.58
N GLU A 490 13.48 -4.22 -25.07
CA GLU A 490 12.28 -4.97 -24.75
C GLU A 490 11.00 -4.17 -25.02
N GLY A 491 11.13 -3.02 -25.66
CA GLY A 491 9.96 -2.18 -25.91
C GLY A 491 9.07 -2.64 -27.04
N PHE A 492 9.55 -3.54 -27.89
CA PHE A 492 8.81 -3.96 -29.08
C PHE A 492 8.81 -5.48 -29.15
N SER A 493 7.61 -6.07 -29.23
CA SER A 493 7.49 -7.50 -29.35
C SER A 493 7.73 -7.95 -30.80
N THR A 494 7.93 -9.26 -30.96
CA THR A 494 8.16 -9.81 -32.29
C THR A 494 6.90 -9.69 -33.15
N ILE A 495 7.11 -9.36 -34.42
CA ILE A 495 6.01 -9.17 -35.35
C ILE A 495 5.36 -10.51 -35.65
N PRO A 496 4.05 -10.65 -35.46
CA PRO A 496 3.39 -11.91 -35.81
C PRO A 496 3.49 -12.21 -37.29
N ASP A 497 3.63 -13.49 -37.62
CA ASP A 497 3.77 -13.94 -39.01
C ASP A 497 2.42 -14.36 -39.57
N THR A 498 1.48 -13.41 -39.58
CA THR A 498 0.12 -13.65 -40.08
C THR A 498 -0.20 -12.59 -41.13
N THR A 499 -0.17 -12.99 -42.40
CA THR A 499 -0.57 -12.11 -43.48
C THR A 499 -2.08 -12.19 -43.70
N TRP A 500 -2.56 -11.51 -44.75
CA TRP A 500 -3.97 -11.57 -45.08
C TRP A 500 -4.40 -12.95 -45.56
N SER A 501 -3.46 -13.82 -45.92
CA SER A 501 -3.82 -15.18 -46.28
C SER A 501 -4.30 -16.01 -45.10
N HIS A 502 -4.12 -15.52 -43.87
CA HIS A 502 -4.54 -16.23 -42.67
C HIS A 502 -5.93 -15.82 -42.20
N VAL A 503 -6.61 -14.94 -42.93
CA VAL A 503 -7.91 -14.43 -42.53
C VAL A 503 -8.87 -14.53 -43.72
N GLY A 504 -10.11 -14.92 -43.45
CA GLY A 504 -11.13 -15.03 -44.48
C GLY A 504 -12.24 -14.03 -44.22
N ALA A 505 -12.89 -13.59 -45.31
CA ALA A 505 -13.97 -12.60 -45.26
C ALA A 505 -13.42 -11.33 -44.60
N LEU A 506 -14.26 -10.64 -43.82
CA LEU A 506 -13.86 -9.43 -43.10
C LEU A 506 -13.30 -8.38 -44.06
N GLU A 507 -13.94 -8.24 -45.23
CA GLU A 507 -13.44 -7.32 -46.25
C GLU A 507 -13.60 -5.86 -45.82
N ASP A 508 -14.68 -5.55 -45.11
CA ASP A 508 -14.93 -4.16 -44.73
C ASP A 508 -13.90 -3.67 -43.70
N VAL A 509 -13.67 -4.46 -42.64
CA VAL A 509 -12.70 -4.06 -41.63
C VAL A 509 -11.30 -4.05 -42.23
N ARG A 510 -11.01 -4.98 -43.13
CA ARG A 510 -9.71 -4.97 -43.81
C ARG A 510 -9.53 -3.71 -44.64
N LYS A 511 -10.58 -3.30 -45.36
CA LYS A 511 -10.51 -2.08 -46.15
C LYS A 511 -10.28 -0.86 -45.27
N LYS A 512 -11.02 -0.78 -44.16
CA LYS A 512 -10.86 0.35 -43.24
C LYS A 512 -9.45 0.39 -42.66
N LEU A 513 -8.94 -0.78 -42.25
CA LEU A 513 -7.61 -0.83 -41.67
C LEU A 513 -6.55 -0.46 -42.71
N GLU A 514 -6.67 -0.98 -43.92
CA GLU A 514 -5.72 -0.65 -44.98
C GLU A 514 -5.72 0.83 -45.29
N MET A 515 -6.90 1.45 -45.31
CA MET A 515 -7.02 2.84 -45.70
C MET A 515 -6.79 3.80 -44.53
N SER A 516 -6.69 3.28 -43.30
CA SER A 516 -6.45 4.15 -42.16
C SER A 516 -5.06 4.01 -41.56
N ILE A 517 -4.49 2.80 -41.56
CA ILE A 517 -3.25 2.53 -40.86
C ILE A 517 -2.19 2.04 -41.83
N ILE A 518 -2.50 0.97 -42.58
CA ILE A 518 -1.53 0.34 -43.46
C ILE A 518 -1.07 1.33 -44.54
N GLY A 519 -2.02 2.03 -45.13
CA GLY A 519 -1.74 2.96 -46.20
C GLY A 519 -0.83 4.11 -45.82
N PRO A 520 -1.24 4.92 -44.83
CA PRO A 520 -0.47 6.13 -44.51
C PRO A 520 0.99 5.88 -44.17
N ILE A 521 1.29 4.73 -43.57
CA ILE A 521 2.68 4.40 -43.28
C ILE A 521 3.46 4.19 -44.57
N LYS A 522 2.88 3.48 -45.53
CA LYS A 522 3.61 3.13 -46.75
C LYS A 522 3.86 4.36 -47.63
N ASN A 523 2.82 5.15 -47.89
CA ASN A 523 2.90 6.32 -48.76
C ASN A 523 2.25 7.52 -48.06
N PRO A 524 2.95 8.14 -47.12
CA PRO A 524 2.34 9.25 -46.37
C PRO A 524 1.95 10.44 -47.23
N GLU A 525 2.70 10.73 -48.29
CA GLU A 525 2.45 11.93 -49.07
C GLU A 525 1.08 11.91 -49.72
N LEU A 526 0.67 10.77 -50.28
CA LEU A 526 -0.62 10.70 -50.97
C LEU A 526 -1.78 10.94 -50.01
N PHE A 527 -1.73 10.33 -48.83
CA PHE A 527 -2.77 10.55 -47.83
C PHE A 527 -2.76 11.98 -47.31
N THR A 528 -1.58 12.54 -47.07
CA THR A 528 -1.51 13.92 -46.58
C THR A 528 -2.05 14.90 -47.60
N ARG A 529 -1.84 14.63 -48.89
CA ARG A 529 -2.40 15.48 -49.93
C ARG A 529 -3.92 15.46 -49.94
N VAL A 530 -4.52 14.35 -49.51
CA VAL A 530 -5.97 14.19 -49.53
C VAL A 530 -6.58 14.57 -48.18
N GLY A 531 -5.73 14.90 -47.21
CA GLY A 531 -6.22 15.31 -45.90
C GLY A 531 -6.52 14.17 -44.95
N ILE A 532 -5.69 13.13 -44.94
CA ILE A 532 -5.78 12.06 -43.96
C ILE A 532 -4.43 12.00 -43.25
N LYS A 533 -4.34 12.63 -42.09
CA LYS A 533 -3.11 12.63 -41.31
C LYS A 533 -2.97 11.31 -40.55
N PRO A 534 -1.74 10.97 -40.13
CA PRO A 534 -1.56 9.80 -39.26
C PRO A 534 -2.47 9.86 -38.04
N ALA A 535 -3.43 8.94 -37.98
CA ALA A 535 -4.45 8.98 -36.95
C ALA A 535 -3.90 8.53 -35.60
N ALA A 536 -4.61 8.90 -34.54
CA ALA A 536 -4.27 8.41 -33.21
C ALA A 536 -4.47 6.90 -33.12
N GLY A 537 -5.47 6.38 -33.82
CA GLY A 537 -5.72 4.96 -33.87
C GLY A 537 -7.20 4.68 -33.96
N ILE A 538 -7.56 3.43 -33.66
CA ILE A 538 -8.93 2.95 -33.75
C ILE A 538 -9.22 2.06 -32.55
N LEU A 539 -10.44 1.56 -32.48
CA LEU A 539 -10.91 0.73 -31.37
C LEU A 539 -11.81 -0.36 -31.94
N LEU A 540 -11.29 -1.59 -32.00
CA LEU A 540 -12.12 -2.72 -32.37
C LEU A 540 -12.98 -3.18 -31.20
N TRP A 541 -14.14 -3.76 -31.53
CA TRP A 541 -15.04 -4.28 -30.51
C TRP A 541 -16.04 -5.26 -31.12
N GLY A 542 -16.25 -6.39 -30.47
CA GLY A 542 -17.18 -7.38 -30.94
C GLY A 542 -17.19 -8.63 -30.09
N PRO A 543 -18.13 -9.53 -30.36
CA PRO A 543 -18.18 -10.78 -29.60
C PRO A 543 -16.96 -11.64 -29.90
N PRO A 544 -16.55 -12.49 -28.95
CA PRO A 544 -15.36 -13.31 -29.18
C PRO A 544 -15.57 -14.31 -30.29
N GLY A 545 -14.46 -14.69 -30.92
CA GLY A 545 -14.47 -15.61 -32.03
C GLY A 545 -14.56 -14.96 -33.39
N CYS A 546 -14.78 -13.64 -33.46
CA CYS A 546 -14.80 -12.96 -34.74
C CYS A 546 -13.42 -12.82 -35.34
N GLY A 547 -12.41 -12.54 -34.52
CA GLY A 547 -11.04 -12.46 -35.00
C GLY A 547 -10.45 -11.07 -34.98
N LYS A 548 -10.86 -10.25 -34.00
CA LYS A 548 -10.31 -8.91 -33.89
C LYS A 548 -8.81 -8.96 -33.63
N THR A 549 -8.37 -9.86 -32.75
CA THR A 549 -6.95 -10.02 -32.48
C THR A 549 -6.21 -10.47 -33.74
N LEU A 550 -6.80 -11.37 -34.52
CA LEU A 550 -6.19 -11.81 -35.76
C LEU A 550 -6.06 -10.65 -36.75
N VAL A 551 -7.09 -9.81 -36.83
CA VAL A 551 -7.04 -8.66 -37.72
C VAL A 551 -5.93 -7.71 -37.29
N ALA A 552 -5.82 -7.46 -35.99
CA ALA A 552 -4.76 -6.59 -35.48
C ALA A 552 -3.38 -7.16 -35.79
N LYS A 553 -3.20 -8.46 -35.58
CA LYS A 553 -1.91 -9.08 -35.87
C LYS A 553 -1.58 -9.00 -37.35
N ALA A 554 -2.58 -9.23 -38.22
CA ALA A 554 -2.35 -9.12 -39.66
C ALA A 554 -1.98 -7.70 -40.06
N VAL A 555 -2.63 -6.71 -39.46
CA VAL A 555 -2.31 -5.32 -39.75
C VAL A 555 -0.88 -5.00 -39.30
N ALA A 556 -0.51 -5.50 -38.11
CA ALA A 556 0.86 -5.30 -37.64
C ALA A 556 1.88 -5.93 -38.57
N ASN A 557 1.59 -7.13 -39.06
CA ASN A 557 2.50 -7.81 -39.99
C ASN A 557 2.61 -7.09 -41.34
N GLU A 558 1.50 -6.63 -41.90
CA GLU A 558 1.53 -5.97 -43.20
C GLU A 558 2.07 -4.54 -43.12
N SER A 559 1.98 -3.93 -41.94
CA SER A 559 2.51 -2.58 -41.79
C SER A 559 4.03 -2.55 -41.91
N LYS A 560 4.70 -3.63 -41.52
CA LYS A 560 6.16 -3.71 -41.57
C LYS A 560 6.81 -2.56 -40.81
N ALA A 561 6.24 -2.25 -39.66
CA ALA A 561 6.75 -1.20 -38.79
C ALA A 561 6.93 -1.75 -37.37
N ASN A 562 7.54 -0.95 -36.51
CA ASN A 562 7.70 -1.34 -35.12
C ASN A 562 6.35 -1.57 -34.47
N PHE A 563 6.23 -2.68 -33.75
CA PHE A 563 4.97 -3.09 -33.16
C PHE A 563 5.14 -3.32 -31.66
N ILE A 564 4.17 -2.84 -30.89
CA ILE A 564 4.15 -3.01 -29.44
C ILE A 564 2.82 -3.63 -29.04
N SER A 565 2.89 -4.74 -28.32
CA SER A 565 1.70 -5.42 -27.82
C SER A 565 1.68 -5.32 -26.30
N ILE A 566 0.59 -4.79 -25.77
CA ILE A 566 0.40 -4.66 -24.33
C ILE A 566 -0.57 -5.77 -23.92
N LYS A 567 -0.02 -6.84 -23.35
CA LYS A 567 -0.81 -8.00 -22.99
C LYS A 567 -1.59 -7.75 -21.71
N GLY A 568 -2.80 -7.20 -21.85
CA GLY A 568 -3.63 -6.87 -20.71
C GLY A 568 -2.98 -5.84 -19.82
N PRO A 569 -3.21 -5.95 -18.51
CA PRO A 569 -2.62 -4.99 -17.56
C PRO A 569 -1.19 -5.33 -17.14
N GLU A 570 -0.27 -5.16 -18.08
CA GLU A 570 1.16 -5.34 -17.81
C GLU A 570 1.81 -4.05 -17.31
N LEU A 571 1.03 -2.98 -17.17
CA LEU A 571 1.54 -1.68 -16.75
C LEU A 571 1.44 -1.46 -15.24
N LEU A 572 0.43 -2.05 -14.60
CA LEU A 572 0.26 -1.85 -13.16
C LEU A 572 1.44 -2.42 -12.39
N ASN A 573 1.86 -1.69 -11.36
CA ASN A 573 3.02 -2.08 -10.57
C ASN A 573 2.68 -1.91 -9.09
N LYS A 574 3.39 -2.68 -8.26
CA LYS A 574 3.19 -2.58 -6.81
C LYS A 574 3.64 -1.22 -6.29
N TYR A 575 4.74 -0.69 -6.81
CA TYR A 575 5.21 0.63 -6.39
C TYR A 575 4.30 1.72 -6.94
N VAL A 576 4.11 2.77 -6.14
CA VAL A 576 3.17 3.82 -6.49
C VAL A 576 3.67 4.61 -7.70
N GLY A 577 4.97 4.85 -7.78
CA GLY A 577 5.51 5.73 -8.80
C GLY A 577 5.98 5.02 -10.06
N GLU A 578 5.57 3.76 -10.24
CA GLU A 578 6.00 3.00 -11.40
C GLU A 578 4.85 2.73 -12.36
N SER A 579 3.62 2.69 -11.84
CA SER A 579 2.48 2.31 -12.68
C SER A 579 2.24 3.31 -13.80
N GLU A 580 2.30 4.61 -13.49
CA GLU A 580 2.12 5.62 -14.53
C GLU A 580 3.42 5.89 -15.27
N ARG A 581 4.56 5.67 -14.61
CA ARG A 581 5.85 5.81 -15.27
C ARG A 581 5.97 4.81 -16.41
N ALA A 582 5.42 3.61 -16.24
CA ALA A 582 5.42 2.64 -17.32
C ALA A 582 4.65 3.15 -18.54
N VAL A 583 3.49 3.75 -18.32
CA VAL A 583 2.69 4.28 -19.42
C VAL A 583 3.45 5.40 -20.11
N ARG A 584 4.02 6.31 -19.33
CA ARG A 584 4.75 7.44 -19.92
C ARG A 584 5.96 6.97 -20.71
N GLN A 585 6.71 6.00 -20.17
CA GLN A 585 7.86 5.46 -20.88
C GLN A 585 7.44 4.73 -22.16
N LEU A 586 6.33 3.99 -22.09
CA LEU A 586 5.83 3.31 -23.28
C LEU A 586 5.48 4.30 -24.38
N PHE A 587 4.78 5.38 -24.01
CA PHE A 587 4.42 6.35 -25.03
C PHE A 587 5.63 7.13 -25.53
N SER A 588 6.63 7.35 -24.67
CA SER A 588 7.87 7.97 -25.14
C SER A 588 8.55 7.09 -26.18
N ARG A 589 8.61 5.78 -25.93
CA ARG A 589 9.19 4.86 -26.89
C ARG A 589 8.40 4.84 -28.18
N ALA A 590 7.06 4.84 -28.08
CA ALA A 590 6.23 4.86 -29.28
C ALA A 590 6.45 6.14 -30.08
N LYS A 591 6.54 7.28 -29.40
CA LYS A 591 6.77 8.55 -30.07
C LYS A 591 8.12 8.57 -30.76
N SER A 592 9.16 8.03 -30.11
CA SER A 592 10.49 8.05 -30.68
C SER A 592 10.57 7.25 -31.97
N SER A 593 10.06 6.01 -31.95
CA SER A 593 10.20 5.11 -33.08
C SER A 593 8.96 5.16 -33.99
N ALA A 594 8.68 6.37 -34.47
CA ALA A 594 7.60 6.52 -35.44
C ALA A 594 8.06 6.05 -36.82
N PRO A 595 7.19 5.36 -37.57
CA PRO A 595 5.83 4.96 -37.16
C PRO A 595 5.83 3.74 -36.26
N CYS A 596 4.78 3.63 -35.43
CA CYS A 596 4.66 2.49 -34.52
C CYS A 596 3.18 2.18 -34.33
N ILE A 597 2.91 0.93 -33.96
CA ILE A 597 1.55 0.46 -33.72
C ILE A 597 1.47 0.00 -32.27
N LEU A 598 0.59 0.64 -31.50
CA LEU A 598 0.34 0.26 -30.11
C LEU A 598 -0.91 -0.59 -30.06
N PHE A 599 -0.78 -1.81 -29.52
CA PHE A 599 -1.89 -2.76 -29.48
C PHE A 599 -2.29 -2.97 -28.03
N PHE A 600 -3.33 -2.26 -27.60
CA PHE A 600 -3.88 -2.38 -26.26
C PHE A 600 -4.92 -3.49 -26.27
N ASP A 601 -4.47 -4.73 -26.16
CA ASP A 601 -5.38 -5.86 -26.14
C ASP A 601 -6.11 -5.93 -24.81
N GLN A 602 -7.43 -6.10 -24.88
CA GLN A 602 -8.29 -6.20 -23.70
C GLN A 602 -8.14 -4.97 -22.80
N MET A 603 -8.58 -3.83 -23.33
CA MET A 603 -8.48 -2.57 -22.59
C MET A 603 -9.36 -2.53 -21.35
N ASP A 604 -10.26 -3.50 -21.20
CA ASP A 604 -11.14 -3.51 -20.03
C ASP A 604 -10.36 -3.48 -18.73
N ALA A 605 -9.15 -4.04 -18.72
CA ALA A 605 -8.30 -3.99 -17.55
C ALA A 605 -7.53 -2.68 -17.42
N LEU A 606 -7.51 -1.85 -18.47
CA LEU A 606 -6.75 -0.61 -18.46
C LEU A 606 -7.61 0.64 -18.39
N VAL A 607 -8.82 0.60 -18.92
CA VAL A 607 -9.72 1.76 -18.87
C VAL A 607 -11.09 1.32 -18.34
N PRO A 608 -11.18 0.93 -17.07
CA PRO A 608 -12.47 0.47 -16.54
C PRO A 608 -13.48 1.61 -16.48
N ARG A 609 -14.76 1.24 -16.60
CA ARG A 609 -15.85 2.19 -16.48
C ARG A 609 -15.96 2.62 -15.02
N ARG A 610 -15.53 3.85 -14.73
CA ARG A 610 -15.47 4.35 -13.36
C ARG A 610 -16.74 5.08 -12.94
N ASP A 611 -17.89 4.72 -13.53
CA ASP A 611 -19.15 5.27 -13.06
C ASP A 611 -19.39 4.87 -11.60
N ASP A 612 -19.10 3.61 -11.26
CA ASP A 612 -19.09 3.17 -9.88
C ASP A 612 -17.68 3.32 -9.32
N SER A 613 -17.53 3.05 -8.02
CA SER A 613 -16.22 3.10 -7.37
C SER A 613 -15.51 1.76 -7.52
N LEU A 614 -15.32 1.35 -8.76
CA LEU A 614 -14.67 0.07 -9.05
C LEU A 614 -13.22 0.08 -8.59
N SER A 615 -12.50 1.17 -8.82
CA SER A 615 -11.10 1.27 -8.41
C SER A 615 -10.77 2.72 -8.12
N ASP A 616 -9.76 2.92 -7.28
CA ASP A 616 -9.27 4.25 -6.94
C ASP A 616 -7.78 4.41 -7.15
N ALA A 617 -6.99 3.36 -6.91
CA ALA A 617 -5.56 3.44 -7.15
C ALA A 617 -5.22 3.38 -8.63
N SER A 618 -6.14 2.88 -9.47
CA SER A 618 -5.94 2.84 -10.90
C SER A 618 -6.48 4.06 -11.63
N ALA A 619 -7.09 5.00 -10.90
CA ALA A 619 -7.53 6.24 -11.53
C ALA A 619 -6.34 7.03 -12.06
N ARG A 620 -5.23 7.04 -11.32
CA ARG A 620 -4.00 7.66 -11.80
C ARG A 620 -3.45 6.98 -13.04
N VAL A 621 -3.89 5.76 -13.33
CA VAL A 621 -3.48 5.07 -14.55
C VAL A 621 -4.31 5.50 -15.75
N VAL A 622 -5.63 5.52 -15.59
CA VAL A 622 -6.49 5.91 -16.71
C VAL A 622 -6.32 7.39 -17.02
N ASN A 623 -6.13 8.22 -15.98
CA ASN A 623 -5.88 9.64 -16.23
C ASN A 623 -4.57 9.85 -16.99
N THR A 624 -3.52 9.13 -16.59
CA THR A 624 -2.25 9.23 -17.30
C THR A 624 -2.39 8.74 -18.73
N LEU A 625 -3.14 7.67 -18.94
CA LEU A 625 -3.35 7.15 -20.29
C LEU A 625 -4.08 8.16 -21.15
N LEU A 626 -5.12 8.80 -20.62
CA LEU A 626 -5.82 9.83 -21.37
C LEU A 626 -4.91 11.02 -21.68
N THR A 627 -4.14 11.47 -20.70
CA THR A 627 -3.23 12.59 -20.94
C THR A 627 -2.21 12.26 -22.02
N GLU A 628 -1.65 11.05 -21.97
CA GLU A 628 -0.64 10.67 -22.94
C GLU A 628 -1.24 10.47 -24.33
N LEU A 629 -2.47 9.94 -24.40
CA LEU A 629 -3.14 9.82 -25.69
C LEU A 629 -3.40 11.20 -26.29
N ASP A 630 -3.83 12.16 -25.46
CA ASP A 630 -4.00 13.53 -25.94
C ASP A 630 -2.66 14.19 -26.25
N GLY A 631 -1.56 13.71 -25.69
CA GLY A 631 -0.25 14.26 -26.01
C GLY A 631 0.30 13.82 -27.35
N VAL A 632 -0.27 12.78 -27.95
CA VAL A 632 0.12 12.32 -29.27
C VAL A 632 -0.88 12.88 -30.27
N GLY A 633 -0.43 13.81 -31.11
CA GLY A 633 -1.30 14.46 -32.07
C GLY A 633 -1.19 13.88 -33.46
N ASP A 634 -1.86 14.55 -34.40
CA ASP A 634 -1.81 14.13 -35.79
C ASP A 634 -0.44 14.39 -36.39
N ARG A 635 -0.11 13.61 -37.42
CA ARG A 635 1.18 13.63 -38.11
C ARG A 635 2.34 13.27 -37.19
N SER A 636 2.07 12.79 -35.97
CA SER A 636 3.14 12.33 -35.09
C SER A 636 3.67 10.98 -35.51
N GLY A 637 2.80 10.08 -35.95
CA GLY A 637 3.21 8.77 -36.41
C GLY A 637 3.02 7.65 -35.41
N ILE A 638 2.00 7.70 -34.56
CA ILE A 638 1.74 6.67 -33.57
C ILE A 638 0.28 6.24 -33.71
N TYR A 639 0.07 4.94 -33.83
CA TYR A 639 -1.26 4.38 -34.06
C TYR A 639 -1.58 3.41 -32.93
N VAL A 640 -2.79 3.54 -32.37
CA VAL A 640 -3.23 2.72 -31.24
C VAL A 640 -4.41 1.89 -31.68
N ILE A 641 -4.30 0.57 -31.53
CA ILE A 641 -5.36 -0.36 -31.89
C ILE A 641 -5.73 -1.15 -30.65
N GLY A 642 -7.00 -1.04 -30.24
CA GLY A 642 -7.49 -1.74 -29.07
C GLY A 642 -8.68 -2.62 -29.41
N ALA A 643 -8.81 -3.71 -28.66
CA ALA A 643 -9.92 -4.64 -28.84
C ALA A 643 -10.44 -5.07 -27.48
N THR A 644 -11.72 -5.46 -27.46
CA THR A 644 -12.36 -5.91 -26.23
C THR A 644 -13.56 -6.75 -26.59
N ASN A 645 -14.03 -7.53 -25.61
CA ASN A 645 -15.23 -8.33 -25.78
C ASN A 645 -16.47 -7.69 -25.18
N ARG A 646 -16.31 -6.78 -24.23
CA ARG A 646 -17.44 -6.08 -23.60
C ARG A 646 -17.31 -4.59 -23.87
N PRO A 647 -18.09 -4.04 -24.81
CA PRO A 647 -18.04 -2.59 -25.04
C PRO A 647 -18.50 -1.76 -23.86
N ASP A 648 -19.26 -2.34 -22.94
CA ASP A 648 -19.79 -1.60 -21.80
C ASP A 648 -18.75 -1.40 -20.70
N MET A 649 -17.66 -2.15 -20.70
CA MET A 649 -16.66 -2.02 -19.65
C MET A 649 -15.68 -0.87 -19.92
N ILE A 650 -15.34 -0.62 -21.18
CA ILE A 650 -14.42 0.47 -21.49
C ILE A 650 -15.07 1.80 -21.13
N ASP A 651 -14.27 2.72 -20.62
CA ASP A 651 -14.78 4.03 -20.24
C ASP A 651 -15.20 4.80 -21.49
N GLU A 652 -16.34 5.50 -21.38
CA GLU A 652 -16.87 6.23 -22.52
C GLU A 652 -16.03 7.44 -22.90
N ALA A 653 -15.07 7.83 -22.07
CA ALA A 653 -14.19 8.93 -22.43
C ALA A 653 -13.26 8.55 -23.58
N ILE A 654 -12.97 7.25 -23.74
CA ILE A 654 -12.09 6.81 -24.81
C ILE A 654 -12.71 7.10 -26.17
N ARG A 655 -14.01 6.82 -26.32
CA ARG A 655 -14.68 6.94 -27.61
C ARG A 655 -14.84 8.38 -28.07
N ARG A 656 -14.58 9.36 -27.20
CA ARG A 656 -14.62 10.75 -27.64
C ARG A 656 -13.51 11.02 -28.65
N PRO A 657 -13.77 11.78 -29.70
CA PRO A 657 -12.76 12.00 -30.75
C PRO A 657 -11.48 12.61 -30.20
N GLY A 658 -10.44 12.54 -31.00
CA GLY A 658 -9.08 12.85 -30.56
C GLY A 658 -8.41 11.63 -29.96
N ARG A 659 -9.10 10.97 -29.04
CA ARG A 659 -8.70 9.68 -28.51
C ARG A 659 -9.25 8.59 -29.43
N LEU A 660 -9.25 7.34 -28.97
CA LEU A 660 -9.71 6.24 -29.81
C LEU A 660 -11.22 6.31 -29.99
N GLY A 661 -11.67 7.10 -30.96
CA GLY A 661 -13.09 7.27 -31.20
C GLY A 661 -13.58 6.57 -32.45
N THR A 662 -12.65 6.03 -33.24
CA THR A 662 -13.00 5.31 -34.46
C THR A 662 -13.27 3.86 -34.09
N SER A 663 -14.55 3.56 -33.81
CA SER A 663 -14.96 2.23 -33.39
C SER A 663 -15.41 1.44 -34.62
N ILE A 664 -14.72 0.36 -34.91
CA ILE A 664 -15.07 -0.53 -36.01
C ILE A 664 -15.67 -1.79 -35.41
N TYR A 665 -16.94 -2.03 -35.68
CA TYR A 665 -17.63 -3.20 -35.14
C TYR A 665 -17.38 -4.43 -36.00
N VAL A 666 -17.08 -5.55 -35.34
CA VAL A 666 -16.92 -6.83 -36.01
C VAL A 666 -17.90 -7.81 -35.39
N GLY A 667 -18.78 -8.38 -36.22
CA GLY A 667 -19.83 -9.25 -35.76
C GLY A 667 -19.68 -10.66 -36.29
N LEU A 668 -20.71 -11.46 -36.02
CA LEU A 668 -20.72 -12.84 -36.48
C LEU A 668 -20.73 -12.87 -38.01
N PRO A 669 -19.81 -13.60 -38.64
CA PRO A 669 -19.82 -13.69 -40.11
C PRO A 669 -21.11 -14.32 -40.62
N SER A 670 -21.55 -13.86 -41.79
CA SER A 670 -22.77 -14.37 -42.38
C SER A 670 -22.57 -15.81 -42.87
N ALA A 671 -23.65 -16.37 -43.42
CA ALA A 671 -23.59 -17.74 -43.92
C ALA A 671 -22.59 -17.89 -45.05
N GLU A 672 -22.61 -16.94 -46.00
CA GLU A 672 -21.67 -16.99 -47.12
C GLU A 672 -20.24 -16.73 -46.68
N ASP A 673 -20.05 -15.92 -45.64
CA ASP A 673 -18.70 -15.63 -45.16
C ASP A 673 -18.03 -16.89 -44.62
N ARG A 674 -18.82 -17.79 -44.04
CA ARG A 674 -18.26 -19.02 -43.49
C ARG A 674 -17.61 -19.86 -44.57
N VAL A 675 -18.11 -19.78 -45.80
CA VAL A 675 -17.50 -20.51 -46.91
C VAL A 675 -16.07 -20.04 -47.12
N LYS A 676 -15.88 -18.72 -47.22
CA LYS A 676 -14.54 -18.19 -47.40
C LYS A 676 -13.66 -18.48 -46.20
N ILE A 677 -14.22 -18.41 -44.99
CA ILE A 677 -13.44 -18.70 -43.79
C ILE A 677 -12.95 -20.13 -43.81
N LEU A 678 -13.83 -21.08 -44.14
CA LEU A 678 -13.43 -22.48 -44.21
C LEU A 678 -12.38 -22.70 -45.29
N LYS A 679 -12.56 -22.06 -46.45
CA LYS A 679 -11.58 -22.19 -47.51
C LYS A 679 -10.20 -21.72 -47.05
N THR A 680 -10.15 -20.54 -46.41
CA THR A 680 -8.87 -20.01 -45.96
C THR A 680 -8.24 -20.91 -44.90
N LEU A 681 -9.03 -21.32 -43.89
CA LEU A 681 -8.49 -22.17 -42.84
C LEU A 681 -7.98 -23.48 -43.38
N TYR A 682 -8.70 -24.10 -44.32
CA TYR A 682 -8.21 -25.35 -44.89
C TYR A 682 -6.97 -25.12 -45.74
N ARG A 683 -6.88 -23.96 -46.39
CA ARG A 683 -5.66 -23.61 -47.10
C ARG A 683 -4.49 -23.40 -46.14
N ASN A 684 -4.77 -23.10 -44.88
CA ASN A 684 -3.72 -22.95 -43.88
C ASN A 684 -3.38 -24.26 -43.17
N THR A 685 -4.01 -25.37 -43.57
CA THR A 685 -3.71 -26.67 -42.96
C THR A 685 -2.53 -27.36 -43.64
N VAL A 686 -2.63 -27.62 -44.93
CA VAL A 686 -1.57 -28.29 -45.67
C VAL A 686 -0.98 -27.35 -46.71
N GLN A 712 -5.87 -36.61 -51.88
CA GLN A 712 -6.41 -35.69 -50.90
C GLN A 712 -7.74 -35.11 -51.36
N GLY A 713 -8.79 -35.40 -50.61
CA GLY A 713 -10.12 -34.94 -50.96
C GLY A 713 -10.47 -33.58 -50.38
N THR A 714 -9.80 -32.52 -50.86
CA THR A 714 -10.13 -31.18 -50.40
C THR A 714 -11.56 -30.81 -50.77
N THR A 715 -11.94 -31.03 -52.02
CA THR A 715 -13.32 -30.90 -52.51
C THR A 715 -13.97 -29.60 -52.02
N ASP A 716 -13.39 -28.48 -52.48
CA ASP A 716 -13.85 -27.17 -52.03
C ASP A 716 -15.32 -26.93 -52.34
N ALA A 717 -15.88 -27.63 -53.33
CA ALA A 717 -17.29 -27.47 -53.64
C ALA A 717 -18.21 -27.94 -52.52
N ASP A 718 -17.70 -28.75 -51.59
CA ASP A 718 -18.49 -29.19 -50.45
C ASP A 718 -18.26 -28.36 -49.20
N LEU A 719 -17.29 -27.44 -49.22
CA LEU A 719 -17.10 -26.55 -48.08
C LEU A 719 -18.32 -25.68 -47.86
N GLU A 720 -18.93 -25.20 -48.94
CA GLU A 720 -20.17 -24.44 -48.81
C GLU A 720 -21.30 -25.31 -48.25
N LYS A 721 -21.39 -26.56 -48.71
CA LYS A 721 -22.41 -27.46 -48.18
C LYS A 721 -22.24 -27.67 -46.68
N VAL A 722 -20.99 -27.85 -46.24
CA VAL A 722 -20.73 -28.03 -44.81
C VAL A 722 -21.07 -26.75 -44.04
N ALA A 723 -20.64 -25.61 -44.55
CA ALA A 723 -20.81 -24.35 -43.82
C ALA A 723 -22.26 -23.88 -43.81
N LEU A 724 -23.00 -24.14 -44.89
CA LEU A 724 -24.37 -23.64 -45.01
C LEU A 724 -25.40 -24.54 -44.33
N ASP A 725 -24.98 -25.64 -43.71
CA ASP A 725 -25.92 -26.52 -43.04
C ASP A 725 -26.58 -25.79 -41.88
N LEU A 726 -27.87 -26.10 -41.66
CA LEU A 726 -28.62 -25.43 -40.60
C LEU A 726 -28.03 -25.71 -39.21
N ARG A 727 -27.27 -26.80 -39.07
CA ARG A 727 -26.53 -27.03 -37.83
C ARG A 727 -25.36 -26.08 -37.66
N CYS A 728 -24.98 -25.33 -38.70
CA CYS A 728 -23.83 -24.43 -38.66
C CYS A 728 -24.25 -22.97 -38.79
N THR A 729 -25.32 -22.59 -38.08
CA THR A 729 -25.86 -21.24 -38.23
C THR A 729 -25.03 -20.21 -37.47
N GLY A 730 -24.85 -20.40 -36.17
CA GLY A 730 -24.32 -19.35 -35.32
C GLY A 730 -22.86 -19.45 -34.91
N PHE A 731 -22.08 -20.28 -35.60
CA PHE A 731 -20.66 -20.42 -35.30
C PHE A 731 -19.87 -19.19 -35.74
N SER A 732 -18.81 -18.89 -34.99
CA SER A 732 -17.86 -17.84 -35.35
C SER A 732 -16.59 -18.44 -35.93
N GLY A 733 -15.67 -17.57 -36.33
CA GLY A 733 -14.46 -18.03 -37.01
C GLY A 733 -13.69 -19.05 -36.20
N ALA A 734 -13.48 -18.77 -34.91
CA ALA A 734 -12.86 -19.76 -34.04
C ALA A 734 -13.72 -21.02 -33.94
N ASP A 735 -15.03 -20.87 -34.04
CA ASP A 735 -15.91 -22.03 -33.98
C ASP A 735 -15.78 -22.89 -35.23
N LEU A 736 -15.65 -22.27 -36.41
CA LEU A 736 -15.34 -23.04 -37.61
C LEU A 736 -13.99 -23.71 -37.50
N GLY A 737 -13.00 -23.03 -36.91
CA GLY A 737 -11.72 -23.67 -36.68
C GLY A 737 -11.84 -24.89 -35.79
N ASN A 738 -12.65 -24.79 -34.73
CA ASN A 738 -12.87 -25.93 -33.85
C ASN A 738 -13.59 -27.05 -34.56
N LEU A 739 -14.56 -26.72 -35.42
CA LEU A 739 -15.26 -27.73 -36.21
C LEU A 739 -14.28 -28.46 -37.13
N MET A 740 -13.39 -27.72 -37.78
CA MET A 740 -12.38 -28.34 -38.63
C MET A 740 -11.46 -29.24 -37.82
N GLN A 741 -11.05 -28.78 -36.64
CA GLN A 741 -10.21 -29.61 -35.79
C GLN A 741 -10.94 -30.88 -35.37
N ALA A 742 -12.22 -30.78 -35.06
CA ALA A 742 -13.00 -31.96 -34.68
C ALA A 742 -13.12 -32.93 -35.85
N ALA A 743 -13.30 -32.40 -37.06
CA ALA A 743 -13.34 -33.27 -38.24
C ALA A 743 -12.02 -33.98 -38.44
N ALA A 744 -10.91 -33.27 -38.25
CA ALA A 744 -9.60 -33.90 -38.36
C ALA A 744 -9.41 -34.97 -37.28
N GLN A 745 -9.92 -34.70 -36.07
CA GLN A 745 -9.86 -35.69 -35.01
C GLN A 745 -10.66 -36.93 -35.35
N ALA A 746 -11.85 -36.74 -35.94
CA ALA A 746 -12.65 -37.88 -36.36
C ALA A 746 -11.93 -38.69 -37.45
N CYS A 747 -11.28 -37.99 -38.38
CA CYS A 747 -10.49 -38.68 -39.39
C CYS A 747 -9.36 -39.49 -38.76
N LEU A 748 -8.66 -38.90 -37.80
CA LEU A 748 -7.57 -39.61 -37.13
C LEU A 748 -8.09 -40.80 -36.32
N GLU A 749 -9.29 -40.67 -35.75
CA GLU A 749 -9.91 -41.80 -35.05
C GLU A 749 -10.23 -42.92 -36.03
N ARG A 750 -10.78 -42.58 -37.19
CA ARG A 750 -10.99 -43.59 -38.23
C ARG A 750 -9.68 -44.23 -38.67
N VAL A 751 -8.60 -43.45 -38.65
CA VAL A 751 -7.28 -43.99 -39.02
C VAL A 751 -6.90 -45.13 -38.10
N TYR A 752 -7.15 -44.98 -36.79
CA TYR A 752 -6.86 -46.05 -35.85
C TYR A 752 -7.64 -47.31 -36.18
N THR A 753 -8.94 -47.17 -36.48
CA THR A 753 -9.75 -48.35 -36.79
C THR A 753 -9.23 -49.04 -38.05
N GLN A 754 -8.94 -48.27 -39.10
CA GLN A 754 -8.43 -48.87 -40.32
C GLN A 754 -7.09 -49.57 -40.09
N ARG A 755 -6.18 -48.91 -39.38
CA ARG A 755 -4.87 -49.50 -39.13
C ARG A 755 -4.96 -50.76 -38.29
N GLN A 756 -5.83 -50.78 -37.28
CA GLN A 756 -5.95 -51.93 -36.39
C GLN A 756 -6.85 -53.02 -36.95
N GLN A 757 -7.56 -52.78 -38.04
CA GLN A 757 -8.35 -53.81 -38.66
C GLN A 757 -7.72 -54.38 -39.92
N LYS A 758 -7.39 -53.53 -40.90
CA LYS A 758 -6.84 -54.02 -42.16
C LYS A 758 -5.46 -54.64 -41.98
N ARG A 759 -4.63 -54.05 -41.12
CA ARG A 759 -3.26 -54.51 -40.91
C ARG A 759 -3.11 -55.41 -39.69
N LYS A 760 -3.54 -54.93 -38.52
CA LYS A 760 -3.38 -55.73 -37.30
C LYS A 760 -4.20 -57.01 -37.36
N GLU A 761 -5.42 -56.93 -37.89
CA GLU A 761 -6.30 -58.09 -38.03
C GLU A 761 -6.27 -58.67 -39.44
N GLY A 762 -5.11 -58.59 -40.10
CA GLY A 762 -4.97 -59.11 -41.45
C GLY A 762 -3.53 -59.12 -41.93
N GLU A 770 -2.37 -49.53 -43.16
CA GLU A 770 -1.53 -48.47 -43.70
C GLU A 770 -1.79 -47.14 -42.97
N ILE A 771 -1.14 -46.08 -43.45
CA ILE A 771 -1.29 -44.74 -42.89
C ILE A 771 -1.92 -43.84 -43.94
N GLU A 772 -3.01 -43.18 -43.57
CA GLU A 772 -3.74 -42.31 -44.49
C GLU A 772 -4.28 -41.08 -43.75
N PRO A 773 -3.60 -39.95 -43.82
CA PRO A 773 -4.10 -38.73 -43.18
C PRO A 773 -5.13 -37.97 -44.00
N VAL A 774 -5.69 -38.57 -45.04
CA VAL A 774 -6.64 -37.89 -45.91
C VAL A 774 -8.00 -37.81 -45.21
N ILE A 775 -8.58 -36.62 -45.20
CA ILE A 775 -9.86 -36.38 -44.53
C ILE A 775 -10.99 -36.78 -45.47
N THR A 776 -11.92 -37.58 -44.97
CA THR A 776 -13.09 -38.00 -45.74
C THR A 776 -14.24 -37.03 -45.49
N MET A 777 -15.19 -37.03 -46.43
CA MET A 777 -16.31 -36.11 -46.35
C MET A 777 -17.21 -36.41 -45.15
N GLU A 778 -17.43 -37.69 -44.86
CA GLU A 778 -18.33 -38.06 -43.77
C GLU A 778 -17.80 -37.62 -42.42
N ASP A 779 -16.49 -37.38 -42.31
CA ASP A 779 -15.91 -36.95 -41.04
C ASP A 779 -16.43 -35.58 -40.63
N TRP A 780 -16.59 -34.67 -41.61
CA TRP A 780 -17.14 -33.36 -41.29
C TRP A 780 -18.56 -33.46 -40.76
N GLU A 781 -19.38 -34.30 -41.39
CA GLU A 781 -20.74 -34.50 -40.91
C GLU A 781 -20.75 -35.10 -39.51
N LYS A 782 -19.85 -36.06 -39.26
CA LYS A 782 -19.75 -36.66 -37.93
C LYS A 782 -19.38 -35.62 -36.88
N ALA A 783 -18.42 -34.74 -37.20
CA ALA A 783 -17.98 -33.75 -36.24
C ALA A 783 -19.01 -32.64 -36.04
N LEU A 784 -19.82 -32.37 -37.07
CA LEU A 784 -20.83 -31.32 -36.96
C LEU A 784 -21.84 -31.61 -35.87
N ASN A 785 -22.14 -32.88 -35.63
CA ASN A 785 -23.12 -33.24 -34.61
C ASN A 785 -22.63 -32.86 -33.22
N GLU A 786 -21.33 -33.07 -32.94
CA GLU A 786 -20.78 -32.89 -31.61
C GLU A 786 -20.25 -31.49 -31.35
N VAL A 787 -20.43 -30.55 -32.27
CA VAL A 787 -19.93 -29.19 -32.11
C VAL A 787 -21.12 -28.25 -32.00
N LYS A 788 -21.03 -27.29 -31.09
CA LYS A 788 -22.08 -26.31 -30.84
C LYS A 788 -21.49 -24.90 -30.86
N PRO A 789 -22.29 -23.88 -31.18
CA PRO A 789 -21.77 -22.52 -31.19
C PRO A 789 -21.28 -22.09 -29.81
N SER A 790 -20.19 -21.31 -29.79
CA SER A 790 -19.61 -20.87 -28.53
C SER A 790 -20.42 -19.74 -27.91
N VAL A 791 -20.54 -18.62 -28.62
CA VAL A 791 -21.28 -17.48 -28.09
C VAL A 791 -22.77 -17.80 -28.13
N LYS A 792 -23.47 -17.45 -27.05
CA LYS A 792 -24.89 -17.79 -26.94
C LYS A 792 -25.77 -16.63 -27.41
N ASP A 793 -25.61 -15.45 -26.79
CA ASP A 793 -26.46 -14.30 -27.06
C ASP A 793 -25.60 -13.11 -27.44
N PRO A 794 -25.26 -12.96 -28.72
CA PRO A 794 -24.50 -11.77 -29.14
C PRO A 794 -25.23 -10.46 -28.94
N GLU A 795 -26.57 -10.50 -28.85
CA GLU A 795 -27.32 -9.26 -28.64
C GLU A 795 -27.01 -8.64 -27.28
N LYS A 796 -26.65 -9.47 -26.31
CA LYS A 796 -26.15 -8.94 -25.04
C LYS A 796 -24.82 -8.21 -25.23
N TYR A 797 -24.01 -8.66 -26.19
CA TYR A 797 -22.68 -8.09 -26.38
C TYR A 797 -22.67 -6.85 -27.26
N MET A 798 -23.61 -6.75 -28.21
CA MET A 798 -23.53 -5.67 -29.20
C MET A 798 -24.26 -4.40 -28.75
N HIS A 799 -25.43 -4.54 -28.13
CA HIS A 799 -26.18 -3.39 -27.63
C HIS A 799 -26.15 -3.40 -26.10
N SER A 800 -25.75 -2.27 -25.51
CA SER A 800 -25.76 -2.08 -24.06
C SER A 800 -24.95 -3.15 -23.32
N ARG B 193 50.75 -10.60 -18.43
CA ARG B 193 50.48 -11.33 -19.66
C ARG B 193 49.02 -11.76 -19.73
N THR B 194 48.48 -11.80 -20.94
CA THR B 194 47.08 -12.19 -21.17
C THR B 194 47.02 -13.26 -22.25
N PRO B 195 47.41 -14.48 -21.93
CA PRO B 195 47.36 -15.55 -22.92
C PRO B 195 45.93 -16.03 -23.15
N PRO B 196 45.68 -16.78 -24.23
CA PRO B 196 44.34 -17.34 -24.43
C PRO B 196 44.11 -18.57 -23.57
N THR B 197 42.97 -19.23 -23.77
CA THR B 197 42.56 -20.37 -22.96
C THR B 197 42.65 -21.66 -23.79
N LYS B 198 42.22 -22.77 -23.20
CA LYS B 198 42.34 -24.10 -23.79
C LYS B 198 40.99 -24.81 -23.75
N VAL B 199 39.95 -24.12 -24.20
CA VAL B 199 38.57 -24.60 -24.14
C VAL B 199 38.00 -24.70 -25.54
N SER B 200 38.83 -25.15 -26.48
CA SER B 200 38.57 -25.11 -27.93
C SER B 200 37.16 -25.56 -28.33
N ILE B 201 36.72 -25.07 -29.48
CA ILE B 201 35.32 -25.08 -29.94
C ILE B 201 34.66 -26.44 -29.82
N LEU B 202 35.46 -27.51 -29.72
CA LEU B 202 34.89 -28.85 -29.64
C LEU B 202 34.00 -29.03 -28.42
N ASP B 203 34.11 -28.17 -27.41
CA ASP B 203 33.29 -28.27 -26.21
C ASP B 203 32.00 -27.47 -26.31
N ILE B 204 31.73 -26.83 -27.45
CA ILE B 204 30.51 -26.05 -27.64
C ILE B 204 29.85 -26.48 -28.94
N ALA B 205 28.54 -26.72 -28.87
CA ALA B 205 27.78 -27.12 -30.05
C ALA B 205 26.34 -26.68 -29.88
N GLY B 206 25.54 -26.91 -30.92
CA GLY B 206 24.13 -26.57 -30.90
C GLY B 206 23.81 -25.11 -31.14
N VAL B 207 24.81 -24.28 -31.40
CA VAL B 207 24.62 -22.85 -31.60
C VAL B 207 25.15 -22.45 -32.97
N ASP B 208 24.98 -23.34 -33.95
CA ASP B 208 25.61 -23.17 -35.26
C ASP B 208 25.29 -21.81 -35.88
N ASP B 209 24.02 -21.39 -35.83
CA ASP B 209 23.67 -20.07 -36.37
C ASP B 209 24.37 -18.97 -35.58
N THR B 210 24.29 -19.04 -34.25
CA THR B 210 24.98 -18.07 -33.41
C THR B 210 26.48 -18.11 -33.63
N LEU B 211 27.04 -19.31 -33.73
CA LEU B 211 28.48 -19.44 -33.91
C LEU B 211 28.92 -18.83 -35.24
N GLN B 212 28.15 -19.06 -36.31
CA GLN B 212 28.52 -18.53 -37.62
C GLN B 212 28.37 -17.01 -37.66
N ARG B 213 27.29 -16.49 -37.08
CA ARG B 213 27.13 -15.03 -37.06
C ARG B 213 28.22 -14.37 -36.24
N LEU B 214 28.58 -14.96 -35.09
CA LEU B 214 29.68 -14.42 -34.31
C LEU B 214 31.01 -14.56 -35.05
N LEU B 215 31.16 -15.60 -35.86
CA LEU B 215 32.31 -15.71 -36.74
C LEU B 215 32.39 -14.50 -37.66
N LYS B 216 31.34 -14.27 -38.44
CA LYS B 216 31.30 -13.15 -39.38
C LYS B 216 31.43 -11.80 -38.69
N GLU B 217 31.07 -11.69 -37.42
CA GLU B 217 31.09 -10.42 -36.71
C GLU B 217 32.36 -10.15 -35.93
N VAL B 218 33.06 -11.18 -35.45
CA VAL B 218 34.18 -11.02 -34.54
C VAL B 218 35.49 -11.49 -35.15
N TRP B 219 35.46 -12.57 -35.93
CA TRP B 219 36.71 -13.08 -36.51
C TRP B 219 37.30 -12.07 -37.48
N PHE B 220 36.46 -11.41 -38.28
CA PHE B 220 36.97 -10.44 -39.23
C PHE B 220 37.68 -9.26 -38.58
N PRO B 221 37.09 -8.54 -37.61
CA PRO B 221 37.82 -7.40 -37.04
C PRO B 221 39.14 -7.77 -36.38
N LEU B 222 39.26 -8.99 -35.84
CA LEU B 222 40.51 -9.44 -35.24
C LEU B 222 41.44 -10.12 -36.24
N ARG B 223 41.00 -10.29 -37.49
CA ARG B 223 41.86 -10.84 -38.53
C ARG B 223 41.80 -10.06 -39.83
N GLY B 224 40.96 -9.04 -39.94
CA GLY B 224 40.90 -8.21 -41.12
C GLY B 224 41.68 -6.93 -40.94
N GLY B 225 42.66 -6.95 -40.04
CA GLY B 225 43.48 -5.77 -39.83
C GLY B 225 44.16 -5.29 -41.10
N GLU B 226 44.67 -6.23 -41.89
CA GLU B 226 45.18 -5.87 -43.22
C GLU B 226 44.07 -5.33 -44.10
N ALA B 227 42.90 -5.98 -44.07
CA ALA B 227 41.78 -5.52 -44.89
C ALA B 227 41.30 -4.13 -44.45
N CYS B 228 41.16 -3.93 -43.13
CA CYS B 228 40.73 -2.63 -42.64
C CYS B 228 41.76 -1.55 -42.93
N GLU B 229 43.05 -1.88 -42.81
CA GLU B 229 44.10 -0.92 -43.12
C GLU B 229 44.07 -0.53 -44.59
N LYS B 230 43.85 -1.50 -45.48
CA LYS B 230 43.68 -1.19 -46.90
C LYS B 230 42.47 -0.31 -47.12
N MET B 231 41.35 -0.64 -46.46
CA MET B 231 40.16 0.21 -46.54
C MET B 231 40.32 1.50 -45.77
N GLY B 232 41.24 1.56 -44.81
CA GLY B 232 41.41 2.75 -43.99
C GLY B 232 40.20 3.07 -43.15
N TYR B 233 39.50 2.06 -42.65
CA TYR B 233 38.28 2.23 -41.87
C TYR B 233 38.53 1.72 -40.46
N ARG B 234 38.18 2.54 -39.46
CA ARG B 234 38.38 2.17 -38.06
C ARG B 234 37.24 1.25 -37.65
N TYR B 235 37.46 -0.05 -37.77
CA TYR B 235 36.42 -1.06 -37.56
C TYR B 235 36.59 -1.71 -36.19
N ASP B 236 35.71 -1.35 -35.26
CA ASP B 236 35.56 -2.06 -33.99
C ASP B 236 34.09 -2.18 -33.66
N ASN B 237 33.73 -3.21 -32.90
CA ASN B 237 32.33 -3.47 -32.61
C ASN B 237 32.17 -3.98 -31.19
N GLY B 238 30.95 -3.83 -30.66
CA GLY B 238 30.62 -4.37 -29.36
C GLY B 238 29.50 -5.39 -29.45
N VAL B 239 29.81 -6.64 -29.13
CA VAL B 239 28.87 -7.74 -29.22
C VAL B 239 28.45 -8.14 -27.81
N LEU B 240 27.14 -8.25 -27.58
CA LEU B 240 26.58 -8.61 -26.29
C LEU B 240 25.72 -9.84 -26.43
N LEU B 241 25.93 -10.81 -25.56
CA LEU B 241 25.17 -12.06 -25.56
C LEU B 241 24.19 -12.06 -24.38
N HIS B 242 22.91 -12.26 -24.68
CA HIS B 242 21.88 -12.31 -23.65
C HIS B 242 21.00 -13.53 -23.89
N GLY B 243 20.45 -14.06 -22.80
CA GLY B 243 19.60 -15.22 -22.86
C GLY B 243 19.49 -15.94 -21.55
N PRO B 244 18.88 -17.13 -21.55
CA PRO B 244 18.75 -17.90 -20.32
C PRO B 244 20.11 -18.28 -19.75
N SER B 245 20.17 -18.39 -18.43
CA SER B 245 21.41 -18.75 -17.75
C SER B 245 21.78 -20.20 -18.07
N GLY B 246 23.08 -20.45 -18.18
CA GLY B 246 23.58 -21.78 -18.45
C GLY B 246 23.63 -22.17 -19.91
N CYS B 247 23.29 -21.26 -20.83
CA CYS B 247 23.34 -21.58 -22.25
C CYS B 247 24.76 -21.69 -22.78
N GLY B 248 25.76 -21.24 -22.02
CA GLY B 248 27.14 -21.37 -22.42
C GLY B 248 27.86 -20.08 -22.80
N LYS B 249 27.30 -18.93 -22.46
CA LYS B 249 27.92 -17.66 -22.84
C LYS B 249 29.33 -17.53 -22.26
N THR B 250 29.47 -17.80 -20.96
CA THR B 250 30.78 -17.71 -20.32
C THR B 250 31.78 -18.68 -20.92
N THR B 251 31.34 -19.82 -21.44
CA THR B 251 32.21 -20.75 -22.13
C THR B 251 32.34 -20.46 -23.62
N LEU B 252 31.30 -19.93 -24.25
CA LEU B 252 31.40 -19.55 -25.64
C LEU B 252 32.45 -18.45 -25.82
N ALA B 253 32.45 -17.46 -24.94
CA ALA B 253 33.43 -16.39 -25.03
C ALA B 253 34.85 -16.94 -24.84
N HIS B 254 35.04 -17.84 -23.88
CA HIS B 254 36.36 -18.43 -23.66
C HIS B 254 36.80 -19.24 -24.87
N ALA B 255 35.89 -20.01 -25.45
CA ALA B 255 36.22 -20.81 -26.64
C ALA B 255 36.61 -19.92 -27.80
N ILE B 256 35.87 -18.83 -28.01
CA ILE B 256 36.19 -17.91 -29.09
C ILE B 256 37.55 -17.27 -28.86
N ALA B 257 37.82 -16.85 -27.63
CA ALA B 257 39.11 -16.26 -27.31
C ALA B 257 40.25 -17.23 -27.54
N GLY B 258 40.06 -18.50 -27.17
CA GLY B 258 41.09 -19.50 -27.42
C GLY B 258 41.29 -19.75 -28.91
N SER B 259 40.19 -19.76 -29.68
CA SER B 259 40.30 -20.01 -31.11
C SER B 259 41.01 -18.86 -31.82
N ILE B 260 40.70 -17.62 -31.45
CA ILE B 260 41.31 -16.47 -32.10
C ILE B 260 42.81 -16.43 -31.82
N GLY B 261 43.19 -16.61 -30.56
CA GLY B 261 44.59 -16.67 -30.20
C GLY B 261 45.28 -15.34 -30.00
N VAL B 262 44.58 -14.22 -30.16
CA VAL B 262 45.14 -12.91 -29.88
C VAL B 262 45.07 -12.67 -28.38
N ALA B 263 45.70 -11.59 -27.92
CA ALA B 263 45.61 -11.22 -26.51
C ALA B 263 44.17 -11.08 -26.09
N PHE B 264 43.85 -11.58 -24.90
CA PHE B 264 42.48 -11.62 -24.41
C PHE B 264 42.49 -11.43 -22.90
N ILE B 265 41.71 -10.47 -22.43
CA ILE B 265 41.78 -10.04 -21.04
C ILE B 265 40.49 -10.38 -20.31
N PRO B 266 40.45 -11.46 -19.53
CA PRO B 266 39.28 -11.74 -18.69
C PRO B 266 39.10 -10.65 -17.64
N VAL B 267 37.94 -10.01 -17.64
CA VAL B 267 37.62 -8.95 -16.69
C VAL B 267 36.25 -9.29 -16.10
N SER B 268 36.25 -9.90 -14.92
CA SER B 268 35.00 -10.21 -14.24
C SER B 268 34.38 -8.95 -13.65
N ALA B 269 33.09 -9.02 -13.36
CA ALA B 269 32.37 -7.87 -12.81
C ALA B 269 32.93 -7.36 -11.49
N PRO B 270 33.15 -8.18 -10.46
CA PRO B 270 33.53 -7.61 -9.16
C PRO B 270 35.02 -7.45 -8.95
N SER B 271 35.85 -7.97 -9.85
CA SER B 271 37.30 -7.81 -9.70
C SER B 271 37.78 -6.42 -10.07
N VAL B 272 36.89 -5.49 -10.41
CA VAL B 272 37.30 -4.14 -10.82
C VAL B 272 37.05 -3.10 -9.73
N ILE B 273 36.34 -3.44 -8.67
CA ILE B 273 35.97 -2.49 -7.63
C ILE B 273 37.08 -2.41 -6.61
N GLY B 274 37.54 -1.19 -6.33
CA GLY B 274 38.61 -0.95 -5.37
C GLY B 274 38.10 -0.26 -4.11
N GLY B 275 39.04 -0.01 -3.21
CA GLY B 275 38.73 0.56 -1.92
C GLY B 275 38.40 2.04 -1.94
N THR B 276 39.39 2.86 -2.29
CA THR B 276 39.22 4.31 -2.24
C THR B 276 38.21 4.78 -3.29
N SER B 277 37.57 5.91 -3.00
CA SER B 277 36.57 6.47 -3.91
C SER B 277 37.25 7.09 -5.12
N GLY B 278 37.46 6.28 -6.16
CA GLY B 278 38.16 6.74 -7.34
C GLY B 278 39.14 5.69 -7.85
N GLU B 279 39.53 4.77 -6.96
CA GLU B 279 40.44 3.70 -7.36
C GLU B 279 39.80 2.82 -8.43
N SER B 280 38.51 2.52 -8.29
CA SER B 280 37.82 1.71 -9.29
C SER B 280 37.65 2.49 -10.59
N GLU B 281 37.43 3.80 -10.49
CA GLU B 281 37.33 4.63 -11.70
C GLU B 281 38.63 4.59 -12.49
N LYS B 282 39.77 4.65 -11.80
CA LYS B 282 41.05 4.51 -12.47
C LYS B 282 41.31 3.07 -12.89
N ASN B 283 40.73 2.10 -12.19
CA ASN B 283 40.93 0.70 -12.55
C ASN B 283 40.27 0.37 -13.89
N ILE B 284 39.07 0.88 -14.10
CA ILE B 284 38.41 0.69 -15.40
C ILE B 284 39.21 1.33 -16.51
N ARG B 285 39.70 2.55 -16.27
CA ARG B 285 40.55 3.23 -17.25
C ARG B 285 41.81 2.43 -17.54
N ASP B 286 42.41 1.85 -16.50
CA ASP B 286 43.61 1.05 -16.67
C ASP B 286 43.33 -0.20 -17.49
N VAL B 287 42.18 -0.83 -17.25
CA VAL B 287 41.80 -2.01 -18.03
C VAL B 287 41.68 -1.65 -19.50
N PHE B 288 40.99 -0.54 -19.79
CA PHE B 288 40.80 -0.16 -21.19
C PHE B 288 42.11 0.29 -21.83
N ASP B 289 42.98 0.94 -21.06
CA ASP B 289 44.27 1.35 -21.59
C ASP B 289 45.17 0.15 -21.86
N GLU B 290 45.12 -0.86 -20.99
CA GLU B 290 45.85 -2.09 -21.24
C GLU B 290 45.31 -2.79 -22.49
N ALA B 291 44.00 -2.75 -22.70
CA ALA B 291 43.43 -3.33 -23.91
C ALA B 291 43.92 -2.58 -25.16
N ILE B 292 43.87 -1.24 -25.12
CA ILE B 292 44.19 -0.46 -26.31
C ILE B 292 45.67 -0.53 -26.62
N ARG B 293 46.51 -0.59 -25.59
CA ARG B 293 47.96 -0.62 -25.80
C ARG B 293 48.40 -1.94 -26.40
N LEU B 294 47.91 -3.06 -25.86
CA LEU B 294 48.26 -4.39 -26.37
C LEU B 294 47.21 -4.83 -27.39
N ALA B 295 47.21 -4.13 -28.52
CA ALA B 295 46.26 -4.35 -29.59
C ALA B 295 46.89 -5.19 -30.70
N PRO B 296 46.10 -6.00 -31.42
CA PRO B 296 44.66 -6.20 -31.23
C PRO B 296 44.35 -7.18 -30.11
N CYS B 297 43.19 -7.03 -29.47
CA CYS B 297 42.82 -7.89 -28.35
C CYS B 297 41.31 -8.01 -28.25
N LEU B 298 40.88 -8.98 -27.45
CA LEU B 298 39.47 -9.21 -27.15
C LEU B 298 39.22 -8.96 -25.67
N ILE B 299 38.19 -8.19 -25.36
CA ILE B 299 37.85 -7.84 -23.98
C ILE B 299 36.56 -8.55 -23.61
N PHE B 300 36.59 -9.26 -22.48
CA PHE B 300 35.43 -10.00 -21.99
C PHE B 300 35.01 -9.40 -20.64
N LEU B 301 33.88 -8.71 -20.63
CA LEU B 301 33.33 -8.12 -19.42
C LEU B 301 32.20 -9.02 -18.92
N ASP B 302 32.59 -10.03 -18.13
CA ASP B 302 31.63 -11.01 -17.64
C ASP B 302 30.67 -10.36 -16.65
N GLU B 303 29.39 -10.74 -16.76
CA GLU B 303 28.33 -10.27 -15.87
C GLU B 303 28.31 -8.75 -15.79
N ILE B 304 28.22 -8.11 -16.96
CA ILE B 304 28.19 -6.66 -17.04
C ILE B 304 26.95 -6.05 -16.37
N ASP B 305 25.94 -6.88 -16.08
CA ASP B 305 24.72 -6.35 -15.47
C ASP B 305 24.99 -5.79 -14.08
N ALA B 306 25.86 -6.46 -13.31
CA ALA B 306 26.08 -6.07 -11.92
C ALA B 306 26.71 -4.68 -11.83
N ILE B 307 27.75 -4.42 -12.62
CA ILE B 307 28.49 -3.17 -12.48
C ILE B 307 27.96 -2.07 -13.40
N ALA B 308 27.18 -2.41 -14.42
CA ALA B 308 26.64 -1.43 -15.35
C ALA B 308 25.11 -1.35 -15.24
N GLY B 309 24.61 -1.39 -14.01
CA GLY B 309 23.17 -1.30 -13.80
C GLY B 309 22.64 0.08 -14.12
N ARG B 310 21.31 0.17 -14.19
CA ARG B 310 20.66 1.43 -14.50
C ARG B 310 20.99 2.47 -13.46
N ARG B 311 21.39 3.66 -13.92
CA ARG B 311 21.78 4.73 -13.00
C ARG B 311 20.61 5.28 -12.22
N GLU B 312 19.40 5.29 -12.79
CA GLU B 312 18.24 5.80 -12.07
C GLU B 312 17.87 4.88 -10.91
N SER B 313 18.06 3.56 -11.09
CA SER B 313 17.76 2.58 -10.05
C SER B 313 18.90 2.41 -9.06
N ALA B 314 20.06 3.02 -9.32
CA ALA B 314 21.19 2.98 -8.40
C ALA B 314 21.78 4.38 -8.36
N ASN B 315 21.28 5.21 -7.44
CA ASN B 315 21.66 6.61 -7.34
C ASN B 315 22.88 6.82 -6.44
N LYS B 316 23.43 5.76 -5.86
CA LYS B 316 24.69 5.90 -5.15
C LYS B 316 25.80 6.29 -6.12
N GLY B 317 26.67 7.19 -5.66
CA GLY B 317 27.61 7.84 -6.55
C GLY B 317 28.63 6.89 -7.17
N MET B 318 29.09 5.91 -6.39
CA MET B 318 30.25 5.13 -6.81
C MET B 318 29.97 4.35 -8.08
N GLU B 319 28.90 3.55 -8.10
CA GLU B 319 28.56 2.82 -9.32
C GLU B 319 28.13 3.77 -10.42
N SER B 320 27.63 4.95 -10.06
CA SER B 320 27.32 5.95 -11.08
C SER B 320 28.58 6.37 -11.83
N ARG B 321 29.65 6.71 -11.10
CA ARG B 321 30.88 7.07 -11.81
C ARG B 321 31.52 5.85 -12.46
N ILE B 322 31.25 4.64 -11.96
CA ILE B 322 31.74 3.45 -12.64
C ILE B 322 31.10 3.30 -14.02
N VAL B 323 29.78 3.46 -14.08
CA VAL B 323 29.08 3.41 -15.36
C VAL B 323 29.55 4.53 -16.26
N ALA B 324 29.71 5.74 -15.70
CA ALA B 324 30.19 6.87 -16.50
C ALA B 324 31.60 6.62 -17.02
N GLU B 325 32.46 5.99 -16.23
CA GLU B 325 33.83 5.72 -16.65
C GLU B 325 33.86 4.68 -17.76
N ILE B 326 33.04 3.64 -17.64
CA ILE B 326 32.93 2.66 -18.72
C ILE B 326 32.41 3.33 -19.99
N MET B 327 31.39 4.17 -19.86
CA MET B 327 30.83 4.87 -21.02
C MET B 327 31.89 5.74 -21.69
N ASN B 328 32.66 6.47 -20.90
CA ASN B 328 33.70 7.33 -21.45
C ASN B 328 34.80 6.50 -22.13
N GLY B 329 35.25 5.43 -21.46
CA GLY B 329 36.37 4.68 -21.99
C GLY B 329 36.02 3.85 -23.20
N MET B 330 34.77 3.42 -23.31
CA MET B 330 34.40 2.52 -24.40
C MET B 330 34.51 3.22 -25.75
N ASP B 331 34.36 4.54 -25.75
CA ASP B 331 34.61 5.31 -26.97
C ASP B 331 36.09 5.62 -27.16
N ARG B 332 36.90 5.50 -26.11
CA ARG B 332 38.33 5.75 -26.25
C ARG B 332 38.97 4.77 -27.21
N ILE B 333 38.58 3.49 -27.14
CA ILE B 333 39.12 2.50 -28.05
C ILE B 333 38.68 2.78 -29.48
N ARG B 334 37.45 3.26 -29.65
CA ARG B 334 36.97 3.61 -30.99
C ARG B 334 37.74 4.78 -31.58
N GLN B 335 38.07 5.77 -30.75
CA GLN B 335 38.72 6.98 -31.26
C GLN B 335 40.23 6.80 -31.45
N ASN B 336 40.90 6.15 -30.49
CA ASN B 336 42.35 6.18 -30.40
C ASN B 336 43.03 4.88 -30.80
N THR B 337 42.30 3.92 -31.36
CA THR B 337 42.96 2.70 -31.82
C THR B 337 43.81 2.99 -33.04
N PRO B 338 44.98 2.33 -33.18
CA PRO B 338 45.88 2.58 -34.30
C PRO B 338 45.47 1.88 -35.60
N LEU B 339 44.17 1.94 -35.92
CA LEU B 339 43.64 1.49 -37.20
C LEU B 339 43.90 0.01 -37.47
N GLY B 340 45.16 -0.35 -37.65
CA GLY B 340 45.51 -1.71 -38.05
C GLY B 340 45.28 -2.75 -36.97
N LYS B 341 45.24 -2.34 -35.71
CA LYS B 341 45.03 -3.26 -34.58
C LYS B 341 43.88 -2.72 -33.73
N ASN B 342 42.66 -3.09 -34.09
CA ASN B 342 41.46 -2.67 -33.38
C ASN B 342 41.23 -3.56 -32.16
N VAL B 343 40.05 -3.42 -31.55
CA VAL B 343 39.66 -4.19 -30.39
C VAL B 343 38.15 -4.37 -30.39
N VAL B 344 37.70 -5.56 -30.02
CA VAL B 344 36.28 -5.87 -29.89
C VAL B 344 35.95 -6.06 -28.42
N VAL B 345 34.82 -5.52 -27.99
CA VAL B 345 34.35 -5.65 -26.62
C VAL B 345 33.24 -6.70 -26.58
N LEU B 346 33.43 -7.72 -25.76
CA LEU B 346 32.46 -8.81 -25.62
C LEU B 346 32.02 -8.87 -24.17
N ALA B 347 30.72 -9.12 -23.96
CA ALA B 347 30.18 -9.22 -22.62
C ALA B 347 29.03 -10.22 -22.63
N ALA B 348 28.75 -10.79 -21.46
CA ALA B 348 27.72 -11.81 -21.35
C ALA B 348 26.97 -11.61 -20.04
N THR B 349 25.65 -11.54 -20.14
CA THR B 349 24.78 -11.44 -18.97
C THR B 349 23.62 -12.40 -19.12
N ASN B 350 23.08 -12.81 -17.97
CA ASN B 350 21.87 -13.62 -17.92
C ASN B 350 20.61 -12.78 -17.85
N ARG B 351 20.75 -11.46 -17.82
CA ARG B 351 19.64 -10.54 -17.69
C ARG B 351 20.03 -9.20 -18.30
N PRO B 352 19.39 -8.79 -19.40
CA PRO B 352 19.74 -7.49 -19.99
C PRO B 352 18.84 -6.36 -19.54
N GLU B 353 17.80 -6.67 -18.77
CA GLU B 353 16.82 -5.65 -18.37
C GLU B 353 17.46 -4.58 -17.49
N PHE B 354 18.24 -4.98 -16.50
CA PHE B 354 18.86 -4.00 -15.61
C PHE B 354 20.05 -3.30 -16.25
N LEU B 355 20.44 -3.70 -17.46
CA LEU B 355 21.49 -2.97 -18.16
C LEU B 355 21.00 -1.60 -18.59
N ASP B 356 21.89 -0.63 -18.51
CA ASP B 356 21.60 0.72 -18.96
C ASP B 356 21.28 0.71 -20.45
N PRO B 357 20.14 1.26 -20.86
CA PRO B 357 19.91 1.43 -22.31
C PRO B 357 20.97 2.31 -22.97
N ALA B 358 21.54 3.24 -22.21
CA ALA B 358 22.66 4.03 -22.73
C ALA B 358 23.85 3.14 -23.08
N ILE B 359 24.21 2.22 -22.19
CA ILE B 359 25.31 1.31 -22.50
C ILE B 359 24.84 0.23 -23.47
N ARG B 360 23.54 -0.08 -23.47
CA ARG B 360 23.03 -1.06 -24.42
C ARG B 360 23.13 -0.56 -25.85
N ARG B 361 22.99 0.75 -26.06
CA ARG B 361 23.15 1.30 -27.41
C ARG B 361 24.57 1.12 -27.92
N ARG B 362 25.57 1.11 -27.03
CA ARG B 362 26.95 0.90 -27.45
C ARG B 362 27.13 -0.48 -28.07
N PHE B 363 26.54 -1.50 -27.46
CA PHE B 363 26.69 -2.87 -27.95
C PHE B 363 25.73 -3.09 -29.11
N SER B 364 26.29 -3.25 -30.31
CA SER B 364 25.47 -3.30 -31.52
C SER B 364 24.87 -4.69 -31.74
N VAL B 365 25.72 -5.69 -31.90
CA VAL B 365 25.27 -7.03 -32.28
C VAL B 365 24.81 -7.74 -31.00
N GLU B 366 23.51 -7.77 -30.78
CA GLU B 366 22.91 -8.46 -29.66
C GLU B 366 22.44 -9.83 -30.13
N ILE B 367 23.00 -10.89 -29.53
CA ILE B 367 22.71 -12.26 -29.93
C ILE B 367 21.92 -12.92 -28.81
N ASP B 368 20.76 -13.49 -29.16
CA ASP B 368 19.89 -14.15 -28.19
C ASP B 368 20.10 -15.65 -28.26
N MET B 369 21.00 -16.14 -27.41
CA MET B 369 21.27 -17.57 -27.29
C MET B 369 20.15 -18.21 -26.49
N GLY B 370 19.08 -18.58 -27.18
CA GLY B 370 17.91 -19.14 -26.55
C GLY B 370 18.15 -20.56 -26.06
N MET B 371 17.10 -21.11 -25.44
CA MET B 371 17.18 -22.46 -24.92
C MET B 371 17.34 -23.45 -26.07
N PRO B 372 18.28 -24.39 -25.99
CA PRO B 372 18.53 -25.28 -27.13
C PRO B 372 17.34 -26.17 -27.43
N SER B 373 17.20 -26.53 -28.70
CA SER B 373 16.12 -27.37 -29.17
C SER B 373 16.59 -28.82 -29.24
N GLU B 374 15.71 -29.70 -29.73
CA GLU B 374 15.99 -31.14 -29.75
C GLU B 374 17.26 -31.45 -30.52
N ARG B 375 17.36 -30.93 -31.74
CA ARG B 375 18.56 -31.14 -32.54
C ARG B 375 19.78 -30.52 -31.86
N ALA B 376 19.62 -29.34 -31.28
CA ALA B 376 20.71 -28.72 -30.54
C ALA B 376 21.08 -29.55 -29.31
N ARG B 377 20.09 -30.08 -28.59
CA ARG B 377 20.36 -30.86 -27.39
C ARG B 377 21.12 -32.13 -27.72
N GLU B 378 20.76 -32.79 -28.82
CA GLU B 378 21.47 -34.01 -29.21
C GLU B 378 22.94 -33.71 -29.51
N GLN B 379 23.19 -32.62 -30.24
CA GLN B 379 24.57 -32.25 -30.54
C GLN B 379 25.34 -31.87 -29.28
N ILE B 380 24.68 -31.19 -28.35
CA ILE B 380 25.35 -30.83 -27.08
C ILE B 380 25.69 -32.10 -26.31
N LEU B 381 24.77 -33.07 -26.27
CA LEU B 381 25.05 -34.32 -25.59
C LEU B 381 26.23 -35.04 -26.22
N ARG B 382 26.30 -35.06 -27.55
CA ARG B 382 27.45 -35.68 -28.21
C ARG B 382 28.74 -34.95 -27.87
N SER B 383 28.72 -33.62 -27.90
CA SER B 383 29.92 -32.85 -27.62
C SER B 383 30.41 -33.08 -26.19
N LEU B 384 29.48 -33.16 -25.23
CA LEU B 384 29.87 -33.41 -23.85
C LEU B 384 30.39 -34.84 -23.68
N THR B 385 29.68 -35.83 -24.23
CA THR B 385 30.19 -37.19 -24.18
C THR B 385 31.00 -37.49 -25.43
N ARG B 386 31.90 -36.56 -25.78
CA ARG B 386 32.92 -36.79 -26.79
C ARG B 386 34.06 -37.68 -26.32
N ASP B 387 34.52 -37.51 -25.08
CA ASP B 387 35.72 -38.19 -24.60
C ASP B 387 35.42 -39.19 -23.49
N LEU B 388 34.23 -39.78 -23.49
CA LEU B 388 33.86 -40.79 -22.50
C LEU B 388 33.76 -42.14 -23.18
N SER B 389 34.14 -43.19 -22.46
CA SER B 389 34.07 -44.55 -23.01
C SER B 389 32.62 -45.00 -23.10
N LEU B 390 31.84 -44.35 -23.94
CA LEU B 390 30.41 -44.62 -23.99
C LEU B 390 30.14 -45.89 -24.79
N ALA B 391 29.09 -46.61 -24.39
CA ALA B 391 28.75 -47.87 -25.02
C ALA B 391 28.23 -47.65 -26.45
N ASP B 392 28.46 -48.66 -27.31
CA ASP B 392 28.13 -48.55 -28.72
C ASP B 392 26.63 -48.64 -29.00
N ASP B 393 25.83 -49.07 -28.03
CA ASP B 393 24.39 -49.21 -28.24
C ASP B 393 23.61 -47.96 -27.87
N ILE B 394 24.31 -46.84 -27.64
CA ILE B 394 23.65 -45.61 -27.20
C ILE B 394 22.85 -45.01 -28.35
N ASN B 395 21.66 -44.50 -28.02
CA ASN B 395 20.82 -43.78 -28.97
C ASN B 395 20.65 -42.34 -28.47
N PHE B 396 21.42 -41.42 -29.04
CA PHE B 396 21.30 -40.02 -28.67
C PHE B 396 19.93 -39.46 -29.05
N LYS B 397 19.33 -39.96 -30.13
CA LYS B 397 18.01 -39.47 -30.53
C LYS B 397 16.96 -39.80 -29.47
N GLU B 398 17.04 -40.98 -28.89
CA GLU B 398 16.12 -41.34 -27.80
C GLU B 398 16.27 -40.39 -26.63
N LEU B 399 17.51 -40.00 -26.31
CA LEU B 399 17.73 -39.02 -25.27
C LEU B 399 17.10 -37.67 -25.64
N ALA B 400 17.38 -37.19 -26.85
CA ALA B 400 16.94 -35.85 -27.24
C ALA B 400 15.42 -35.75 -27.26
N LYS B 401 14.75 -36.79 -27.75
CA LYS B 401 13.29 -36.77 -27.83
C LYS B 401 12.63 -36.71 -26.46
N MET B 402 13.31 -37.17 -25.42
CA MET B 402 12.77 -37.16 -24.06
C MET B 402 13.35 -36.04 -23.20
N THR B 403 14.02 -35.07 -23.80
CA THR B 403 14.57 -33.90 -23.11
C THR B 403 13.70 -32.70 -23.44
N PRO B 404 12.68 -32.39 -22.63
CA PRO B 404 11.78 -31.29 -22.98
C PRO B 404 12.42 -29.93 -23.01
N GLY B 405 13.06 -29.52 -21.91
CA GLY B 405 13.54 -28.16 -21.81
C GLY B 405 14.86 -27.95 -21.08
N TYR B 406 15.73 -28.96 -21.09
CA TYR B 406 16.99 -28.84 -20.37
C TYR B 406 17.89 -27.79 -21.03
N VAL B 407 18.96 -27.46 -20.33
CA VAL B 407 19.91 -26.43 -20.75
C VAL B 407 21.28 -27.11 -20.78
N GLY B 408 22.30 -26.42 -21.31
CA GLY B 408 23.62 -27.02 -21.40
C GLY B 408 24.16 -27.49 -20.05
N SER B 409 24.00 -26.65 -19.02
CA SER B 409 24.40 -27.07 -17.68
C SER B 409 23.58 -28.27 -17.21
N ASP B 410 22.30 -28.32 -17.59
CA ASP B 410 21.47 -29.47 -17.23
C ASP B 410 22.01 -30.75 -17.87
N LEU B 411 22.41 -30.69 -19.13
CA LEU B 411 22.98 -31.87 -19.79
C LEU B 411 24.33 -32.23 -19.21
N GLN B 412 25.11 -31.22 -18.80
CA GLN B 412 26.36 -31.48 -18.09
C GLN B 412 26.09 -32.25 -16.80
N TYR B 413 25.06 -31.86 -16.06
CA TYR B 413 24.70 -32.57 -14.84
C TYR B 413 24.19 -33.98 -15.16
N VAL B 414 23.51 -34.15 -16.29
CA VAL B 414 23.11 -35.49 -16.72
C VAL B 414 24.33 -36.38 -16.91
N VAL B 415 25.34 -35.87 -17.62
CA VAL B 415 26.55 -36.64 -17.86
C VAL B 415 27.26 -36.94 -16.54
N LYS B 416 27.33 -35.95 -15.65
CA LYS B 416 27.95 -36.17 -14.35
C LYS B 416 27.24 -37.23 -13.53
N ALA B 417 25.91 -37.21 -13.50
CA ALA B 417 25.16 -38.23 -12.77
C ALA B 417 25.37 -39.62 -13.39
N ALA B 418 25.40 -39.70 -14.71
CA ALA B 418 25.65 -40.97 -15.37
C ALA B 418 27.03 -41.51 -15.02
N VAL B 419 28.01 -40.62 -14.91
CA VAL B 419 29.37 -41.06 -14.55
C VAL B 419 29.37 -41.72 -13.17
N SER B 420 28.68 -41.10 -12.20
CA SER B 420 28.62 -41.68 -10.86
C SER B 420 27.81 -42.97 -10.85
N GLU B 421 26.76 -43.04 -11.68
CA GLU B 421 25.99 -44.27 -11.77
C GLU B 421 26.86 -45.41 -12.30
N SER B 422 27.75 -45.12 -13.24
CA SER B 422 28.65 -46.14 -13.77
C SER B 422 29.60 -46.67 -12.70
N PHE B 423 29.98 -45.85 -11.73
CA PHE B 423 30.93 -46.26 -10.70
C PHE B 423 30.27 -46.68 -9.40
N GLN B 424 28.94 -46.61 -9.32
CA GLN B 424 28.24 -47.12 -8.14
C GLN B 424 28.60 -48.58 -7.87
N ALA B 425 28.73 -49.38 -8.91
CA ALA B 425 29.06 -50.79 -8.73
C ALA B 425 30.43 -50.96 -8.09
N ASN B 426 31.42 -50.19 -8.56
CA ASN B 426 32.75 -50.28 -7.97
C ASN B 426 32.79 -49.73 -6.56
N ILE B 427 32.00 -48.70 -6.27
CA ILE B 427 31.88 -48.22 -4.89
C ILE B 427 31.31 -49.32 -4.00
N ASP B 428 30.30 -50.05 -4.51
CA ASP B 428 29.75 -51.17 -3.75
C ASP B 428 30.79 -52.25 -3.53
N SER B 429 31.60 -52.55 -4.56
CA SER B 429 32.65 -53.56 -4.41
C SER B 429 33.66 -53.14 -3.35
N LEU B 430 34.07 -51.87 -3.36
CA LEU B 430 34.99 -51.38 -2.35
C LEU B 430 34.38 -51.46 -0.96
N LEU B 431 33.09 -51.13 -0.84
CA LEU B 431 32.40 -51.23 0.43
C LEU B 431 32.38 -52.67 0.93
N ALA B 432 32.11 -53.62 0.03
CA ALA B 432 32.12 -55.03 0.42
C ALA B 432 33.50 -55.48 0.87
N GLN B 433 34.55 -55.05 0.16
CA GLN B 433 35.91 -55.42 0.56
C GLN B 433 36.26 -54.83 1.92
N ALA B 434 35.89 -53.58 2.17
CA ALA B 434 36.13 -52.97 3.47
C ALA B 434 35.37 -53.68 4.58
N ARG B 435 34.13 -54.08 4.31
CA ARG B 435 33.38 -54.87 5.29
C ARG B 435 34.08 -56.20 5.56
N ALA B 436 34.58 -56.85 4.50
CA ALA B 436 35.23 -58.15 4.65
C ALA B 436 36.53 -58.08 5.42
N LYS B 437 37.35 -57.04 5.22
CA LYS B 437 38.64 -57.00 5.89
C LYS B 437 38.48 -56.78 7.39
N HIS B 438 37.44 -56.08 7.81
CA HIS B 438 37.19 -55.74 9.22
C HIS B 438 35.79 -56.20 9.60
N PRO B 439 35.56 -57.52 9.68
CA PRO B 439 34.22 -58.00 10.01
C PRO B 439 33.76 -57.60 11.40
N ALA B 440 34.52 -58.01 12.42
CA ALA B 440 34.18 -57.79 13.82
C ALA B 440 32.70 -58.07 14.09
N ASP B 441 32.18 -59.15 13.49
CA ASP B 441 30.76 -59.46 13.50
C ASP B 441 29.97 -58.35 12.82
N HIS B 442 29.96 -57.17 13.43
CA HIS B 442 29.39 -55.97 12.82
C HIS B 442 29.99 -54.77 13.54
N LEU B 443 30.55 -53.84 12.77
CA LEU B 443 31.21 -52.68 13.38
C LEU B 443 30.23 -51.71 14.02
N ALA B 444 28.94 -51.78 13.69
CA ALA B 444 27.95 -50.89 14.27
C ALA B 444 26.58 -51.52 14.13
N ASN B 445 25.64 -51.03 14.94
CA ASN B 445 24.26 -51.47 14.90
C ASN B 445 23.29 -50.33 14.63
N VAL B 446 23.81 -49.13 14.35
CA VAL B 446 22.97 -47.95 14.15
C VAL B 446 22.19 -48.06 12.85
N SER B 447 22.88 -48.36 11.75
CA SER B 447 22.26 -48.44 10.43
C SER B 447 23.32 -48.90 9.44
N GLN B 448 22.88 -49.24 8.22
CA GLN B 448 23.82 -49.65 7.19
C GLN B 448 24.51 -48.46 6.53
N PRO B 449 23.81 -47.45 6.01
CA PRO B 449 24.52 -46.34 5.36
C PRO B 449 25.47 -45.59 6.29
N GLN B 450 25.09 -45.40 7.56
CA GLN B 450 26.00 -44.75 8.50
C GLN B 450 27.22 -45.62 8.78
N ARG B 451 27.01 -46.94 8.88
CA ARG B 451 28.14 -47.85 9.03
C ARG B 451 29.06 -47.78 7.82
N ASP B 452 28.51 -47.55 6.63
CA ASP B 452 29.34 -47.38 5.45
C ASP B 452 30.25 -46.16 5.59
N TRP B 453 29.68 -45.03 6.02
CA TRP B 453 30.48 -43.84 6.24
C TRP B 453 31.54 -44.06 7.30
N LEU B 454 31.18 -44.73 8.40
CA LEU B 454 32.16 -44.99 9.45
C LEU B 454 33.27 -45.91 8.96
N LEU B 455 32.94 -46.91 8.15
CA LEU B 455 33.96 -47.78 7.57
C LEU B 455 34.89 -47.02 6.64
N LEU B 456 34.33 -46.14 5.81
CA LEU B 456 35.14 -45.40 4.84
C LEU B 456 36.15 -44.48 5.53
N GLU B 457 35.90 -44.13 6.80
CA GLU B 457 36.92 -43.41 7.56
C GLU B 457 38.07 -44.32 7.98
N ALA B 458 37.78 -45.61 8.18
CA ALA B 458 38.78 -46.53 8.71
C ALA B 458 39.93 -46.79 7.73
N HIS B 459 39.77 -46.39 6.47
CA HIS B 459 40.83 -46.59 5.49
C HIS B 459 41.46 -45.28 5.04
N ARG B 460 40.67 -44.36 4.48
CA ARG B 460 41.11 -43.04 4.08
C ARG B 460 42.41 -43.07 3.29
N ASP B 461 43.54 -43.22 4.00
CA ASP B 461 44.85 -43.18 3.36
C ASP B 461 45.10 -44.40 2.47
N GLU B 462 44.36 -45.49 2.68
CA GLU B 462 44.55 -46.70 1.88
C GLU B 462 44.04 -46.46 0.47
N GLU B 463 44.96 -46.15 -0.44
CA GLU B 463 44.58 -45.86 -1.82
C GLU B 463 44.20 -47.13 -2.56
N VAL B 464 43.17 -47.01 -3.40
CA VAL B 464 42.70 -48.11 -4.24
C VAL B 464 42.48 -47.56 -5.64
N SER B 465 42.57 -48.44 -6.64
CA SER B 465 42.34 -48.04 -8.03
C SER B 465 40.93 -48.43 -8.46
N TRP B 466 40.33 -47.58 -9.29
CA TRP B 466 38.97 -47.82 -9.79
C TRP B 466 39.00 -48.13 -11.27
N PRO B 467 38.84 -49.39 -11.67
CA PRO B 467 38.65 -49.70 -13.09
C PRO B 467 37.35 -49.10 -13.61
N SER B 468 37.36 -48.72 -14.89
CA SER B 468 36.20 -48.10 -15.51
C SER B 468 35.45 -49.10 -16.39
N THR B 469 34.28 -48.69 -16.85
CA THR B 469 33.46 -49.51 -17.71
C THR B 469 32.62 -48.62 -18.61
N LYS B 470 32.12 -49.19 -19.69
CA LYS B 470 31.29 -48.45 -20.62
C LYS B 470 29.97 -48.06 -19.97
N ILE B 471 29.55 -46.82 -20.20
CA ILE B 471 28.33 -46.30 -19.59
C ILE B 471 27.13 -46.76 -20.42
N THR B 472 26.18 -47.42 -19.77
CA THR B 472 25.05 -48.01 -20.48
C THR B 472 23.95 -46.99 -20.73
N MET B 473 23.12 -47.28 -21.73
CA MET B 473 21.99 -46.44 -22.06
C MET B 473 20.98 -46.38 -20.92
N GLU B 474 20.73 -47.53 -20.27
CA GLU B 474 19.85 -47.55 -19.11
C GLU B 474 20.38 -46.64 -18.00
N GLN B 475 21.70 -46.56 -17.87
CA GLN B 475 22.27 -45.63 -16.90
C GLN B 475 21.93 -44.19 -17.24
N PHE B 476 21.93 -43.85 -18.53
CA PHE B 476 21.51 -42.51 -18.93
C PHE B 476 20.05 -42.28 -18.62
N ARG B 477 19.18 -43.27 -18.88
CA ARG B 477 17.77 -43.13 -18.56
C ARG B 477 17.57 -42.91 -17.06
N LYS B 478 18.37 -43.56 -16.24
CA LYS B 478 18.27 -43.33 -14.80
C LYS B 478 18.81 -41.95 -14.43
N ALA B 479 19.94 -41.55 -15.01
CA ALA B 479 20.55 -40.28 -14.65
C ALA B 479 19.65 -39.10 -14.99
N VAL B 480 18.98 -39.14 -16.14
CA VAL B 480 18.10 -38.03 -16.52
C VAL B 480 16.96 -37.90 -15.51
N SER B 481 16.51 -39.03 -14.95
CA SER B 481 15.47 -38.99 -13.93
C SER B 481 16.00 -38.44 -12.62
N LEU B 482 17.21 -38.85 -12.22
CA LEU B 482 17.78 -38.35 -10.97
C LEU B 482 18.01 -36.84 -11.01
N VAL B 483 18.52 -36.32 -12.13
CA VAL B 483 18.81 -34.90 -12.24
C VAL B 483 17.51 -34.15 -12.47
N GLN B 484 17.38 -32.96 -11.85
CA GLN B 484 16.19 -32.16 -11.97
C GLN B 484 16.45 -31.01 -12.93
N PRO B 485 15.53 -30.70 -13.86
CA PRO B 485 15.80 -29.66 -14.85
C PRO B 485 15.93 -28.27 -14.26
N ALA B 486 16.27 -27.29 -15.10
CA ALA B 486 16.31 -25.90 -14.66
C ALA B 486 14.94 -25.33 -14.39
N SER B 487 13.88 -26.04 -14.77
CA SER B 487 12.49 -25.64 -14.53
C SER B 487 12.00 -26.03 -13.16
N LYS B 488 12.91 -26.22 -12.19
CA LYS B 488 12.55 -26.62 -10.83
C LYS B 488 12.24 -25.44 -9.93
N ARG B 489 11.74 -24.33 -10.50
CA ARG B 489 11.50 -23.13 -9.73
C ARG B 489 10.21 -23.23 -8.94
N GLU B 490 10.05 -24.33 -8.20
CA GLU B 490 8.93 -24.57 -7.29
C GLU B 490 7.58 -24.33 -7.97
N GLY B 491 7.51 -24.49 -9.29
CA GLY B 491 6.28 -24.23 -10.01
C GLY B 491 5.66 -25.45 -10.64
N PHE B 492 6.30 -26.60 -10.49
CA PHE B 492 5.83 -27.85 -11.08
C PHE B 492 5.56 -28.84 -9.95
N SER B 493 4.29 -29.05 -9.63
CA SER B 493 3.93 -30.00 -8.59
C SER B 493 4.29 -31.42 -9.00
N THR B 494 4.54 -32.26 -8.01
CA THR B 494 4.88 -33.65 -8.28
C THR B 494 3.73 -34.34 -9.00
N ILE B 495 4.07 -35.18 -9.97
CA ILE B 495 3.04 -35.85 -10.78
C ILE B 495 2.23 -36.80 -9.90
N PRO B 496 0.91 -36.73 -9.92
CA PRO B 496 0.11 -37.66 -9.13
C PRO B 496 0.34 -39.10 -9.56
N ASP B 497 0.36 -40.00 -8.58
CA ASP B 497 0.55 -41.43 -8.83
C ASP B 497 -0.78 -42.16 -8.98
N THR B 498 -1.63 -41.67 -9.89
CA THR B 498 -2.94 -42.26 -10.15
C THR B 498 -3.03 -42.64 -11.62
N THR B 499 -2.90 -43.92 -11.91
CA THR B 499 -2.99 -44.41 -13.28
C THR B 499 -4.45 -44.61 -13.67
N TRP B 500 -4.68 -45.07 -14.90
CA TRP B 500 -6.03 -45.34 -15.36
C TRP B 500 -6.68 -46.50 -14.60
N SER B 501 -5.89 -47.35 -13.95
CA SER B 501 -6.44 -48.43 -13.15
C SER B 501 -7.19 -47.92 -11.91
N HIS B 502 -6.99 -46.67 -11.53
CA HIS B 502 -7.65 -46.09 -10.37
C HIS B 502 -9.00 -45.48 -10.70
N VAL B 503 -9.39 -45.45 -11.98
CA VAL B 503 -10.67 -44.89 -12.40
C VAL B 503 -11.45 -45.96 -13.15
N GLY B 504 -12.74 -46.08 -12.84
CA GLY B 504 -13.58 -47.07 -13.47
C GLY B 504 -14.66 -46.45 -14.35
N ALA B 505 -15.17 -47.24 -15.30
CA ALA B 505 -16.18 -46.79 -16.26
C ALA B 505 -15.63 -45.56 -16.99
N LEU B 506 -16.50 -44.60 -17.30
CA LEU B 506 -16.10 -43.34 -17.94
C LEU B 506 -15.34 -43.59 -19.24
N GLU B 507 -15.82 -44.56 -20.03
CA GLU B 507 -15.14 -44.91 -21.27
C GLU B 507 -15.15 -43.77 -22.27
N ASP B 508 -16.27 -43.07 -22.39
CA ASP B 508 -16.39 -42.02 -23.40
C ASP B 508 -15.44 -40.86 -23.12
N VAL B 509 -15.41 -40.38 -21.86
CA VAL B 509 -14.54 -39.26 -21.54
C VAL B 509 -13.08 -39.68 -21.59
N ARG B 510 -12.78 -40.92 -21.18
CA ARG B 510 -11.41 -41.41 -21.28
C ARG B 510 -10.95 -41.46 -22.72
N LYS B 511 -11.79 -41.97 -23.62
CA LYS B 511 -11.43 -42.02 -25.04
C LYS B 511 -11.26 -40.62 -25.60
N LYS B 512 -12.17 -39.70 -25.25
CA LYS B 512 -12.09 -38.34 -25.77
C LYS B 512 -10.81 -37.64 -25.30
N LEU B 513 -10.45 -37.82 -24.03
CA LEU B 513 -9.22 -37.21 -23.54
C LEU B 513 -7.99 -37.87 -24.14
N GLU B 514 -8.03 -39.19 -24.33
CA GLU B 514 -6.95 -39.87 -25.02
C GLU B 514 -6.74 -39.29 -26.41
N MET B 515 -7.84 -39.02 -27.12
CA MET B 515 -7.76 -38.41 -28.44
C MET B 515 -7.32 -36.96 -28.41
N SER B 516 -7.69 -36.21 -27.38
CA SER B 516 -7.49 -34.77 -27.35
C SER B 516 -6.15 -34.32 -26.78
N ILE B 517 -5.69 -34.95 -25.70
CA ILE B 517 -4.46 -34.55 -25.02
C ILE B 517 -3.41 -35.65 -25.05
N ILE B 518 -3.81 -36.88 -24.67
CA ILE B 518 -2.87 -37.99 -24.63
C ILE B 518 -2.36 -38.32 -26.03
N GLY B 519 -3.21 -38.20 -27.04
CA GLY B 519 -2.82 -38.43 -28.41
C GLY B 519 -1.66 -37.57 -28.86
N PRO B 520 -1.89 -36.25 -28.95
CA PRO B 520 -0.82 -35.37 -29.43
C PRO B 520 0.42 -35.37 -28.55
N ILE B 521 0.27 -35.57 -27.25
CA ILE B 521 1.42 -35.48 -26.36
C ILE B 521 2.39 -36.64 -26.59
N LYS B 522 1.87 -37.80 -27.00
CA LYS B 522 2.74 -38.96 -27.17
C LYS B 522 3.26 -39.09 -28.60
N ASN B 523 2.46 -38.70 -29.59
CA ASN B 523 2.84 -38.78 -31.00
C ASN B 523 2.56 -37.44 -31.67
N PRO B 524 3.37 -36.42 -31.36
CA PRO B 524 3.12 -35.09 -31.94
C PRO B 524 3.20 -35.04 -33.45
N GLU B 525 4.06 -35.87 -34.06
CA GLU B 525 4.22 -35.82 -35.51
C GLU B 525 2.93 -36.22 -36.23
N LEU B 526 2.25 -37.26 -35.75
CA LEU B 526 1.02 -37.70 -36.39
C LEU B 526 -0.05 -36.61 -36.34
N PHE B 527 -0.19 -35.95 -35.19
CA PHE B 527 -1.21 -34.90 -35.07
C PHE B 527 -0.84 -33.67 -35.89
N THR B 528 0.44 -33.33 -35.93
CA THR B 528 0.86 -32.16 -36.72
C THR B 528 0.67 -32.41 -38.20
N ARG B 529 0.88 -33.65 -38.66
CA ARG B 529 0.70 -33.96 -40.07
C ARG B 529 -0.75 -33.73 -40.49
N VAL B 530 -1.70 -34.17 -39.67
CA VAL B 530 -3.11 -33.91 -39.95
C VAL B 530 -3.41 -32.42 -39.88
N GLY B 531 -2.62 -31.66 -39.14
CA GLY B 531 -2.85 -30.23 -39.00
C GLY B 531 -3.64 -29.88 -37.76
N ILE B 532 -3.21 -30.38 -36.61
CA ILE B 532 -3.83 -30.09 -35.33
C ILE B 532 -2.80 -29.38 -34.46
N LYS B 533 -3.15 -28.17 -34.01
CA LYS B 533 -2.28 -27.42 -33.11
C LYS B 533 -2.31 -28.05 -31.73
N PRO B 534 -1.30 -27.75 -30.88
CA PRO B 534 -1.40 -28.14 -29.47
C PRO B 534 -2.70 -27.68 -28.85
N ALA B 535 -3.49 -28.66 -28.38
CA ALA B 535 -4.86 -28.38 -27.98
C ALA B 535 -4.91 -27.36 -26.85
N ALA B 536 -5.90 -26.47 -26.91
CA ALA B 536 -6.08 -25.48 -25.85
C ALA B 536 -6.40 -26.16 -24.53
N GLY B 537 -7.22 -27.20 -24.55
CA GLY B 537 -7.48 -27.99 -23.38
C GLY B 537 -8.96 -28.26 -23.21
N ILE B 538 -9.32 -28.73 -22.01
CA ILE B 538 -10.66 -29.17 -21.71
C ILE B 538 -11.13 -28.48 -20.43
N LEU B 539 -12.40 -28.09 -20.41
CA LEU B 539 -13.04 -27.48 -19.26
C LEU B 539 -14.07 -28.49 -18.74
N LEU B 540 -13.68 -29.28 -17.75
CA LEU B 540 -14.58 -30.24 -17.16
C LEU B 540 -15.66 -29.55 -16.33
N TRP B 541 -16.86 -30.12 -16.34
CA TRP B 541 -17.98 -29.58 -15.58
C TRP B 541 -18.92 -30.72 -15.21
N GLY B 542 -19.50 -30.64 -14.02
CA GLY B 542 -20.42 -31.63 -13.55
C GLY B 542 -20.65 -31.55 -12.06
N PRO B 543 -21.65 -32.28 -11.57
CA PRO B 543 -21.92 -32.31 -10.12
C PRO B 543 -20.75 -32.88 -9.35
N PRO B 544 -20.53 -32.43 -8.12
CA PRO B 544 -19.40 -32.94 -7.34
C PRO B 544 -19.54 -34.42 -7.05
N GLY B 545 -18.41 -35.11 -6.94
CA GLY B 545 -18.39 -36.53 -6.68
C GLY B 545 -18.39 -37.41 -7.91
N CYS B 546 -18.22 -36.83 -9.09
CA CYS B 546 -18.22 -37.61 -10.33
C CYS B 546 -16.83 -38.00 -10.79
N GLY B 547 -15.79 -37.54 -10.10
CA GLY B 547 -14.43 -37.96 -10.40
C GLY B 547 -13.72 -37.22 -11.51
N LYS B 548 -14.16 -36.01 -11.86
CA LYS B 548 -13.47 -35.26 -12.90
C LYS B 548 -12.04 -34.95 -12.49
N THR B 549 -11.85 -34.60 -11.21
CA THR B 549 -10.51 -34.33 -10.71
C THR B 549 -9.62 -35.56 -10.84
N LEU B 550 -10.16 -36.73 -10.51
CA LEU B 550 -9.38 -37.96 -10.64
C LEU B 550 -9.03 -38.23 -12.09
N VAL B 551 -9.95 -37.96 -13.01
CA VAL B 551 -9.67 -38.16 -14.43
C VAL B 551 -8.55 -37.22 -14.88
N ALA B 552 -8.60 -35.96 -14.44
CA ALA B 552 -7.55 -35.01 -14.80
C ALA B 552 -6.20 -35.45 -14.24
N LYS B 553 -6.18 -35.90 -12.99
CA LYS B 553 -4.93 -36.37 -12.40
C LYS B 553 -4.40 -37.60 -13.13
N ALA B 554 -5.29 -38.50 -13.53
CA ALA B 554 -4.87 -39.67 -14.30
C ALA B 554 -4.29 -39.26 -15.65
N VAL B 555 -4.91 -38.27 -16.31
CA VAL B 555 -4.36 -37.77 -17.57
C VAL B 555 -2.97 -37.19 -17.36
N ALA B 556 -2.80 -36.42 -16.28
CA ALA B 556 -1.50 -35.84 -15.98
C ALA B 556 -0.46 -36.92 -15.75
N ASN B 557 -0.82 -37.97 -15.02
CA ASN B 557 0.11 -39.08 -14.79
C ASN B 557 0.43 -39.83 -16.08
N GLU B 558 -0.56 -40.01 -16.95
CA GLU B 558 -0.35 -40.77 -18.18
C GLU B 558 0.50 -39.99 -19.17
N SER B 559 0.40 -38.67 -19.16
CA SER B 559 1.13 -37.86 -20.13
C SER B 559 2.63 -38.03 -20.02
N LYS B 560 3.13 -38.31 -18.82
CA LYS B 560 4.57 -38.39 -18.56
C LYS B 560 5.27 -37.12 -19.01
N ALA B 561 4.68 -35.98 -18.67
CA ALA B 561 5.22 -34.67 -19.00
C ALA B 561 5.17 -33.78 -17.76
N ASN B 562 5.81 -32.62 -17.86
CA ASN B 562 5.81 -31.67 -16.77
C ASN B 562 4.39 -31.18 -16.49
N PHE B 563 4.03 -31.15 -15.21
CA PHE B 563 2.67 -30.84 -14.79
C PHE B 563 2.67 -29.73 -13.75
N ILE B 564 1.69 -28.84 -13.83
CA ILE B 564 1.55 -27.72 -12.91
C ILE B 564 0.13 -27.74 -12.36
N SER B 565 0.01 -27.73 -11.04
CA SER B 565 -1.29 -27.68 -10.38
C SER B 565 -1.43 -26.37 -9.62
N ILE B 566 -2.63 -25.81 -9.67
CA ILE B 566 -2.95 -24.55 -9.00
C ILE B 566 -4.17 -24.81 -8.13
N LYS B 567 -3.98 -24.79 -6.81
CA LYS B 567 -5.05 -25.10 -5.85
C LYS B 567 -5.98 -23.90 -5.75
N GLY B 568 -6.92 -23.83 -6.68
CA GLY B 568 -7.90 -22.77 -6.70
C GLY B 568 -7.28 -21.41 -6.95
N PRO B 569 -7.90 -20.35 -6.42
CA PRO B 569 -7.44 -18.98 -6.66
C PRO B 569 -6.24 -18.57 -5.79
N GLU B 570 -5.22 -19.43 -5.75
CA GLU B 570 -4.01 -19.09 -5.02
C GLU B 570 -3.16 -18.05 -5.74
N LEU B 571 -3.46 -17.77 -7.02
CA LEU B 571 -2.67 -16.82 -7.79
C LEU B 571 -2.92 -15.39 -7.34
N LEU B 572 -4.14 -15.08 -6.89
CA LEU B 572 -4.47 -13.72 -6.49
C LEU B 572 -3.61 -13.30 -5.30
N ASN B 573 -3.09 -12.07 -5.38
CA ASN B 573 -2.24 -11.51 -4.33
C ASN B 573 -2.78 -10.15 -3.92
N LYS B 574 -2.44 -9.74 -2.68
CA LYS B 574 -2.95 -8.48 -2.15
C LYS B 574 -2.48 -7.30 -2.98
N TYR B 575 -1.20 -7.28 -3.35
CA TYR B 575 -0.68 -6.20 -4.18
C TYR B 575 -1.25 -6.29 -5.60
N VAL B 576 -1.47 -5.12 -6.20
CA VAL B 576 -2.00 -5.06 -7.56
C VAL B 576 -0.97 -5.55 -8.56
N GLY B 577 0.32 -5.32 -8.28
CA GLY B 577 1.35 -5.66 -9.25
C GLY B 577 1.48 -7.14 -9.50
N GLU B 578 1.47 -7.94 -8.43
CA GLU B 578 1.73 -9.36 -8.55
C GLU B 578 0.53 -10.17 -9.02
N SER B 579 -0.68 -9.63 -8.91
CA SER B 579 -1.89 -10.41 -9.21
C SER B 579 -1.88 -10.91 -10.65
N GLU B 580 -1.32 -10.13 -11.57
CA GLU B 580 -1.22 -10.54 -12.96
C GLU B 580 0.15 -11.10 -13.31
N ARG B 581 1.20 -10.61 -12.63
CA ARG B 581 2.54 -11.12 -12.87
C ARG B 581 2.67 -12.58 -12.47
N ALA B 582 1.92 -13.04 -11.47
CA ALA B 582 1.93 -14.46 -11.14
C ALA B 582 1.46 -15.30 -12.31
N VAL B 583 0.35 -14.91 -12.93
CA VAL B 583 -0.19 -15.65 -14.06
C VAL B 583 0.76 -15.58 -15.24
N ARG B 584 1.29 -14.38 -15.54
CA ARG B 584 2.19 -14.24 -16.68
C ARG B 584 3.46 -15.05 -16.48
N GLN B 585 4.01 -15.07 -15.26
CA GLN B 585 5.20 -15.83 -14.97
C GLN B 585 4.93 -17.34 -15.02
N LEU B 586 3.75 -17.76 -14.56
CA LEU B 586 3.36 -19.15 -14.68
C LEU B 586 3.31 -19.59 -16.14
N PHE B 587 2.68 -18.78 -16.98
CA PHE B 587 2.62 -19.11 -18.41
C PHE B 587 3.99 -19.03 -19.07
N SER B 588 4.86 -18.12 -18.61
CA SER B 588 6.22 -18.09 -19.14
C SER B 588 6.96 -19.38 -18.84
N ARG B 589 6.84 -19.87 -17.60
CA ARG B 589 7.45 -21.17 -17.28
C ARG B 589 6.82 -22.30 -18.08
N ALA B 590 5.50 -22.28 -18.24
CA ALA B 590 4.84 -23.34 -19.00
C ALA B 590 5.32 -23.37 -20.44
N LYS B 591 5.45 -22.20 -21.07
CA LYS B 591 5.96 -22.15 -22.44
C LYS B 591 7.43 -22.58 -22.49
N SER B 592 8.24 -22.13 -21.54
CA SER B 592 9.66 -22.44 -21.56
C SER B 592 9.93 -23.91 -21.31
N SER B 593 9.04 -24.61 -20.60
CA SER B 593 9.20 -26.03 -20.32
C SER B 593 8.17 -26.83 -21.10
N ALA B 594 7.91 -26.39 -22.33
CA ALA B 594 6.94 -27.10 -23.17
C ALA B 594 7.48 -28.47 -23.55
N PRO B 595 6.62 -29.50 -23.63
CA PRO B 595 5.18 -29.40 -23.35
C PRO B 595 4.86 -29.44 -21.86
N CYS B 596 3.67 -28.96 -21.49
CA CYS B 596 3.24 -28.95 -20.11
C CYS B 596 1.73 -29.01 -20.05
N ILE B 597 1.21 -29.58 -18.97
CA ILE B 597 -0.23 -29.70 -18.75
C ILE B 597 -0.59 -28.77 -17.58
N LEU B 598 -1.52 -27.86 -17.83
CA LEU B 598 -1.96 -26.89 -16.83
C LEU B 598 -3.29 -27.33 -16.26
N PHE B 599 -3.39 -27.36 -14.93
CA PHE B 599 -4.59 -27.82 -14.22
C PHE B 599 -5.05 -26.72 -13.28
N PHE B 600 -5.97 -25.88 -13.76
CA PHE B 600 -6.58 -24.83 -12.93
C PHE B 600 -7.84 -25.42 -12.31
N ASP B 601 -7.75 -25.86 -11.07
CA ASP B 601 -8.91 -26.42 -10.38
C ASP B 601 -9.84 -25.30 -9.92
N GLN B 602 -11.14 -25.52 -10.06
CA GLN B 602 -12.17 -24.58 -9.60
C GLN B 602 -12.01 -23.20 -10.26
N MET B 603 -12.26 -23.20 -11.58
CA MET B 603 -12.36 -21.95 -12.34
C MET B 603 -13.23 -20.92 -11.64
N ASP B 604 -14.19 -21.37 -10.82
CA ASP B 604 -15.22 -20.50 -10.28
C ASP B 604 -14.66 -19.27 -9.58
N ALA B 605 -13.64 -19.42 -8.74
CA ALA B 605 -13.09 -18.31 -7.98
C ALA B 605 -11.91 -17.64 -8.67
N LEU B 606 -11.05 -18.43 -9.32
CA LEU B 606 -9.89 -17.85 -9.99
C LEU B 606 -10.32 -16.88 -11.08
N VAL B 607 -11.34 -17.25 -11.85
CA VAL B 607 -11.79 -16.42 -12.96
C VAL B 607 -13.31 -16.25 -12.92
N PRO B 608 -13.83 -15.33 -12.11
CA PRO B 608 -15.28 -15.12 -12.08
C PRO B 608 -15.77 -14.42 -13.34
N ARG B 609 -17.09 -14.47 -13.54
CA ARG B 609 -17.71 -13.79 -14.66
C ARG B 609 -17.55 -12.28 -14.52
N ARG B 610 -16.86 -11.65 -15.47
CA ARG B 610 -16.62 -10.21 -15.44
C ARG B 610 -17.67 -9.42 -16.20
N ASP B 611 -18.85 -10.00 -16.46
CA ASP B 611 -19.86 -9.30 -17.24
C ASP B 611 -20.30 -8.01 -16.55
N ASP B 612 -20.51 -8.07 -15.24
CA ASP B 612 -20.81 -6.86 -14.48
C ASP B 612 -19.62 -6.49 -13.60
N SER B 613 -19.49 -5.19 -13.30
CA SER B 613 -18.37 -4.69 -12.50
C SER B 613 -18.60 -5.05 -11.02
N LEU B 614 -18.18 -6.26 -10.69
CA LEU B 614 -18.28 -6.74 -9.31
C LEU B 614 -17.07 -6.31 -8.47
N SER B 615 -15.86 -6.71 -8.90
CA SER B 615 -14.65 -6.40 -8.17
C SER B 615 -13.61 -5.86 -9.15
N ASP B 616 -12.45 -5.51 -8.60
CA ASP B 616 -11.37 -4.90 -9.39
C ASP B 616 -10.14 -5.79 -9.53
N ALA B 617 -9.74 -6.49 -8.46
CA ALA B 617 -8.58 -7.35 -8.55
C ALA B 617 -8.83 -8.53 -9.48
N SER B 618 -10.01 -9.15 -9.38
CA SER B 618 -10.33 -10.29 -10.24
C SER B 618 -10.60 -9.83 -11.67
N ALA B 619 -11.15 -8.63 -11.84
CA ALA B 619 -11.48 -8.12 -13.16
C ALA B 619 -10.24 -7.90 -14.02
N ARG B 620 -9.06 -7.88 -13.40
CA ARG B 620 -7.82 -7.73 -14.16
C ARG B 620 -7.13 -9.07 -14.40
N VAL B 621 -7.20 -9.99 -13.43
CA VAL B 621 -6.61 -11.30 -13.64
C VAL B 621 -7.40 -12.06 -14.71
N VAL B 622 -8.72 -11.86 -14.76
CA VAL B 622 -9.49 -12.47 -15.85
C VAL B 622 -9.02 -11.92 -17.20
N ASN B 623 -8.81 -10.62 -17.28
CA ASN B 623 -8.39 -10.02 -18.56
C ASN B 623 -7.02 -10.51 -18.98
N THR B 624 -6.08 -10.60 -18.04
CA THR B 624 -4.74 -11.08 -18.41
C THR B 624 -4.77 -12.56 -18.78
N LEU B 625 -5.66 -13.34 -18.14
CA LEU B 625 -5.80 -14.74 -18.53
C LEU B 625 -6.36 -14.88 -19.94
N LEU B 626 -7.41 -14.11 -20.27
CA LEU B 626 -7.91 -14.11 -21.64
C LEU B 626 -6.84 -13.69 -22.63
N THR B 627 -6.05 -12.68 -22.29
CA THR B 627 -4.99 -12.24 -23.20
C THR B 627 -3.95 -13.34 -23.39
N GLU B 628 -3.59 -14.04 -22.32
CA GLU B 628 -2.53 -15.04 -22.41
C GLU B 628 -3.00 -16.30 -23.13
N LEU B 629 -4.27 -16.68 -22.99
CA LEU B 629 -4.71 -17.95 -23.56
C LEU B 629 -4.65 -17.96 -25.08
N ASP B 630 -5.13 -16.92 -25.73
CA ASP B 630 -5.10 -16.91 -27.19
C ASP B 630 -4.79 -15.57 -27.82
N GLY B 631 -4.39 -14.56 -27.04
CA GLY B 631 -4.01 -13.29 -27.62
C GLY B 631 -2.72 -13.37 -28.42
N VAL B 632 -2.10 -12.21 -28.66
CA VAL B 632 -0.84 -12.21 -29.38
C VAL B 632 0.22 -12.94 -28.56
N GLY B 633 0.96 -13.83 -29.22
CA GLY B 633 1.96 -14.62 -28.54
C GLY B 633 1.66 -16.11 -28.60
N ASP B 634 2.52 -16.88 -29.26
CA ASP B 634 2.31 -18.30 -29.41
C ASP B 634 2.45 -19.02 -28.07
N ARG B 635 1.74 -20.15 -27.95
CA ARG B 635 1.76 -20.95 -26.74
C ARG B 635 1.78 -22.44 -27.05
N SER B 636 2.38 -22.84 -28.16
CA SER B 636 2.41 -24.25 -28.53
C SER B 636 3.09 -25.07 -27.44
N GLY B 637 2.45 -26.16 -27.07
CA GLY B 637 2.93 -27.01 -25.99
C GLY B 637 2.24 -26.81 -24.65
N ILE B 638 1.21 -25.96 -24.60
CA ILE B 638 0.50 -25.67 -23.36
C ILE B 638 -0.90 -26.24 -23.48
N TYR B 639 -1.28 -27.09 -22.53
CA TYR B 639 -2.63 -27.64 -22.45
C TYR B 639 -3.25 -27.22 -21.12
N VAL B 640 -4.43 -26.61 -21.21
CA VAL B 640 -5.10 -26.05 -20.03
C VAL B 640 -6.30 -26.93 -19.70
N ILE B 641 -6.26 -27.57 -18.53
CA ILE B 641 -7.34 -28.43 -18.06
C ILE B 641 -7.98 -27.76 -16.86
N GLY B 642 -9.28 -27.49 -16.95
CA GLY B 642 -10.00 -26.85 -15.88
C GLY B 642 -11.17 -27.70 -15.42
N ALA B 643 -11.40 -27.69 -14.11
CA ALA B 643 -12.52 -28.42 -13.51
C ALA B 643 -13.33 -27.46 -12.65
N THR B 644 -14.65 -27.56 -12.75
CA THR B 644 -15.54 -26.69 -12.00
C THR B 644 -16.90 -27.35 -11.87
N ASN B 645 -17.70 -26.84 -10.95
CA ASN B 645 -19.04 -27.34 -10.72
C ASN B 645 -20.11 -26.33 -11.14
N ARG B 646 -19.72 -25.15 -11.60
CA ARG B 646 -20.66 -24.10 -12.02
C ARG B 646 -20.24 -23.62 -13.40
N PRO B 647 -20.61 -24.34 -14.46
CA PRO B 647 -20.19 -23.92 -15.80
C PRO B 647 -20.72 -22.54 -16.20
N ASP B 648 -21.92 -22.18 -15.75
CA ASP B 648 -22.49 -20.88 -16.10
C ASP B 648 -22.14 -19.81 -15.07
N MET B 649 -20.84 -19.73 -14.75
CA MET B 649 -20.29 -18.63 -13.98
C MET B 649 -18.95 -18.16 -14.52
N ILE B 650 -18.44 -18.78 -15.57
CA ILE B 650 -17.20 -18.38 -16.22
C ILE B 650 -17.56 -17.46 -17.37
N ASP B 651 -16.71 -16.46 -17.62
CA ASP B 651 -16.96 -15.54 -18.71
C ASP B 651 -17.05 -16.30 -20.03
N GLU B 652 -18.06 -15.97 -20.83
CA GLU B 652 -18.28 -16.66 -22.10
C GLU B 652 -17.15 -16.45 -23.09
N ALA B 653 -16.28 -15.47 -22.85
CA ALA B 653 -15.09 -15.31 -23.68
C ALA B 653 -14.08 -16.43 -23.46
N ILE B 654 -14.28 -17.30 -22.48
CA ILE B 654 -13.34 -18.38 -22.18
C ILE B 654 -13.82 -19.72 -22.70
N ARG B 655 -15.13 -19.96 -22.74
CA ARG B 655 -15.67 -21.19 -23.30
C ARG B 655 -15.55 -21.23 -24.82
N ARG B 656 -14.95 -20.20 -25.43
CA ARG B 656 -14.73 -20.18 -26.86
C ARG B 656 -13.53 -21.03 -27.22
N PRO B 657 -13.56 -21.68 -28.40
CA PRO B 657 -12.38 -22.40 -28.87
C PRO B 657 -11.18 -21.48 -29.04
N GLY B 658 -9.99 -22.08 -28.98
CA GLY B 658 -8.75 -21.36 -28.84
C GLY B 658 -8.29 -21.22 -27.40
N ARG B 659 -9.24 -21.28 -26.47
CA ARG B 659 -9.01 -21.45 -25.05
C ARG B 659 -9.68 -22.76 -24.63
N LEU B 660 -9.75 -23.01 -23.33
CA LEU B 660 -10.43 -24.21 -22.90
C LEU B 660 -11.92 -24.05 -23.16
N GLY B 661 -12.37 -24.49 -24.33
CA GLY B 661 -13.74 -24.32 -24.75
C GLY B 661 -14.46 -25.65 -24.95
N THR B 662 -13.71 -26.69 -25.27
CA THR B 662 -14.28 -28.02 -25.46
C THR B 662 -14.65 -28.58 -24.09
N SER B 663 -15.86 -28.29 -23.64
CA SER B 663 -16.34 -28.72 -22.34
C SER B 663 -16.88 -30.13 -22.42
N ILE B 664 -16.61 -30.92 -21.38
CA ILE B 664 -17.01 -32.32 -21.33
C ILE B 664 -17.88 -32.54 -20.10
N TYR B 665 -19.10 -33.01 -20.32
CA TYR B 665 -19.98 -33.35 -19.22
C TYR B 665 -19.48 -34.61 -18.53
N VAL B 666 -19.42 -34.56 -17.20
CA VAL B 666 -19.11 -35.71 -16.37
C VAL B 666 -20.13 -35.75 -15.26
N GLY B 667 -21.03 -36.74 -15.28
CA GLY B 667 -22.12 -36.78 -14.35
C GLY B 667 -22.26 -38.07 -13.59
N LEU B 668 -23.44 -38.33 -13.06
CA LEU B 668 -23.67 -39.50 -12.24
C LEU B 668 -23.55 -40.76 -13.10
N PRO B 669 -22.74 -41.74 -12.71
CA PRO B 669 -22.67 -42.99 -13.48
C PRO B 669 -24.01 -43.70 -13.49
N SER B 670 -24.27 -44.44 -14.57
CA SER B 670 -25.51 -45.16 -14.74
C SER B 670 -25.56 -46.35 -13.77
N ALA B 671 -26.65 -47.12 -13.83
CA ALA B 671 -26.81 -48.25 -12.92
C ALA B 671 -25.71 -49.29 -13.13
N GLU B 672 -25.41 -49.61 -14.39
CA GLU B 672 -24.39 -50.61 -14.68
C GLU B 672 -22.98 -50.07 -14.48
N ASP B 673 -22.77 -48.77 -14.65
CA ASP B 673 -21.44 -48.19 -14.44
C ASP B 673 -21.03 -48.30 -12.98
N ARG B 674 -22.02 -48.36 -12.07
CA ARG B 674 -21.70 -48.49 -10.66
C ARG B 674 -20.98 -49.81 -10.37
N VAL B 675 -21.33 -50.88 -11.08
CA VAL B 675 -20.63 -52.15 -10.89
C VAL B 675 -19.15 -51.98 -11.21
N LYS B 676 -18.84 -51.38 -12.36
CA LYS B 676 -17.46 -51.22 -12.77
C LYS B 676 -16.69 -50.32 -11.80
N ILE B 677 -17.30 -49.20 -11.41
CA ILE B 677 -16.58 -48.26 -10.55
C ILE B 677 -16.38 -48.85 -9.17
N LEU B 678 -17.35 -49.62 -8.66
CA LEU B 678 -17.19 -50.26 -7.37
C LEU B 678 -16.14 -51.36 -7.43
N LYS B 679 -16.09 -52.09 -8.53
CA LYS B 679 -15.03 -53.08 -8.70
C LYS B 679 -13.66 -52.42 -8.67
N THR B 680 -13.50 -51.32 -9.42
CA THR B 680 -12.22 -50.63 -9.45
C THR B 680 -11.87 -50.08 -8.07
N LEU B 681 -12.86 -49.55 -7.35
CA LEU B 681 -12.60 -49.03 -6.01
C LEU B 681 -12.14 -50.14 -5.06
N TYR B 682 -12.90 -51.25 -5.01
CA TYR B 682 -12.58 -52.31 -4.07
C TYR B 682 -11.24 -52.97 -4.38
N ARG B 683 -10.96 -53.19 -5.67
CA ARG B 683 -9.70 -53.84 -6.03
C ARG B 683 -8.50 -52.97 -5.66
N ASN B 684 -8.70 -51.66 -5.56
CA ASN B 684 -7.63 -50.73 -5.20
C ASN B 684 -7.61 -50.40 -3.71
N THR B 685 -8.09 -51.30 -2.86
CA THR B 685 -8.06 -51.10 -1.42
C THR B 685 -7.14 -52.10 -0.73
N VAL B 686 -7.35 -53.40 -0.95
CA VAL B 686 -6.53 -54.42 -0.31
C VAL B 686 -5.50 -54.97 -1.30
N GLN B 712 -10.22 -65.63 -0.51
CA GLN B 712 -10.69 -64.55 0.36
C GLN B 712 -12.19 -64.33 0.20
N GLY B 713 -12.76 -63.51 1.07
CA GLY B 713 -14.17 -63.19 1.01
C GLY B 713 -14.44 -61.98 0.15
N THR B 714 -13.77 -61.90 -1.01
CA THR B 714 -13.96 -60.76 -1.90
C THR B 714 -15.40 -60.69 -2.42
N THR B 715 -15.97 -61.83 -2.79
CA THR B 715 -17.37 -61.94 -3.21
C THR B 715 -17.68 -60.96 -4.35
N ASP B 716 -17.02 -61.19 -5.50
CA ASP B 716 -17.19 -60.29 -6.64
C ASP B 716 -18.63 -60.25 -7.12
N ALA B 717 -19.34 -61.38 -7.07
CA ALA B 717 -20.75 -61.38 -7.44
C ALA B 717 -21.57 -60.55 -6.45
N ASP B 718 -21.19 -60.57 -5.17
CA ASP B 718 -21.88 -59.76 -4.19
C ASP B 718 -21.70 -58.27 -4.46
N LEU B 719 -20.52 -57.89 -4.96
CA LEU B 719 -20.32 -56.49 -5.36
C LEU B 719 -21.28 -56.10 -6.48
N GLU B 720 -21.44 -56.98 -7.46
CA GLU B 720 -22.39 -56.72 -8.55
C GLU B 720 -23.80 -56.59 -8.00
N LYS B 721 -24.18 -57.48 -7.08
CA LYS B 721 -25.52 -57.43 -6.51
C LYS B 721 -25.75 -56.13 -5.74
N VAL B 722 -24.77 -55.71 -4.94
CA VAL B 722 -24.92 -54.49 -4.15
C VAL B 722 -25.00 -53.27 -5.06
N ALA B 723 -24.14 -53.22 -6.07
CA ALA B 723 -24.12 -52.05 -6.96
C ALA B 723 -25.44 -51.90 -7.71
N LEU B 724 -26.10 -53.01 -8.03
CA LEU B 724 -27.34 -52.97 -8.79
C LEU B 724 -28.59 -52.82 -7.93
N ASP B 725 -28.44 -52.74 -6.60
CA ASP B 725 -29.59 -52.59 -5.73
C ASP B 725 -30.29 -51.26 -5.99
N LEU B 726 -31.62 -51.27 -5.89
CA LEU B 726 -32.40 -50.07 -6.11
C LEU B 726 -32.11 -48.99 -5.08
N ARG B 727 -31.67 -49.37 -3.88
CA ARG B 727 -31.26 -48.37 -2.89
C ARG B 727 -29.96 -47.68 -3.25
N CYS B 728 -29.25 -48.17 -4.27
CA CYS B 728 -27.97 -47.61 -4.68
C CYS B 728 -28.11 -46.72 -5.92
N THR B 729 -29.32 -46.22 -6.19
CA THR B 729 -29.58 -45.53 -7.46
C THR B 729 -28.83 -44.21 -7.56
N GLY B 730 -28.94 -43.37 -6.53
CA GLY B 730 -28.51 -41.99 -6.65
C GLY B 730 -27.08 -41.65 -6.30
N PHE B 731 -26.25 -42.64 -5.96
CA PHE B 731 -24.89 -42.35 -5.50
C PHE B 731 -23.97 -41.99 -6.66
N SER B 732 -23.06 -41.05 -6.39
CA SER B 732 -22.03 -40.66 -7.34
C SER B 732 -20.78 -41.50 -7.10
N GLY B 733 -19.65 -41.10 -7.70
CA GLY B 733 -18.44 -41.86 -7.55
C GLY B 733 -17.91 -41.89 -6.13
N ALA B 734 -17.82 -40.70 -5.50
CA ALA B 734 -17.31 -40.64 -4.13
C ALA B 734 -18.29 -41.24 -3.13
N ASP B 735 -19.58 -41.25 -3.47
CA ASP B 735 -20.57 -41.87 -2.61
C ASP B 735 -20.34 -43.37 -2.45
N LEU B 736 -19.93 -44.06 -3.51
CA LEU B 736 -19.62 -45.47 -3.39
C LEU B 736 -18.38 -45.70 -2.54
N GLY B 737 -17.40 -44.78 -2.62
CA GLY B 737 -16.29 -44.85 -1.70
C GLY B 737 -16.71 -44.69 -0.25
N ASN B 738 -17.65 -43.78 0.00
CA ASN B 738 -18.20 -43.62 1.34
C ASN B 738 -18.92 -44.89 1.79
N LEU B 739 -19.65 -45.52 0.85
CA LEU B 739 -20.33 -46.78 1.17
C LEU B 739 -19.33 -47.86 1.54
N MET B 740 -18.21 -47.93 0.81
CA MET B 740 -17.16 -48.88 1.13
C MET B 740 -16.56 -48.59 2.50
N GLN B 741 -16.37 -47.31 2.82
CA GLN B 741 -15.87 -46.93 4.15
C GLN B 741 -16.83 -47.37 5.24
N ALA B 742 -18.13 -47.17 5.03
CA ALA B 742 -19.12 -47.60 6.01
C ALA B 742 -19.13 -49.12 6.17
N ALA B 743 -19.00 -49.85 5.05
CA ALA B 743 -18.92 -51.30 5.13
C ALA B 743 -17.70 -51.76 5.92
N ALA B 744 -16.56 -51.10 5.70
CA ALA B 744 -15.36 -51.42 6.47
C ALA B 744 -15.57 -51.13 7.96
N GLN B 745 -16.23 -50.01 8.27
CA GLN B 745 -16.53 -49.71 9.68
C GLN B 745 -17.40 -50.79 10.30
N ALA B 746 -18.42 -51.23 9.58
CA ALA B 746 -19.31 -52.27 10.09
C ALA B 746 -18.55 -53.57 10.31
N CYS B 747 -17.70 -53.94 9.35
CA CYS B 747 -16.90 -55.15 9.51
C CYS B 747 -15.98 -55.04 10.72
N LEU B 748 -15.36 -53.88 10.92
CA LEU B 748 -14.42 -53.73 12.03
C LEU B 748 -15.15 -53.78 13.37
N GLU B 749 -16.34 -53.19 13.46
CA GLU B 749 -17.06 -53.23 14.74
C GLU B 749 -17.58 -54.63 15.01
N ARG B 750 -17.97 -55.36 13.96
CA ARG B 750 -18.37 -56.76 14.16
C ARG B 750 -17.18 -57.59 14.64
N VAL B 751 -15.99 -57.33 14.08
CA VAL B 751 -14.80 -58.04 14.54
C VAL B 751 -14.47 -57.68 15.98
N TYR B 752 -14.71 -56.42 16.37
CA TYR B 752 -14.50 -56.03 17.75
C TYR B 752 -15.46 -56.76 18.69
N THR B 753 -16.72 -56.92 18.27
CA THR B 753 -17.67 -57.70 19.07
C THR B 753 -17.24 -59.15 19.18
N GLN B 754 -16.69 -59.72 18.10
CA GLN B 754 -16.14 -61.07 18.18
C GLN B 754 -14.95 -61.14 19.14
N ARG B 755 -14.11 -60.10 19.16
CA ARG B 755 -13.03 -60.03 20.14
C ARG B 755 -13.58 -60.01 21.56
N GLN B 756 -14.65 -59.24 21.78
CA GLN B 756 -15.31 -59.21 23.09
C GLN B 756 -15.80 -60.59 23.49
N GLN B 757 -16.42 -61.31 22.55
CA GLN B 757 -16.90 -62.66 22.82
C GLN B 757 -15.79 -63.68 22.96
N LYS B 758 -14.60 -63.39 22.43
CA LYS B 758 -13.47 -64.30 22.50
C LYS B 758 -12.67 -64.18 23.79
N ARG B 759 -12.39 -62.95 24.24
CA ARG B 759 -11.58 -62.78 25.44
C ARG B 759 -12.25 -63.37 26.66
N LYS B 760 -13.57 -63.21 26.79
CA LYS B 760 -14.27 -63.75 27.94
C LYS B 760 -14.16 -65.28 28.00
N GLU B 761 -14.29 -65.94 26.85
CA GLU B 761 -14.15 -67.38 26.81
C GLU B 761 -12.71 -67.80 27.15
N GLY B 762 -11.73 -67.08 26.62
CA GLY B 762 -10.33 -67.41 26.85
C GLY B 762 -9.89 -67.20 28.30
N GLU B 768 -3.44 -64.63 22.37
CA GLU B 768 -3.52 -63.27 21.88
C GLU B 768 -4.86 -63.03 21.17
N GLU B 769 -5.04 -61.83 20.62
CA GLU B 769 -6.31 -61.44 20.00
C GLU B 769 -6.04 -60.94 18.58
N GLU B 770 -6.40 -61.77 17.59
CA GLU B 770 -6.29 -61.37 16.20
C GLU B 770 -7.19 -62.28 15.36
N ILE B 771 -8.24 -61.72 14.78
CA ILE B 771 -9.21 -62.48 14.00
C ILE B 771 -9.22 -61.94 12.58
N GLU B 772 -9.90 -62.65 11.68
CA GLU B 772 -9.92 -62.27 10.27
C GLU B 772 -10.66 -60.94 10.09
N PRO B 773 -10.05 -59.94 9.46
CA PRO B 773 -10.77 -58.69 9.20
C PRO B 773 -11.56 -58.72 7.90
N VAL B 774 -11.79 -59.92 7.36
CA VAL B 774 -12.45 -60.06 6.08
C VAL B 774 -13.87 -59.51 6.15
N ILE B 775 -14.26 -58.79 5.11
CA ILE B 775 -15.58 -58.15 5.07
C ILE B 775 -16.58 -59.10 4.43
N THR B 776 -17.72 -59.29 5.09
CA THR B 776 -18.80 -60.11 4.55
C THR B 776 -19.81 -59.26 3.82
N MET B 777 -20.71 -59.94 3.10
CA MET B 777 -21.75 -59.23 2.35
C MET B 777 -22.71 -58.52 3.29
N GLU B 778 -22.98 -59.11 4.46
CA GLU B 778 -23.89 -58.50 5.42
C GLU B 778 -23.42 -57.12 5.87
N ASP B 779 -22.11 -56.87 5.86
CA ASP B 779 -21.60 -55.55 6.19
C ASP B 779 -22.10 -54.51 5.19
N TRP B 780 -22.10 -54.85 3.90
CA TRP B 780 -22.62 -53.93 2.89
C TRP B 780 -24.11 -53.66 3.10
N GLU B 781 -24.89 -54.70 3.42
CA GLU B 781 -26.31 -54.51 3.66
C GLU B 781 -26.56 -53.62 4.86
N LYS B 782 -25.78 -53.80 5.93
CA LYS B 782 -25.91 -52.94 7.10
C LYS B 782 -25.52 -51.50 6.77
N ALA B 783 -24.45 -51.32 6.00
CA ALA B 783 -23.96 -49.98 5.70
C ALA B 783 -24.90 -49.23 4.77
N LEU B 784 -25.55 -49.94 3.84
CA LEU B 784 -26.41 -49.30 2.86
C LEU B 784 -27.55 -48.51 3.50
N ASN B 785 -28.02 -48.94 4.68
CA ASN B 785 -29.09 -48.22 5.35
C ASN B 785 -28.64 -46.89 5.92
N GLU B 786 -27.33 -46.69 6.10
CA GLU B 786 -26.79 -45.53 6.79
C GLU B 786 -25.91 -44.71 5.84
N VAL B 787 -26.11 -44.88 4.55
CA VAL B 787 -25.38 -44.13 3.53
C VAL B 787 -26.38 -43.55 2.54
N LYS B 788 -26.28 -42.25 2.27
CA LYS B 788 -27.22 -41.54 1.43
C LYS B 788 -26.48 -40.78 0.33
N PRO B 789 -27.13 -40.56 -0.81
CA PRO B 789 -26.48 -39.81 -1.90
C PRO B 789 -26.15 -38.39 -1.48
N SER B 790 -25.03 -37.89 -2.01
CA SER B 790 -24.60 -36.53 -1.70
C SER B 790 -25.34 -35.51 -2.55
N VAL B 791 -25.30 -35.67 -3.88
CA VAL B 791 -26.01 -34.75 -4.77
C VAL B 791 -27.50 -35.00 -4.66
N LYS B 792 -28.26 -33.91 -4.49
CA LYS B 792 -29.71 -34.02 -4.37
C LYS B 792 -30.42 -33.81 -5.70
N ASP B 793 -30.19 -32.66 -6.33
CA ASP B 793 -30.81 -32.33 -7.62
C ASP B 793 -29.74 -32.13 -8.66
N PRO B 794 -29.46 -33.12 -9.50
CA PRO B 794 -28.49 -32.92 -10.58
C PRO B 794 -28.91 -31.87 -11.59
N GLU B 795 -30.21 -31.56 -11.68
CA GLU B 795 -30.67 -30.56 -12.64
C GLU B 795 -30.10 -29.19 -12.32
N LYS B 796 -30.01 -28.85 -11.03
CA LYS B 796 -29.50 -27.55 -10.59
C LYS B 796 -28.02 -27.37 -10.88
N TYR B 797 -27.34 -28.37 -11.42
CA TYR B 797 -25.92 -28.27 -11.76
C TYR B 797 -25.66 -28.34 -13.25
N MET B 798 -26.69 -28.51 -14.08
CA MET B 798 -26.52 -28.59 -15.52
C MET B 798 -27.25 -27.48 -16.26
N HIS B 799 -28.54 -27.27 -15.98
CA HIS B 799 -29.32 -26.31 -16.75
C HIS B 799 -29.15 -24.89 -16.20
N SER B 800 -29.52 -24.68 -14.95
CA SER B 800 -29.44 -23.36 -14.33
C SER B 800 -29.01 -23.45 -12.87
N ARG C 193 45.61 -22.74 8.48
CA ARG C 193 45.21 -24.14 8.46
C ARG C 193 43.70 -24.27 8.57
N THR C 194 43.13 -25.22 7.82
CA THR C 194 41.69 -25.48 7.82
C THR C 194 41.44 -26.96 8.02
N PRO C 195 41.63 -27.46 9.24
CA PRO C 195 41.39 -28.88 9.51
C PRO C 195 39.92 -29.15 9.77
N PRO C 196 39.49 -30.41 9.73
CA PRO C 196 38.09 -30.72 10.06
C PRO C 196 37.84 -30.76 11.56
N THR C 197 36.64 -31.14 11.97
CA THR C 197 36.28 -31.18 13.38
C THR C 197 35.76 -32.56 13.77
N LYS C 198 35.25 -32.67 15.00
CA LYS C 198 34.77 -33.94 15.55
C LYS C 198 33.25 -33.88 15.64
N VAL C 199 32.58 -34.21 14.52
CA VAL C 199 31.13 -34.21 14.45
C VAL C 199 30.76 -35.60 13.91
N SER C 200 31.57 -36.61 14.30
CA SER C 200 31.48 -37.95 13.73
C SER C 200 30.04 -38.45 13.66
N ILE C 201 29.79 -39.27 12.63
CA ILE C 201 28.45 -39.61 12.20
C ILE C 201 27.57 -40.21 13.29
N LEU C 202 28.15 -40.60 14.43
CA LEU C 202 27.36 -41.23 15.49
C LEU C 202 26.34 -40.28 16.10
N ASP C 203 26.42 -38.98 15.85
CA ASP C 203 25.50 -38.01 16.42
C ASP C 203 24.34 -37.67 15.49
N ILE C 204 24.26 -38.32 14.33
CA ILE C 204 23.21 -38.04 13.35
C ILE C 204 22.63 -39.37 12.86
N ALA C 205 21.32 -39.40 12.64
CA ALA C 205 20.64 -40.58 12.14
C ALA C 205 19.28 -40.15 11.58
N GLY C 206 18.54 -41.14 11.07
CA GLY C 206 17.23 -40.90 10.51
C GLY C 206 17.21 -40.35 9.10
N VAL C 207 18.37 -40.13 8.50
CA VAL C 207 18.46 -39.61 7.14
C VAL C 207 19.24 -40.59 6.28
N ASP C 208 19.13 -41.88 6.57
CA ASP C 208 19.90 -42.89 5.86
C ASP C 208 19.59 -42.88 4.36
N ASP C 209 18.33 -42.69 4.00
CA ASP C 209 17.97 -42.59 2.59
C ASP C 209 18.66 -41.40 1.94
N THR C 210 18.65 -40.25 2.61
CA THR C 210 19.40 -39.09 2.14
C THR C 210 20.89 -39.35 2.13
N LEU C 211 21.40 -39.98 3.19
CA LEU C 211 22.84 -40.15 3.35
C LEU C 211 23.42 -41.07 2.29
N GLN C 212 22.67 -42.12 1.91
CA GLN C 212 23.13 -43.02 0.86
C GLN C 212 23.27 -42.29 -0.47
N ARG C 213 22.29 -41.45 -0.81
CA ARG C 213 22.38 -40.68 -2.05
C ARG C 213 23.54 -39.68 -1.97
N LEU C 214 23.74 -39.05 -0.81
CA LEU C 214 24.82 -38.09 -0.67
C LEU C 214 26.18 -38.77 -0.77
N LEU C 215 26.25 -40.04 -0.40
CA LEU C 215 27.50 -40.79 -0.57
C LEU C 215 28.01 -40.72 -2.01
N LYS C 216 27.19 -41.20 -2.95
CA LYS C 216 27.56 -41.31 -4.35
C LYS C 216 27.95 -39.99 -4.99
N GLU C 217 27.52 -38.87 -4.42
CA GLU C 217 27.76 -37.56 -5.00
C GLU C 217 28.74 -36.71 -4.21
N VAL C 218 29.18 -37.15 -3.03
CA VAL C 218 30.12 -36.37 -2.25
C VAL C 218 31.41 -37.13 -2.04
N TRP C 219 31.32 -38.40 -1.64
CA TRP C 219 32.53 -39.15 -1.32
C TRP C 219 33.43 -39.32 -2.54
N PHE C 220 32.85 -39.80 -3.65
CA PHE C 220 33.66 -40.09 -4.84
C PHE C 220 34.36 -38.86 -5.40
N PRO C 221 33.72 -37.69 -5.54
CA PRO C 221 34.44 -36.53 -6.09
C PRO C 221 35.62 -36.06 -5.25
N LEU C 222 35.65 -36.36 -3.95
CA LEU C 222 36.73 -35.87 -3.08
C LEU C 222 37.87 -36.87 -2.95
N ARG C 223 37.59 -38.07 -2.45
CA ARG C 223 38.64 -39.06 -2.22
C ARG C 223 38.75 -40.09 -3.32
N GLY C 224 37.94 -39.99 -4.37
CA GLY C 224 38.07 -40.85 -5.53
C GLY C 224 38.77 -40.15 -6.67
N GLY C 225 39.53 -39.09 -6.34
CA GLY C 225 40.15 -38.28 -7.38
C GLY C 225 41.14 -39.03 -8.24
N GLU C 226 41.67 -40.15 -7.74
CA GLU C 226 42.58 -40.96 -8.54
C GLU C 226 41.89 -41.49 -9.78
N ALA C 227 40.66 -42.00 -9.63
CA ALA C 227 39.90 -42.46 -10.78
C ALA C 227 39.62 -41.31 -11.74
N CYS C 228 39.24 -40.14 -11.21
CA CYS C 228 38.96 -38.99 -12.05
C CYS C 228 40.18 -38.60 -12.86
N GLU C 229 41.37 -38.65 -12.26
CA GLU C 229 42.60 -38.47 -13.03
C GLU C 229 42.78 -39.57 -14.06
N LYS C 230 42.35 -40.79 -13.72
CA LYS C 230 42.52 -41.92 -14.64
C LYS C 230 41.71 -41.72 -15.92
N MET C 231 40.42 -41.35 -15.81
CA MET C 231 39.67 -41.07 -17.02
C MET C 231 39.88 -39.65 -17.52
N GLY C 232 40.47 -38.78 -16.70
CA GLY C 232 40.65 -37.39 -17.10
C GLY C 232 39.36 -36.62 -17.28
N TYR C 233 38.43 -36.75 -16.34
CA TYR C 233 37.14 -36.06 -16.38
C TYR C 233 37.15 -34.94 -15.36
N ARG C 234 36.69 -33.75 -15.79
CA ARG C 234 36.56 -32.59 -14.91
C ARG C 234 35.25 -32.73 -14.14
N TYR C 235 35.34 -33.27 -12.93
CA TYR C 235 34.17 -33.67 -12.16
C TYR C 235 34.07 -32.83 -10.90
N ASP C 236 33.19 -31.84 -10.92
CA ASP C 236 32.82 -31.07 -9.74
C ASP C 236 31.31 -31.18 -9.52
N ASN C 237 30.86 -30.83 -8.33
CA ASN C 237 29.42 -30.85 -8.07
C ASN C 237 29.04 -29.74 -7.11
N GLY C 238 27.78 -29.35 -7.17
CA GLY C 238 27.22 -28.42 -6.21
C GLY C 238 25.99 -29.00 -5.56
N VAL C 239 26.07 -29.30 -4.27
CA VAL C 239 24.99 -29.93 -3.53
C VAL C 239 24.33 -28.87 -2.66
N LEU C 240 23.02 -28.73 -2.79
CA LEU C 240 22.24 -27.75 -2.03
C LEU C 240 21.26 -28.48 -1.13
N LEU C 241 21.27 -28.12 0.15
CA LEU C 241 20.39 -28.72 1.15
C LEU C 241 19.32 -27.71 1.53
N HIS C 242 18.06 -28.12 1.39
CA HIS C 242 16.92 -27.26 1.74
C HIS C 242 15.88 -28.06 2.49
N GLY C 243 15.19 -27.38 3.40
CA GLY C 243 14.14 -27.99 4.19
C GLY C 243 13.80 -27.15 5.40
N PRO C 244 12.90 -27.66 6.24
CA PRO C 244 12.57 -26.92 7.48
C PRO C 244 13.80 -26.79 8.37
N SER C 245 13.86 -25.65 9.06
CA SER C 245 15.01 -25.38 9.92
C SER C 245 15.00 -26.30 11.12
N GLY C 246 16.14 -26.94 11.39
CA GLY C 246 16.26 -27.87 12.48
C GLY C 246 16.29 -29.33 12.09
N CYS C 247 16.33 -29.64 10.80
CA CYS C 247 16.40 -31.02 10.34
C CYS C 247 17.81 -31.58 10.38
N GLY C 248 18.79 -30.76 10.75
CA GLY C 248 20.15 -31.21 10.87
C GLY C 248 21.03 -30.95 9.67
N LYS C 249 20.69 -29.97 8.83
CA LYS C 249 21.50 -29.69 7.66
C LYS C 249 22.91 -29.24 8.04
N THR C 250 23.02 -28.29 8.97
CA THR C 250 24.33 -27.82 9.39
C THR C 250 25.15 -28.93 10.05
N THR C 251 24.52 -29.70 10.93
CA THR C 251 25.24 -30.79 11.56
C THR C 251 25.51 -31.94 10.59
N LEU C 252 24.67 -32.11 9.56
CA LEU C 252 24.99 -33.08 8.52
C LEU C 252 26.24 -32.67 7.77
N ALA C 253 26.34 -31.38 7.41
CA ALA C 253 27.54 -30.90 6.72
C ALA C 253 28.77 -31.05 7.60
N HIS C 254 28.64 -30.71 8.88
CA HIS C 254 29.78 -30.86 9.80
C HIS C 254 30.17 -32.32 9.95
N ALA C 255 29.19 -33.23 10.03
CA ALA C 255 29.50 -34.65 10.14
C ALA C 255 30.19 -35.16 8.88
N ILE C 256 29.74 -34.71 7.71
CA ILE C 256 30.39 -35.11 6.47
C ILE C 256 31.83 -34.63 6.44
N ALA C 257 32.05 -33.38 6.84
CA ALA C 257 33.41 -32.85 6.87
C ALA C 257 34.28 -33.62 7.85
N GLY C 258 33.74 -33.96 9.02
CA GLY C 258 34.52 -34.71 10.00
C GLY C 258 34.86 -36.11 9.52
N SER C 259 33.88 -36.79 8.91
CA SER C 259 34.10 -38.16 8.46
C SER C 259 35.03 -38.25 7.26
N ILE C 260 34.93 -37.32 6.32
CA ILE C 260 35.79 -37.31 5.14
C ILE C 260 37.22 -36.90 5.50
N GLY C 261 37.36 -35.84 6.30
CA GLY C 261 38.65 -35.46 6.83
C GLY C 261 39.53 -34.65 5.91
N VAL C 262 39.09 -34.38 4.67
CA VAL C 262 39.86 -33.53 3.76
C VAL C 262 39.75 -32.09 4.24
N ALA C 263 40.54 -31.20 3.65
CA ALA C 263 40.48 -29.79 3.98
C ALA C 263 39.06 -29.27 3.77
N PHE C 264 38.57 -28.50 4.74
CA PHE C 264 37.20 -28.02 4.74
C PHE C 264 37.17 -26.62 5.31
N ILE C 265 36.62 -25.68 4.55
CA ILE C 265 36.58 -24.27 4.93
C ILE C 265 35.14 -23.88 5.19
N PRO C 266 34.73 -23.79 6.45
CA PRO C 266 33.37 -23.33 6.75
C PRO C 266 33.27 -21.82 6.58
N VAL C 267 32.34 -21.39 5.73
CA VAL C 267 32.15 -19.98 5.42
C VAL C 267 30.69 -19.66 5.69
N SER C 268 30.43 -18.97 6.80
CA SER C 268 29.08 -18.48 7.10
C SER C 268 28.81 -17.27 6.21
N ALA C 269 27.71 -17.33 5.46
CA ALA C 269 27.42 -16.30 4.46
C ALA C 269 27.37 -14.89 5.03
N PRO C 270 26.66 -14.60 6.12
CA PRO C 270 26.66 -13.22 6.65
C PRO C 270 28.01 -12.76 7.17
N SER C 271 28.92 -13.69 7.50
CA SER C 271 30.17 -13.32 8.16
C SER C 271 31.18 -12.68 7.21
N VAL C 272 30.94 -12.70 5.90
CA VAL C 272 31.90 -12.19 4.94
C VAL C 272 31.52 -10.82 4.40
N ILE C 273 30.43 -10.22 4.90
CA ILE C 273 30.03 -8.90 4.43
C ILE C 273 31.00 -7.86 4.97
N GLY C 274 31.52 -7.02 4.08
CA GLY C 274 32.48 -6.00 4.47
C GLY C 274 31.95 -4.59 4.36
N GLY C 275 32.54 -3.67 5.12
CA GLY C 275 32.09 -2.29 5.13
C GLY C 275 32.45 -1.51 3.88
N THR C 276 33.75 -1.30 3.65
CA THR C 276 34.18 -0.55 2.49
C THR C 276 34.00 -1.37 1.22
N SER C 277 33.59 -0.69 0.15
CA SER C 277 33.37 -1.37 -1.12
C SER C 277 34.66 -1.98 -1.63
N GLY C 278 34.57 -3.22 -2.13
CA GLY C 278 35.71 -3.97 -2.58
C GLY C 278 36.31 -4.89 -1.54
N GLU C 279 36.02 -4.66 -0.26
CA GLU C 279 36.50 -5.56 0.78
C GLU C 279 35.66 -6.83 0.83
N SER C 280 34.37 -6.73 0.52
CA SER C 280 33.48 -7.89 0.56
C SER C 280 33.86 -8.90 -0.52
N GLU C 281 34.06 -8.44 -1.74
CA GLU C 281 34.38 -9.34 -2.85
C GLU C 281 35.76 -9.96 -2.68
N LYS C 282 36.69 -9.24 -2.05
CA LYS C 282 38.02 -9.79 -1.83
C LYS C 282 37.97 -11.02 -0.94
N ASN C 283 37.09 -11.01 0.07
CA ASN C 283 36.96 -12.16 0.95
C ASN C 283 36.49 -13.39 0.18
N ILE C 284 35.49 -13.22 -0.69
CA ILE C 284 34.98 -14.36 -1.45
C ILE C 284 36.03 -14.86 -2.43
N ARG C 285 36.73 -13.93 -3.09
CA ARG C 285 37.82 -14.34 -3.99
C ARG C 285 38.89 -15.11 -3.23
N ASP C 286 39.27 -14.63 -2.05
CA ASP C 286 40.27 -15.34 -1.25
C ASP C 286 39.77 -16.72 -0.85
N VAL C 287 38.50 -16.83 -0.47
CA VAL C 287 37.95 -18.12 -0.09
C VAL C 287 38.02 -19.11 -1.24
N PHE C 288 37.61 -18.67 -2.43
CA PHE C 288 37.61 -19.58 -3.57
C PHE C 288 39.02 -19.95 -4.01
N ASP C 289 39.94 -18.98 -4.00
CA ASP C 289 41.32 -19.29 -4.39
C ASP C 289 41.99 -20.20 -3.37
N GLU C 290 41.68 -20.03 -2.09
CA GLU C 290 42.18 -20.95 -1.08
C GLU C 290 41.58 -22.34 -1.24
N ALA C 291 40.31 -22.42 -1.63
CA ALA C 291 39.69 -23.71 -1.90
C ALA C 291 40.38 -24.42 -3.05
N ILE C 292 40.56 -23.73 -4.18
CA ILE C 292 41.23 -24.37 -5.31
C ILE C 292 42.70 -24.65 -5.00
N ARG C 293 43.30 -23.87 -4.08
CA ARG C 293 44.68 -24.12 -3.70
C ARG C 293 44.82 -25.40 -2.89
N LEU C 294 43.89 -25.65 -1.98
CA LEU C 294 43.90 -26.84 -1.14
C LEU C 294 42.90 -27.84 -1.73
N ALA C 295 43.35 -28.59 -2.71
CA ALA C 295 42.45 -29.56 -3.31
C ALA C 295 42.87 -30.97 -2.93
N PRO C 296 41.91 -31.88 -2.74
CA PRO C 296 40.46 -31.63 -2.76
C PRO C 296 39.98 -30.95 -1.48
N CYS C 297 38.81 -30.32 -1.53
CA CYS C 297 38.25 -29.68 -0.35
C CYS C 297 36.74 -29.58 -0.49
N LEU C 298 36.08 -29.36 0.65
CA LEU C 298 34.65 -29.16 0.71
C LEU C 298 34.39 -27.74 1.21
N ILE C 299 33.53 -27.01 0.49
CA ILE C 299 33.20 -25.64 0.81
C ILE C 299 31.75 -25.59 1.29
N PHE C 300 31.53 -25.03 2.48
CA PHE C 300 30.22 -24.97 3.10
C PHE C 300 29.79 -23.51 3.24
N LEU C 301 28.62 -23.19 2.70
CA LEU C 301 28.07 -21.83 2.75
C LEU C 301 26.72 -21.90 3.46
N ASP C 302 26.75 -21.80 4.79
CA ASP C 302 25.52 -21.84 5.56
C ASP C 302 24.73 -20.55 5.36
N GLU C 303 23.41 -20.68 5.39
CA GLU C 303 22.50 -19.55 5.22
C GLU C 303 22.80 -18.80 3.92
N ILE C 304 22.88 -19.56 2.82
CA ILE C 304 23.16 -18.97 1.52
C ILE C 304 22.08 -18.00 1.08
N ASP C 305 20.87 -18.13 1.63
CA ASP C 305 19.77 -17.25 1.22
C ASP C 305 20.06 -15.80 1.57
N ALA C 306 20.67 -15.56 2.73
CA ALA C 306 20.93 -14.19 3.17
C ALA C 306 22.04 -13.52 2.37
N ILE C 307 22.81 -14.27 1.60
CA ILE C 307 23.88 -13.69 0.78
C ILE C 307 23.57 -13.80 -0.71
N ALA C 308 22.61 -14.61 -1.11
CA ALA C 308 22.35 -14.88 -2.52
C ALA C 308 20.87 -14.70 -2.83
N GLY C 309 20.29 -13.61 -2.33
CA GLY C 309 18.91 -13.30 -2.59
C GLY C 309 18.71 -12.82 -4.02
N ARG C 310 17.44 -12.55 -4.35
CA ARG C 310 17.11 -12.03 -5.66
C ARG C 310 17.78 -10.69 -5.88
N ARG C 311 18.49 -10.55 -6.99
CA ARG C 311 19.18 -9.30 -7.29
C ARG C 311 18.20 -8.15 -7.50
N GLU C 312 16.97 -8.46 -7.93
CA GLU C 312 15.99 -7.40 -8.12
C GLU C 312 15.46 -6.88 -6.80
N SER C 313 15.29 -7.76 -5.81
CA SER C 313 14.72 -7.38 -4.53
C SER C 313 15.64 -6.51 -3.68
N ALA C 314 16.91 -6.37 -4.07
CA ALA C 314 17.88 -5.53 -3.35
C ALA C 314 18.57 -4.66 -4.39
N ASN C 315 18.26 -3.37 -4.38
CA ASN C 315 18.79 -2.45 -5.38
C ASN C 315 20.20 -1.96 -5.05
N LYS C 316 20.73 -2.31 -3.88
CA LYS C 316 22.08 -1.89 -3.51
C LYS C 316 23.10 -2.44 -4.49
N GLY C 317 24.03 -1.59 -4.92
CA GLY C 317 25.04 -2.01 -5.87
C GLY C 317 26.03 -2.99 -5.27
N MET C 318 26.22 -2.93 -3.95
CA MET C 318 27.20 -3.80 -3.31
C MET C 318 26.74 -5.25 -3.28
N GLU C 319 25.44 -5.48 -3.04
CA GLU C 319 24.97 -6.86 -2.86
C GLU C 319 24.97 -7.63 -4.17
N SER C 320 24.64 -6.96 -5.29
CA SER C 320 24.63 -7.64 -6.58
C SER C 320 26.03 -8.09 -6.99
N ARG C 321 27.05 -7.36 -6.56
CA ARG C 321 28.42 -7.78 -6.83
C ARG C 321 28.73 -9.09 -6.14
N ILE C 322 28.11 -9.36 -4.98
CA ILE C 322 28.32 -10.64 -4.30
C ILE C 322 27.77 -11.79 -5.15
N VAL C 323 26.57 -11.61 -5.69
CA VAL C 323 25.97 -12.64 -6.53
C VAL C 323 26.80 -12.84 -7.80
N ALA C 324 27.24 -11.75 -8.41
CA ALA C 324 28.09 -11.85 -9.60
C ALA C 324 29.39 -12.58 -9.28
N GLU C 325 29.97 -12.29 -8.12
CA GLU C 325 31.21 -12.95 -7.71
C GLU C 325 31.00 -14.44 -7.49
N ILE C 326 29.89 -14.83 -6.85
CA ILE C 326 29.62 -16.25 -6.68
C ILE C 326 29.46 -16.93 -8.03
N MET C 327 28.72 -16.30 -8.94
CA MET C 327 28.51 -16.87 -10.27
C MET C 327 29.82 -17.05 -11.00
N ASN C 328 30.69 -16.03 -10.96
CA ASN C 328 31.97 -16.14 -11.66
C ASN C 328 32.91 -17.13 -10.98
N GLY C 329 32.90 -17.18 -9.65
CA GLY C 329 33.80 -18.07 -8.94
C GLY C 329 33.47 -19.53 -9.13
N MET C 330 32.17 -19.84 -9.27
CA MET C 330 31.79 -21.23 -9.53
C MET C 330 32.47 -21.74 -10.81
N ASP C 331 32.52 -20.91 -11.85
CA ASP C 331 33.23 -21.28 -13.06
C ASP C 331 34.73 -21.43 -12.82
N ARG C 332 35.29 -20.58 -11.95
CA ARG C 332 36.70 -20.73 -11.59
C ARG C 332 36.95 -22.08 -10.91
N ILE C 333 36.05 -22.50 -10.03
CA ILE C 333 36.13 -23.84 -9.44
C ILE C 333 36.06 -24.90 -10.52
N ARG C 334 35.14 -24.74 -11.47
CA ARG C 334 34.96 -25.73 -12.51
C ARG C 334 36.18 -25.86 -13.42
N GLN C 335 36.89 -24.76 -13.69
CA GLN C 335 37.96 -24.76 -14.69
C GLN C 335 39.36 -24.83 -14.08
N ASN C 336 39.70 -23.92 -13.16
CA ASN C 336 41.09 -23.76 -12.75
C ASN C 336 41.63 -24.91 -11.91
N THR C 337 40.78 -25.83 -11.46
CA THR C 337 41.26 -26.95 -10.66
C THR C 337 42.18 -27.84 -11.50
N PRO C 338 43.23 -28.41 -10.90
CA PRO C 338 44.22 -29.19 -11.67
C PRO C 338 43.73 -30.59 -12.03
N LEU C 339 42.54 -30.64 -12.65
CA LEU C 339 42.01 -31.85 -13.27
C LEU C 339 41.80 -32.97 -12.25
N GLY C 340 42.90 -33.57 -11.80
CA GLY C 340 42.80 -34.74 -10.94
C GLY C 340 42.21 -34.45 -9.57
N LYS C 341 42.61 -33.33 -8.96
CA LYS C 341 42.21 -32.99 -7.61
C LYS C 341 41.07 -31.98 -7.68
N ASN C 342 39.85 -32.50 -7.83
CA ASN C 342 38.66 -31.67 -7.93
C ASN C 342 38.10 -31.39 -6.54
N VAL C 343 37.19 -30.40 -6.47
CA VAL C 343 36.57 -29.98 -5.22
C VAL C 343 35.07 -29.85 -5.42
N VAL C 344 34.35 -29.85 -4.29
CA VAL C 344 32.89 -29.82 -4.30
C VAL C 344 32.42 -28.74 -3.34
N VAL C 345 31.34 -28.05 -3.70
CA VAL C 345 30.77 -26.97 -2.91
C VAL C 345 29.40 -27.42 -2.40
N LEU C 346 29.19 -27.33 -1.10
CA LEU C 346 27.95 -27.71 -0.45
C LEU C 346 27.35 -26.51 0.26
N ALA C 347 26.07 -26.24 0.01
CA ALA C 347 25.38 -25.11 0.62
C ALA C 347 24.06 -25.59 1.21
N ALA C 348 23.66 -24.94 2.30
CA ALA C 348 22.42 -25.28 3.00
C ALA C 348 21.64 -24.01 3.29
N THR C 349 20.31 -24.14 3.25
CA THR C 349 19.41 -23.04 3.55
C THR C 349 18.06 -23.60 3.97
N ASN C 350 17.25 -22.75 4.59
CA ASN C 350 15.92 -23.13 5.05
C ASN C 350 14.82 -22.54 4.18
N ARG C 351 15.18 -21.85 3.10
CA ARG C 351 14.21 -21.27 2.19
C ARG C 351 14.84 -21.10 0.81
N PRO C 352 14.81 -22.15 -0.02
CA PRO C 352 15.52 -22.08 -1.31
C PRO C 352 14.84 -21.21 -2.35
N GLU C 353 13.58 -20.81 -2.14
CA GLU C 353 12.89 -20.03 -3.15
C GLU C 353 13.52 -18.65 -3.32
N PHE C 354 14.08 -18.10 -2.24
CA PHE C 354 14.69 -16.78 -2.31
C PHE C 354 16.03 -16.77 -3.02
N LEU C 355 16.62 -17.94 -3.26
CA LEU C 355 17.88 -18.01 -4.01
C LEU C 355 17.67 -17.53 -5.44
N ASP C 356 18.65 -16.79 -5.95
CA ASP C 356 18.58 -16.33 -7.32
C ASP C 356 18.61 -17.52 -8.25
N PRO C 357 17.72 -17.58 -9.26
CA PRO C 357 17.68 -18.77 -10.14
C PRO C 357 19.01 -19.06 -10.81
N ALA C 358 19.79 -18.04 -11.14
CA ALA C 358 21.10 -18.29 -11.74
C ALA C 358 22.01 -19.06 -10.80
N ILE C 359 22.01 -18.70 -9.52
CA ILE C 359 22.80 -19.47 -8.55
C ILE C 359 22.19 -20.83 -8.32
N ARG C 360 20.86 -20.90 -8.24
CA ARG C 360 20.19 -22.18 -8.03
C ARG C 360 20.48 -23.16 -9.15
N ARG C 361 20.77 -22.67 -10.36
CA ARG C 361 21.16 -23.56 -11.44
C ARG C 361 22.56 -24.15 -11.20
N ARG C 362 23.43 -23.40 -10.54
CA ARG C 362 24.80 -23.88 -10.32
C ARG C 362 24.82 -25.14 -9.48
N PHE C 363 24.02 -25.18 -8.41
CA PHE C 363 23.93 -26.38 -7.58
C PHE C 363 23.11 -27.43 -8.31
N SER C 364 23.69 -28.61 -8.50
CA SER C 364 23.07 -29.62 -9.36
C SER C 364 21.96 -30.38 -8.62
N VAL C 365 22.32 -31.07 -7.55
CA VAL C 365 21.39 -31.95 -6.86
C VAL C 365 20.91 -31.29 -5.58
N GLU C 366 19.60 -31.13 -5.47
CA GLU C 366 18.97 -30.57 -4.27
C GLU C 366 18.38 -31.72 -3.45
N ILE C 367 18.57 -31.65 -2.14
CA ILE C 367 18.12 -32.68 -1.22
C ILE C 367 17.04 -32.08 -0.33
N ASP C 368 15.86 -32.70 -0.35
CA ASP C 368 14.76 -32.29 0.53
C ASP C 368 14.69 -33.21 1.74
N MET C 369 15.73 -33.10 2.58
CA MET C 369 15.80 -33.87 3.83
C MET C 369 14.98 -33.14 4.89
N GLY C 370 13.67 -33.16 4.70
CA GLY C 370 12.72 -32.38 5.48
C GLY C 370 12.28 -33.09 6.74
N MET C 371 10.97 -33.12 6.96
CA MET C 371 10.42 -33.63 8.20
C MET C 371 10.71 -35.12 8.35
N PRO C 372 11.15 -35.55 9.52
CA PRO C 372 11.46 -36.98 9.72
C PRO C 372 10.20 -37.83 9.82
N SER C 373 10.40 -39.13 9.70
CA SER C 373 9.31 -40.10 9.77
C SER C 373 9.29 -40.75 11.17
N GLU C 374 8.43 -41.75 11.33
CA GLU C 374 8.28 -42.41 12.63
C GLU C 374 9.56 -43.12 13.04
N ARG C 375 10.16 -43.89 12.12
CA ARG C 375 11.40 -44.59 12.43
C ARG C 375 12.56 -43.61 12.59
N ALA C 376 12.53 -42.50 11.84
CA ALA C 376 13.60 -41.52 11.94
C ALA C 376 13.68 -40.92 13.33
N ARG C 377 12.53 -40.58 13.92
CA ARG C 377 12.55 -40.03 15.27
C ARG C 377 13.07 -41.05 16.28
N GLU C 378 12.71 -42.32 16.12
CA GLU C 378 13.22 -43.36 17.01
C GLU C 378 14.73 -43.45 16.92
N GLN C 379 15.26 -43.46 15.69
CA GLN C 379 16.72 -43.54 15.54
C GLN C 379 17.41 -42.27 16.05
N ILE C 380 16.77 -41.11 15.90
CA ILE C 380 17.35 -39.87 16.42
C ILE C 380 17.43 -39.94 17.94
N LEU C 381 16.36 -40.43 18.58
CA LEU C 381 16.39 -40.60 20.04
C LEU C 381 17.47 -41.58 20.45
N ARG C 382 17.63 -42.68 19.72
CA ARG C 382 18.66 -43.64 20.06
C ARG C 382 20.05 -43.02 19.95
N SER C 383 20.30 -42.30 18.87
CA SER C 383 21.62 -41.67 18.68
C SER C 383 21.87 -40.61 19.75
N LEU C 384 20.85 -39.85 20.12
CA LEU C 384 21.03 -38.79 21.11
C LEU C 384 21.21 -39.35 22.52
N THR C 385 20.52 -40.45 22.85
CA THR C 385 20.63 -41.09 24.16
C THR C 385 21.75 -42.11 24.22
N ARG C 386 22.50 -42.26 23.12
CA ARG C 386 23.68 -43.12 23.13
C ARG C 386 24.59 -42.85 24.32
N ASP C 387 24.87 -41.58 24.60
CA ASP C 387 25.81 -41.19 25.64
C ASP C 387 25.11 -40.77 26.93
N LEU C 388 23.99 -41.40 27.27
CA LEU C 388 23.27 -41.12 28.50
C LEU C 388 22.98 -42.41 29.26
N SER C 389 23.17 -42.35 30.57
CA SER C 389 22.81 -43.49 31.42
C SER C 389 21.30 -43.59 31.53
N LEU C 390 20.74 -44.71 31.08
CA LEU C 390 19.31 -44.90 31.00
C LEU C 390 18.90 -46.20 31.68
N ALA C 391 17.65 -46.24 32.13
CA ALA C 391 17.07 -47.48 32.63
C ALA C 391 16.90 -48.48 31.47
N ASP C 392 16.97 -49.76 31.81
CA ASP C 392 16.89 -50.81 30.80
C ASP C 392 15.52 -50.91 30.15
N ASP C 393 14.49 -50.31 30.74
CA ASP C 393 13.14 -50.39 30.21
C ASP C 393 12.79 -49.26 29.27
N ILE C 394 13.77 -48.43 28.90
CA ILE C 394 13.52 -47.30 28.01
C ILE C 394 13.06 -47.83 26.66
N ASN C 395 11.87 -47.44 26.24
CA ASN C 395 11.26 -47.95 25.01
C ASN C 395 11.12 -46.79 24.03
N PHE C 396 11.92 -46.83 22.95
CA PHE C 396 11.92 -45.73 22.00
C PHE C 396 10.67 -45.73 21.12
N LYS C 397 10.04 -46.89 20.94
CA LYS C 397 8.87 -46.97 20.07
C LYS C 397 7.72 -46.12 20.60
N GLU C 398 7.48 -46.14 21.90
CA GLU C 398 6.41 -45.33 22.48
C GLU C 398 6.67 -43.85 22.27
N LEU C 399 7.92 -43.42 22.49
CA LEU C 399 8.25 -42.01 22.30
C LEU C 399 8.09 -41.59 20.84
N ALA C 400 8.54 -42.44 19.91
CA ALA C 400 8.40 -42.12 18.50
C ALA C 400 6.94 -42.05 18.09
N LYS C 401 6.11 -42.98 18.57
CA LYS C 401 4.69 -42.96 18.26
C LYS C 401 3.99 -41.75 18.87
N MET C 402 4.44 -41.31 20.05
CA MET C 402 3.79 -40.22 20.75
C MET C 402 4.07 -38.86 20.13
N THR C 403 5.18 -38.71 19.40
CA THR C 403 5.55 -37.43 18.83
C THR C 403 5.02 -37.33 17.41
N PRO C 404 3.97 -36.56 17.14
CA PRO C 404 3.38 -36.53 15.80
C PRO C 404 4.31 -35.96 14.74
N GLY C 405 4.78 -34.73 14.95
CA GLY C 405 5.52 -34.03 13.92
C GLY C 405 6.74 -33.26 14.40
N TYR C 406 7.41 -33.77 15.42
CA TYR C 406 8.59 -33.09 15.94
C TYR C 406 9.72 -33.09 14.91
N VAL C 407 10.51 -32.03 14.93
CA VAL C 407 11.71 -31.92 14.10
C VAL C 407 12.89 -32.32 14.97
N GLY C 408 14.04 -32.62 14.36
CA GLY C 408 15.18 -33.10 15.12
C GLY C 408 15.59 -32.18 16.26
N SER C 409 15.48 -30.87 16.04
CA SER C 409 15.75 -29.93 17.11
C SER C 409 14.79 -30.13 18.28
N ASP C 410 13.53 -30.46 17.98
CA ASP C 410 12.59 -30.74 19.05
C ASP C 410 12.96 -32.01 19.79
N LEU C 411 13.49 -33.00 19.09
CA LEU C 411 13.96 -34.21 19.76
C LEU C 411 15.13 -33.89 20.68
N GLN C 412 16.07 -33.06 20.22
CA GLN C 412 17.16 -32.61 21.07
C GLN C 412 16.63 -31.89 22.31
N TYR C 413 15.62 -31.04 22.11
CA TYR C 413 15.04 -30.29 23.22
C TYR C 413 14.34 -31.20 24.23
N VAL C 414 13.61 -32.22 23.77
CA VAL C 414 12.94 -33.11 24.71
C VAL C 414 13.97 -33.96 25.47
N VAL C 415 15.06 -34.34 24.79
CA VAL C 415 16.14 -35.05 25.48
C VAL C 415 16.74 -34.13 26.56
N LYS C 416 16.96 -32.86 26.21
CA LYS C 416 17.49 -31.92 27.18
C LYS C 416 16.55 -31.73 28.36
N ALA C 417 15.24 -31.67 28.10
CA ALA C 417 14.26 -31.53 29.17
C ALA C 417 14.26 -32.75 30.08
N ALA C 418 14.41 -33.95 29.49
CA ALA C 418 14.52 -35.15 30.31
C ALA C 418 15.77 -35.09 31.18
N VAL C 419 16.87 -34.57 30.63
CA VAL C 419 18.09 -34.41 31.42
C VAL C 419 17.84 -33.50 32.61
N SER C 420 17.14 -32.38 32.40
CA SER C 420 16.82 -31.49 33.51
C SER C 420 15.91 -32.16 34.53
N GLU C 421 14.92 -32.91 34.06
CA GLU C 421 14.04 -33.62 34.99
C GLU C 421 14.79 -34.65 35.80
N SER C 422 15.88 -35.20 35.25
CA SER C 422 16.68 -36.16 36.00
C SER C 422 17.26 -35.53 37.25
N PHE C 423 17.78 -34.31 37.15
CA PHE C 423 18.36 -33.61 38.30
C PHE C 423 17.34 -32.76 39.05
N GLN C 424 16.10 -32.69 38.57
CA GLN C 424 15.06 -31.99 39.32
C GLN C 424 14.88 -32.61 40.70
N ALA C 425 14.88 -33.94 40.79
CA ALA C 425 14.79 -34.60 42.09
C ALA C 425 16.01 -34.31 42.94
N ASN C 426 17.20 -34.30 42.32
CA ASN C 426 18.42 -33.99 43.05
C ASN C 426 18.40 -32.58 43.63
N ILE C 427 17.72 -31.66 42.94
CA ILE C 427 17.67 -30.27 43.39
C ILE C 427 17.12 -30.16 44.80
N ASP C 428 16.12 -30.98 45.11
CA ASP C 428 15.40 -30.84 46.38
C ASP C 428 16.30 -31.11 47.58
N SER C 429 17.25 -32.04 47.45
CA SER C 429 18.14 -32.32 48.58
C SER C 429 18.98 -31.11 48.94
N LEU C 430 19.63 -30.50 47.95
CA LEU C 430 20.42 -29.29 48.20
C LEU C 430 19.54 -28.15 48.69
N LEU C 431 18.33 -28.03 48.13
CA LEU C 431 17.42 -26.97 48.54
C LEU C 431 17.03 -27.12 50.00
N ALA C 432 16.71 -28.34 50.43
CA ALA C 432 16.36 -28.57 51.83
C ALA C 432 17.56 -28.40 52.74
N GLN C 433 18.76 -28.77 52.30
CA GLN C 433 19.95 -28.51 53.10
C GLN C 433 20.15 -27.02 53.31
N ALA C 434 20.00 -26.24 52.24
CA ALA C 434 20.13 -24.79 52.37
C ALA C 434 19.06 -24.22 53.29
N ARG C 435 17.82 -24.70 53.16
CA ARG C 435 16.75 -24.22 54.03
C ARG C 435 17.04 -24.55 55.49
N ALA C 436 17.53 -25.75 55.77
CA ALA C 436 17.86 -26.14 57.13
C ALA C 436 19.08 -25.39 57.67
N LYS C 437 19.95 -24.89 56.77
CA LYS C 437 21.12 -24.15 57.23
C LYS C 437 20.71 -22.87 57.95
N HIS C 438 19.71 -22.15 57.42
CA HIS C 438 19.27 -20.89 58.02
C HIS C 438 18.01 -21.12 58.85
N PRO C 439 17.98 -20.64 60.09
CA PRO C 439 16.84 -20.94 60.97
C PRO C 439 15.59 -20.12 60.63
N ALA C 440 14.57 -20.24 61.47
CA ALA C 440 13.32 -19.49 61.35
C ALA C 440 12.59 -19.79 60.05
N ASP C 441 12.75 -21.01 59.53
CA ASP C 441 12.08 -21.48 58.33
C ASP C 441 12.47 -20.64 57.12
N HIS C 442 12.06 -19.36 57.12
CA HIS C 442 12.39 -18.44 56.05
C HIS C 442 12.87 -17.12 56.64
N LEU C 443 13.83 -16.50 55.97
CA LEU C 443 14.24 -15.15 56.29
C LEU C 443 13.59 -14.11 55.38
N ALA C 444 12.76 -14.55 54.44
CA ALA C 444 11.99 -13.67 53.58
C ALA C 444 10.54 -14.15 53.56
N ASN C 445 9.61 -13.22 53.69
CA ASN C 445 8.18 -13.54 53.79
C ASN C 445 7.46 -13.37 52.47
N VAL C 446 8.16 -13.48 51.33
CA VAL C 446 7.53 -13.22 50.04
C VAL C 446 6.85 -14.47 49.49
N SER C 447 7.61 -15.56 49.31
CA SER C 447 7.07 -16.80 48.77
C SER C 447 8.16 -17.87 48.85
N GLN C 448 7.82 -19.08 48.37
CA GLN C 448 8.79 -20.19 48.44
C GLN C 448 9.81 -20.18 47.31
N PRO C 449 9.46 -19.90 46.04
CA PRO C 449 10.50 -19.94 45.01
C PRO C 449 11.49 -18.80 45.12
N GLN C 450 11.03 -17.61 45.50
CA GLN C 450 11.95 -16.51 45.74
C GLN C 450 12.88 -16.82 46.91
N ARG C 451 12.36 -17.50 47.94
CA ARG C 451 13.22 -17.98 49.01
C ARG C 451 14.25 -18.97 48.50
N ASP C 452 13.82 -19.86 47.60
CA ASP C 452 14.75 -20.83 47.01
C ASP C 452 15.86 -20.13 46.27
N TRP C 453 15.52 -19.08 45.51
CA TRP C 453 16.52 -18.29 44.81
C TRP C 453 17.46 -17.61 45.80
N LEU C 454 16.91 -17.08 46.90
CA LEU C 454 17.71 -16.33 47.85
C LEU C 454 18.67 -17.23 48.62
N LEU C 455 18.29 -18.49 48.88
CA LEU C 455 19.24 -19.41 49.52
C LEU C 455 20.45 -19.67 48.62
N LEU C 456 20.22 -19.85 47.32
CA LEU C 456 21.35 -20.03 46.42
C LEU C 456 22.12 -18.73 46.24
N GLU C 457 21.46 -17.59 46.41
CA GLU C 457 22.18 -16.33 46.55
C GLU C 457 23.11 -16.36 47.75
N ALA C 458 22.63 -16.87 48.88
CA ALA C 458 23.42 -16.89 50.10
C ALA C 458 24.62 -17.82 49.97
N HIS C 459 24.43 -19.01 49.40
CA HIS C 459 25.50 -20.00 49.34
C HIS C 459 26.39 -19.84 48.12
N ARG C 460 25.83 -20.01 46.92
CA ARG C 460 26.53 -19.78 45.66
C ARG C 460 27.81 -20.59 45.51
N ASP C 461 28.86 -20.20 46.23
CA ASP C 461 30.19 -20.72 45.97
C ASP C 461 30.41 -22.13 46.50
N GLU C 462 29.51 -22.64 47.33
CA GLU C 462 29.65 -23.98 47.89
C GLU C 462 29.32 -24.99 46.81
N GLU C 463 30.31 -25.28 45.97
CA GLU C 463 30.14 -26.25 44.90
C GLU C 463 29.83 -27.62 45.48
N VAL C 464 28.82 -28.28 44.92
CA VAL C 464 28.32 -29.56 45.42
C VAL C 464 28.36 -30.57 44.28
N SER C 465 28.85 -31.77 44.57
CA SER C 465 28.87 -32.84 43.58
C SER C 465 27.45 -33.28 43.26
N TRP C 466 27.20 -33.55 41.98
CA TRP C 466 25.89 -33.97 41.53
C TRP C 466 25.89 -35.47 41.29
N PRO C 467 25.16 -36.26 42.09
CA PRO C 467 25.07 -37.69 41.81
C PRO C 467 24.45 -37.96 40.45
N SER C 468 24.94 -38.99 39.78
CA SER C 468 24.42 -39.38 38.47
C SER C 468 23.33 -40.42 38.63
N THR C 469 22.25 -40.24 37.88
CA THR C 469 21.09 -41.12 37.97
C THR C 469 20.58 -41.46 36.58
N LYS C 470 19.96 -42.64 36.47
CA LYS C 470 19.32 -43.03 35.23
C LYS C 470 18.01 -42.30 35.06
N ILE C 471 17.58 -42.17 33.80
CA ILE C 471 16.34 -41.48 33.46
C ILE C 471 15.25 -42.53 33.26
N THR C 472 14.16 -42.39 34.02
CA THR C 472 13.09 -43.36 33.96
C THR C 472 12.25 -43.16 32.69
N MET C 473 11.48 -44.21 32.34
CA MET C 473 10.56 -44.10 31.23
C MET C 473 9.49 -43.03 31.48
N GLU C 474 9.02 -42.91 32.71
CA GLU C 474 7.99 -41.92 33.02
C GLU C 474 8.53 -40.50 32.85
N GLN C 475 9.82 -40.29 33.13
CA GLN C 475 10.41 -38.97 32.99
C GLN C 475 10.34 -38.48 31.56
N PHE C 476 10.66 -39.34 30.59
CA PHE C 476 10.55 -38.95 29.19
C PHE C 476 9.11 -38.66 28.80
N ARG C 477 8.17 -39.47 29.31
CA ARG C 477 6.76 -39.24 29.01
C ARG C 477 6.33 -37.87 29.51
N LYS C 478 6.76 -37.50 30.72
CA LYS C 478 6.44 -36.17 31.24
C LYS C 478 7.15 -35.08 30.45
N ALA C 479 8.37 -35.34 29.98
CA ALA C 479 9.11 -34.31 29.26
C ALA C 479 8.54 -34.07 27.87
N VAL C 480 7.90 -35.07 27.28
CA VAL C 480 7.31 -34.89 25.94
C VAL C 480 6.28 -33.77 25.96
N SER C 481 5.41 -33.75 26.97
CA SER C 481 4.35 -32.76 27.02
C SER C 481 4.85 -31.37 27.41
N LEU C 482 6.11 -31.23 27.80
CA LEU C 482 6.65 -29.95 28.25
C LEU C 482 7.71 -29.40 27.30
N VAL C 483 7.50 -29.56 25.99
CA VAL C 483 8.40 -29.03 24.98
C VAL C 483 7.57 -28.50 23.82
N GLN C 484 8.02 -27.42 23.21
CA GLN C 484 7.27 -26.82 22.09
C GLN C 484 7.35 -27.74 20.87
N PRO C 485 6.24 -27.96 20.17
CA PRO C 485 6.28 -28.83 18.99
C PRO C 485 6.78 -28.14 17.72
N ALA C 486 7.32 -26.93 17.84
CA ALA C 486 7.92 -26.19 16.73
C ALA C 486 6.93 -25.95 15.58
N SER C 487 5.63 -26.07 15.86
CA SER C 487 4.58 -25.70 14.93
C SER C 487 3.54 -24.87 15.65
N LYS C 488 3.95 -24.24 16.74
CA LYS C 488 3.08 -23.51 17.65
C LYS C 488 2.75 -22.11 17.18
N ARG C 489 3.43 -21.61 16.15
CA ARG C 489 3.09 -20.32 15.60
C ARG C 489 1.67 -20.32 15.04
N GLU C 490 1.18 -21.50 14.65
CA GLU C 490 -0.21 -21.64 14.23
C GLU C 490 -1.18 -21.35 15.37
N GLY C 491 -0.69 -21.31 16.60
CA GLY C 491 -1.56 -21.09 17.73
C GLY C 491 -2.37 -22.30 18.09
N PHE C 492 -1.69 -23.34 18.60
CA PHE C 492 -2.35 -24.53 19.10
C PHE C 492 -3.48 -24.12 20.04
N SER C 493 -4.72 -24.42 19.67
CA SER C 493 -5.83 -24.20 20.57
C SER C 493 -5.71 -25.15 21.75
N THR C 494 -5.48 -24.60 22.94
CA THR C 494 -5.22 -25.42 24.11
C THR C 494 -6.32 -26.46 24.29
N ILE C 495 -5.91 -27.71 24.46
CA ILE C 495 -6.84 -28.83 24.46
C ILE C 495 -7.82 -28.65 25.62
N PRO C 496 -9.12 -28.59 25.34
CA PRO C 496 -10.09 -28.42 26.43
C PRO C 496 -10.01 -29.58 27.41
N ASP C 497 -10.14 -29.25 28.70
CA ASP C 497 -10.10 -30.25 29.76
C ASP C 497 -11.50 -30.79 30.04
N THR C 498 -12.14 -31.26 28.97
CA THR C 498 -13.48 -31.81 29.02
C THR C 498 -13.44 -33.23 28.47
N THR C 499 -13.66 -34.21 29.34
CA THR C 499 -13.68 -35.61 28.95
C THR C 499 -15.13 -36.07 28.77
N TRP C 500 -15.29 -37.37 28.51
CA TRP C 500 -16.63 -37.92 28.36
C TRP C 500 -17.44 -37.85 29.64
N SER C 501 -16.78 -37.66 30.80
CA SER C 501 -17.51 -37.48 32.04
C SER C 501 -18.30 -36.18 32.03
N HIS C 502 -17.84 -35.18 31.28
CA HIS C 502 -18.52 -33.89 31.23
C HIS C 502 -19.73 -33.89 30.32
N VAL C 503 -19.92 -34.93 29.51
CA VAL C 503 -21.03 -35.00 28.56
C VAL C 503 -21.90 -36.21 28.90
N GLY C 504 -23.21 -35.99 28.97
CA GLY C 504 -24.15 -37.06 29.23
C GLY C 504 -24.91 -37.46 27.99
N ALA C 505 -25.48 -38.66 28.03
CA ALA C 505 -26.27 -39.21 26.93
C ALA C 505 -25.48 -39.23 25.63
N LEU C 506 -26.17 -39.26 24.50
CA LEU C 506 -25.56 -39.30 23.17
C LEU C 506 -24.59 -40.47 23.02
N GLU C 507 -24.91 -41.61 23.62
CA GLU C 507 -24.00 -42.76 23.55
C GLU C 507 -23.81 -43.25 22.13
N ASP C 508 -24.86 -43.20 21.30
CA ASP C 508 -24.72 -43.58 19.90
C ASP C 508 -23.80 -42.60 19.16
N VAL C 509 -23.99 -41.30 19.39
CA VAL C 509 -23.15 -40.31 18.74
C VAL C 509 -21.70 -40.43 19.20
N ARG C 510 -21.51 -40.63 20.51
CA ARG C 510 -20.15 -40.76 21.04
C ARG C 510 -19.48 -42.03 20.50
N LYS C 511 -20.23 -43.12 20.39
CA LYS C 511 -19.68 -44.34 19.80
C LYS C 511 -19.31 -44.12 18.33
N LYS C 512 -20.17 -43.44 17.58
CA LYS C 512 -19.86 -43.15 16.19
C LYS C 512 -18.59 -42.30 16.07
N LEU C 513 -18.44 -41.31 16.94
CA LEU C 513 -17.25 -40.46 16.88
C LEU C 513 -16.00 -41.23 17.29
N GLU C 514 -16.10 -42.08 18.31
CA GLU C 514 -14.96 -42.90 18.69
C GLU C 514 -14.58 -43.85 17.57
N MET C 515 -15.56 -44.32 16.81
CA MET C 515 -15.30 -45.21 15.68
C MET C 515 -14.69 -44.46 14.50
N SER C 516 -15.09 -43.21 14.26
CA SER C 516 -14.71 -42.50 13.05
C SER C 516 -13.45 -41.65 13.20
N ILE C 517 -13.19 -41.06 14.37
CA ILE C 517 -12.07 -40.13 14.52
C ILE C 517 -11.08 -40.65 15.55
N ILE C 518 -11.56 -40.92 16.77
CA ILE C 518 -10.68 -41.36 17.84
C ILE C 518 -10.04 -42.69 17.49
N GLY C 519 -10.82 -43.61 16.92
CA GLY C 519 -10.33 -44.92 16.54
C GLY C 519 -9.11 -44.88 15.64
N PRO C 520 -9.24 -44.31 14.44
CA PRO C 520 -8.09 -44.31 13.52
C PRO C 520 -6.87 -43.60 14.07
N ILE C 521 -7.05 -42.55 14.86
CA ILE C 521 -5.90 -41.84 15.43
C ILE C 521 -5.18 -42.71 16.44
N LYS C 522 -5.93 -43.36 17.34
CA LYS C 522 -5.29 -44.16 18.39
C LYS C 522 -4.67 -45.44 17.81
N ASN C 523 -5.36 -46.10 16.89
CA ASN C 523 -4.91 -47.38 16.32
C ASN C 523 -4.95 -47.32 14.80
N PRO C 524 -4.08 -46.51 14.18
CA PRO C 524 -4.04 -46.48 12.71
C PRO C 524 -3.60 -47.79 12.08
N GLU C 525 -2.86 -48.62 12.82
CA GLU C 525 -2.37 -49.87 12.25
C GLU C 525 -3.51 -50.81 11.86
N LEU C 526 -4.52 -50.93 12.72
CA LEU C 526 -5.67 -51.77 12.40
C LEU C 526 -6.48 -51.18 11.24
N PHE C 527 -6.74 -49.87 11.30
CA PHE C 527 -7.59 -49.24 10.30
C PHE C 527 -6.95 -49.28 8.91
N THR C 528 -5.64 -49.12 8.81
CA THR C 528 -4.98 -49.27 7.53
C THR C 528 -5.13 -50.70 7.01
N ARG C 529 -5.06 -51.69 7.90
CA ARG C 529 -5.24 -53.07 7.48
C ARG C 529 -6.65 -53.31 6.96
N VAL C 530 -7.66 -52.72 7.62
CA VAL C 530 -9.03 -52.86 7.14
C VAL C 530 -9.18 -52.26 5.76
N GLY C 531 -8.50 -51.16 5.49
CA GLY C 531 -8.57 -50.53 4.18
C GLY C 531 -9.35 -49.23 4.18
N ILE C 532 -9.20 -48.46 5.26
CA ILE C 532 -9.86 -47.16 5.39
C ILE C 532 -8.78 -46.10 5.58
N LYS C 533 -8.85 -45.03 4.78
CA LYS C 533 -7.96 -43.91 4.95
C LYS C 533 -8.32 -43.15 6.22
N PRO C 534 -7.38 -42.39 6.79
CA PRO C 534 -7.73 -41.45 7.86
C PRO C 534 -8.88 -40.56 7.43
N ALA C 535 -10.01 -40.69 8.13
CA ALA C 535 -11.26 -40.08 7.68
C ALA C 535 -11.16 -38.56 7.63
N ALA C 536 -11.83 -37.98 6.65
CA ALA C 536 -11.88 -36.52 6.53
C ALA C 536 -12.55 -35.91 7.75
N GLY C 537 -13.73 -36.41 8.12
CA GLY C 537 -14.39 -35.95 9.31
C GLY C 537 -15.89 -35.96 9.15
N ILE C 538 -16.55 -35.11 9.95
CA ILE C 538 -17.99 -35.12 10.11
C ILE C 538 -18.53 -33.70 10.01
N LEU C 539 -19.85 -33.58 10.06
CA LEU C 539 -20.55 -32.29 10.08
C LEU C 539 -21.70 -32.38 11.09
N LEU C 540 -21.44 -31.98 12.33
CA LEU C 540 -22.49 -31.94 13.33
C LEU C 540 -23.46 -30.79 13.06
N TRP C 541 -24.72 -31.03 13.42
CA TRP C 541 -25.76 -30.02 13.25
C TRP C 541 -26.91 -30.34 14.18
N GLY C 542 -27.67 -29.31 14.53
CA GLY C 542 -28.81 -29.45 15.40
C GLY C 542 -29.25 -28.14 16.01
N PRO C 543 -30.38 -28.16 16.71
CA PRO C 543 -30.84 -26.95 17.38
C PRO C 543 -29.86 -26.55 18.46
N PRO C 544 -29.75 -25.24 18.75
CA PRO C 544 -28.79 -24.80 19.77
C PRO C 544 -29.15 -25.36 21.14
N GLY C 545 -28.11 -25.67 21.91
CA GLY C 545 -28.28 -26.23 23.24
C GLY C 545 -28.13 -27.72 23.34
N CYS C 546 -27.80 -28.41 22.26
CA CYS C 546 -27.65 -29.86 22.27
C CYS C 546 -26.24 -30.31 22.59
N GLY C 547 -25.30 -29.39 22.75
CA GLY C 547 -23.96 -29.74 23.17
C GLY C 547 -23.03 -30.24 22.09
N LYS C 548 -23.28 -29.90 20.83
CA LYS C 548 -22.38 -30.34 19.76
C LYS C 548 -20.96 -29.82 19.98
N THR C 549 -20.85 -28.55 20.41
CA THR C 549 -19.54 -27.99 20.70
C THR C 549 -18.83 -28.76 21.81
N LEU C 550 -19.58 -29.13 22.86
CA LEU C 550 -18.97 -29.90 23.95
C LEU C 550 -18.57 -31.29 23.50
N VAL C 551 -19.37 -31.92 22.64
CA VAL C 551 -19.03 -33.24 22.13
C VAL C 551 -17.75 -33.16 21.30
N ALA C 552 -17.64 -32.14 20.45
CA ALA C 552 -16.42 -31.96 19.67
C ALA C 552 -15.23 -31.67 20.56
N LYS C 553 -15.44 -30.90 21.64
CA LYS C 553 -14.37 -30.63 22.59
C LYS C 553 -13.88 -31.93 23.22
N ALA C 554 -14.81 -32.79 23.63
CA ALA C 554 -14.43 -34.07 24.21
C ALA C 554 -13.69 -34.94 23.19
N VAL C 555 -14.14 -34.93 21.94
CA VAL C 555 -13.46 -35.69 20.89
C VAL C 555 -12.03 -35.20 20.72
N ALA C 556 -11.84 -33.88 20.68
CA ALA C 556 -10.51 -33.33 20.55
C ALA C 556 -9.65 -33.62 21.77
N ASN C 557 -10.24 -33.65 22.96
CA ASN C 557 -9.50 -33.90 24.20
C ASN C 557 -9.05 -35.34 24.36
N GLU C 558 -9.93 -36.30 24.08
CA GLU C 558 -9.57 -37.70 24.27
C GLU C 558 -8.78 -38.27 23.11
N SER C 559 -8.72 -37.55 21.97
CA SER C 559 -7.91 -38.01 20.85
C SER C 559 -6.42 -37.89 21.16
N LYS C 560 -6.04 -36.96 22.03
CA LYS C 560 -4.65 -36.73 22.41
C LYS C 560 -3.80 -36.40 21.18
N ALA C 561 -4.25 -35.42 20.41
CA ALA C 561 -3.54 -34.95 19.23
C ALA C 561 -3.66 -33.43 19.13
N ASN C 562 -2.85 -32.85 18.25
CA ASN C 562 -2.86 -31.41 18.06
C ASN C 562 -4.24 -30.94 17.60
N PHE C 563 -4.69 -29.81 18.14
CA PHE C 563 -6.03 -29.32 17.93
C PHE C 563 -6.01 -27.84 17.56
N ILE C 564 -6.94 -27.45 16.68
CA ILE C 564 -7.08 -26.06 16.25
C ILE C 564 -8.54 -25.67 16.35
N SER C 565 -8.80 -24.49 16.90
CA SER C 565 -10.15 -23.94 16.98
C SER C 565 -10.26 -22.75 16.05
N ILE C 566 -11.23 -22.78 15.15
CA ILE C 566 -11.51 -21.70 14.22
C ILE C 566 -12.83 -21.06 14.62
N LYS C 567 -12.78 -19.75 14.86
CA LYS C 567 -13.93 -19.02 15.41
C LYS C 567 -14.73 -18.41 14.26
N GLY C 568 -15.65 -19.21 13.71
CA GLY C 568 -16.53 -18.75 12.66
C GLY C 568 -15.78 -18.22 11.46
N PRO C 569 -16.18 -17.04 10.97
CA PRO C 569 -15.44 -16.36 9.89
C PRO C 569 -14.16 -15.68 10.40
N GLU C 570 -13.33 -16.46 11.08
CA GLU C 570 -12.05 -15.97 11.59
C GLU C 570 -11.10 -15.57 10.49
N LEU C 571 -11.02 -16.35 9.41
CA LEU C 571 -9.88 -16.26 8.51
C LEU C 571 -10.06 -15.22 7.41
N LEU C 572 -11.24 -14.62 7.29
CA LEU C 572 -11.46 -13.61 6.27
C LEU C 572 -10.65 -12.35 6.56
N ASN C 573 -10.16 -11.71 5.51
CA ASN C 573 -9.36 -10.51 5.62
C ASN C 573 -9.82 -9.48 4.59
N LYS C 574 -9.54 -8.21 4.87
CA LYS C 574 -9.93 -7.14 3.95
C LYS C 574 -9.14 -7.22 2.64
N TYR C 575 -7.87 -7.60 2.71
CA TYR C 575 -7.08 -7.76 1.50
C TYR C 575 -7.51 -9.03 0.77
N VAL C 576 -7.41 -8.98 -0.56
CA VAL C 576 -7.92 -10.07 -1.39
C VAL C 576 -7.10 -11.34 -1.16
N GLY C 577 -5.78 -11.23 -1.12
CA GLY C 577 -4.93 -12.41 -1.04
C GLY C 577 -5.01 -13.11 0.31
N GLU C 578 -4.96 -12.33 1.39
CA GLU C 578 -4.81 -12.91 2.72
C GLU C 578 -5.99 -13.79 3.12
N SER C 579 -7.19 -13.50 2.63
CA SER C 579 -8.37 -14.28 3.04
C SER C 579 -8.20 -15.75 2.67
N GLU C 580 -7.66 -16.03 1.49
CA GLU C 580 -7.42 -17.41 1.09
C GLU C 580 -6.03 -17.88 1.52
N ARG C 581 -5.07 -16.96 1.64
CA ARG C 581 -3.73 -17.34 2.06
C ARG C 581 -3.75 -17.92 3.48
N ALA C 582 -4.52 -17.31 4.38
CA ALA C 582 -4.62 -17.84 5.73
C ALA C 582 -5.26 -19.22 5.73
N VAL C 583 -6.29 -19.42 4.90
CA VAL C 583 -6.94 -20.72 4.81
C VAL C 583 -5.95 -21.78 4.34
N ARG C 584 -5.16 -21.46 3.32
CA ARG C 584 -4.18 -22.41 2.83
C ARG C 584 -3.11 -22.69 3.88
N GLN C 585 -2.64 -21.66 4.58
CA GLN C 585 -1.60 -21.84 5.59
C GLN C 585 -2.10 -22.66 6.77
N LEU C 586 -3.39 -22.54 7.12
CA LEU C 586 -3.94 -23.35 8.19
C LEU C 586 -3.70 -24.83 7.93
N PHE C 587 -4.06 -25.31 6.74
CA PHE C 587 -3.83 -26.71 6.41
C PHE C 587 -2.35 -27.00 6.19
N SER C 588 -1.61 -26.04 5.62
CA SER C 588 -0.18 -26.23 5.44
C SER C 588 0.55 -26.49 6.75
N ARG C 589 0.03 -25.97 7.86
CA ARG C 589 0.57 -26.25 9.18
C ARG C 589 -0.07 -27.47 9.84
N ALA C 590 -1.38 -27.67 9.65
CA ALA C 590 -2.04 -28.83 10.24
C ALA C 590 -1.48 -30.14 9.69
N LYS C 591 -1.30 -30.22 8.37
CA LYS C 591 -0.68 -31.39 7.77
C LYS C 591 0.74 -31.56 8.25
N SER C 592 1.50 -30.47 8.34
CA SER C 592 2.86 -30.53 8.87
C SER C 592 2.88 -31.01 10.31
N SER C 593 1.77 -30.90 11.03
CA SER C 593 1.69 -31.43 12.39
C SER C 593 0.70 -32.58 12.45
N ALA C 594 0.71 -33.44 11.43
CA ALA C 594 -0.22 -34.56 11.40
C ALA C 594 0.16 -35.57 12.49
N PRO C 595 -0.84 -36.22 13.13
CA PRO C 595 -2.27 -36.01 12.90
C PRO C 595 -2.80 -34.76 13.58
N CYS C 596 -3.93 -34.25 13.12
CA CYS C 596 -4.51 -33.05 13.69
C CYS C 596 -6.02 -33.08 13.50
N ILE C 597 -6.74 -32.57 14.50
CA ILE C 597 -8.19 -32.43 14.46
C ILE C 597 -8.52 -30.96 14.22
N LEU C 598 -9.11 -30.68 13.08
CA LEU C 598 -9.40 -29.31 12.67
C LEU C 598 -10.86 -29.01 12.99
N PHE C 599 -11.10 -28.01 13.83
CA PHE C 599 -12.44 -27.67 14.29
C PHE C 599 -12.91 -26.42 13.58
N PHE C 600 -14.03 -26.55 12.86
CA PHE C 600 -14.64 -25.46 12.09
C PHE C 600 -16.03 -25.17 12.67
N ASP C 601 -16.11 -24.17 13.53
CA ASP C 601 -17.37 -23.79 14.14
C ASP C 601 -18.11 -22.78 13.27
N GLN C 602 -19.44 -22.95 13.18
CA GLN C 602 -20.35 -22.03 12.50
C GLN C 602 -19.99 -21.85 11.02
N MET C 603 -20.14 -22.95 10.29
CA MET C 603 -20.02 -22.91 8.83
C MET C 603 -21.19 -22.22 8.15
N ASP C 604 -22.04 -21.52 8.90
CA ASP C 604 -22.98 -20.62 8.25
C ASP C 604 -22.28 -19.39 7.67
N ALA C 605 -21.07 -19.07 8.16
CA ALA C 605 -20.33 -17.90 7.70
C ALA C 605 -19.09 -18.26 6.89
N LEU C 606 -18.23 -19.14 7.43
CA LEU C 606 -16.93 -19.39 6.80
C LEU C 606 -17.09 -20.02 5.42
N VAL C 607 -17.99 -20.99 5.28
CA VAL C 607 -18.20 -21.66 4.01
C VAL C 607 -19.69 -21.66 3.67
N PRO C 608 -20.26 -20.51 3.31
CA PRO C 608 -21.70 -20.46 3.01
C PRO C 608 -22.04 -21.15 1.71
N ARG C 609 -23.31 -21.10 1.32
CA ARG C 609 -23.75 -21.70 0.07
C ARG C 609 -23.37 -20.79 -1.09
N ARG C 610 -22.59 -21.31 -2.03
CA ARG C 610 -22.17 -20.56 -3.19
C ARG C 610 -23.11 -20.72 -4.37
N ASP C 611 -24.20 -21.45 -4.21
CA ASP C 611 -25.11 -21.75 -5.31
C ASP C 611 -25.69 -20.48 -5.92
N ASP C 612 -26.44 -19.72 -5.13
CA ASP C 612 -26.95 -18.44 -5.60
C ASP C 612 -25.82 -17.43 -5.73
N SER C 613 -25.96 -16.53 -6.69
CA SER C 613 -24.96 -15.48 -6.90
C SER C 613 -25.21 -14.31 -5.96
N LEU C 614 -25.32 -14.61 -4.65
CA LEU C 614 -25.55 -13.55 -3.67
C LEU C 614 -24.35 -12.62 -3.58
N SER C 615 -23.15 -13.17 -3.57
CA SER C 615 -21.93 -12.37 -3.48
C SER C 615 -20.76 -13.18 -4.01
N ASP C 616 -19.68 -12.48 -4.33
CA ASP C 616 -18.46 -13.11 -4.81
C ASP C 616 -17.25 -12.86 -3.93
N ALA C 617 -17.40 -12.07 -2.86
CA ALA C 617 -16.30 -11.88 -1.92
C ALA C 617 -15.95 -13.18 -1.21
N SER C 618 -16.96 -13.96 -0.84
CA SER C 618 -16.77 -15.22 -0.14
C SER C 618 -16.59 -16.40 -1.08
N ALA C 619 -16.68 -16.19 -2.40
CA ALA C 619 -16.47 -17.28 -3.34
C ALA C 619 -15.03 -17.79 -3.28
N ARG C 620 -14.07 -16.86 -3.16
CA ARG C 620 -12.67 -17.26 -3.17
C ARG C 620 -12.34 -18.19 -2.02
N VAL C 621 -12.81 -17.85 -0.81
CA VAL C 621 -12.44 -18.63 0.37
C VAL C 621 -13.08 -20.01 0.32
N VAL C 622 -14.37 -20.08 -0.02
CA VAL C 622 -15.02 -21.39 -0.08
C VAL C 622 -14.40 -22.24 -1.17
N ASN C 623 -14.04 -21.63 -2.30
CA ASN C 623 -13.45 -22.41 -3.39
C ASN C 623 -12.05 -22.92 -3.04
N THR C 624 -11.22 -22.07 -2.43
CA THR C 624 -9.89 -22.52 -2.07
C THR C 624 -9.93 -23.58 -0.98
N LEU C 625 -10.83 -23.43 0.00
CA LEU C 625 -10.98 -24.46 1.01
C LEU C 625 -11.47 -25.76 0.38
N LEU C 626 -12.43 -25.66 -0.55
CA LEU C 626 -12.95 -26.85 -1.22
C LEU C 626 -11.84 -27.57 -1.98
N THR C 627 -11.08 -26.83 -2.79
CA THR C 627 -10.00 -27.43 -3.57
C THR C 627 -8.96 -28.07 -2.67
N GLU C 628 -8.47 -27.32 -1.68
CA GLU C 628 -7.38 -27.80 -0.85
C GLU C 628 -7.81 -29.02 -0.02
N LEU C 629 -9.03 -28.99 0.54
CA LEU C 629 -9.46 -30.09 1.38
C LEU C 629 -9.83 -31.31 0.55
N ASP C 630 -10.29 -31.10 -0.68
CA ASP C 630 -10.66 -32.20 -1.56
C ASP C 630 -9.46 -33.10 -1.87
N GLY C 631 -8.45 -32.54 -2.53
CA GLY C 631 -7.28 -33.32 -2.89
C GLY C 631 -6.24 -32.53 -3.66
N VAL C 632 -5.53 -33.20 -4.56
CA VAL C 632 -4.47 -32.60 -5.36
C VAL C 632 -3.48 -31.90 -4.44
N GLY C 633 -2.88 -32.66 -3.53
CA GLY C 633 -1.89 -32.11 -2.62
C GLY C 633 -2.16 -32.46 -1.17
N ASP C 634 -3.44 -32.47 -0.79
CA ASP C 634 -3.79 -32.85 0.58
C ASP C 634 -3.64 -34.35 0.76
N ARG C 635 -3.05 -34.73 1.89
CA ARG C 635 -2.83 -36.13 2.24
C ARG C 635 -3.56 -36.45 3.54
N SER C 636 -3.29 -37.64 4.06
CA SER C 636 -3.92 -38.11 5.28
C SER C 636 -3.42 -37.31 6.48
N GLY C 637 -3.95 -37.64 7.66
CA GLY C 637 -3.59 -36.95 8.89
C GLY C 637 -4.48 -35.78 9.24
N ILE C 638 -5.36 -35.36 8.36
CA ILE C 638 -6.27 -34.24 8.62
C ILE C 638 -7.60 -34.79 9.07
N TYR C 639 -8.17 -34.18 10.11
CA TYR C 639 -9.47 -34.57 10.63
C TYR C 639 -10.27 -33.29 10.86
N VAL C 640 -11.18 -32.98 9.95
CA VAL C 640 -11.98 -31.77 10.03
C VAL C 640 -13.31 -32.10 10.69
N ILE C 641 -13.71 -31.29 11.66
CA ILE C 641 -14.98 -31.46 12.36
C ILE C 641 -15.70 -30.13 12.35
N GLY C 642 -16.94 -30.13 11.89
CA GLY C 642 -17.69 -28.90 11.76
C GLY C 642 -18.97 -28.87 12.57
N ALA C 643 -19.45 -27.67 12.88
CA ALA C 643 -20.69 -27.50 13.61
C ALA C 643 -21.50 -26.38 12.97
N THR C 644 -22.82 -26.55 12.95
CA THR C 644 -23.70 -25.54 12.37
C THR C 644 -25.07 -25.65 13.03
N ASN C 645 -25.83 -24.55 12.94
CA ASN C 645 -27.18 -24.52 13.47
C ASN C 645 -28.24 -24.63 12.39
N ARG C 646 -27.93 -24.21 11.18
CA ARG C 646 -28.82 -24.38 10.03
C ARG C 646 -28.10 -25.18 8.96
N PRO C 647 -28.58 -26.38 8.60
CA PRO C 647 -27.80 -27.23 7.70
C PRO C 647 -27.83 -26.77 6.25
N ASP C 648 -29.00 -26.34 5.77
CA ASP C 648 -29.16 -26.05 4.35
C ASP C 648 -28.68 -24.64 4.01
N MET C 649 -27.44 -24.32 4.40
CA MET C 649 -26.78 -23.12 3.93
C MET C 649 -25.32 -23.37 3.58
N ILE C 650 -24.86 -24.61 3.63
CA ILE C 650 -23.53 -25.01 3.18
C ILE C 650 -23.68 -25.62 1.80
N ASP C 651 -22.82 -25.22 0.87
CA ASP C 651 -22.89 -25.71 -0.49
C ASP C 651 -22.78 -27.23 -0.50
N GLU C 652 -23.64 -27.88 -1.30
CA GLU C 652 -23.70 -29.33 -1.34
C GLU C 652 -22.39 -29.95 -1.80
N ALA C 653 -21.52 -29.17 -2.47
CA ALA C 653 -20.21 -29.69 -2.84
C ALA C 653 -19.35 -29.95 -1.61
N ILE C 654 -19.45 -29.11 -0.59
CA ILE C 654 -18.63 -29.30 0.61
C ILE C 654 -19.04 -30.56 1.36
N ARG C 655 -20.34 -30.86 1.39
CA ARG C 655 -20.85 -32.03 2.10
C ARG C 655 -20.65 -33.33 1.31
N ARG C 656 -19.81 -33.32 0.28
CA ARG C 656 -19.53 -34.53 -0.46
C ARG C 656 -18.64 -35.46 0.36
N PRO C 657 -18.83 -36.78 0.24
CA PRO C 657 -17.93 -37.72 0.91
C PRO C 657 -16.50 -37.54 0.45
N GLY C 658 -15.56 -37.83 1.36
CA GLY C 658 -14.18 -37.46 1.20
C GLY C 658 -13.84 -36.11 1.80
N ARG C 659 -14.85 -35.28 2.04
CA ARG C 659 -14.76 -34.02 2.76
C ARG C 659 -15.67 -34.13 3.98
N LEU C 660 -15.94 -32.99 4.62
CA LEU C 660 -16.84 -32.96 5.77
C LEU C 660 -18.26 -33.18 5.25
N GLY C 661 -18.59 -34.46 5.05
CA GLY C 661 -19.87 -34.83 4.48
C GLY C 661 -20.62 -35.85 5.31
N THR C 662 -19.93 -36.54 6.21
CA THR C 662 -20.58 -37.51 7.08
C THR C 662 -21.38 -36.77 8.14
N SER C 663 -22.64 -36.49 7.85
CA SER C 663 -23.50 -35.69 8.71
C SER C 663 -24.00 -36.53 9.88
N ILE C 664 -24.03 -35.91 11.06
CA ILE C 664 -24.52 -36.54 12.28
C ILE C 664 -25.54 -35.60 12.92
N TYR C 665 -26.75 -36.10 13.12
CA TYR C 665 -27.82 -35.29 13.71
C TYR C 665 -27.74 -35.37 15.23
N VAL C 666 -27.69 -34.21 15.87
CA VAL C 666 -27.73 -34.11 17.32
C VAL C 666 -28.90 -33.20 17.66
N GLY C 667 -29.99 -33.77 18.16
CA GLY C 667 -31.21 -33.06 18.40
C GLY C 667 -31.56 -32.93 19.88
N LEU C 668 -32.79 -32.54 20.12
CA LEU C 668 -33.27 -32.33 21.48
C LEU C 668 -33.31 -33.67 22.22
N PRO C 669 -32.62 -33.80 23.34
CA PRO C 669 -32.58 -35.08 24.05
C PRO C 669 -33.96 -35.48 24.54
N SER C 670 -34.23 -36.79 24.49
CA SER C 670 -35.54 -37.32 24.86
C SER C 670 -35.76 -37.20 26.37
N ALA C 671 -36.91 -37.68 26.83
CA ALA C 671 -37.26 -37.58 28.23
C ALA C 671 -36.29 -38.36 29.10
N GLU C 672 -35.93 -39.58 28.68
CA GLU C 672 -35.02 -40.39 29.48
C GLU C 672 -33.64 -39.78 29.57
N ASP C 673 -33.15 -39.19 28.48
CA ASP C 673 -31.78 -38.66 28.46
C ASP C 673 -31.59 -37.52 29.43
N ARG C 674 -32.66 -36.76 29.71
CA ARG C 674 -32.56 -35.65 30.65
C ARG C 674 -32.11 -36.11 32.03
N VAL C 675 -32.50 -37.33 32.42
CA VAL C 675 -32.04 -37.88 33.69
C VAL C 675 -30.52 -37.96 33.72
N LYS C 676 -29.93 -38.49 32.65
CA LYS C 676 -28.48 -38.60 32.57
C LYS C 676 -27.83 -37.21 32.53
N ILE C 677 -28.40 -36.29 31.75
CA ILE C 677 -27.78 -34.98 31.58
C ILE C 677 -27.77 -34.21 32.89
N LEU C 678 -28.90 -34.21 33.60
CA LEU C 678 -28.97 -33.50 34.88
C LEU C 678 -28.01 -34.11 35.89
N LYS C 679 -27.93 -35.44 35.95
CA LYS C 679 -26.99 -36.08 36.86
C LYS C 679 -25.56 -35.68 36.54
N THR C 680 -25.20 -35.69 35.26
CA THR C 680 -23.83 -35.31 34.87
C THR C 680 -23.53 -33.87 35.24
N LEU C 681 -24.48 -32.96 34.96
CA LEU C 681 -24.27 -31.55 35.28
C LEU C 681 -24.13 -31.33 36.77
N TYR C 682 -24.97 -31.98 37.57
CA TYR C 682 -24.88 -31.83 39.02
C TYR C 682 -23.59 -32.44 39.56
N ARG C 683 -23.16 -33.57 39.01
CA ARG C 683 -21.97 -34.24 39.50
C ARG C 683 -20.71 -33.46 39.17
N ASN C 684 -20.65 -32.87 37.97
CA ASN C 684 -19.45 -32.18 37.52
C ASN C 684 -19.16 -30.90 38.30
N THR C 685 -20.16 -30.31 38.95
CA THR C 685 -19.99 -29.05 39.66
C THR C 685 -19.88 -29.19 41.18
N VAL C 686 -20.54 -30.19 41.76
CA VAL C 686 -20.49 -30.39 43.20
C VAL C 686 -19.19 -31.09 43.58
N GLN C 712 -25.59 -34.67 52.46
CA GLN C 712 -25.64 -34.27 51.06
C GLN C 712 -27.07 -34.29 50.53
N GLY C 713 -27.28 -33.63 49.40
CA GLY C 713 -28.62 -33.53 48.83
C GLY C 713 -28.67 -33.87 47.36
N THR C 714 -27.94 -34.91 46.94
CA THR C 714 -27.93 -35.30 45.53
C THR C 714 -29.33 -35.72 45.08
N THR C 715 -30.04 -36.51 45.89
CA THR C 715 -31.42 -36.90 45.64
C THR C 715 -31.61 -37.41 44.21
N ASP C 716 -30.96 -38.53 43.92
CA ASP C 716 -30.95 -39.06 42.55
C ASP C 716 -32.35 -39.37 42.06
N ALA C 717 -33.17 -40.00 42.91
CA ALA C 717 -34.56 -40.26 42.53
C ALA C 717 -35.33 -38.96 42.30
N ASP C 718 -35.08 -37.96 43.16
CA ASP C 718 -35.71 -36.66 42.96
C ASP C 718 -35.19 -36.01 41.68
N LEU C 719 -33.92 -36.22 41.35
CA LEU C 719 -33.39 -35.71 40.09
C LEU C 719 -34.11 -36.34 38.90
N GLU C 720 -34.34 -37.66 38.97
CA GLU C 720 -35.09 -38.33 37.91
C GLU C 720 -36.51 -37.79 37.81
N LYS C 721 -37.15 -37.55 38.96
CA LYS C 721 -38.50 -37.00 38.95
C LYS C 721 -38.52 -35.62 38.32
N VAL C 722 -37.55 -34.77 38.66
CA VAL C 722 -37.49 -33.43 38.09
C VAL C 722 -37.27 -33.50 36.58
N ALA C 723 -36.35 -34.35 36.14
CA ALA C 723 -36.07 -34.47 34.72
C ALA C 723 -37.26 -35.03 33.96
N LEU C 724 -38.04 -35.91 34.58
CA LEU C 724 -39.18 -36.54 33.93
C LEU C 724 -40.47 -35.75 34.09
N ASP C 725 -40.43 -34.58 34.73
CA ASP C 725 -41.64 -33.79 34.90
C ASP C 725 -42.18 -33.35 33.56
N LEU C 726 -43.52 -33.30 33.45
CA LEU C 726 -44.16 -32.85 32.22
C LEU C 726 -43.91 -31.38 31.94
N ARG C 727 -43.40 -30.62 32.92
CA ARG C 727 -42.95 -29.26 32.68
C ARG C 727 -41.59 -29.20 31.99
N CYS C 728 -40.91 -30.33 31.86
CA CYS C 728 -39.61 -30.43 31.21
C CYS C 728 -39.73 -31.01 29.81
N THR C 729 -40.86 -30.76 29.16
CA THR C 729 -41.14 -31.35 27.85
C THR C 729 -40.22 -30.83 26.76
N GLY C 730 -39.89 -29.54 26.77
CA GLY C 730 -39.20 -28.95 25.65
C GLY C 730 -37.77 -28.49 25.88
N PHE C 731 -37.22 -28.63 27.08
CA PHE C 731 -35.85 -28.18 27.32
C PHE C 731 -34.85 -29.01 26.54
N SER C 732 -33.78 -28.34 26.10
CA SER C 732 -32.64 -28.97 25.48
C SER C 732 -31.55 -29.21 26.51
N GLY C 733 -30.39 -29.66 26.05
CA GLY C 733 -29.29 -29.95 26.95
C GLY C 733 -28.79 -28.74 27.72
N ALA C 734 -28.58 -27.63 27.03
CA ALA C 734 -28.13 -26.41 27.71
C ALA C 734 -29.22 -25.80 28.58
N ASP C 735 -30.49 -26.12 28.29
CA ASP C 735 -31.58 -25.58 29.11
C ASP C 735 -31.53 -26.14 30.53
N LEU C 736 -31.06 -27.38 30.68
CA LEU C 736 -30.85 -27.92 32.01
C LEU C 736 -29.78 -27.13 32.75
N GLY C 737 -28.83 -26.55 32.03
CA GLY C 737 -27.89 -25.64 32.66
C GLY C 737 -28.58 -24.42 33.25
N ASN C 738 -29.52 -23.84 32.52
CA ASN C 738 -30.29 -22.72 33.04
C ASN C 738 -31.15 -23.15 34.22
N LEU C 739 -31.69 -24.37 34.16
CA LEU C 739 -32.47 -24.89 35.29
C LEU C 739 -31.61 -24.99 36.54
N MET C 740 -30.39 -25.52 36.39
CA MET C 740 -29.47 -25.59 37.53
C MET C 740 -29.08 -24.19 37.99
N GLN C 741 -28.94 -23.25 37.06
CA GLN C 741 -28.66 -21.86 37.42
C GLN C 741 -29.76 -21.29 38.30
N ALA C 742 -31.02 -21.48 37.89
CA ALA C 742 -32.13 -20.96 38.67
C ALA C 742 -32.23 -21.65 40.03
N ALA C 743 -31.98 -22.96 40.07
CA ALA C 743 -31.99 -23.67 41.34
C ALA C 743 -30.92 -23.14 42.28
N ALA C 744 -29.71 -22.90 41.74
CA ALA C 744 -28.63 -22.36 42.57
C ALA C 744 -28.96 -20.97 43.08
N GLN C 745 -29.53 -20.12 42.23
CA GLN C 745 -29.91 -18.79 42.68
C GLN C 745 -30.99 -18.85 43.75
N ALA C 746 -31.98 -19.72 43.58
CA ALA C 746 -33.02 -19.85 44.60
C ALA C 746 -32.44 -20.34 45.92
N CYS C 747 -31.56 -21.34 45.87
CA CYS C 747 -30.92 -21.83 47.09
C CYS C 747 -30.10 -20.74 47.76
N LEU C 748 -29.34 -19.98 46.97
CA LEU C 748 -28.53 -18.91 47.54
C LEU C 748 -29.39 -17.85 48.18
N GLU C 749 -30.49 -17.46 47.52
CA GLU C 749 -31.39 -16.46 48.09
C GLU C 749 -32.00 -16.95 49.39
N ARG C 750 -32.44 -18.22 49.41
CA ARG C 750 -33.04 -18.76 50.63
C ARG C 750 -32.05 -18.81 51.78
N VAL C 751 -30.85 -19.33 51.53
CA VAL C 751 -29.86 -19.41 52.60
C VAL C 751 -29.43 -18.01 53.04
N TYR C 752 -29.35 -17.07 52.09
CA TYR C 752 -28.97 -15.71 52.44
C TYR C 752 -30.00 -15.05 53.35
N THR C 753 -31.28 -15.14 52.99
CA THR C 753 -32.31 -14.50 53.82
C THR C 753 -32.39 -15.18 55.18
N GLN C 754 -32.29 -16.51 55.22
CA GLN C 754 -32.36 -17.21 56.50
C GLN C 754 -31.18 -16.84 57.39
N ARG C 755 -29.96 -16.83 56.83
CA ARG C 755 -28.78 -16.49 57.61
C ARG C 755 -28.84 -15.05 58.09
N GLN C 756 -29.27 -14.13 57.22
CA GLN C 756 -29.36 -12.72 57.63
C GLN C 756 -30.37 -12.55 58.76
N GLN C 757 -31.54 -13.17 58.64
CA GLN C 757 -32.55 -13.07 59.69
C GLN C 757 -32.02 -13.63 61.00
N LYS C 758 -31.45 -14.84 60.96
CA LYS C 758 -30.97 -15.47 62.18
C LYS C 758 -29.85 -14.67 62.83
N ARG C 759 -28.93 -14.13 62.03
CA ARG C 759 -27.82 -13.37 62.60
C ARG C 759 -28.28 -12.04 63.16
N LYS C 760 -29.24 -11.38 62.49
CA LYS C 760 -29.77 -10.13 63.03
C LYS C 760 -30.50 -10.37 64.35
N GLU C 761 -31.33 -11.42 64.42
CA GLU C 761 -31.96 -11.75 65.68
C GLU C 761 -30.94 -12.19 66.72
N GLY C 762 -29.95 -12.97 66.31
CA GLY C 762 -28.91 -13.44 67.21
C GLY C 762 -28.10 -14.60 66.66
N GLU C 768 -26.61 -17.60 63.73
CA GLU C 768 -25.41 -18.36 63.41
C GLU C 768 -24.90 -18.03 62.01
N GLU C 769 -23.81 -18.67 61.61
CA GLU C 769 -23.18 -18.46 60.31
C GLU C 769 -23.39 -19.71 59.47
N GLU C 770 -24.35 -19.64 58.55
CA GLU C 770 -24.69 -20.78 57.70
C GLU C 770 -24.06 -20.60 56.32
N ILE C 771 -23.42 -21.66 55.83
CA ILE C 771 -22.76 -21.63 54.53
C ILE C 771 -23.33 -22.73 53.65
N GLU C 772 -24.61 -23.03 53.83
CA GLU C 772 -25.23 -24.18 53.19
C GLU C 772 -25.45 -23.94 51.70
N PRO C 773 -24.82 -24.73 50.82
CA PRO C 773 -25.07 -24.60 49.37
C PRO C 773 -26.05 -25.61 48.78
N VAL C 774 -26.55 -26.57 49.55
CA VAL C 774 -27.29 -27.69 48.97
C VAL C 774 -28.64 -27.20 48.46
N ILE C 775 -29.00 -27.64 47.26
CA ILE C 775 -30.23 -27.22 46.59
C ILE C 775 -31.35 -28.18 47.03
N THR C 776 -32.30 -27.67 47.80
CA THR C 776 -33.41 -28.48 48.25
C THR C 776 -34.44 -28.66 47.13
N MET C 777 -35.35 -29.62 47.34
CA MET C 777 -36.37 -29.90 46.34
C MET C 777 -37.27 -28.69 46.10
N GLU C 778 -37.52 -27.89 47.14
CA GLU C 778 -38.29 -26.67 46.95
C GLU C 778 -37.60 -25.72 45.98
N ASP C 779 -36.27 -25.61 46.07
CA ASP C 779 -35.52 -24.79 45.13
C ASP C 779 -35.64 -25.33 43.71
N TRP C 780 -35.59 -26.65 43.55
CA TRP C 780 -35.78 -27.23 42.22
C TRP C 780 -37.16 -26.92 41.67
N GLU C 781 -38.19 -27.02 42.52
CA GLU C 781 -39.54 -26.70 42.07
C GLU C 781 -39.65 -25.23 41.65
N LYS C 782 -39.08 -24.33 42.45
CA LYS C 782 -39.11 -22.91 42.11
C LYS C 782 -38.38 -22.64 40.81
N ALA C 783 -37.23 -23.31 40.60
CA ALA C 783 -36.51 -23.17 39.34
C ALA C 783 -37.34 -23.69 38.17
N LEU C 784 -38.03 -24.81 38.36
CA LEU C 784 -38.93 -25.34 37.34
C LEU C 784 -40.07 -24.38 37.05
N ASN C 785 -40.43 -23.52 38.01
CA ASN C 785 -41.46 -22.51 37.80
C ASN C 785 -40.93 -21.28 37.09
N GLU C 786 -39.64 -21.24 36.77
CA GLU C 786 -39.03 -20.05 36.16
C GLU C 786 -38.59 -20.30 34.72
N VAL C 787 -37.79 -21.33 34.47
CA VAL C 787 -37.15 -21.50 33.17
C VAL C 787 -38.15 -22.06 32.17
N LYS C 788 -38.09 -21.56 30.93
CA LYS C 788 -38.85 -22.02 29.79
C LYS C 788 -37.92 -22.60 28.74
N PRO C 789 -38.42 -23.52 27.91
CA PRO C 789 -37.55 -24.09 26.86
C PRO C 789 -37.04 -23.03 25.91
N SER C 790 -35.77 -23.16 25.51
CA SER C 790 -35.16 -22.17 24.64
C SER C 790 -35.62 -22.33 23.19
N VAL C 791 -35.46 -23.53 22.64
CA VAL C 791 -35.88 -23.77 21.26
C VAL C 791 -37.40 -23.69 21.19
N LYS C 792 -37.90 -22.68 20.49
CA LYS C 792 -39.35 -22.49 20.40
C LYS C 792 -39.99 -23.52 19.48
N ASP C 793 -39.37 -23.80 18.34
CA ASP C 793 -39.90 -24.76 17.39
C ASP C 793 -38.77 -25.50 16.70
N PRO C 794 -38.43 -26.72 17.16
CA PRO C 794 -37.41 -27.51 16.45
C PRO C 794 -37.83 -27.92 15.05
N GLU C 795 -39.14 -27.89 14.75
CA GLU C 795 -39.62 -28.25 13.42
C GLU C 795 -38.97 -27.40 12.34
N LYS C 796 -38.63 -26.16 12.67
CA LYS C 796 -37.84 -25.33 11.76
C LYS C 796 -36.42 -25.86 11.60
N TYR C 797 -35.97 -26.75 12.49
CA TYR C 797 -34.55 -27.09 12.54
C TYR C 797 -34.22 -28.50 12.07
N MET C 798 -34.92 -29.55 12.52
CA MET C 798 -34.53 -30.86 12.02
C MET C 798 -34.90 -31.01 10.55
N HIS C 799 -35.85 -30.22 10.09
CA HIS C 799 -36.21 -30.18 8.67
C HIS C 799 -35.22 -29.27 7.94
N SER C 800 -35.50 -28.97 6.67
CA SER C 800 -34.63 -28.12 5.88
C SER C 800 -34.78 -26.66 6.31
N ARG D 193 35.02 -5.59 30.95
CA ARG D 193 34.51 -5.78 32.30
C ARG D 193 32.98 -5.83 32.30
N THR D 194 32.42 -6.98 32.63
CA THR D 194 30.97 -7.20 32.65
C THR D 194 30.56 -7.80 33.98
N PRO D 195 30.51 -7.00 35.04
CA PRO D 195 30.04 -7.49 36.33
C PRO D 195 28.53 -7.47 36.40
N PRO D 196 27.92 -8.34 37.21
CA PRO D 196 26.46 -8.36 37.30
C PRO D 196 25.92 -7.11 37.98
N THR D 197 24.66 -6.81 37.68
CA THR D 197 23.97 -5.68 38.28
C THR D 197 23.39 -6.11 39.63
N LYS D 198 22.59 -5.24 40.24
CA LYS D 198 22.01 -5.51 41.55
C LYS D 198 20.54 -5.11 41.56
N VAL D 199 19.67 -6.13 41.44
CA VAL D 199 18.24 -6.03 41.73
C VAL D 199 17.81 -7.35 42.34
N SER D 200 17.31 -7.30 43.58
CA SER D 200 17.01 -8.52 44.31
C SER D 200 15.78 -9.21 43.73
N ILE D 201 15.71 -10.52 43.97
CA ILE D 201 14.53 -11.29 43.57
C ILE D 201 13.29 -10.78 44.28
N LEU D 202 13.46 -10.15 45.44
CA LEU D 202 12.34 -9.54 46.14
C LEU D 202 11.69 -8.41 45.34
N ASP D 203 12.37 -7.90 44.31
CA ASP D 203 11.84 -6.84 43.48
C ASP D 203 10.85 -7.35 42.44
N ILE D 204 10.49 -8.63 42.49
CA ILE D 204 9.50 -9.20 41.58
C ILE D 204 8.66 -10.20 42.38
N ALA D 205 7.38 -10.33 42.01
CA ALA D 205 6.48 -11.24 42.68
C ALA D 205 5.31 -11.55 41.75
N GLY D 206 4.47 -12.49 42.17
CA GLY D 206 3.32 -12.89 41.39
C GLY D 206 3.61 -13.85 40.26
N VAL D 207 4.87 -14.26 40.08
CA VAL D 207 5.27 -15.15 39.00
C VAL D 207 6.01 -16.34 39.60
N ASP D 208 5.59 -16.75 40.81
CA ASP D 208 6.30 -17.80 41.53
C ASP D 208 6.44 -19.08 40.72
N ASP D 209 5.38 -19.47 39.99
CA ASP D 209 5.49 -20.64 39.14
C ASP D 209 6.51 -20.43 38.04
N THR D 210 6.55 -19.22 37.46
CA THR D 210 7.54 -18.90 36.45
C THR D 210 8.96 -19.00 37.01
N LEU D 211 9.18 -18.48 38.21
CA LEU D 211 10.51 -18.58 38.83
C LEU D 211 10.89 -20.03 39.10
N GLN D 212 9.94 -20.81 39.62
CA GLN D 212 10.22 -22.21 39.91
C GLN D 212 10.58 -22.99 38.65
N ARG D 213 9.83 -22.75 37.56
CA ARG D 213 10.16 -23.42 36.31
C ARG D 213 11.49 -22.94 35.73
N LEU D 214 11.75 -21.63 35.82
CA LEU D 214 12.99 -21.08 35.31
C LEU D 214 14.22 -21.54 36.09
N LEU D 215 14.02 -21.95 37.35
CA LEU D 215 15.16 -22.43 38.14
C LEU D 215 15.88 -23.56 37.41
N LYS D 216 15.19 -24.69 37.22
CA LYS D 216 15.78 -25.87 36.60
C LYS D 216 16.24 -25.63 35.17
N GLU D 217 15.73 -24.59 34.50
CA GLU D 217 16.04 -24.38 33.09
C GLU D 217 17.15 -23.36 32.86
N VAL D 218 17.42 -22.48 33.82
CA VAL D 218 18.47 -21.49 33.64
C VAL D 218 19.54 -21.62 34.71
N TRP D 219 19.14 -21.65 35.98
CA TRP D 219 20.13 -21.70 37.05
C TRP D 219 20.92 -23.00 36.99
N PHE D 220 20.22 -24.11 36.76
CA PHE D 220 20.91 -25.40 36.70
C PHE D 220 21.93 -25.48 35.57
N PRO D 221 21.62 -25.06 34.34
CA PRO D 221 22.69 -25.01 33.33
C PRO D 221 23.85 -24.10 33.70
N LEU D 222 23.59 -22.98 34.38
CA LEU D 222 24.64 -22.01 34.66
C LEU D 222 25.50 -22.36 35.86
N ARG D 223 25.07 -23.26 36.73
CA ARG D 223 25.84 -23.60 37.92
C ARG D 223 26.11 -25.08 38.10
N GLY D 224 25.18 -25.96 37.74
CA GLY D 224 25.41 -27.39 37.84
C GLY D 224 26.05 -27.96 36.59
N GLY D 225 26.89 -27.17 35.92
CA GLY D 225 27.61 -27.66 34.76
C GLY D 225 28.56 -28.79 35.07
N GLU D 226 28.92 -28.97 36.34
CA GLU D 226 29.71 -30.14 36.74
C GLU D 226 28.94 -31.42 36.47
N ALA D 227 27.62 -31.41 36.72
CA ALA D 227 26.80 -32.55 36.35
C ALA D 227 26.84 -32.80 34.86
N CYS D 228 26.81 -31.73 34.06
CA CYS D 228 26.85 -31.88 32.61
C CYS D 228 28.16 -32.50 32.15
N GLU D 229 29.28 -32.02 32.68
CA GLU D 229 30.58 -32.54 32.27
C GLU D 229 30.78 -33.97 32.77
N LYS D 230 30.21 -34.30 33.93
CA LYS D 230 30.16 -35.71 34.34
C LYS D 230 29.35 -36.53 33.36
N MET D 231 28.25 -35.99 32.86
CA MET D 231 27.46 -36.60 31.79
C MET D 231 28.10 -36.41 30.42
N GLY D 232 29.03 -35.46 30.27
CA GLY D 232 29.59 -35.15 28.98
C GLY D 232 28.57 -34.60 28.00
N TYR D 233 27.64 -33.77 28.48
CA TYR D 233 26.54 -33.28 27.67
C TYR D 233 26.67 -31.77 27.50
N ARG D 234 26.64 -31.30 26.26
CA ARG D 234 26.67 -29.87 25.95
C ARG D 234 25.28 -29.30 26.23
N TYR D 235 25.00 -29.08 27.51
CA TYR D 235 23.67 -28.68 27.97
C TYR D 235 23.59 -27.15 28.08
N ASP D 236 23.50 -26.50 26.92
CA ASP D 236 23.18 -25.09 26.85
C ASP D 236 21.81 -24.91 26.21
N ASN D 237 21.10 -23.86 26.60
CA ASN D 237 19.70 -23.70 26.22
C ASN D 237 19.39 -22.23 26.02
N GLY D 238 18.32 -21.97 25.26
CA GLY D 238 17.81 -20.64 25.05
C GLY D 238 16.36 -20.54 25.51
N VAL D 239 16.09 -19.57 26.37
CA VAL D 239 14.77 -19.37 26.97
C VAL D 239 14.20 -18.06 26.46
N LEU D 240 12.97 -18.12 25.94
CA LEU D 240 12.28 -16.96 25.39
C LEU D 240 11.24 -16.49 26.39
N LEU D 241 11.24 -15.19 26.69
CA LEU D 241 10.25 -14.58 27.55
C LEU D 241 9.36 -13.68 26.71
N HIS D 242 8.06 -14.00 26.67
CA HIS D 242 7.11 -13.23 25.90
C HIS D 242 5.91 -12.88 26.78
N GLY D 243 5.44 -11.64 26.66
CA GLY D 243 4.30 -11.19 27.42
C GLY D 243 3.96 -9.75 27.14
N PRO D 244 2.82 -9.29 27.65
CA PRO D 244 2.46 -7.88 27.48
C PRO D 244 3.46 -6.97 28.17
N SER D 245 3.65 -5.77 27.60
CA SER D 245 4.58 -4.81 28.16
C SER D 245 4.17 -4.43 29.58
N GLY D 246 5.13 -4.43 30.49
CA GLY D 246 4.88 -4.09 31.87
C GLY D 246 4.67 -5.26 32.81
N CYS D 247 4.92 -6.49 32.35
CA CYS D 247 4.79 -7.67 33.20
C CYS D 247 6.07 -7.99 33.97
N GLY D 248 7.13 -7.22 33.76
CA GLY D 248 8.35 -7.38 34.54
C GLY D 248 9.42 -8.24 33.92
N LYS D 249 9.27 -8.62 32.65
CA LYS D 249 10.29 -9.46 32.01
C LYS D 249 11.64 -8.76 31.97
N THR D 250 11.64 -7.46 31.64
CA THR D 250 12.88 -6.70 31.64
C THR D 250 13.52 -6.67 33.02
N THR D 251 12.71 -6.51 34.08
CA THR D 251 13.23 -6.58 35.43
C THR D 251 13.53 -8.01 35.85
N LEU D 252 12.76 -8.98 35.34
CA LEU D 252 13.01 -10.38 35.69
C LEU D 252 14.38 -10.83 35.22
N ALA D 253 14.77 -10.43 34.01
CA ALA D 253 16.08 -10.81 33.49
C ALA D 253 17.20 -10.27 34.37
N HIS D 254 17.09 -8.99 34.76
CA HIS D 254 18.11 -8.40 35.62
C HIS D 254 18.13 -9.06 36.98
N ALA D 255 16.96 -9.37 37.53
CA ALA D 255 16.90 -10.05 38.83
C ALA D 255 17.54 -11.42 38.76
N ILE D 256 17.28 -12.17 37.68
CA ILE D 256 17.88 -13.48 37.50
C ILE D 256 19.40 -13.35 37.39
N ALA D 257 19.87 -12.38 36.62
CA ALA D 257 21.31 -12.16 36.48
C ALA D 257 21.94 -11.84 37.83
N GLY D 258 21.30 -10.99 38.62
CA GLY D 258 21.83 -10.67 39.94
C GLY D 258 21.85 -11.86 40.87
N SER D 259 20.78 -12.67 40.83
CA SER D 259 20.70 -13.84 41.71
C SER D 259 21.76 -14.88 41.35
N ILE D 260 21.93 -15.16 40.06
CA ILE D 260 22.93 -16.14 39.64
C ILE D 260 24.33 -15.61 39.91
N GLY D 261 24.55 -14.33 39.63
CA GLY D 261 25.84 -13.73 39.91
C GLY D 261 27.00 -14.24 39.07
N VAL D 262 26.78 -14.44 37.78
CA VAL D 262 27.83 -14.85 36.86
C VAL D 262 27.94 -13.83 35.74
N ALA D 263 28.80 -14.09 34.78
CA ALA D 263 29.01 -13.15 33.67
C ALA D 263 27.68 -12.88 32.96
N PHE D 264 27.39 -11.61 32.74
CA PHE D 264 26.13 -11.18 32.14
C PHE D 264 26.39 -10.01 31.22
N ILE D 265 26.05 -10.16 29.95
CA ILE D 265 26.27 -9.11 28.96
C ILE D 265 24.93 -8.72 28.34
N PRO D 266 24.26 -7.70 28.88
CA PRO D 266 22.98 -7.28 28.29
C PRO D 266 23.18 -6.63 26.94
N VAL D 267 22.22 -6.85 26.05
CA VAL D 267 22.24 -6.27 24.71
C VAL D 267 20.86 -5.72 24.40
N SER D 268 20.79 -4.44 24.08
CA SER D 268 19.56 -3.83 23.62
C SER D 268 19.42 -4.00 22.11
N ALA D 269 18.18 -4.00 21.64
CA ALA D 269 17.94 -4.23 20.21
C ALA D 269 18.62 -3.19 19.32
N PRO D 270 18.49 -1.88 19.57
CA PRO D 270 19.21 -0.92 18.72
C PRO D 270 20.68 -0.77 19.08
N SER D 271 21.13 -1.40 20.17
CA SER D 271 22.52 -1.25 20.60
C SER D 271 23.51 -1.87 19.64
N VAL D 272 23.05 -2.67 18.68
CA VAL D 272 23.94 -3.36 17.74
C VAL D 272 23.78 -2.90 16.31
N ILE D 273 22.77 -2.09 16.00
CA ILE D 273 22.54 -1.66 14.63
C ILE D 273 23.56 -0.59 14.27
N GLY D 274 24.29 -0.83 13.17
CA GLY D 274 25.35 0.07 12.74
C GLY D 274 25.02 0.70 11.39
N GLY D 275 25.60 1.87 11.16
CA GLY D 275 25.37 2.59 9.92
C GLY D 275 25.97 1.92 8.71
N THR D 276 27.30 1.81 8.68
CA THR D 276 27.97 1.16 7.56
C THR D 276 27.58 -0.31 7.49
N SER D 277 27.31 -0.80 6.28
CA SER D 277 26.92 -2.18 6.08
C SER D 277 28.02 -3.12 6.56
N GLY D 278 27.62 -4.17 7.27
CA GLY D 278 28.55 -5.14 7.82
C GLY D 278 29.01 -4.85 9.24
N GLU D 279 28.71 -3.67 9.76
CA GLU D 279 29.09 -3.35 11.13
C GLU D 279 28.23 -4.11 12.13
N SER D 280 26.93 -4.21 11.86
CA SER D 280 26.02 -4.88 12.81
C SER D 280 26.32 -6.36 12.93
N GLU D 281 26.59 -7.02 11.80
CA GLU D 281 26.98 -8.42 11.83
C GLU D 281 28.28 -8.64 12.58
N LYS D 282 29.25 -7.73 12.43
CA LYS D 282 30.46 -7.82 13.24
C LYS D 282 30.14 -7.65 14.72
N ASN D 283 29.24 -6.72 15.06
CA ASN D 283 28.91 -6.49 16.46
C ASN D 283 28.27 -7.72 17.09
N ILE D 284 27.33 -8.35 16.39
CA ILE D 284 26.66 -9.53 16.94
C ILE D 284 27.65 -10.66 17.16
N ARG D 285 28.51 -10.90 16.17
CA ARG D 285 29.51 -11.96 16.30
C ARG D 285 30.50 -11.64 17.41
N ASP D 286 30.84 -10.37 17.60
CA ASP D 286 31.71 -9.99 18.71
C ASP D 286 31.04 -10.25 20.05
N VAL D 287 29.74 -9.95 20.15
CA VAL D 287 29.01 -10.22 21.39
C VAL D 287 29.01 -11.71 21.71
N PHE D 288 28.72 -12.53 20.70
CA PHE D 288 28.73 -13.98 20.94
C PHE D 288 30.12 -14.50 21.25
N ASP D 289 31.15 -13.93 20.62
CA ASP D 289 32.52 -14.34 20.93
C ASP D 289 32.88 -13.97 22.36
N GLU D 290 32.50 -12.78 22.81
CA GLU D 290 32.75 -12.38 24.19
C GLU D 290 31.99 -13.30 25.15
N ALA D 291 30.76 -13.67 24.81
CA ALA D 291 29.99 -14.56 25.67
C ALA D 291 30.65 -15.93 25.78
N ILE D 292 31.05 -16.52 24.65
CA ILE D 292 31.64 -17.85 24.68
C ILE D 292 33.02 -17.82 25.32
N ARG D 293 33.73 -16.69 25.21
CA ARG D 293 35.04 -16.59 25.84
C ARG D 293 34.95 -16.64 27.36
N LEU D 294 33.95 -15.98 27.92
CA LEU D 294 33.75 -15.91 29.36
C LEU D 294 32.53 -16.74 29.73
N ALA D 295 32.75 -18.03 29.98
CA ALA D 295 31.67 -18.93 30.34
C ALA D 295 31.80 -19.35 31.80
N PRO D 296 30.67 -19.60 32.49
CA PRO D 296 29.29 -19.45 32.00
C PRO D 296 28.87 -18.00 31.88
N CYS D 297 27.89 -17.73 31.01
CA CYS D 297 27.43 -16.36 30.78
C CYS D 297 25.93 -16.38 30.53
N LEU D 298 25.33 -15.21 30.69
CA LEU D 298 23.90 -15.01 30.46
C LEU D 298 23.72 -13.87 29.48
N ILE D 299 23.07 -14.15 28.35
CA ILE D 299 22.83 -13.16 27.31
C ILE D 299 21.36 -12.79 27.31
N PHE D 300 21.08 -11.49 27.36
CA PHE D 300 19.71 -10.97 27.37
C PHE D 300 19.51 -10.08 26.16
N LEU D 301 18.88 -10.61 25.13
CA LEU D 301 18.55 -9.86 23.92
C LEU D 301 17.15 -9.28 24.08
N ASP D 302 17.07 -7.99 24.36
CA ASP D 302 15.79 -7.33 24.60
C ASP D 302 15.20 -6.85 23.28
N GLU D 303 13.87 -6.96 23.17
CA GLU D 303 13.13 -6.57 21.97
C GLU D 303 13.71 -7.24 20.73
N ILE D 304 13.70 -8.57 20.76
CA ILE D 304 14.30 -9.37 19.69
C ILE D 304 13.60 -9.16 18.36
N ASP D 305 12.38 -8.62 18.37
CA ASP D 305 11.66 -8.39 17.12
C ASP D 305 12.39 -7.38 16.24
N ALA D 306 12.94 -6.33 16.84
CA ALA D 306 13.62 -5.29 16.06
C ALA D 306 14.88 -5.85 15.39
N ILE D 307 15.67 -6.61 16.14
CA ILE D 307 16.90 -7.17 15.57
C ILE D 307 16.57 -8.21 14.50
N ALA D 308 15.66 -9.12 14.81
CA ALA D 308 15.35 -10.25 13.92
C ALA D 308 13.85 -10.25 13.63
N GLY D 309 13.47 -9.54 12.56
CA GLY D 309 12.10 -9.57 12.10
C GLY D 309 11.84 -10.78 11.21
N ARG D 310 10.74 -10.70 10.48
CA ARG D 310 10.40 -11.77 9.53
C ARG D 310 11.33 -11.70 8.33
N ARG D 311 11.25 -12.73 7.48
CA ARG D 311 11.99 -12.77 6.24
C ARG D 311 11.12 -12.63 5.00
N GLU D 312 9.82 -12.90 5.10
CA GLU D 312 8.91 -12.60 3.99
C GLU D 312 8.78 -11.10 3.77
N SER D 313 8.79 -10.32 4.85
CA SER D 313 8.69 -8.86 4.77
C SER D 313 10.05 -8.18 4.88
N ALA D 314 11.14 -8.94 4.81
CA ALA D 314 12.48 -8.37 4.92
C ALA D 314 12.94 -7.87 3.56
N ASN D 315 12.33 -6.73 3.16
CA ASN D 315 12.71 -6.11 1.89
C ASN D 315 14.17 -5.67 1.90
N LYS D 316 14.61 -5.08 3.01
CA LYS D 316 16.01 -4.69 3.13
C LYS D 316 16.89 -5.92 3.26
N GLY D 317 18.05 -5.89 2.59
CA GLY D 317 18.96 -7.01 2.64
C GLY D 317 19.68 -7.18 3.95
N MET D 318 19.73 -6.13 4.77
CA MET D 318 20.46 -6.20 6.03
C MET D 318 19.70 -6.98 7.10
N GLU D 319 18.36 -6.94 7.06
CA GLU D 319 17.57 -7.64 8.08
C GLU D 319 17.77 -9.15 8.00
N SER D 320 17.65 -9.70 6.78
CA SER D 320 17.87 -11.13 6.62
C SER D 320 19.30 -11.52 6.96
N ARG D 321 20.27 -10.66 6.64
CA ARG D 321 21.65 -10.93 7.00
C ARG D 321 21.81 -11.00 8.51
N ILE D 322 21.17 -10.08 9.25
CA ILE D 322 21.25 -10.11 10.70
C ILE D 322 20.59 -11.37 11.26
N VAL D 323 19.44 -11.75 10.70
CA VAL D 323 18.75 -12.94 11.16
C VAL D 323 19.62 -14.17 10.95
N ALA D 324 20.23 -14.29 9.78
CA ALA D 324 21.11 -15.43 9.52
C ALA D 324 22.38 -15.37 10.37
N GLU D 325 22.83 -14.16 10.71
CA GLU D 325 23.98 -14.03 11.61
C GLU D 325 23.65 -14.57 12.99
N ILE D 326 22.45 -14.24 13.49
CA ILE D 326 22.00 -14.80 14.77
C ILE D 326 21.90 -16.32 14.66
N MET D 327 21.35 -16.80 13.55
CA MET D 327 21.23 -18.24 13.31
C MET D 327 22.58 -18.92 13.43
N ASN D 328 23.59 -18.38 12.73
CA ASN D 328 24.92 -18.99 12.76
C ASN D 328 25.56 -18.86 14.14
N GLY D 329 25.38 -17.72 14.79
CA GLY D 329 26.00 -17.51 16.10
C GLY D 329 25.45 -18.43 17.17
N MET D 330 24.16 -18.77 17.08
CA MET D 330 23.55 -19.62 18.09
C MET D 330 24.26 -20.97 18.17
N ASP D 331 24.59 -21.56 17.02
CA ASP D 331 25.28 -22.85 17.01
C ASP D 331 26.68 -22.74 17.58
N ARG D 332 27.31 -21.56 17.46
CA ARG D 332 28.65 -21.39 18.02
C ARG D 332 28.64 -21.56 19.54
N ILE D 333 27.53 -21.21 20.18
CA ILE D 333 27.42 -21.38 21.63
C ILE D 333 27.51 -22.85 22.00
N ARG D 334 26.83 -23.72 21.25
CA ARG D 334 26.83 -25.15 21.54
C ARG D 334 28.05 -25.86 20.97
N GLN D 335 28.81 -25.22 20.07
CA GLN D 335 30.00 -25.85 19.51
C GLN D 335 31.27 -25.46 20.27
N ASN D 336 31.54 -24.17 20.43
CA ASN D 336 32.82 -23.73 20.97
C ASN D 336 32.92 -23.83 22.49
N THR D 337 31.82 -24.13 23.18
CA THR D 337 31.91 -24.30 24.62
C THR D 337 32.75 -25.52 24.96
N PRO D 338 33.61 -25.46 25.98
CA PRO D 338 34.47 -26.61 26.27
C PRO D 338 33.80 -27.67 27.14
N LEU D 339 32.54 -27.97 26.83
CA LEU D 339 31.83 -29.12 27.39
C LEU D 339 31.71 -29.08 28.91
N GLY D 340 32.20 -28.02 29.55
CA GLY D 340 32.16 -27.93 31.00
C GLY D 340 31.46 -26.69 31.51
N LYS D 341 31.46 -25.64 30.70
CA LYS D 341 30.81 -24.38 31.04
C LYS D 341 30.04 -23.87 29.84
N ASN D 342 28.73 -23.74 29.99
CA ASN D 342 27.82 -23.43 28.90
C ASN D 342 27.31 -22.00 29.02
N VAL D 343 26.51 -21.58 28.03
CA VAL D 343 25.93 -20.25 27.98
C VAL D 343 24.45 -20.37 27.70
N VAL D 344 23.67 -19.48 28.30
CA VAL D 344 22.22 -19.44 28.14
C VAL D 344 21.84 -18.04 27.66
N VAL D 345 20.90 -17.97 26.72
CA VAL D 345 20.48 -16.71 26.11
C VAL D 345 19.02 -16.48 26.48
N LEU D 346 18.69 -15.23 26.81
CA LEU D 346 17.32 -14.83 27.14
C LEU D 346 16.86 -13.82 26.11
N ALA D 347 15.61 -13.97 25.67
CA ALA D 347 15.00 -13.04 24.72
C ALA D 347 13.69 -12.52 25.27
N ALA D 348 13.41 -11.26 24.98
CA ALA D 348 12.19 -10.60 25.45
C ALA D 348 11.47 -9.94 24.27
N THR D 349 10.14 -10.00 24.31
CA THR D 349 9.32 -9.40 23.26
C THR D 349 7.91 -9.20 23.82
N ASN D 350 7.08 -8.53 23.02
CA ASN D 350 5.70 -8.26 23.40
C ASN D 350 4.69 -8.84 22.41
N ARG D 351 5.14 -9.42 21.31
CA ARG D 351 4.29 -9.97 20.27
C ARG D 351 5.05 -11.02 19.46
N PRO D 352 5.31 -12.18 20.07
CA PRO D 352 6.24 -13.15 19.50
C PRO D 352 5.79 -13.75 18.17
N GLU D 353 4.48 -13.76 17.89
CA GLU D 353 4.02 -14.31 16.62
C GLU D 353 4.60 -13.56 15.43
N PHE D 354 5.07 -12.34 15.65
CA PHE D 354 5.85 -11.62 14.65
C PHE D 354 7.26 -12.17 14.47
N LEU D 355 7.85 -12.78 15.50
CA LEU D 355 9.23 -13.23 15.43
C LEU D 355 9.38 -14.31 14.35
N ASP D 356 10.55 -14.32 13.73
CA ASP D 356 10.79 -15.16 12.56
C ASP D 356 10.64 -16.63 12.94
N PRO D 357 9.86 -17.41 12.19
CA PRO D 357 9.65 -18.82 12.56
C PRO D 357 10.93 -19.63 12.62
N ALA D 358 11.91 -19.30 11.78
CA ALA D 358 13.19 -20.01 11.82
C ALA D 358 13.92 -19.75 13.14
N ILE D 359 13.90 -18.50 13.61
CA ILE D 359 14.62 -18.17 14.84
C ILE D 359 13.81 -18.48 16.08
N ARG D 360 12.49 -18.62 15.95
CA ARG D 360 11.65 -18.87 17.13
C ARG D 360 12.00 -20.20 17.78
N ARG D 361 12.20 -21.24 16.98
CA ARG D 361 12.44 -22.56 17.54
C ARG D 361 13.84 -22.71 18.12
N ARG D 362 14.74 -21.77 17.85
CA ARG D 362 16.09 -21.86 18.41
C ARG D 362 16.04 -21.78 19.93
N PHE D 363 15.22 -20.88 20.47
CA PHE D 363 14.94 -20.86 21.90
C PHE D 363 14.05 -22.04 22.25
N SER D 364 14.49 -22.85 23.22
CA SER D 364 13.84 -24.14 23.46
C SER D 364 12.44 -23.96 24.07
N VAL D 365 12.35 -23.21 25.16
CA VAL D 365 11.09 -23.05 25.88
C VAL D 365 10.74 -21.58 26.02
N GLU D 366 9.50 -21.23 25.66
CA GLU D 366 8.96 -19.94 26.02
C GLU D 366 8.38 -19.97 27.43
N ILE D 367 8.18 -18.79 28.00
CA ILE D 367 7.44 -18.61 29.23
C ILE D 367 6.44 -17.49 29.04
N ASP D 368 5.19 -17.73 29.40
CA ASP D 368 4.13 -16.77 29.19
C ASP D 368 3.94 -16.02 30.50
N MET D 369 4.58 -14.85 30.61
CA MET D 369 4.37 -13.97 31.75
C MET D 369 3.12 -13.13 31.49
N GLY D 370 1.98 -13.78 31.59
CA GLY D 370 0.71 -13.18 31.22
C GLY D 370 0.22 -12.17 32.24
N MET D 371 -1.02 -11.75 32.02
CA MET D 371 -1.65 -10.76 32.89
C MET D 371 -1.82 -11.35 34.28
N PRO D 372 -1.21 -10.75 35.31
CA PRO D 372 -1.26 -11.37 36.65
C PRO D 372 -2.66 -11.36 37.23
N SER D 373 -2.98 -12.41 37.97
CA SER D 373 -4.28 -12.55 38.61
C SER D 373 -4.30 -11.77 39.92
N GLU D 374 -5.43 -11.83 40.62
CA GLU D 374 -5.58 -11.09 41.87
C GLU D 374 -4.60 -11.57 42.92
N ARG D 375 -4.38 -12.89 43.00
CA ARG D 375 -3.39 -13.41 43.94
C ARG D 375 -2.00 -12.93 43.57
N ALA D 376 -1.68 -12.91 42.28
CA ALA D 376 -0.39 -12.39 41.84
C ALA D 376 -0.28 -10.90 42.14
N ARG D 377 -1.35 -10.15 41.91
CA ARG D 377 -1.34 -8.72 42.21
C ARG D 377 -1.20 -8.45 43.70
N GLU D 378 -1.61 -9.40 44.55
CA GLU D 378 -1.52 -9.18 45.99
C GLU D 378 -0.08 -8.98 46.44
N GLN D 379 0.84 -9.82 45.96
CA GLN D 379 2.23 -9.73 46.40
C GLN D 379 2.96 -8.55 45.76
N ILE D 380 2.49 -8.10 44.59
CA ILE D 380 3.19 -7.04 43.87
C ILE D 380 3.18 -5.75 44.68
N LEU D 381 2.02 -5.41 45.27
CA LEU D 381 1.93 -4.19 46.06
C LEU D 381 2.83 -4.26 47.29
N ARG D 382 2.89 -5.41 47.95
CA ARG D 382 3.77 -5.57 49.10
C ARG D 382 5.23 -5.39 48.69
N SER D 383 5.62 -6.03 47.59
CA SER D 383 7.01 -5.92 47.12
C SER D 383 7.35 -4.47 46.77
N LEU D 384 6.43 -3.77 46.10
CA LEU D 384 6.69 -2.38 45.77
C LEU D 384 6.79 -1.51 47.02
N THR D 385 5.81 -1.61 47.92
CA THR D 385 5.82 -0.86 49.16
C THR D 385 6.42 -1.66 50.30
N ARG D 386 7.58 -2.27 50.06
CA ARG D 386 8.37 -2.84 51.14
C ARG D 386 9.07 -1.76 51.96
N ASP D 387 9.38 -0.61 51.36
CA ASP D 387 10.13 0.44 52.03
C ASP D 387 9.27 1.66 52.36
N LEU D 388 8.08 1.78 51.80
CA LEU D 388 7.20 2.88 52.15
C LEU D 388 6.69 2.71 53.58
N SER D 389 6.30 3.83 54.18
CA SER D 389 5.73 3.86 55.52
C SER D 389 4.22 3.71 55.39
N LEU D 390 3.69 2.64 55.97
CA LEU D 390 2.29 2.25 55.77
C LEU D 390 1.53 2.31 57.08
N ALA D 391 0.29 2.78 57.01
CA ALA D 391 -0.59 2.77 58.17
C ALA D 391 -0.91 1.34 58.58
N ASP D 392 -1.13 1.13 59.87
CA ASP D 392 -1.34 -0.21 60.40
C ASP D 392 -2.63 -0.85 59.91
N ASP D 393 -3.57 -0.06 59.40
CA ASP D 393 -4.84 -0.60 58.93
C ASP D 393 -4.80 -1.03 57.47
N ILE D 394 -3.65 -0.90 56.81
CA ILE D 394 -3.56 -1.17 55.37
C ILE D 394 -3.73 -2.66 55.12
N ASN D 395 -4.67 -3.01 54.24
CA ASN D 395 -4.85 -4.39 53.78
C ASN D 395 -4.83 -4.43 52.26
N PHE D 396 -3.98 -5.29 51.70
CA PHE D 396 -3.80 -5.34 50.26
C PHE D 396 -4.94 -6.07 49.54
N LYS D 397 -5.78 -6.79 50.28
CA LYS D 397 -6.88 -7.51 49.65
C LYS D 397 -7.86 -6.55 48.96
N GLU D 398 -8.19 -5.44 49.63
CA GLU D 398 -9.09 -4.47 49.03
C GLU D 398 -8.51 -3.86 47.77
N LEU D 399 -7.22 -3.53 47.80
CA LEU D 399 -6.58 -2.94 46.62
C LEU D 399 -6.53 -3.92 45.46
N ALA D 400 -6.15 -5.18 45.75
CA ALA D 400 -6.10 -6.18 44.70
C ALA D 400 -7.48 -6.45 44.11
N LYS D 401 -8.50 -6.56 44.97
CA LYS D 401 -9.85 -6.81 44.49
C LYS D 401 -10.41 -5.63 43.70
N MET D 402 -9.91 -4.43 43.93
CA MET D 402 -10.38 -3.24 43.25
C MET D 402 -9.56 -2.92 42.01
N THR D 403 -8.58 -3.76 41.68
CA THR D 403 -7.70 -3.55 40.53
C THR D 403 -7.77 -4.80 39.65
N PRO D 404 -8.87 -4.97 38.89
CA PRO D 404 -9.07 -6.21 38.14
C PRO D 404 -8.06 -6.43 37.02
N GLY D 405 -7.93 -5.48 36.11
CA GLY D 405 -7.17 -5.70 34.90
C GLY D 405 -5.96 -4.80 34.73
N TYR D 406 -5.21 -4.58 35.81
CA TYR D 406 -4.03 -3.74 35.77
C TYR D 406 -2.78 -4.62 35.73
N VAL D 407 -1.91 -4.36 34.75
CA VAL D 407 -0.62 -5.05 34.64
C VAL D 407 0.27 -4.51 35.74
N GLY D 408 1.35 -5.23 36.07
CA GLY D 408 2.21 -4.82 37.16
C GLY D 408 2.74 -3.41 37.01
N SER D 409 2.95 -2.97 35.77
CA SER D 409 3.34 -1.57 35.55
C SER D 409 2.28 -0.61 36.06
N ASP D 410 1.00 -0.95 35.87
CA ASP D 410 -0.07 -0.10 36.41
C ASP D 410 -0.07 -0.11 37.93
N LEU D 411 0.35 -1.23 38.54
CA LEU D 411 0.45 -1.27 40.00
C LEU D 411 1.57 -0.36 40.48
N GLN D 412 2.72 -0.40 39.79
CA GLN D 412 3.79 0.54 40.08
C GLN D 412 3.31 1.97 39.92
N TYR D 413 2.47 2.24 38.91
CA TYR D 413 1.92 3.57 38.73
C TYR D 413 0.97 3.94 39.84
N VAL D 414 0.23 2.96 40.36
CA VAL D 414 -0.66 3.22 41.50
C VAL D 414 0.15 3.66 42.71
N VAL D 415 1.25 2.96 42.99
CA VAL D 415 2.14 3.39 44.07
C VAL D 415 2.74 4.76 43.76
N LYS D 416 3.09 4.98 42.50
CA LYS D 416 3.62 6.26 42.04
C LYS D 416 2.69 7.40 42.41
N ALA D 417 1.41 7.24 42.11
CA ALA D 417 0.43 8.28 42.40
C ALA D 417 0.13 8.36 43.89
N ALA D 418 0.20 7.24 44.60
CA ALA D 418 -0.06 7.23 46.03
C ALA D 418 0.96 8.08 46.77
N VAL D 419 2.24 7.99 46.38
CA VAL D 419 3.27 8.80 47.02
C VAL D 419 2.99 10.28 46.81
N SER D 420 2.64 10.67 45.59
CA SER D 420 2.35 12.06 45.30
C SER D 420 1.13 12.55 46.07
N GLU D 421 0.11 11.70 46.19
CA GLU D 421 -1.06 12.07 46.97
C GLU D 421 -0.70 12.25 48.44
N SER D 422 0.20 11.41 48.95
CA SER D 422 0.65 11.56 50.33
C SER D 422 1.35 12.90 50.54
N PHE D 423 2.21 13.29 49.60
CA PHE D 423 2.96 14.53 49.78
C PHE D 423 2.17 15.77 49.37
N GLN D 424 1.02 15.60 48.72
CA GLN D 424 0.22 16.77 48.33
C GLN D 424 -0.24 17.55 49.56
N ALA D 425 -0.41 16.88 50.70
CA ALA D 425 -0.79 17.58 51.92
C ALA D 425 0.30 18.55 52.35
N ASN D 426 1.56 18.09 52.36
CA ASN D 426 2.67 18.98 52.70
C ASN D 426 2.85 20.05 51.63
N ILE D 427 2.44 19.77 50.39
CA ILE D 427 2.49 20.79 49.35
C ILE D 427 1.65 22.00 49.74
N ASP D 428 0.49 21.76 50.36
CA ASP D 428 -0.37 22.86 50.78
C ASP D 428 0.30 23.71 51.86
N SER D 429 0.97 23.06 52.81
CA SER D 429 1.67 23.81 53.86
C SER D 429 2.80 24.64 53.26
N LEU D 430 3.54 24.07 52.30
CA LEU D 430 4.58 24.83 51.63
C LEU D 430 3.99 26.03 50.90
N LEU D 431 2.84 25.84 50.23
CA LEU D 431 2.20 26.93 49.51
C LEU D 431 1.75 28.03 50.47
N ALA D 432 1.22 27.64 51.63
CA ALA D 432 0.80 28.61 52.63
C ALA D 432 1.99 29.40 53.17
N GLN D 433 3.11 28.72 53.42
CA GLN D 433 4.32 29.43 53.82
C GLN D 433 4.78 30.39 52.73
N ALA D 434 4.62 30.00 51.46
CA ALA D 434 4.96 30.89 50.36
C ALA D 434 4.12 32.16 50.40
N ARG D 435 2.82 32.02 50.68
CA ARG D 435 1.99 33.21 50.87
C ARG D 435 2.48 34.04 52.04
N ALA D 436 2.81 33.37 53.16
CA ALA D 436 3.23 34.08 54.36
C ALA D 436 4.54 34.82 54.17
N LYS D 437 5.37 34.41 53.21
CA LYS D 437 6.66 35.08 53.02
C LYS D 437 6.47 36.47 52.40
N HIS D 438 5.80 36.56 51.25
CA HIS D 438 5.55 37.83 50.57
C HIS D 438 4.08 37.90 50.18
N PRO D 439 3.20 38.20 51.14
CA PRO D 439 1.77 38.26 50.83
C PRO D 439 1.42 39.31 49.78
N ALA D 440 1.74 40.57 50.07
CA ALA D 440 1.46 41.69 49.18
C ALA D 440 0.01 41.68 48.69
N ASP D 441 -0.92 41.39 49.60
CA ASP D 441 -2.35 41.28 49.29
C ASP D 441 -2.60 40.16 48.29
N HIS D 442 -2.12 40.33 47.06
CA HIS D 442 -2.21 39.29 46.04
C HIS D 442 -1.09 39.50 45.04
N LEU D 443 -0.74 38.42 44.34
CA LEU D 443 0.30 38.47 43.32
C LEU D 443 -0.20 38.13 41.92
N ALA D 444 -1.27 37.34 41.81
CA ALA D 444 -1.87 37.03 40.52
C ALA D 444 -3.38 37.20 40.64
N ASN D 445 -3.98 37.85 39.65
CA ASN D 445 -5.40 38.16 39.66
C ASN D 445 -6.16 37.43 38.55
N VAL D 446 -5.64 36.31 38.06
CA VAL D 446 -6.28 35.60 36.95
C VAL D 446 -6.62 34.17 37.36
N SER D 447 -5.68 33.46 37.99
CA SER D 447 -5.88 32.07 38.37
C SER D 447 -5.07 31.76 39.62
N GLN D 448 -5.72 31.12 40.59
CA GLN D 448 -5.01 30.72 41.80
C GLN D 448 -3.89 29.70 41.55
N PRO D 449 -4.09 28.62 40.78
CA PRO D 449 -2.95 27.70 40.54
C PRO D 449 -1.79 28.36 39.82
N GLN D 450 -2.05 29.28 38.89
CA GLN D 450 -0.95 30.01 38.27
C GLN D 450 -0.21 30.86 39.30
N ARG D 451 -0.95 31.46 40.23
CA ARG D 451 -0.33 32.13 41.36
C ARG D 451 0.51 31.17 42.17
N ASP D 452 0.06 29.92 42.33
CA ASP D 452 0.85 28.93 43.05
C ASP D 452 2.15 28.64 42.34
N TRP D 453 2.09 28.48 41.01
CA TRP D 453 3.31 28.30 40.23
C TRP D 453 4.25 29.47 40.41
N LEU D 454 3.72 30.70 40.36
CA LEU D 454 4.56 31.88 40.49
C LEU D 454 5.21 31.95 41.87
N LEU D 455 4.45 31.64 42.93
CA LEU D 455 5.01 31.64 44.27
C LEU D 455 6.09 30.58 44.43
N LEU D 456 5.86 29.39 43.86
CA LEU D 456 6.87 28.34 43.93
C LEU D 456 8.14 28.74 43.20
N GLU D 457 7.99 29.37 42.03
CA GLU D 457 9.15 29.87 41.30
C GLU D 457 9.86 31.01 42.04
N ALA D 458 9.13 31.79 42.83
CA ALA D 458 9.72 32.93 43.52
C ALA D 458 10.86 32.51 44.44
N HIS D 459 10.72 31.37 45.12
CA HIS D 459 11.76 30.87 46.01
C HIS D 459 12.76 29.97 45.31
N ARG D 460 12.29 28.86 44.73
CA ARG D 460 13.12 27.97 43.93
C ARG D 460 14.32 27.44 44.72
N ASP D 461 15.33 28.29 44.92
CA ASP D 461 16.54 27.88 45.61
C ASP D 461 16.35 27.76 47.11
N GLU D 462 15.24 28.27 47.65
CA GLU D 462 14.99 28.22 49.08
C GLU D 462 14.65 26.81 49.54
N GLU D 463 15.62 26.09 50.08
CA GLU D 463 15.38 24.74 50.57
C GLU D 463 14.39 24.75 51.73
N VAL D 464 13.53 23.73 51.76
CA VAL D 464 12.45 23.66 52.73
C VAL D 464 12.47 22.26 53.37
N SER D 465 11.87 22.16 54.55
CA SER D 465 11.80 20.91 55.29
C SER D 465 10.37 20.38 55.25
N TRP D 466 10.21 19.12 54.87
CA TRP D 466 8.92 18.47 54.76
C TRP D 466 8.89 17.18 55.56
N PRO D 467 7.95 17.02 56.50
CA PRO D 467 7.89 15.76 57.27
C PRO D 467 7.32 14.62 56.43
N SER D 468 8.06 13.52 56.39
CA SER D 468 7.56 12.31 55.75
C SER D 468 6.41 11.73 56.57
N THR D 469 5.39 11.23 55.87
CA THR D 469 4.17 10.74 56.50
C THR D 469 3.86 9.33 56.00
N LYS D 470 2.86 8.72 56.65
CA LYS D 470 2.41 7.37 56.32
C LYS D 470 1.20 7.45 55.40
N ILE D 471 1.17 6.59 54.39
CA ILE D 471 0.12 6.65 53.37
C ILE D 471 -1.12 5.92 53.88
N THR D 472 -2.28 6.58 53.77
CA THR D 472 -3.53 5.99 54.19
C THR D 472 -4.23 5.31 53.01
N MET D 473 -5.19 4.44 53.34
CA MET D 473 -5.95 3.73 52.30
C MET D 473 -6.82 4.65 51.48
N GLU D 474 -7.31 5.75 52.08
CA GLU D 474 -8.12 6.70 51.34
C GLU D 474 -7.34 7.27 50.17
N GLN D 475 -6.05 7.55 50.37
CA GLN D 475 -5.21 8.01 49.27
C GLN D 475 -5.04 6.94 48.20
N PHE D 476 -4.94 5.68 48.61
CA PHE D 476 -4.86 4.59 47.63
C PHE D 476 -6.13 4.50 46.80
N ARG D 477 -7.29 4.70 47.42
CA ARG D 477 -8.55 4.62 46.68
C ARG D 477 -8.64 5.72 45.62
N LYS D 478 -8.05 6.89 45.90
CA LYS D 478 -7.99 7.94 44.88
C LYS D 478 -6.95 7.62 43.82
N ALA D 479 -5.80 7.09 44.22
CA ALA D 479 -4.73 6.79 43.27
C ALA D 479 -5.14 5.70 42.29
N VAL D 480 -5.98 4.76 42.73
CA VAL D 480 -6.45 3.70 41.83
C VAL D 480 -7.24 4.30 40.67
N SER D 481 -8.15 5.21 40.98
CA SER D 481 -8.96 5.85 39.95
C SER D 481 -8.22 6.95 39.21
N LEU D 482 -7.11 7.44 39.76
CA LEU D 482 -6.39 8.53 39.11
C LEU D 482 -5.63 8.06 37.87
N VAL D 483 -4.98 6.91 37.95
CA VAL D 483 -4.14 6.39 36.87
C VAL D 483 -4.67 5.02 36.48
N GLN D 484 -4.87 4.82 35.17
CA GLN D 484 -5.37 3.55 34.65
C GLN D 484 -4.99 3.33 33.19
N PRO D 485 -3.69 3.28 32.87
CA PRO D 485 -3.30 3.23 31.45
C PRO D 485 -3.81 2.00 30.71
N ALA D 486 -3.49 0.80 31.18
CA ALA D 486 -3.86 -0.40 30.42
C ALA D 486 -5.31 -0.81 30.61
N SER D 487 -6.05 -0.18 31.52
CA SER D 487 -7.47 -0.45 31.66
C SER D 487 -8.31 0.31 30.65
N LYS D 488 -7.99 1.59 30.41
CA LYS D 488 -8.57 2.32 29.30
C LYS D 488 -7.84 1.97 28.01
N ARG D 489 -8.55 1.37 27.06
CA ARG D 489 -7.94 0.86 25.85
C ARG D 489 -8.72 1.29 24.61
N GLU D 490 -9.11 2.57 24.56
CA GLU D 490 -9.80 3.15 23.41
C GLU D 490 -11.10 2.38 23.12
N GLY D 491 -12.03 2.54 24.04
CA GLY D 491 -13.30 1.82 23.95
C GLY D 491 -13.90 1.46 25.29
N PHE D 492 -13.15 1.71 26.37
CA PHE D 492 -13.67 1.58 27.73
C PHE D 492 -14.36 2.90 28.07
N SER D 493 -15.68 2.91 27.97
CA SER D 493 -16.44 4.13 28.24
C SER D 493 -16.43 4.44 29.74
N THR D 494 -16.61 5.72 30.05
CA THR D 494 -16.65 6.15 31.45
C THR D 494 -17.89 5.58 32.13
N ILE D 495 -17.73 5.20 33.40
CA ILE D 495 -18.82 4.61 34.18
C ILE D 495 -19.91 5.66 34.38
N PRO D 496 -21.14 5.39 34.00
CA PRO D 496 -22.21 6.36 34.22
C PRO D 496 -22.44 6.61 35.71
N ASP D 497 -22.76 7.85 36.04
CA ASP D 497 -23.00 8.25 37.43
C ASP D 497 -24.49 8.24 37.74
N THR D 498 -25.09 7.06 37.64
CA THR D 498 -26.51 6.85 37.92
C THR D 498 -26.63 5.70 38.92
N THR D 499 -26.62 6.03 40.20
CA THR D 499 -26.76 5.01 41.24
C THR D 499 -28.22 4.57 41.36
N TRP D 500 -28.47 3.63 42.26
CA TRP D 500 -29.83 3.12 42.45
C TRP D 500 -30.79 4.18 42.96
N SER D 501 -30.26 5.25 43.56
CA SER D 501 -31.13 6.35 43.98
C SER D 501 -31.72 7.11 42.80
N HIS D 502 -31.18 6.92 41.60
CA HIS D 502 -31.66 7.61 40.42
C HIS D 502 -32.70 6.81 39.64
N VAL D 503 -33.11 5.65 40.15
CA VAL D 503 -34.12 4.81 39.51
C VAL D 503 -35.22 4.53 40.51
N GLY D 504 -36.45 4.50 40.04
CA GLY D 504 -37.61 4.26 40.90
C GLY D 504 -38.34 2.97 40.56
N ALA D 505 -38.95 2.39 41.57
CA ALA D 505 -39.75 1.17 41.45
C ALA D 505 -38.86 0.06 40.85
N LEU D 506 -39.47 -0.84 40.09
CA LEU D 506 -38.75 -1.93 39.42
C LEU D 506 -37.94 -2.76 40.42
N GLU D 507 -38.56 -3.10 41.54
CA GLU D 507 -37.88 -3.87 42.58
C GLU D 507 -37.50 -5.26 42.09
N ASP D 508 -38.41 -5.91 41.35
CA ASP D 508 -38.17 -7.30 40.95
C ASP D 508 -36.96 -7.41 40.02
N VAL D 509 -36.90 -6.55 39.00
CA VAL D 509 -35.80 -6.63 38.04
C VAL D 509 -34.49 -6.23 38.71
N ARG D 510 -34.54 -5.24 39.61
CA ARG D 510 -33.33 -4.85 40.34
C ARG D 510 -32.82 -6.00 41.19
N LYS D 511 -33.73 -6.70 41.88
CA LYS D 511 -33.33 -7.87 42.67
C LYS D 511 -32.74 -8.96 41.80
N LYS D 512 -33.36 -9.22 40.64
CA LYS D 512 -32.85 -10.25 39.73
C LYS D 512 -31.45 -9.90 39.24
N LEU D 513 -31.24 -8.65 38.86
CA LEU D 513 -29.92 -8.25 38.37
C LEU D 513 -28.89 -8.26 39.49
N GLU D 514 -29.30 -7.89 40.71
CA GLU D 514 -28.39 -7.97 41.85
C GLU D 514 -27.97 -9.40 42.10
N MET D 515 -28.90 -10.35 41.98
CA MET D 515 -28.56 -11.75 42.18
C MET D 515 -27.71 -12.30 41.04
N SER D 516 -27.92 -11.80 39.82
CA SER D 516 -27.31 -12.42 38.65
C SER D 516 -25.98 -11.81 38.22
N ILE D 517 -25.74 -10.53 38.49
CA ILE D 517 -24.54 -9.85 38.00
C ILE D 517 -23.76 -9.25 39.16
N ILE D 518 -24.45 -8.47 40.00
CA ILE D 518 -23.78 -7.80 41.10
C ILE D 518 -23.21 -8.81 42.08
N GLY D 519 -23.98 -9.85 42.38
CA GLY D 519 -23.57 -10.87 43.33
C GLY D 519 -22.28 -11.57 42.99
N PRO D 520 -22.17 -12.12 41.77
CA PRO D 520 -20.92 -12.80 41.39
C PRO D 520 -19.72 -11.88 41.34
N ILE D 521 -19.91 -10.57 41.26
CA ILE D 521 -18.78 -9.64 41.27
C ILE D 521 -18.32 -9.31 42.68
N LYS D 522 -19.27 -9.00 43.58
CA LYS D 522 -18.90 -8.59 44.93
C LYS D 522 -18.26 -9.74 45.70
N ASN D 523 -18.90 -10.90 45.69
CA ASN D 523 -18.42 -12.08 46.41
C ASN D 523 -18.37 -13.26 45.46
N PRO D 524 -17.38 -13.29 44.56
CA PRO D 524 -17.29 -14.42 43.61
C PRO D 524 -17.07 -15.76 44.28
N GLU D 525 -16.36 -15.78 45.42
CA GLU D 525 -16.05 -17.04 46.08
C GLU D 525 -17.31 -17.75 46.57
N LEU D 526 -18.27 -16.99 47.13
CA LEU D 526 -19.51 -17.60 47.58
C LEU D 526 -20.26 -18.24 46.43
N PHE D 527 -20.36 -17.54 45.30
CA PHE D 527 -21.04 -18.08 44.14
C PHE D 527 -20.34 -19.31 43.58
N THR D 528 -19.00 -19.28 43.53
CA THR D 528 -18.27 -20.47 43.07
C THR D 528 -18.50 -21.65 43.98
N ARG D 529 -18.52 -21.41 45.31
CA ARG D 529 -18.79 -22.50 46.24
C ARG D 529 -20.21 -23.04 46.06
N VAL D 530 -21.16 -22.16 45.76
CA VAL D 530 -22.51 -22.62 45.45
C VAL D 530 -22.49 -23.55 44.25
N GLY D 531 -21.67 -23.23 43.25
CA GLY D 531 -21.52 -24.10 42.10
C GLY D 531 -21.99 -23.48 40.81
N ILE D 532 -21.90 -22.16 40.71
CA ILE D 532 -22.35 -21.42 39.54
C ILE D 532 -21.14 -20.74 38.91
N LYS D 533 -21.02 -20.88 37.59
CA LYS D 533 -20.00 -20.17 36.84
C LYS D 533 -20.39 -18.70 36.69
N PRO D 534 -19.42 -17.82 36.38
CA PRO D 534 -19.77 -16.43 36.07
C PRO D 534 -20.88 -16.32 35.04
N ALA D 535 -21.98 -15.66 35.42
CA ALA D 535 -23.14 -15.55 34.54
C ALA D 535 -22.76 -14.90 33.21
N ALA D 536 -23.62 -15.11 32.21
CA ALA D 536 -23.28 -14.70 30.85
C ALA D 536 -24.21 -13.59 30.35
N GLY D 537 -25.51 -13.80 30.33
CA GLY D 537 -26.40 -12.92 29.58
C GLY D 537 -27.70 -12.60 30.29
N ILE D 538 -28.14 -11.36 30.12
CA ILE D 538 -29.49 -10.93 30.50
C ILE D 538 -30.03 -10.08 29.34
N LEU D 539 -31.31 -10.26 29.03
CA LEU D 539 -31.95 -9.56 27.92
C LEU D 539 -33.05 -8.67 28.46
N LEU D 540 -32.80 -7.37 28.49
CA LEU D 540 -33.79 -6.38 28.92
C LEU D 540 -34.57 -5.93 27.68
N TRP D 541 -35.77 -6.48 27.50
CA TRP D 541 -36.59 -6.19 26.34
C TRP D 541 -37.93 -5.61 26.79
N GLY D 542 -38.36 -4.55 26.12
CA GLY D 542 -39.62 -3.90 26.43
C GLY D 542 -39.86 -2.69 25.56
N PRO D 543 -41.00 -2.02 25.77
CA PRO D 543 -41.27 -0.80 25.01
C PRO D 543 -40.30 0.29 25.39
N PRO D 544 -40.02 1.23 24.47
CA PRO D 544 -39.02 2.25 24.75
C PRO D 544 -39.46 3.19 25.86
N GLY D 545 -38.47 3.75 26.56
CA GLY D 545 -38.72 4.68 27.63
C GLY D 545 -39.00 4.09 28.99
N CYS D 546 -38.85 2.78 29.14
CA CYS D 546 -39.06 2.14 30.44
C CYS D 546 -37.83 2.20 31.35
N GLY D 547 -36.71 2.73 30.86
CA GLY D 547 -35.53 2.88 31.68
C GLY D 547 -34.53 1.75 31.61
N LYS D 548 -34.65 0.86 30.63
CA LYS D 548 -33.76 -0.30 30.55
C LYS D 548 -32.30 0.15 30.42
N THR D 549 -32.05 1.16 29.60
CA THR D 549 -30.69 1.70 29.49
C THR D 549 -30.23 2.26 30.84
N LEU D 550 -31.11 2.96 31.54
CA LEU D 550 -30.74 3.50 32.86
C LEU D 550 -30.52 2.37 33.85
N VAL D 551 -31.29 1.28 33.76
CA VAL D 551 -31.06 0.14 34.63
C VAL D 551 -29.69 -0.48 34.36
N ALA D 552 -29.33 -0.60 33.08
CA ALA D 552 -28.01 -1.13 32.75
C ALA D 552 -26.90 -0.22 33.28
N LYS D 553 -27.09 1.10 33.14
CA LYS D 553 -26.09 2.03 33.68
C LYS D 553 -25.98 1.93 35.19
N ALA D 554 -27.12 1.78 35.87
CA ALA D 554 -27.10 1.62 37.32
C ALA D 554 -26.37 0.34 37.74
N VAL D 555 -26.62 -0.75 37.00
CA VAL D 555 -25.92 -2.00 37.28
C VAL D 555 -24.42 -1.82 37.08
N ALA D 556 -24.03 -1.13 36.01
CA ALA D 556 -22.62 -0.88 35.76
C ALA D 556 -21.99 -0.07 36.89
N ASN D 557 -22.68 0.96 37.36
CA ASN D 557 -22.17 1.78 38.44
C ASN D 557 -22.07 1.00 39.75
N GLU D 558 -23.06 0.15 40.04
CA GLU D 558 -23.04 -0.63 41.27
C GLU D 558 -22.01 -1.75 41.22
N SER D 559 -21.63 -2.19 40.02
CA SER D 559 -20.64 -3.25 39.91
C SER D 559 -19.24 -2.76 40.30
N LYS D 560 -18.93 -1.50 40.04
CA LYS D 560 -17.58 -0.95 40.22
C LYS D 560 -16.56 -1.76 39.42
N ALA D 561 -16.94 -2.16 38.21
CA ALA D 561 -16.07 -2.92 37.31
C ALA D 561 -15.95 -2.19 35.98
N ASN D 562 -14.96 -2.61 35.20
CA ASN D 562 -14.74 -2.01 33.89
C ASN D 562 -15.98 -2.14 33.02
N PHE D 563 -16.32 -1.07 32.32
CA PHE D 563 -17.55 -0.99 31.54
C PHE D 563 -17.21 -0.61 30.10
N ILE D 564 -17.86 -1.28 29.15
CA ILE D 564 -17.71 -0.98 27.73
C ILE D 564 -19.10 -0.89 27.12
N SER D 565 -19.40 0.25 26.50
CA SER D 565 -20.68 0.47 25.85
C SER D 565 -20.55 0.32 24.34
N ILE D 566 -21.64 -0.11 23.72
CA ILE D 566 -21.68 -0.33 22.27
C ILE D 566 -22.86 0.46 21.72
N LYS D 567 -22.60 1.30 20.71
CA LYS D 567 -23.63 2.15 20.12
C LYS D 567 -24.29 1.42 18.94
N GLY D 568 -25.10 0.43 19.29
CA GLY D 568 -25.81 -0.36 18.30
C GLY D 568 -24.86 -1.04 17.34
N PRO D 569 -25.11 -0.88 16.03
CA PRO D 569 -24.19 -1.36 15.01
C PRO D 569 -22.99 -0.44 14.82
N GLU D 570 -22.39 -0.02 15.93
CA GLU D 570 -21.21 0.84 15.87
C GLU D 570 -20.04 0.12 15.22
N LEU D 571 -19.87 -1.16 15.53
CA LEU D 571 -18.64 -1.87 15.18
C LEU D 571 -18.62 -2.31 13.73
N LEU D 572 -19.74 -2.23 13.01
CA LEU D 572 -19.81 -2.67 11.63
C LEU D 572 -18.94 -1.80 10.73
N ASN D 573 -18.29 -2.43 9.76
CA ASN D 573 -17.43 -1.75 8.80
C ASN D 573 -17.74 -2.26 7.40
N LYS D 574 -17.47 -1.40 6.40
CA LYS D 574 -17.74 -1.78 5.02
C LYS D 574 -16.87 -2.95 4.58
N TYR D 575 -15.62 -3.00 5.05
CA TYR D 575 -14.73 -4.09 4.68
C TYR D 575 -15.14 -5.39 5.35
N VAL D 576 -14.87 -6.50 4.67
CA VAL D 576 -15.32 -7.81 5.15
C VAL D 576 -14.57 -8.20 6.43
N GLY D 577 -13.28 -7.87 6.52
CA GLY D 577 -12.46 -8.33 7.61
C GLY D 577 -12.56 -7.52 8.89
N GLU D 578 -12.58 -6.19 8.76
CA GLU D 578 -12.54 -5.32 9.94
C GLU D 578 -13.76 -5.48 10.82
N SER D 579 -14.94 -5.81 10.25
CA SER D 579 -16.16 -5.84 11.04
C SER D 579 -16.09 -6.89 12.14
N GLU D 580 -15.75 -8.13 11.78
CA GLU D 580 -15.68 -9.19 12.78
C GLU D 580 -14.42 -9.09 13.63
N ARG D 581 -13.33 -8.56 13.07
CA ARG D 581 -12.13 -8.36 13.85
C ARG D 581 -12.36 -7.39 15.00
N ALA D 582 -13.21 -6.38 14.77
CA ALA D 582 -13.54 -5.44 15.83
C ALA D 582 -14.23 -6.14 16.99
N VAL D 583 -15.17 -7.04 16.69
CA VAL D 583 -15.85 -7.79 17.74
C VAL D 583 -14.87 -8.71 18.47
N ARG D 584 -13.98 -9.35 17.71
CA ARG D 584 -12.96 -10.19 18.34
C ARG D 584 -12.09 -9.38 19.30
N GLN D 585 -11.64 -8.20 18.88
CA GLN D 585 -10.81 -7.38 19.74
C GLN D 585 -11.59 -6.89 20.95
N LEU D 586 -12.87 -6.59 20.77
CA LEU D 586 -13.73 -6.22 21.90
C LEU D 586 -13.74 -7.33 22.95
N PHE D 587 -14.03 -8.56 22.50
CA PHE D 587 -14.09 -9.68 23.44
C PHE D 587 -12.74 -9.96 24.08
N SER D 588 -11.67 -9.88 23.30
CA SER D 588 -10.33 -10.12 23.85
C SER D 588 -9.98 -9.10 24.91
N ARG D 589 -10.27 -7.82 24.64
CA ARG D 589 -9.97 -6.77 25.62
C ARG D 589 -10.84 -6.92 26.86
N ALA D 590 -12.11 -7.29 26.69
CA ALA D 590 -12.98 -7.50 27.84
C ALA D 590 -12.47 -8.64 28.71
N LYS D 591 -12.06 -9.74 28.07
CA LYS D 591 -11.50 -10.87 28.82
C LYS D 591 -10.18 -10.48 29.48
N SER D 592 -9.42 -9.59 28.87
CA SER D 592 -8.16 -9.16 29.46
C SER D 592 -8.38 -8.46 30.78
N SER D 593 -9.45 -7.67 30.90
CA SER D 593 -9.79 -6.97 32.13
C SER D 593 -11.11 -7.54 32.65
N ALA D 594 -11.02 -8.62 33.41
CA ALA D 594 -12.19 -9.23 34.01
C ALA D 594 -12.31 -8.83 35.47
N PRO D 595 -13.52 -8.54 35.97
CA PRO D 595 -14.79 -8.62 35.24
C PRO D 595 -15.02 -7.42 34.32
N CYS D 596 -16.04 -7.53 33.47
CA CYS D 596 -16.38 -6.46 32.53
C CYS D 596 -17.82 -6.59 32.06
N ILE D 597 -18.61 -5.54 32.22
CA ILE D 597 -20.01 -5.55 31.84
C ILE D 597 -20.10 -5.01 30.41
N LEU D 598 -20.19 -5.91 29.44
CA LEU D 598 -20.31 -5.53 28.04
C LEU D 598 -21.76 -5.19 27.75
N PHE D 599 -22.04 -3.90 27.55
CA PHE D 599 -23.41 -3.43 27.37
C PHE D 599 -23.69 -3.28 25.88
N PHE D 600 -24.55 -4.14 25.35
CA PHE D 600 -25.07 -3.98 24.00
C PHE D 600 -26.37 -3.19 24.04
N ASP D 601 -26.45 -2.15 23.21
CA ASP D 601 -27.62 -1.30 23.12
C ASP D 601 -28.22 -1.43 21.73
N GLN D 602 -29.54 -1.64 21.67
CA GLN D 602 -30.27 -1.72 20.41
C GLN D 602 -29.70 -2.83 19.52
N MET D 603 -29.85 -4.06 20.00
CA MET D 603 -29.31 -5.23 19.30
C MET D 603 -30.08 -5.59 18.06
N ASP D 604 -31.20 -4.92 17.74
CA ASP D 604 -31.96 -5.26 16.55
C ASP D 604 -31.17 -5.02 15.26
N ALA D 605 -30.16 -4.17 15.30
CA ALA D 605 -29.33 -3.88 14.15
C ALA D 605 -27.98 -4.58 14.19
N LEU D 606 -27.35 -4.66 15.36
CA LEU D 606 -26.07 -5.35 15.47
C LEU D 606 -26.21 -6.83 15.13
N VAL D 607 -27.28 -7.47 15.60
CA VAL D 607 -27.52 -8.88 15.32
C VAL D 607 -28.98 -9.08 14.94
N PRO D 608 -29.31 -9.21 13.67
CA PRO D 608 -30.67 -9.57 13.28
C PRO D 608 -30.87 -11.08 13.37
N ARG D 609 -32.10 -11.50 13.07
CA ARG D 609 -32.39 -12.93 12.99
C ARG D 609 -31.79 -13.49 11.71
N ARG D 610 -30.79 -14.37 11.85
CA ARG D 610 -30.07 -14.90 10.71
C ARG D 610 -30.75 -16.11 10.08
N ASP D 611 -31.88 -16.56 10.62
CA ASP D 611 -32.58 -17.71 10.03
C ASP D 611 -33.00 -17.41 8.61
N ASP D 612 -33.58 -16.23 8.37
CA ASP D 612 -33.91 -15.80 7.02
C ASP D 612 -32.70 -15.12 6.39
N SER D 613 -32.33 -15.57 5.19
CA SER D 613 -31.13 -15.05 4.52
C SER D 613 -31.46 -13.85 3.64
N LEU D 614 -32.13 -12.85 4.20
CA LEU D 614 -32.35 -11.60 3.48
C LEU D 614 -31.03 -10.88 3.24
N SER D 615 -30.15 -10.87 4.23
CA SER D 615 -28.82 -10.28 4.11
C SER D 615 -27.78 -11.30 4.55
N ASP D 616 -26.63 -11.27 3.88
CA ASP D 616 -25.55 -12.20 4.15
C ASP D 616 -24.32 -11.55 4.78
N ALA D 617 -24.17 -10.23 4.65
CA ALA D 617 -23.00 -9.57 5.25
C ALA D 617 -23.02 -9.67 6.76
N SER D 618 -24.20 -9.49 7.38
CA SER D 618 -24.30 -9.55 8.83
C SER D 618 -24.17 -10.97 9.36
N ALA D 619 -24.25 -11.98 8.49
CA ALA D 619 -24.06 -13.36 8.91
C ALA D 619 -22.68 -13.58 9.52
N ARG D 620 -21.65 -12.96 8.96
CA ARG D 620 -20.32 -13.06 9.54
C ARG D 620 -20.30 -12.49 10.95
N VAL D 621 -20.93 -11.34 11.15
CA VAL D 621 -20.93 -10.70 12.47
C VAL D 621 -21.66 -11.57 13.49
N VAL D 622 -22.84 -12.07 13.12
CA VAL D 622 -23.62 -12.86 14.07
C VAL D 622 -22.92 -14.16 14.40
N ASN D 623 -22.30 -14.80 13.40
CA ASN D 623 -21.57 -16.04 13.67
C ASN D 623 -20.35 -15.80 14.54
N THR D 624 -19.62 -14.70 14.29
CA THR D 624 -18.48 -14.37 15.14
C THR D 624 -18.94 -14.13 16.58
N LEU D 625 -20.04 -13.39 16.76
CA LEU D 625 -20.55 -13.16 18.10
C LEU D 625 -20.96 -14.46 18.78
N LEU D 626 -21.65 -15.34 18.06
CA LEU D 626 -22.05 -16.63 18.62
C LEU D 626 -20.83 -17.42 19.09
N THR D 627 -19.83 -17.53 18.23
CA THR D 627 -18.66 -18.36 18.57
C THR D 627 -17.88 -17.75 19.71
N GLU D 628 -17.65 -16.44 19.68
CA GLU D 628 -16.90 -15.80 20.76
C GLU D 628 -17.69 -15.77 22.06
N LEU D 629 -19.02 -15.91 22.00
CA LEU D 629 -19.83 -15.89 23.20
C LEU D 629 -19.89 -17.27 23.86
N ASP D 630 -20.28 -18.28 23.10
CA ASP D 630 -20.45 -19.63 23.65
C ASP D 630 -19.82 -20.68 22.75
N GLY D 631 -18.57 -20.44 22.36
CA GLY D 631 -17.85 -21.41 21.57
C GLY D 631 -16.58 -21.90 22.25
N VAL D 632 -15.64 -22.42 21.46
CA VAL D 632 -14.38 -22.88 22.03
C VAL D 632 -13.58 -21.69 22.52
N GLY D 633 -12.89 -21.88 23.65
CA GLY D 633 -12.13 -20.82 24.27
C GLY D 633 -12.89 -20.16 25.41
N ASP D 634 -12.37 -20.30 26.63
CA ASP D 634 -13.04 -19.77 27.79
C ASP D 634 -13.05 -18.25 27.77
N ARG D 635 -14.13 -17.68 28.30
CA ARG D 635 -14.31 -16.24 28.39
C ARG D 635 -14.89 -15.86 29.75
N SER D 636 -14.62 -16.68 30.76
CA SER D 636 -15.13 -16.44 32.10
C SER D 636 -14.64 -15.09 32.61
N GLY D 637 -15.54 -14.40 33.30
CA GLY D 637 -15.28 -13.03 33.73
C GLY D 637 -15.82 -11.96 32.83
N ILE D 638 -16.66 -12.32 31.85
CA ILE D 638 -17.26 -11.38 30.92
C ILE D 638 -18.77 -11.45 31.10
N TYR D 639 -19.39 -10.30 31.36
CA TYR D 639 -20.84 -10.20 31.50
C TYR D 639 -21.37 -9.31 30.40
N VAL D 640 -22.31 -9.83 29.60
CA VAL D 640 -22.89 -9.10 28.49
C VAL D 640 -24.37 -8.86 28.79
N ILE D 641 -24.82 -7.63 28.57
CA ILE D 641 -26.18 -7.21 28.86
C ILE D 641 -26.79 -6.68 27.57
N GLY D 642 -27.98 -7.16 27.22
CA GLY D 642 -28.65 -6.80 25.98
C GLY D 642 -29.87 -5.94 26.25
N ALA D 643 -30.07 -4.93 25.41
CA ALA D 643 -31.24 -4.06 25.45
C ALA D 643 -31.80 -3.95 24.04
N THR D 644 -33.12 -4.02 23.93
CA THR D 644 -33.78 -4.01 22.63
C THR D 644 -35.23 -3.58 22.81
N ASN D 645 -35.93 -3.47 21.68
CA ASN D 645 -37.35 -3.16 21.66
C ASN D 645 -38.18 -4.14 20.85
N ARG D 646 -37.55 -5.03 20.09
CA ARG D 646 -38.24 -6.00 19.23
C ARG D 646 -37.76 -7.39 19.60
N PRO D 647 -38.42 -8.06 20.53
CA PRO D 647 -37.94 -9.39 20.96
C PRO D 647 -37.93 -10.42 19.84
N ASP D 648 -38.89 -10.37 18.93
CA ASP D 648 -38.98 -11.35 17.84
C ASP D 648 -38.24 -10.88 16.60
N MET D 649 -36.99 -10.43 16.78
CA MET D 649 -36.14 -10.09 15.66
C MET D 649 -34.70 -10.52 15.88
N ILE D 650 -34.39 -11.16 17.00
CA ILE D 650 -33.05 -11.68 17.28
C ILE D 650 -33.13 -13.20 17.24
N ASP D 651 -32.17 -13.83 16.56
CA ASP D 651 -32.18 -15.28 16.41
C ASP D 651 -32.20 -15.96 17.77
N GLU D 652 -32.97 -17.05 17.86
CA GLU D 652 -33.06 -17.81 19.10
C GLU D 652 -31.71 -18.38 19.52
N ALA D 653 -30.76 -18.49 18.58
CA ALA D 653 -29.42 -18.99 18.91
C ALA D 653 -28.72 -18.13 19.95
N ILE D 654 -29.11 -16.88 20.13
CA ILE D 654 -28.57 -16.04 21.20
C ILE D 654 -29.45 -16.07 22.45
N ARG D 655 -30.75 -16.31 22.31
CA ARG D 655 -31.66 -16.33 23.45
C ARG D 655 -31.68 -17.68 24.15
N ARG D 656 -30.61 -18.47 24.01
CA ARG D 656 -30.29 -19.76 24.60
C ARG D 656 -29.52 -19.56 25.90
N PRO D 657 -29.68 -20.47 26.87
CA PRO D 657 -28.88 -20.40 28.09
C PRO D 657 -27.38 -20.48 27.79
N GLY D 658 -26.59 -19.82 28.63
CA GLY D 658 -25.20 -19.60 28.37
C GLY D 658 -24.89 -18.40 27.53
N ARG D 659 -25.91 -17.81 26.92
CA ARG D 659 -25.78 -16.61 26.09
C ARG D 659 -26.80 -15.60 26.62
N LEU D 660 -27.07 -14.56 25.83
CA LEU D 660 -28.10 -13.60 26.18
C LEU D 660 -29.48 -14.26 26.06
N GLY D 661 -29.77 -15.19 26.98
CA GLY D 661 -31.00 -15.95 26.94
C GLY D 661 -31.93 -15.63 28.09
N THR D 662 -31.38 -15.16 29.20
CA THR D 662 -32.21 -14.79 30.34
C THR D 662 -32.98 -13.52 29.98
N SER D 663 -34.23 -13.70 29.56
CA SER D 663 -35.06 -12.60 29.07
C SER D 663 -35.85 -12.00 30.23
N ILE D 664 -35.73 -10.68 30.38
CA ILE D 664 -36.45 -9.94 31.41
C ILE D 664 -37.33 -8.91 30.72
N TYR D 665 -38.63 -8.95 31.01
CA TYR D 665 -39.61 -8.06 30.39
C TYR D 665 -39.85 -6.88 31.32
N VAL D 666 -39.45 -5.69 30.90
CA VAL D 666 -39.71 -4.46 31.62
C VAL D 666 -40.81 -3.73 30.86
N GLY D 667 -42.04 -3.84 31.35
CA GLY D 667 -43.19 -3.28 30.69
C GLY D 667 -43.58 -1.93 31.24
N LEU D 668 -44.82 -1.54 30.99
CA LEU D 668 -45.31 -0.26 31.46
C LEU D 668 -45.40 -0.26 32.98
N PRO D 669 -44.88 0.77 33.66
CA PRO D 669 -45.07 0.86 35.10
C PRO D 669 -46.55 0.97 35.46
N SER D 670 -46.92 0.36 36.59
CA SER D 670 -48.30 0.36 37.02
C SER D 670 -48.64 1.69 37.68
N ALA D 671 -49.89 1.80 38.14
CA ALA D 671 -50.33 3.03 38.81
C ALA D 671 -49.53 3.28 40.07
N GLU D 672 -49.30 2.24 40.87
CA GLU D 672 -48.51 2.39 42.09
C GLU D 672 -47.06 2.70 41.78
N ASP D 673 -46.55 2.20 40.65
CA ASP D 673 -45.15 2.44 40.29
C ASP D 673 -44.87 3.93 40.07
N ARG D 674 -45.82 4.63 39.43
CA ARG D 674 -45.60 6.03 39.12
C ARG D 674 -45.43 6.88 40.36
N VAL D 675 -46.01 6.45 41.49
CA VAL D 675 -45.82 7.18 42.74
C VAL D 675 -44.35 7.20 43.12
N LYS D 676 -43.68 6.05 43.03
CA LYS D 676 -42.24 6.00 43.29
C LYS D 676 -41.46 6.73 42.20
N ILE D 677 -41.93 6.62 40.95
CA ILE D 677 -41.20 7.23 39.84
C ILE D 677 -41.14 8.74 40.00
N LEU D 678 -42.27 9.36 40.34
CA LEU D 678 -42.30 10.80 40.50
C LEU D 678 -41.39 11.26 41.62
N LYS D 679 -41.42 10.55 42.75
CA LYS D 679 -40.55 10.92 43.88
C LYS D 679 -39.08 10.80 43.50
N THR D 680 -38.71 9.70 42.85
CA THR D 680 -37.31 9.50 42.48
C THR D 680 -36.86 10.55 41.48
N LEU D 681 -37.71 10.90 40.52
CA LEU D 681 -37.35 11.91 39.54
C LEU D 681 -37.22 13.28 40.19
N TYR D 682 -38.13 13.60 41.12
CA TYR D 682 -38.19 14.96 41.66
C TYR D 682 -37.09 15.20 42.69
N ARG D 683 -36.76 14.20 43.51
CA ARG D 683 -35.76 14.41 44.55
C ARG D 683 -34.37 14.68 43.98
N ASN D 684 -34.10 14.28 42.75
CA ASN D 684 -32.80 14.50 42.14
C ASN D 684 -32.73 15.77 41.29
N THR D 685 -33.82 16.55 41.25
CA THR D 685 -33.85 17.76 40.42
C THR D 685 -34.09 19.02 41.26
N VAL D 686 -33.76 18.97 42.55
CA VAL D 686 -33.91 20.14 43.42
C VAL D 686 -32.59 20.46 44.12
N GLN D 712 -37.23 24.16 48.81
CA GLN D 712 -38.07 23.08 49.33
C GLN D 712 -39.25 22.83 48.40
N GLY D 713 -40.46 22.95 48.95
CA GLY D 713 -41.67 22.73 48.18
C GLY D 713 -41.84 21.30 47.70
N THR D 714 -41.50 20.32 48.54
CA THR D 714 -41.64 18.92 48.14
C THR D 714 -43.11 18.52 48.02
N THR D 715 -43.87 18.68 49.10
CA THR D 715 -45.31 18.41 49.12
C THR D 715 -45.63 17.04 48.53
N ASP D 716 -45.17 16.00 49.24
CA ASP D 716 -45.31 14.64 48.76
C ASP D 716 -46.76 14.26 48.51
N ALA D 717 -47.69 14.86 49.23
CA ALA D 717 -49.11 14.55 49.03
C ALA D 717 -49.55 14.90 47.61
N ASP D 718 -49.16 16.08 47.13
CA ASP D 718 -49.53 16.48 45.77
C ASP D 718 -48.84 15.60 44.72
N LEU D 719 -47.59 15.21 45.00
CA LEU D 719 -46.90 14.32 44.07
C LEU D 719 -47.62 12.98 43.96
N GLU D 720 -48.02 12.41 45.10
CA GLU D 720 -48.75 11.14 45.08
C GLU D 720 -50.10 11.31 44.40
N LYS D 721 -50.78 12.44 44.64
CA LYS D 721 -52.06 12.68 43.99
C LYS D 721 -51.91 12.77 42.48
N VAL D 722 -50.89 13.49 42.01
CA VAL D 722 -50.66 13.62 40.57
C VAL D 722 -50.32 12.28 39.95
N ALA D 723 -49.46 11.50 40.61
CA ALA D 723 -49.04 10.22 40.06
C ALA D 723 -50.21 9.26 39.90
N LEU D 724 -51.24 9.38 40.72
CA LEU D 724 -52.37 8.47 40.70
C LEU D 724 -53.54 8.94 39.83
N ASP D 725 -53.39 10.06 39.15
CA ASP D 725 -54.47 10.54 38.29
C ASP D 725 -54.75 9.58 37.15
N LEU D 726 -56.02 9.46 36.77
CA LEU D 726 -56.40 8.62 35.64
C LEU D 726 -55.81 9.10 34.34
N ARG D 727 -55.56 10.41 34.20
CA ARG D 727 -54.91 10.91 33.00
C ARG D 727 -53.49 10.37 32.88
N CYS D 728 -52.87 10.00 33.98
CA CYS D 728 -51.47 9.60 34.04
C CYS D 728 -51.27 8.10 33.81
N THR D 729 -52.36 7.35 33.56
CA THR D 729 -52.26 5.89 33.55
C THR D 729 -51.40 5.39 32.39
N GLY D 730 -51.62 5.93 31.19
CA GLY D 730 -50.96 5.40 30.01
C GLY D 730 -49.51 5.75 29.83
N PHE D 731 -48.99 6.70 30.59
CA PHE D 731 -47.64 7.19 30.37
C PHE D 731 -46.60 6.15 30.75
N SER D 732 -45.49 6.14 30.02
CA SER D 732 -44.37 5.25 30.31
C SER D 732 -43.36 5.99 31.19
N GLY D 733 -42.19 5.37 31.40
CA GLY D 733 -41.24 5.90 32.37
C GLY D 733 -40.70 7.27 31.99
N ALA D 734 -40.30 7.43 30.72
CA ALA D 734 -39.75 8.70 30.28
C ALA D 734 -40.85 9.75 30.11
N ASP D 735 -42.10 9.30 29.89
CA ASP D 735 -43.19 10.26 29.74
C ASP D 735 -43.47 10.99 31.04
N LEU D 736 -43.22 10.36 32.19
CA LEU D 736 -43.37 11.09 33.44
C LEU D 736 -42.29 12.14 33.61
N GLY D 737 -41.07 11.85 33.19
CA GLY D 737 -40.04 12.89 33.17
C GLY D 737 -40.42 14.03 32.24
N ASN D 738 -41.00 13.71 31.10
CA ASN D 738 -41.47 14.76 30.20
C ASN D 738 -42.56 15.60 30.85
N LEU D 739 -43.48 14.95 31.56
CA LEU D 739 -44.53 15.68 32.27
C LEU D 739 -43.93 16.60 33.33
N MET D 740 -42.93 16.11 34.07
CA MET D 740 -42.26 16.94 35.05
C MET D 740 -41.60 18.15 34.40
N GLN D 741 -40.92 17.94 33.27
CA GLN D 741 -40.28 19.04 32.57
C GLN D 741 -41.31 20.04 32.06
N ALA D 742 -42.45 19.56 31.55
CA ALA D 742 -43.49 20.45 31.06
C ALA D 742 -44.09 21.27 32.19
N ALA D 743 -44.33 20.64 33.34
CA ALA D 743 -44.85 21.36 34.50
C ALA D 743 -43.85 22.41 34.98
N ALA D 744 -42.57 22.06 35.01
CA ALA D 744 -41.55 23.03 35.39
C ALA D 744 -41.51 24.19 34.41
N GLN D 745 -41.63 23.91 33.11
CA GLN D 745 -41.64 24.97 32.12
C GLN D 745 -42.87 25.87 32.29
N ALA D 746 -44.02 25.28 32.58
CA ALA D 746 -45.23 26.07 32.78
C ALA D 746 -45.09 26.98 33.99
N CYS D 747 -44.55 26.45 35.10
CA CYS D 747 -44.29 27.29 36.26
C CYS D 747 -43.27 28.37 35.95
N LEU D 748 -42.27 28.03 35.12
CA LEU D 748 -41.27 29.01 34.73
C LEU D 748 -41.89 30.16 33.95
N GLU D 749 -42.76 29.86 33.00
CA GLU D 749 -43.37 30.93 32.20
C GLU D 749 -44.36 31.73 33.02
N ARG D 750 -45.03 31.08 33.98
CA ARG D 750 -45.85 31.83 34.92
C ARG D 750 -44.99 32.78 35.75
N VAL D 751 -43.79 32.34 36.15
CA VAL D 751 -42.88 33.22 36.87
C VAL D 751 -42.45 34.40 36.01
N TYR D 752 -42.10 34.15 34.74
CA TYR D 752 -41.77 35.25 33.85
C TYR D 752 -42.91 36.26 33.74
N THR D 753 -44.13 35.78 33.51
CA THR D 753 -45.22 36.74 33.29
C THR D 753 -45.51 37.52 34.58
N GLN D 754 -45.64 36.82 35.72
CA GLN D 754 -45.96 37.50 36.97
C GLN D 754 -44.83 38.38 37.48
N ARG D 755 -43.60 38.18 37.00
CA ARG D 755 -42.50 39.05 37.36
C ARG D 755 -42.37 40.25 36.43
N GLN D 756 -42.40 40.01 35.11
CA GLN D 756 -42.22 41.08 34.15
C GLN D 756 -43.39 42.07 34.20
N GLN D 757 -44.62 41.57 34.29
CA GLN D 757 -45.77 42.47 34.29
C GLN D 757 -45.72 43.39 35.51
N LYS D 758 -45.36 42.84 36.68
CA LYS D 758 -45.26 43.67 37.87
C LYS D 758 -44.06 44.59 37.82
N ARG D 759 -42.95 44.15 37.24
CA ARG D 759 -41.77 45.01 37.14
C ARG D 759 -42.03 46.21 36.25
N LYS D 760 -42.70 46.01 35.12
CA LYS D 760 -43.01 47.12 34.22
C LYS D 760 -44.19 47.95 34.70
N GLU D 761 -44.97 47.45 35.66
CA GLU D 761 -46.07 48.21 36.25
C GLU D 761 -45.70 48.77 37.62
N GLY D 762 -44.50 48.48 38.11
CA GLY D 762 -44.06 48.95 39.41
C GLY D 762 -42.56 48.95 39.58
N GLU D 768 -36.66 42.39 39.85
CA GLU D 768 -36.50 41.05 40.41
C GLU D 768 -36.85 41.05 41.90
N GLU D 769 -37.99 40.46 42.23
CA GLU D 769 -38.47 40.40 43.61
C GLU D 769 -38.58 38.99 44.14
N GLU D 770 -39.22 38.09 43.38
CA GLU D 770 -39.46 36.72 43.83
C GLU D 770 -38.90 35.75 42.80
N ILE D 771 -37.76 35.12 43.13
CA ILE D 771 -37.18 34.06 42.31
C ILE D 771 -37.70 32.75 42.88
N GLU D 772 -38.86 32.31 42.40
CA GLU D 772 -39.54 31.15 42.94
C GLU D 772 -39.41 29.97 41.98
N PRO D 773 -38.66 28.92 42.33
CA PRO D 773 -38.65 27.69 41.54
C PRO D 773 -39.65 26.64 42.00
N VAL D 774 -40.46 26.93 43.02
CA VAL D 774 -41.41 25.95 43.53
C VAL D 774 -42.50 25.70 42.50
N ILE D 775 -42.81 24.44 42.25
CA ILE D 775 -43.83 24.04 41.30
C ILE D 775 -45.12 23.79 42.05
N THR D 776 -46.17 24.54 41.71
CA THR D 776 -47.43 24.46 42.41
C THR D 776 -48.36 23.44 41.76
N MET D 777 -49.48 23.18 42.43
CA MET D 777 -50.42 22.16 41.97
C MET D 777 -51.06 22.55 40.64
N GLU D 778 -51.32 23.85 40.43
CA GLU D 778 -51.93 24.31 39.20
C GLU D 778 -51.04 23.99 38.00
N ASP D 779 -49.72 24.08 38.18
CA ASP D 779 -48.79 23.75 37.10
C ASP D 779 -48.98 22.31 36.64
N TRP D 780 -48.98 21.37 37.59
CA TRP D 780 -49.22 19.98 37.24
C TRP D 780 -50.60 19.79 36.61
N GLU D 781 -51.60 20.51 37.14
CA GLU D 781 -52.95 20.35 36.63
C GLU D 781 -53.06 20.74 35.16
N LYS D 782 -52.55 21.91 34.79
CA LYS D 782 -52.73 22.34 33.41
C LYS D 782 -51.65 21.75 32.50
N ALA D 783 -50.61 21.16 33.10
CA ALA D 783 -49.66 20.39 32.30
C ALA D 783 -50.17 18.98 32.01
N LEU D 784 -51.07 18.46 32.84
CA LEU D 784 -51.62 17.13 32.65
C LEU D 784 -52.38 16.97 31.33
N ASN D 785 -52.82 18.07 30.73
CA ASN D 785 -53.50 18.02 29.44
C ASN D 785 -52.56 18.29 28.28
N GLU D 786 -51.35 18.78 28.53
CA GLU D 786 -50.42 19.07 27.44
C GLU D 786 -49.81 17.80 26.86
N VAL D 787 -49.41 16.87 27.71
CA VAL D 787 -48.63 15.71 27.30
C VAL D 787 -49.58 14.54 27.05
N LYS D 788 -49.23 13.71 26.08
CA LYS D 788 -49.95 12.49 25.76
C LYS D 788 -49.01 11.29 25.83
N PRO D 789 -49.54 10.09 26.04
CA PRO D 789 -48.67 8.90 26.15
C PRO D 789 -47.87 8.66 24.88
N SER D 790 -46.67 8.11 25.06
CA SER D 790 -45.74 7.88 23.95
C SER D 790 -46.31 6.92 22.93
N VAL D 791 -46.55 5.67 23.35
CA VAL D 791 -47.04 4.63 22.46
C VAL D 791 -48.54 4.44 22.70
N LYS D 792 -49.32 4.49 21.62
CA LYS D 792 -50.77 4.31 21.74
C LYS D 792 -51.12 2.89 22.14
N ASP D 793 -50.43 1.90 21.56
CA ASP D 793 -50.68 0.48 21.82
C ASP D 793 -49.36 -0.17 22.21
N PRO D 794 -49.00 -0.13 23.49
CA PRO D 794 -47.75 -0.77 23.92
C PRO D 794 -47.74 -2.27 23.71
N GLU D 795 -48.90 -2.90 23.61
CA GLU D 795 -48.96 -4.34 23.39
C GLU D 795 -48.47 -4.75 22.01
N LYS D 796 -48.26 -3.80 21.10
CA LYS D 796 -47.69 -4.10 19.80
C LYS D 796 -46.22 -4.50 19.87
N TYR D 797 -45.58 -4.30 21.03
CA TYR D 797 -44.16 -4.58 21.17
C TYR D 797 -43.87 -5.86 21.95
N MET D 798 -44.83 -6.37 22.72
CA MET D 798 -44.56 -7.53 23.57
C MET D 798 -44.75 -8.85 22.81
N HIS D 799 -45.86 -9.00 22.10
CA HIS D 799 -46.07 -10.20 21.30
C HIS D 799 -45.67 -9.97 19.84
N SER D 800 -46.33 -9.02 19.18
CA SER D 800 -46.08 -8.74 17.76
C SER D 800 -46.76 -7.44 17.35
N ASP E 192 26.87 22.46 25.61
CA ASP E 192 25.62 23.21 25.80
C ASP E 192 24.73 22.53 26.82
N ARG E 193 24.41 23.25 27.90
CA ARG E 193 23.59 22.70 28.97
C ARG E 193 22.10 22.82 28.70
N THR E 194 21.71 23.45 27.58
CA THR E 194 20.31 23.62 27.18
C THR E 194 19.50 24.30 28.29
N PRO E 195 19.74 25.58 28.57
CA PRO E 195 18.98 26.26 29.62
C PRO E 195 17.55 26.52 29.16
N PRO E 196 16.62 26.75 30.08
CA PRO E 196 15.24 27.05 29.69
C PRO E 196 15.09 28.47 29.15
N THR E 197 13.85 28.86 28.85
CA THR E 197 13.59 30.18 28.30
C THR E 197 12.60 30.94 29.18
N LYS E 198 12.12 32.09 28.71
CA LYS E 198 11.18 32.92 29.45
C LYS E 198 9.87 33.00 28.65
N VAL E 199 9.04 31.98 28.83
CA VAL E 199 7.73 31.90 28.18
C VAL E 199 6.72 31.75 29.33
N SER E 200 7.01 32.43 30.44
CA SER E 200 6.39 32.17 31.74
C SER E 200 4.86 32.14 31.72
N ILE E 201 4.28 31.58 32.78
CA ILE E 201 2.87 31.20 32.86
C ILE E 201 1.95 32.39 32.62
N LEU E 202 2.48 33.60 32.77
CA LEU E 202 1.65 34.80 32.60
C LEU E 202 1.05 34.88 31.20
N ASP E 203 1.66 34.21 30.22
CA ASP E 203 1.19 34.24 28.84
C ASP E 203 0.23 33.10 28.51
N ILE E 204 -0.07 32.22 29.45
CA ILE E 204 -0.94 31.07 29.20
C ILE E 204 -2.04 31.03 30.25
N ALA E 205 -3.24 30.64 29.82
CA ALA E 205 -4.38 30.50 30.72
C ALA E 205 -5.41 29.61 30.04
N GLY E 206 -6.52 29.38 30.73
CA GLY E 206 -7.59 28.56 30.19
C GLY E 206 -7.36 27.06 30.27
N VAL E 207 -6.25 26.63 30.87
CA VAL E 207 -5.92 25.22 30.99
C VAL E 207 -5.80 24.87 32.47
N ASP E 208 -6.58 25.57 33.30
CA ASP E 208 -6.42 25.48 34.75
C ASP E 208 -6.64 24.05 35.24
N ASP E 209 -7.66 23.36 34.74
CA ASP E 209 -7.94 22.00 35.18
C ASP E 209 -6.77 21.08 34.88
N THR E 210 -6.20 21.20 33.67
CA THR E 210 -5.02 20.41 33.32
C THR E 210 -3.80 20.90 34.07
N LEU E 211 -3.62 22.22 34.14
CA LEU E 211 -2.40 22.78 34.75
C LEU E 211 -2.28 22.41 36.22
N GLN E 212 -3.41 22.21 36.91
CA GLN E 212 -3.35 21.81 38.31
C GLN E 212 -2.71 20.42 38.46
N ARG E 213 -3.06 19.50 37.56
CA ARG E 213 -2.51 18.15 37.65
C ARG E 213 -1.01 18.15 37.41
N LEU E 214 -0.53 19.03 36.53
CA LEU E 214 0.90 19.16 36.31
C LEU E 214 1.62 19.54 37.61
N LEU E 215 1.02 20.43 38.41
CA LEU E 215 1.62 20.84 39.66
C LEU E 215 1.93 19.63 40.54
N LYS E 216 1.00 18.67 40.60
CA LYS E 216 1.18 17.50 41.43
C LYS E 216 2.01 16.41 40.76
N GLU E 217 2.13 16.41 39.44
CA GLU E 217 2.77 15.30 38.75
C GLU E 217 4.18 15.58 38.23
N VAL E 218 4.52 16.79 37.84
CA VAL E 218 5.80 17.09 37.21
C VAL E 218 6.65 18.03 38.07
N TRP E 219 6.02 19.04 38.68
CA TRP E 219 6.76 19.95 39.55
C TRP E 219 7.31 19.22 40.77
N PHE E 220 6.50 18.36 41.38
CA PHE E 220 6.92 17.69 42.61
C PHE E 220 8.14 16.80 42.40
N PRO E 221 8.19 15.90 41.41
CA PRO E 221 9.40 15.08 41.25
C PRO E 221 10.65 15.90 40.94
N LEU E 222 10.53 16.96 40.14
CA LEU E 222 11.72 17.63 39.60
C LEU E 222 12.55 18.25 40.70
N ARG E 223 11.94 19.07 41.56
CA ARG E 223 12.65 19.72 42.65
C ARG E 223 12.43 19.04 43.99
N GLY E 224 11.53 18.07 44.06
CA GLY E 224 11.32 17.30 45.27
C GLY E 224 12.07 15.99 45.24
N GLY E 225 13.10 15.92 44.39
CA GLY E 225 13.92 14.73 44.34
C GLY E 225 14.63 14.43 45.65
N GLU E 226 14.81 15.46 46.48
CA GLU E 226 15.37 15.23 47.81
C GLU E 226 14.44 14.37 48.64
N ALA E 227 13.12 14.50 48.45
CA ALA E 227 12.18 13.62 49.11
C ALA E 227 12.37 12.18 48.64
N CYS E 228 12.59 12.01 47.35
CA CYS E 228 12.86 10.68 46.80
C CYS E 228 14.12 10.08 47.42
N GLU E 229 15.17 10.89 47.57
CA GLU E 229 16.41 10.40 48.13
C GLU E 229 16.27 10.05 49.60
N LYS E 230 15.60 10.92 50.38
CA LYS E 230 15.42 10.66 51.80
C LYS E 230 14.54 9.43 52.03
N MET E 231 13.47 9.29 51.25
CA MET E 231 12.63 8.11 51.34
C MET E 231 13.30 6.89 50.72
N GLY E 232 14.39 7.07 50.00
CA GLY E 232 15.03 5.97 49.32
C GLY E 232 14.16 5.33 48.26
N TYR E 233 13.38 6.14 47.55
CA TYR E 233 12.41 5.67 46.57
C TYR E 233 12.62 6.41 45.26
N ARG E 234 13.04 5.69 44.23
CA ARG E 234 13.15 6.28 42.90
C ARG E 234 11.77 6.69 42.41
N TYR E 235 11.61 7.97 42.10
CA TYR E 235 10.31 8.55 41.76
C TYR E 235 10.47 9.31 40.44
N ASP E 236 10.36 8.59 39.33
CA ASP E 236 10.44 9.17 38.00
C ASP E 236 9.17 8.85 37.23
N ASN E 237 8.80 9.74 36.31
CA ASN E 237 7.50 9.64 35.67
C ASN E 237 7.60 10.13 34.22
N GLY E 238 6.64 9.69 33.42
CA GLY E 238 6.47 10.18 32.06
C GLY E 238 5.06 10.69 31.84
N VAL E 239 4.93 11.94 31.44
CA VAL E 239 3.64 12.61 31.33
C VAL E 239 3.35 12.87 29.86
N LEU E 240 2.14 12.53 29.43
CA LEU E 240 1.69 12.71 28.05
C LEU E 240 0.66 13.83 28.01
N LEU E 241 0.83 14.77 27.07
CA LEU E 241 -0.09 15.87 26.86
C LEU E 241 -0.65 15.75 25.44
N HIS E 242 -1.73 14.98 25.31
CA HIS E 242 -2.37 14.74 24.03
C HIS E 242 -3.57 15.68 23.87
N GLY E 243 -3.67 16.32 22.71
CA GLY E 243 -4.74 17.24 22.44
C GLY E 243 -4.76 17.68 20.99
N PRO E 244 -5.80 18.44 20.62
CA PRO E 244 -5.89 18.93 19.24
C PRO E 244 -4.74 19.86 18.90
N SER E 245 -4.40 19.91 17.61
CA SER E 245 -3.28 20.73 17.15
C SER E 245 -3.59 22.21 17.35
N GLY E 246 -2.56 22.97 17.72
CA GLY E 246 -2.72 24.39 17.93
C GLY E 246 -3.34 24.76 19.27
N CYS E 247 -3.16 23.93 20.29
CA CYS E 247 -3.70 24.20 21.62
C CYS E 247 -2.65 24.79 22.56
N GLY E 248 -1.49 25.18 22.05
CA GLY E 248 -0.47 25.77 22.89
C GLY E 248 0.36 24.78 23.69
N LYS E 249 0.44 23.52 23.24
CA LYS E 249 1.20 22.51 23.97
C LYS E 249 2.68 22.87 24.05
N THR E 250 3.25 23.35 22.95
CA THR E 250 4.65 23.76 22.96
C THR E 250 4.86 24.94 23.90
N THR E 251 3.95 25.92 23.87
CA THR E 251 4.04 27.05 24.79
C THR E 251 3.91 26.60 26.24
N LEU E 252 3.01 25.65 26.50
CA LEU E 252 2.86 25.13 27.84
C LEU E 252 4.14 24.45 28.32
N ALA E 253 4.75 23.63 27.46
CA ALA E 253 6.00 22.95 27.83
C ALA E 253 7.11 23.96 28.09
N HIS E 254 7.21 24.98 27.22
CA HIS E 254 8.24 26.01 27.42
C HIS E 254 8.00 26.78 28.71
N ALA E 255 6.75 27.08 29.02
CA ALA E 255 6.43 27.78 30.26
C ALA E 255 6.81 26.95 31.48
N ILE E 256 6.50 25.65 31.45
CA ILE E 256 6.86 24.78 32.56
C ILE E 256 8.37 24.72 32.72
N ALA E 257 9.09 24.59 31.61
CA ALA E 257 10.54 24.51 31.66
C ALA E 257 11.14 25.80 32.22
N GLY E 258 10.62 26.96 31.80
CA GLY E 258 11.11 28.22 32.32
C GLY E 258 10.78 28.42 33.78
N SER E 259 9.59 28.00 34.21
CA SER E 259 9.21 28.17 35.61
C SER E 259 10.02 27.28 36.54
N ILE E 260 10.26 26.02 36.14
CA ILE E 260 11.00 25.11 37.00
C ILE E 260 12.46 25.54 37.10
N GLY E 261 13.03 26.05 36.01
CA GLY E 261 14.38 26.54 36.02
C GLY E 261 15.46 25.48 35.85
N VAL E 262 15.08 24.21 35.78
CA VAL E 262 16.06 23.14 35.56
C VAL E 262 16.38 23.04 34.08
N ALA E 263 17.41 22.26 33.77
CA ALA E 263 17.79 22.03 32.38
C ALA E 263 16.63 21.42 31.61
N PHE E 264 16.53 21.77 30.33
CA PHE E 264 15.42 21.33 29.49
C PHE E 264 15.93 21.08 28.08
N ILE E 265 15.81 19.84 27.63
CA ILE E 265 16.33 19.42 26.33
C ILE E 265 15.15 19.05 25.44
N PRO E 266 14.72 19.96 24.56
CA PRO E 266 13.63 19.63 23.64
C PRO E 266 14.11 18.82 22.45
N VAL E 267 13.29 17.86 22.04
CA VAL E 267 13.58 17.01 20.90
C VAL E 267 12.36 16.98 19.98
N SER E 268 12.58 17.24 18.70
CA SER E 268 11.55 17.11 17.68
C SER E 268 11.76 15.83 16.89
N ALA E 269 10.67 15.20 16.50
CA ALA E 269 10.76 13.90 15.83
C ALA E 269 11.56 13.95 14.53
N PRO E 270 11.28 14.86 13.57
CA PRO E 270 12.08 14.85 12.33
C PRO E 270 13.55 15.16 12.55
N SER E 271 13.88 15.94 13.58
CA SER E 271 15.26 16.40 13.77
C SER E 271 16.21 15.28 14.16
N VAL E 272 15.70 14.13 14.60
CA VAL E 272 16.56 13.05 15.06
C VAL E 272 16.39 11.83 14.17
N ILE E 273 16.10 12.05 12.89
CA ILE E 273 15.98 10.99 11.91
C ILE E 273 17.09 11.17 10.88
N GLY E 274 17.95 10.16 10.75
CA GLY E 274 19.06 10.19 9.81
C GLY E 274 18.90 9.12 8.75
N GLY E 275 19.32 9.46 7.53
CA GLY E 275 19.20 8.51 6.43
C GLY E 275 20.02 7.25 6.66
N THR E 276 21.25 7.41 7.17
CA THR E 276 22.09 6.26 7.47
C THR E 276 21.49 5.45 8.60
N SER E 277 21.04 4.22 8.30
CA SER E 277 20.39 3.38 9.30
C SER E 277 21.36 2.95 10.38
N GLY E 278 21.22 3.52 11.57
CA GLY E 278 22.09 3.19 12.69
C GLY E 278 22.60 4.38 13.45
N GLU E 279 22.29 5.59 12.95
CA GLU E 279 22.74 6.81 13.60
C GLU E 279 21.63 7.56 14.34
N SER E 280 20.38 7.46 13.87
CA SER E 280 19.28 8.10 14.58
C SER E 280 19.08 7.45 15.96
N GLU E 281 19.21 6.13 16.02
CA GLU E 281 19.18 5.45 17.31
C GLU E 281 20.34 5.91 18.18
N LYS E 282 21.50 6.15 17.57
CA LYS E 282 22.61 6.75 18.30
C LYS E 282 22.25 8.14 18.80
N ASN E 283 21.52 8.91 18.00
CA ASN E 283 21.08 10.23 18.45
C ASN E 283 20.16 10.13 19.67
N ILE E 284 19.22 9.18 19.64
CA ILE E 284 18.31 9.00 20.77
C ILE E 284 19.08 8.55 22.02
N ARG E 285 20.03 7.63 21.82
CA ARG E 285 20.86 7.18 22.93
C ARG E 285 21.65 8.33 23.52
N ASP E 286 22.22 9.19 22.67
CA ASP E 286 22.97 10.34 23.17
C ASP E 286 22.07 11.33 23.89
N VAL E 287 20.84 11.52 23.40
CA VAL E 287 19.91 12.42 24.08
C VAL E 287 19.58 11.90 25.47
N PHE E 288 19.30 10.60 25.58
CA PHE E 288 18.98 10.04 26.90
C PHE E 288 20.21 10.02 27.80
N ASP E 289 21.40 9.81 27.25
CA ASP E 289 22.62 9.88 28.04
C ASP E 289 22.85 11.29 28.57
N GLU E 290 22.58 12.31 27.74
CA GLU E 290 22.65 13.68 28.21
C GLU E 290 21.61 13.95 29.29
N ALA E 291 20.40 13.41 29.14
CA ALA E 291 19.37 13.60 30.14
C ALA E 291 19.77 13.01 31.49
N ILE E 292 20.27 11.77 31.48
CA ILE E 292 20.68 11.14 32.73
C ILE E 292 21.93 11.83 33.30
N ARG E 293 22.83 12.28 32.43
CA ARG E 293 24.04 12.95 32.90
C ARG E 293 23.73 14.32 33.48
N LEU E 294 22.93 15.12 32.79
CA LEU E 294 22.56 16.46 33.25
C LEU E 294 21.25 16.38 34.04
N ALA E 295 21.30 15.58 35.11
CA ALA E 295 20.14 15.38 35.96
C ALA E 295 20.15 16.40 37.09
N PRO E 296 18.98 16.90 37.52
CA PRO E 296 17.68 16.62 36.91
C PRO E 296 17.39 17.51 35.71
N CYS E 297 16.43 17.11 34.87
CA CYS E 297 16.04 17.93 33.73
C CYS E 297 14.65 17.50 33.29
N LEU E 298 14.19 18.12 32.20
CA LEU E 298 12.88 17.82 31.61
C LEU E 298 13.05 17.65 30.12
N ILE E 299 12.43 16.61 29.56
CA ILE E 299 12.52 16.30 28.13
C ILE E 299 11.14 16.49 27.52
N PHE E 300 11.08 17.33 26.49
CA PHE E 300 9.86 17.52 25.70
C PHE E 300 10.09 16.89 24.33
N LEU E 301 9.76 15.62 24.19
CA LEU E 301 9.91 14.91 22.92
C LEU E 301 8.67 15.21 22.07
N ASP E 302 8.76 16.32 21.33
CA ASP E 302 7.62 16.81 20.57
C ASP E 302 7.27 15.85 19.43
N GLU E 303 5.97 15.72 19.17
CA GLU E 303 5.45 14.93 18.05
C GLU E 303 5.90 13.46 18.16
N ILE E 304 5.45 12.82 19.23
CA ILE E 304 5.71 11.39 19.41
C ILE E 304 5.05 10.56 18.32
N ASP E 305 3.95 11.05 17.75
CA ASP E 305 3.27 10.32 16.70
C ASP E 305 4.10 10.23 15.41
N ALA E 306 4.95 11.21 15.15
CA ALA E 306 5.76 11.23 13.95
C ALA E 306 7.07 10.44 14.09
N ILE E 307 7.35 9.90 15.27
CA ILE E 307 8.58 9.15 15.49
C ILE E 307 8.33 7.70 15.88
N ALA E 308 7.17 7.37 16.49
CA ALA E 308 6.89 6.00 16.94
C ALA E 308 5.47 5.63 16.50
N GLY E 309 5.38 5.04 15.31
CA GLY E 309 4.09 4.61 14.79
C GLY E 309 3.65 3.27 15.35
N ARG E 310 3.14 2.40 14.48
CA ARG E 310 2.69 1.08 14.88
C ARG E 310 3.69 0.03 14.40
N ARG E 311 4.15 -0.82 15.33
CA ARG E 311 5.09 -1.86 14.98
C ARG E 311 4.45 -2.94 14.12
N GLU E 312 3.13 -3.10 14.22
CA GLU E 312 2.44 -4.17 13.49
C GLU E 312 2.58 -3.98 11.99
N SER E 313 2.40 -2.74 11.51
CA SER E 313 2.50 -2.44 10.09
C SER E 313 3.86 -1.84 9.71
N ALA E 314 4.82 -1.86 10.63
CA ALA E 314 6.14 -1.27 10.39
C ALA E 314 6.99 -2.27 9.60
N ASN E 315 6.77 -2.30 8.29
CA ASN E 315 7.57 -3.15 7.42
C ASN E 315 9.05 -2.75 7.47
N LYS E 316 9.32 -1.46 7.40
CA LYS E 316 10.69 -0.98 7.50
C LYS E 316 11.22 -1.18 8.91
N GLY E 317 12.47 -1.60 9.01
CA GLY E 317 13.05 -1.89 10.31
C GLY E 317 13.29 -0.64 11.14
N MET E 318 13.38 0.52 10.48
CA MET E 318 13.63 1.77 11.20
C MET E 318 12.47 2.12 12.13
N GLU E 319 11.24 1.92 11.67
CA GLU E 319 10.07 2.31 12.45
C GLU E 319 10.00 1.53 13.77
N SER E 320 10.21 0.22 13.70
CA SER E 320 10.22 -0.58 14.93
C SER E 320 11.50 -0.37 15.73
N ARG E 321 12.61 -0.05 15.05
CA ARG E 321 13.86 0.18 15.76
C ARG E 321 13.77 1.41 16.66
N ILE E 322 13.11 2.47 16.18
CA ILE E 322 12.93 3.67 17.00
C ILE E 322 12.10 3.34 18.24
N VAL E 323 11.03 2.56 18.06
CA VAL E 323 10.19 2.18 19.19
C VAL E 323 10.98 1.37 20.20
N ALA E 324 11.77 0.41 19.72
CA ALA E 324 12.59 -0.39 20.63
C ALA E 324 13.61 0.48 21.35
N GLU E 325 14.20 1.45 20.64
CA GLU E 325 15.16 2.36 21.26
C GLU E 325 14.51 3.17 22.36
N ILE E 326 13.30 3.70 22.13
CA ILE E 326 12.61 4.45 23.16
C ILE E 326 12.28 3.54 24.34
N MET E 327 11.86 2.30 24.06
CA MET E 327 11.54 1.35 25.11
C MET E 327 12.74 1.09 26.02
N ASN E 328 13.91 0.87 25.41
CA ASN E 328 15.12 0.65 26.19
C ASN E 328 15.56 1.92 26.92
N GLY E 329 15.40 3.08 26.28
CA GLY E 329 15.80 4.32 26.91
C GLY E 329 14.97 4.65 28.13
N MET E 330 13.68 4.29 28.09
CA MET E 330 12.84 4.53 29.26
C MET E 330 13.32 3.72 30.46
N ASP E 331 13.69 2.47 30.25
CA ASP E 331 14.28 1.67 31.32
C ASP E 331 15.62 2.23 31.77
N ARG E 332 16.43 2.73 30.84
CA ARG E 332 17.68 3.39 31.22
C ARG E 332 17.42 4.58 32.13
N ILE E 333 16.39 5.37 31.80
CA ILE E 333 15.94 6.45 32.68
C ILE E 333 15.56 5.91 34.05
N ARG E 334 14.73 4.86 34.08
CA ARG E 334 14.22 4.36 35.35
C ARG E 334 15.31 3.77 36.23
N GLN E 335 16.39 3.26 35.65
CA GLN E 335 17.46 2.63 36.41
C GLN E 335 18.64 3.57 36.66
N ASN E 336 19.22 4.13 35.60
CA ASN E 336 20.45 4.92 35.73
C ASN E 336 20.11 6.34 36.18
N THR E 337 19.83 6.46 37.48
CA THR E 337 19.60 7.74 38.12
C THR E 337 20.40 7.81 39.41
N PRO E 338 20.84 9.01 39.82
CA PRO E 338 21.62 9.12 41.05
C PRO E 338 20.78 9.03 42.32
N LEU E 339 19.52 8.59 42.19
CA LEU E 339 18.58 8.32 43.28
C LEU E 339 18.16 9.59 44.01
N GLY E 340 18.78 10.73 43.72
CA GLY E 340 18.45 11.97 44.42
C GLY E 340 17.84 13.02 43.51
N LYS E 341 18.14 12.94 42.22
CA LYS E 341 17.63 13.89 41.23
C LYS E 341 17.09 13.10 40.04
N ASN E 342 15.81 12.75 40.10
CA ASN E 342 15.16 12.03 39.02
C ASN E 342 14.86 12.95 37.85
N VAL E 343 14.53 12.34 36.71
CA VAL E 343 14.22 13.06 35.48
C VAL E 343 12.83 12.64 35.01
N VAL E 344 12.10 13.60 34.45
CA VAL E 344 10.72 13.39 33.99
C VAL E 344 10.67 13.61 32.49
N VAL E 345 9.90 12.78 31.79
CA VAL E 345 9.77 12.86 30.33
C VAL E 345 8.38 13.39 30.00
N LEU E 346 8.34 14.43 29.17
CA LEU E 346 7.09 15.05 28.73
C LEU E 346 6.95 14.86 27.23
N ALA E 347 5.78 14.40 26.80
CA ALA E 347 5.53 14.17 25.38
C ALA E 347 4.15 14.70 25.01
N ALA E 348 4.00 15.08 23.75
CA ALA E 348 2.76 15.64 23.24
C ALA E 348 2.50 15.11 21.84
N THR E 349 1.22 15.03 21.48
CA THR E 349 0.83 14.50 20.19
C THR E 349 -0.59 14.95 19.88
N ASN E 350 -1.17 14.40 18.81
CA ASN E 350 -2.55 14.66 18.45
C ASN E 350 -3.36 13.40 18.21
N ARG E 351 -2.71 12.25 18.00
CA ARG E 351 -3.36 10.99 17.70
C ARG E 351 -2.80 9.92 18.62
N PRO E 352 -3.28 9.84 19.86
CA PRO E 352 -2.75 8.82 20.79
C PRO E 352 -2.96 7.40 20.31
N GLU E 353 -4.03 7.14 19.55
CA GLU E 353 -4.25 5.80 19.02
C GLU E 353 -3.15 5.40 18.05
N PHE E 354 -2.58 6.37 17.33
CA PHE E 354 -1.49 6.08 16.40
C PHE E 354 -0.24 5.59 17.11
N LEU E 355 -0.06 5.94 18.39
CA LEU E 355 1.10 5.50 19.14
C LEU E 355 1.07 3.98 19.34
N ASP E 356 2.26 3.40 19.39
CA ASP E 356 2.36 1.98 19.71
C ASP E 356 1.87 1.75 21.14
N PRO E 357 1.16 0.65 21.40
CA PRO E 357 0.67 0.42 22.77
C PRO E 357 1.76 0.38 23.82
N ALA E 358 2.94 -0.17 23.49
CA ALA E 358 4.01 -0.27 24.46
C ALA E 358 4.52 1.12 24.85
N ILE E 359 4.82 1.97 23.85
CA ILE E 359 5.30 3.32 24.15
C ILE E 359 4.20 4.14 24.79
N ARG E 360 2.95 3.93 24.39
CA ARG E 360 1.83 4.67 24.97
C ARG E 360 1.66 4.34 26.45
N ARG E 361 1.85 3.08 26.82
CA ARG E 361 1.74 2.68 28.22
C ARG E 361 2.83 3.29 29.09
N ARG E 362 4.02 3.53 28.55
CA ARG E 362 5.14 3.99 29.37
C ARG E 362 4.85 5.35 29.98
N PHE E 363 4.26 6.26 29.22
CA PHE E 363 3.84 7.55 29.77
C PHE E 363 2.72 7.31 30.78
N SER E 364 2.97 7.66 32.03
CA SER E 364 2.06 7.33 33.13
C SER E 364 0.69 7.97 32.96
N VAL E 365 0.64 9.29 32.97
CA VAL E 365 -0.63 10.02 32.95
C VAL E 365 -0.80 10.71 31.61
N GLU E 366 -1.89 10.41 30.91
CA GLU E 366 -2.24 11.05 29.66
C GLU E 366 -3.31 12.09 29.94
N ILE E 367 -3.01 13.35 29.63
CA ILE E 367 -3.88 14.48 29.94
C ILE E 367 -4.48 15.00 28.63
N ASP E 368 -5.80 15.15 28.61
CA ASP E 368 -6.51 15.63 27.44
C ASP E 368 -6.75 17.14 27.59
N MET E 369 -6.16 17.91 26.68
CA MET E 369 -6.38 19.37 26.64
C MET E 369 -7.35 19.65 25.50
N GLY E 370 -8.64 19.53 25.80
CA GLY E 370 -9.67 19.70 24.80
C GLY E 370 -9.84 21.14 24.38
N MET E 371 -10.80 21.34 23.48
CA MET E 371 -11.09 22.69 22.99
C MET E 371 -11.55 23.57 24.15
N PRO E 372 -11.03 24.78 24.27
CA PRO E 372 -11.39 25.63 25.41
C PRO E 372 -12.88 25.93 25.45
N SER E 373 -13.41 25.98 26.68
CA SER E 373 -14.81 26.32 26.90
C SER E 373 -14.96 27.84 26.94
N GLU E 374 -16.16 28.33 27.27
CA GLU E 374 -16.39 29.76 27.30
C GLU E 374 -15.54 30.43 28.37
N ARG E 375 -15.43 29.83 29.55
CA ARG E 375 -14.59 30.39 30.60
C ARG E 375 -13.12 30.35 30.18
N ALA E 376 -12.68 29.22 29.60
CA ALA E 376 -11.29 29.12 29.17
C ALA E 376 -10.99 30.11 28.05
N ARG E 377 -11.90 30.25 27.09
CA ARG E 377 -11.69 31.21 26.00
C ARG E 377 -11.64 32.64 26.53
N GLU E 378 -12.53 32.97 27.47
CA GLU E 378 -12.50 34.30 28.08
C GLU E 378 -11.18 34.55 28.81
N GLN E 379 -10.71 33.54 29.55
CA GLN E 379 -9.45 33.68 30.27
C GLN E 379 -8.29 33.88 29.30
N ILE E 380 -8.27 33.13 28.20
CA ILE E 380 -7.20 33.27 27.22
C ILE E 380 -7.25 34.66 26.58
N LEU E 381 -8.44 35.13 26.23
CA LEU E 381 -8.56 36.46 25.63
C LEU E 381 -8.10 37.55 26.59
N ARG E 382 -8.45 37.42 27.87
CA ARG E 382 -8.04 38.44 28.83
C ARG E 382 -6.55 38.35 29.16
N SER E 383 -5.98 37.16 29.12
CA SER E 383 -4.55 37.00 29.42
C SER E 383 -3.69 37.49 28.28
N LEU E 384 -4.11 37.22 27.04
CA LEU E 384 -3.36 37.72 25.89
C LEU E 384 -3.33 39.24 25.86
N THR E 385 -4.47 39.86 26.14
CA THR E 385 -4.58 41.32 26.21
C THR E 385 -4.22 41.81 27.62
N ARG E 386 -2.98 41.51 28.03
CA ARG E 386 -2.50 41.86 29.37
C ARG E 386 -1.77 43.19 29.36
N ASP E 387 -0.68 43.29 28.59
CA ASP E 387 0.11 44.52 28.56
C ASP E 387 -0.47 45.59 27.66
N LEU E 388 -1.48 45.26 26.86
CA LEU E 388 -2.06 46.21 25.92
C LEU E 388 -3.15 47.03 26.59
N SER E 389 -3.14 48.34 26.34
CA SER E 389 -4.18 49.22 26.85
C SER E 389 -5.51 48.85 26.21
N LEU E 390 -6.52 48.58 27.04
CA LEU E 390 -7.82 48.10 26.58
C LEU E 390 -8.89 49.12 26.87
N ALA E 391 -9.81 49.28 25.92
CA ALA E 391 -10.95 50.16 26.13
C ALA E 391 -11.84 49.63 27.24
N ASP E 392 -12.42 50.56 28.01
CA ASP E 392 -13.20 50.17 29.19
C ASP E 392 -14.50 49.44 28.83
N ASP E 393 -14.96 49.56 27.59
CA ASP E 393 -16.18 48.89 27.17
C ASP E 393 -15.93 47.50 26.61
N ILE E 394 -14.69 47.02 26.62
CA ILE E 394 -14.37 45.69 26.13
C ILE E 394 -14.92 44.67 27.12
N ASN E 395 -15.86 43.85 26.69
CA ASN E 395 -16.49 42.83 27.54
C ASN E 395 -15.97 41.47 27.11
N PHE E 396 -15.15 40.85 27.96
CA PHE E 396 -14.55 39.57 27.61
C PHE E 396 -15.58 38.44 27.60
N LYS E 397 -16.64 38.56 28.39
CA LYS E 397 -17.64 37.51 28.47
C LYS E 397 -18.31 37.27 27.12
N GLU E 398 -18.81 38.34 26.50
CA GLU E 398 -19.49 38.18 25.22
C GLU E 398 -18.49 38.03 24.08
N LEU E 399 -17.21 38.35 24.33
CA LEU E 399 -16.15 37.89 23.44
C LEU E 399 -16.09 36.37 23.41
N ALA E 400 -16.09 35.76 24.59
CA ALA E 400 -16.10 34.29 24.65
C ALA E 400 -17.41 33.73 24.13
N LYS E 401 -18.48 34.54 24.19
CA LYS E 401 -19.79 34.03 23.81
C LYS E 401 -19.98 33.85 22.31
N MET E 402 -19.35 34.68 21.47
CA MET E 402 -19.55 34.59 20.03
C MET E 402 -18.55 33.68 19.34
N THR E 403 -17.71 32.97 20.10
CA THR E 403 -16.64 32.13 19.55
C THR E 403 -16.81 30.71 20.05
N PRO E 404 -17.76 29.95 19.48
CA PRO E 404 -17.98 28.58 19.95
C PRO E 404 -16.82 27.64 19.63
N GLY E 405 -16.37 27.64 18.39
CA GLY E 405 -15.41 26.66 17.90
C GLY E 405 -13.97 27.09 17.82
N TYR E 406 -13.62 28.30 18.24
CA TYR E 406 -12.24 28.74 18.14
C TYR E 406 -11.35 28.02 19.14
N VAL E 407 -10.05 28.05 18.88
CA VAL E 407 -9.03 27.43 19.72
C VAL E 407 -8.09 28.55 20.19
N GLY E 408 -7.21 28.20 21.14
CA GLY E 408 -6.32 29.20 21.70
C GLY E 408 -5.43 29.86 20.65
N SER E 409 -4.90 29.07 19.72
CA SER E 409 -4.14 29.66 18.63
C SER E 409 -5.01 30.53 17.75
N ASP E 410 -6.25 30.11 17.50
CA ASP E 410 -7.18 30.95 16.75
C ASP E 410 -7.42 32.27 17.47
N LEU E 411 -7.53 32.22 18.80
CA LEU E 411 -7.65 33.46 19.57
C LEU E 411 -6.38 34.31 19.45
N GLN E 412 -5.21 33.67 19.37
CA GLN E 412 -3.97 34.42 19.17
C GLN E 412 -3.95 35.14 17.83
N TYR E 413 -4.49 34.51 16.78
CA TYR E 413 -4.66 35.23 15.52
C TYR E 413 -5.72 36.33 15.62
N VAL E 414 -6.81 36.08 16.36
CA VAL E 414 -7.88 37.08 16.45
C VAL E 414 -7.38 38.34 17.14
N VAL E 415 -6.61 38.18 18.23
CA VAL E 415 -6.12 39.36 18.95
C VAL E 415 -5.15 40.15 18.08
N LYS E 416 -4.31 39.45 17.30
CA LYS E 416 -3.41 40.15 16.39
C LYS E 416 -4.18 40.89 15.30
N ALA E 417 -5.24 40.29 14.77
CA ALA E 417 -6.06 40.96 13.77
C ALA E 417 -6.72 42.21 14.35
N ALA E 418 -7.23 42.11 15.57
CA ALA E 418 -7.85 43.26 16.22
C ALA E 418 -6.83 44.36 16.47
N VAL E 419 -5.61 43.98 16.85
CA VAL E 419 -4.55 44.96 17.05
C VAL E 419 -4.20 45.66 15.74
N SER E 420 -4.14 44.88 14.64
CA SER E 420 -3.87 45.48 13.34
C SER E 420 -4.98 46.45 12.93
N GLU E 421 -6.23 46.08 13.19
CA GLU E 421 -7.33 46.99 12.88
C GLU E 421 -7.27 48.26 13.74
N SER E 422 -6.87 48.12 15.00
CA SER E 422 -6.68 49.31 15.84
C SER E 422 -5.57 50.20 15.28
N PHE E 423 -4.47 49.59 14.83
CA PHE E 423 -3.38 50.34 14.22
C PHE E 423 -3.79 50.96 12.88
N GLN E 424 -4.83 50.44 12.23
CA GLN E 424 -5.27 51.00 10.96
C GLN E 424 -5.69 52.46 11.10
N ALA E 425 -6.47 52.78 12.14
CA ALA E 425 -6.90 54.15 12.34
C ALA E 425 -5.72 55.06 12.62
N ASN E 426 -4.76 54.60 13.41
CA ASN E 426 -3.57 55.39 13.69
C ASN E 426 -2.73 55.60 12.43
N ILE E 427 -2.69 54.59 11.55
CA ILE E 427 -1.95 54.73 10.31
C ILE E 427 -2.62 55.76 9.40
N ASP E 428 -3.95 55.74 9.34
CA ASP E 428 -4.67 56.75 8.55
C ASP E 428 -4.46 58.14 9.13
N SER E 429 -4.45 58.25 10.46
CA SER E 429 -4.16 59.53 11.09
C SER E 429 -2.76 60.01 10.75
N LEU E 430 -1.79 59.10 10.75
CA LEU E 430 -0.42 59.44 10.36
C LEU E 430 -0.37 59.90 8.90
N LEU E 431 -1.11 59.23 8.03
CA LEU E 431 -1.15 59.64 6.62
C LEU E 431 -1.73 61.04 6.47
N ALA E 432 -2.81 61.34 7.19
CA ALA E 432 -3.37 62.68 7.15
C ALA E 432 -2.40 63.72 7.72
N GLN E 433 -1.71 63.36 8.80
CA GLN E 433 -0.74 64.27 9.40
C GLN E 433 0.43 64.52 8.45
N ALA E 434 0.78 63.52 7.63
CA ALA E 434 1.82 63.72 6.63
C ALA E 434 1.32 64.58 5.47
N ARG E 435 0.06 64.38 5.06
CA ARG E 435 -0.52 65.21 4.01
C ARG E 435 -0.62 66.67 4.41
N ALA E 436 -0.91 66.96 5.69
CA ALA E 436 -1.03 68.33 6.16
C ALA E 436 0.27 68.93 6.66
N LYS E 437 1.20 68.11 7.14
CA LYS E 437 2.46 68.62 7.70
C LYS E 437 3.38 69.09 6.58
N HIS E 438 3.51 68.29 5.52
CA HIS E 438 4.38 68.62 4.39
C HIS E 438 3.60 68.41 3.09
N PRO E 439 2.59 69.25 2.83
CA PRO E 439 1.81 69.08 1.59
C PRO E 439 2.67 69.23 0.34
N ALA E 440 3.29 70.40 0.20
CA ALA E 440 4.17 70.71 -0.94
C ALA E 440 3.55 70.28 -2.26
N ASP E 441 2.23 70.37 -2.38
CA ASP E 441 1.49 69.81 -3.50
C ASP E 441 1.83 68.34 -3.67
N HIS E 442 2.94 68.04 -4.34
CA HIS E 442 3.42 66.68 -4.52
C HIS E 442 4.85 66.72 -5.03
N LEU E 443 5.64 65.74 -4.63
CA LEU E 443 7.00 65.60 -5.13
C LEU E 443 7.08 64.80 -6.42
N ALA E 444 5.97 64.21 -6.86
CA ALA E 444 5.93 63.43 -8.10
C ALA E 444 4.47 63.33 -8.53
N ASN E 445 4.22 62.50 -9.54
CA ASN E 445 2.87 62.30 -10.07
C ASN E 445 2.59 60.82 -10.32
N VAL E 446 3.08 59.95 -9.45
CA VAL E 446 2.98 58.51 -9.65
C VAL E 446 1.65 57.96 -9.15
N SER E 447 1.37 58.11 -7.85
CA SER E 447 0.15 57.57 -7.25
C SER E 447 0.08 58.06 -5.81
N GLN E 448 -1.14 58.13 -5.28
CA GLN E 448 -1.36 58.66 -3.93
C GLN E 448 -0.60 57.89 -2.85
N PRO E 449 -0.66 56.55 -2.76
CA PRO E 449 0.15 55.87 -1.75
C PRO E 449 1.64 56.13 -1.92
N GLN E 450 2.13 56.05 -3.15
CA GLN E 450 3.53 56.37 -3.42
C GLN E 450 3.84 57.83 -3.13
N ARG E 451 2.93 58.73 -3.51
CA ARG E 451 3.17 60.16 -3.29
C ARG E 451 3.32 60.46 -1.80
N ASP E 452 2.46 59.88 -0.96
CA ASP E 452 2.60 60.08 0.47
C ASP E 452 3.79 59.32 1.04
N TRP E 453 4.16 58.18 0.46
CA TRP E 453 5.28 57.42 0.99
C TRP E 453 6.60 58.15 0.71
N LEU E 454 6.64 58.93 -0.38
CA LEU E 454 7.77 59.84 -0.57
C LEU E 454 7.87 60.85 0.57
N LEU E 455 6.75 61.42 1.01
CA LEU E 455 6.79 62.35 2.13
C LEU E 455 7.27 61.67 3.40
N LEU E 456 6.76 60.46 3.66
CA LEU E 456 7.23 59.70 4.82
C LEU E 456 8.72 59.41 4.74
N GLU E 457 9.22 59.08 3.56
CA GLU E 457 10.66 58.90 3.37
C GLU E 457 11.42 60.19 3.62
N ALA E 458 10.89 61.32 3.15
CA ALA E 458 11.57 62.60 3.31
C ALA E 458 11.68 62.98 4.77
N HIS E 459 10.61 62.75 5.56
CA HIS E 459 10.68 63.03 6.98
C HIS E 459 11.73 62.15 7.66
N ARG E 460 11.50 60.83 7.66
CA ARG E 460 12.47 59.85 8.12
C ARG E 460 12.96 60.12 9.54
N ASP E 461 13.88 61.06 9.69
CA ASP E 461 14.45 61.35 11.01
C ASP E 461 13.49 62.11 11.90
N GLU E 462 12.66 62.98 11.33
CA GLU E 462 11.71 63.75 12.12
C GLU E 462 10.69 62.85 12.77
N GLU E 463 10.36 63.12 14.03
CA GLU E 463 9.41 62.33 14.80
C GLU E 463 8.39 63.23 15.46
N VAL E 464 7.20 62.70 15.66
CA VAL E 464 6.10 63.42 16.28
C VAL E 464 5.45 62.50 17.32
N SER E 465 4.78 63.11 18.29
CA SER E 465 4.12 62.35 19.34
C SER E 465 3.02 61.48 18.75
N TRP E 466 2.90 60.26 19.28
CA TRP E 466 1.94 59.29 18.78
C TRP E 466 0.70 59.30 19.65
N PRO E 467 -0.48 59.53 19.08
CA PRO E 467 -1.70 59.51 19.91
C PRO E 467 -1.90 58.15 20.56
N SER E 468 -2.40 58.18 21.79
CA SER E 468 -2.62 56.97 22.58
C SER E 468 -4.04 56.48 22.33
N THR E 469 -4.17 55.50 21.43
CA THR E 469 -5.46 54.94 21.11
C THR E 469 -5.69 53.63 21.84
N LYS E 470 -6.94 53.39 22.23
CA LYS E 470 -7.35 52.15 22.87
C LYS E 470 -8.19 51.35 21.89
N ILE E 471 -7.99 50.04 21.87
CA ILE E 471 -8.66 49.19 20.90
C ILE E 471 -10.16 49.25 21.14
N THR E 472 -10.90 49.83 20.19
CA THR E 472 -12.34 49.94 20.34
C THR E 472 -12.98 48.56 20.22
N MET E 473 -14.09 48.37 20.92
CA MET E 473 -14.75 47.07 20.93
C MET E 473 -15.25 46.69 19.53
N GLU E 474 -15.57 47.67 18.70
CA GLU E 474 -16.02 47.38 17.34
C GLU E 474 -14.95 46.62 16.55
N GLN E 475 -13.67 46.91 16.82
CA GLN E 475 -12.59 46.25 16.10
C GLN E 475 -12.51 44.76 16.44
N PHE E 476 -12.80 44.38 17.69
CA PHE E 476 -12.81 42.97 18.04
C PHE E 476 -13.85 42.20 17.24
N ARG E 477 -15.06 42.77 17.12
CA ARG E 477 -16.10 42.12 16.32
C ARG E 477 -15.77 42.16 14.84
N LYS E 478 -15.08 43.21 14.36
CA LYS E 478 -14.61 43.25 12.99
C LYS E 478 -13.61 42.14 12.71
N ALA E 479 -12.77 41.81 13.70
CA ALA E 479 -11.76 40.78 13.54
C ALA E 479 -12.35 39.37 13.45
N VAL E 480 -13.65 39.21 13.69
CA VAL E 480 -14.26 37.88 13.63
C VAL E 480 -14.10 37.27 12.25
N SER E 481 -14.37 38.06 11.21
CA SER E 481 -14.24 37.59 9.84
C SER E 481 -12.80 37.61 9.34
N LEU E 482 -11.89 38.27 10.06
CA LEU E 482 -10.50 38.35 9.62
C LEU E 482 -9.74 37.06 9.89
N VAL E 483 -10.14 36.29 10.90
CA VAL E 483 -9.45 35.07 11.29
C VAL E 483 -10.40 33.89 11.08
N GLN E 484 -9.99 32.95 10.25
CA GLN E 484 -10.79 31.76 9.99
C GLN E 484 -10.66 30.76 11.14
N PRO E 485 -11.74 30.07 11.48
CA PRO E 485 -11.66 29.03 12.52
C PRO E 485 -10.99 27.77 12.00
N ALA E 486 -10.31 27.09 12.93
CA ALA E 486 -9.69 25.81 12.59
C ALA E 486 -10.74 24.78 12.21
N SER E 487 -11.86 24.76 12.92
CA SER E 487 -12.96 23.84 12.63
C SER E 487 -13.97 24.47 11.67
N LYS E 488 -13.49 24.94 10.52
CA LYS E 488 -14.34 25.55 9.50
C LYS E 488 -14.64 24.60 8.36
N ARG E 489 -13.59 24.00 7.78
CA ARG E 489 -13.76 23.06 6.67
C ARG E 489 -14.55 21.82 7.09
N GLU E 490 -14.56 21.49 8.38
CA GLU E 490 -15.23 20.29 8.85
C GLU E 490 -16.72 20.53 9.03
N GLY E 491 -17.38 21.02 7.98
CA GLY E 491 -18.82 21.25 8.02
C GLY E 491 -19.26 22.23 9.10
N PHE E 492 -18.54 23.34 9.24
CA PHE E 492 -18.89 24.32 10.26
C PHE E 492 -20.24 24.96 9.96
N SER E 493 -20.45 25.38 8.72
CA SER E 493 -21.70 26.00 8.27
C SER E 493 -22.07 27.18 9.18
N THR E 494 -21.23 28.22 9.08
CA THR E 494 -21.23 29.38 9.96
C THR E 494 -22.63 29.88 10.30
N ILE E 495 -22.80 30.38 11.53
CA ILE E 495 -24.07 30.82 12.09
C ILE E 495 -24.86 31.63 11.06
N PRO E 496 -26.07 31.19 10.72
CA PRO E 496 -26.84 31.90 9.69
C PRO E 496 -27.15 33.33 10.11
N ASP E 497 -27.09 34.23 9.13
CA ASP E 497 -27.38 35.64 9.39
C ASP E 497 -28.87 35.94 9.40
N THR E 498 -29.71 34.99 8.99
CA THR E 498 -31.15 35.20 9.02
C THR E 498 -31.65 35.29 10.46
N THR E 499 -32.53 36.24 10.71
CA THR E 499 -33.11 36.46 12.03
C THR E 499 -34.60 36.12 12.00
N TRP E 500 -35.26 36.36 13.13
CA TRP E 500 -36.70 36.12 13.22
C TRP E 500 -37.51 37.08 12.36
N SER E 501 -36.89 38.16 11.86
CA SER E 501 -37.59 39.06 10.95
C SER E 501 -37.94 38.36 9.64
N HIS E 502 -37.05 37.50 9.15
CA HIS E 502 -37.25 36.83 7.88
C HIS E 502 -38.41 35.85 7.90
N VAL E 503 -38.93 35.50 9.07
CA VAL E 503 -40.09 34.62 9.20
C VAL E 503 -41.24 35.47 9.75
N GLY E 504 -42.42 35.29 9.17
CA GLY E 504 -43.55 36.15 9.50
C GLY E 504 -44.41 35.59 10.61
N ALA E 505 -44.61 36.38 11.66
CA ALA E 505 -45.52 36.08 12.77
C ALA E 505 -45.08 34.76 13.42
N LEU E 506 -45.97 33.77 13.56
CA LEU E 506 -45.67 32.52 14.26
C LEU E 506 -45.16 32.79 15.68
N GLU E 507 -45.87 33.67 16.38
CA GLU E 507 -45.42 34.09 17.71
C GLU E 507 -45.45 32.93 18.70
N ASP E 508 -46.52 32.12 18.66
CA ASP E 508 -46.62 30.99 19.57
C ASP E 508 -45.54 29.95 19.29
N VAL E 509 -45.24 29.72 18.00
CA VAL E 509 -44.16 28.82 17.64
C VAL E 509 -42.85 29.33 18.20
N ARG E 510 -42.60 30.64 18.06
CA ARG E 510 -41.37 31.21 18.60
C ARG E 510 -41.31 31.11 20.11
N LYS E 511 -42.44 31.26 20.80
CA LYS E 511 -42.47 31.07 22.24
C LYS E 511 -42.09 29.65 22.62
N LYS E 512 -42.62 28.67 21.88
CA LYS E 512 -42.28 27.28 22.14
C LYS E 512 -40.78 27.04 21.96
N LEU E 513 -40.22 27.57 20.87
CA LEU E 513 -38.79 27.40 20.62
C LEU E 513 -37.96 28.07 21.69
N GLU E 514 -38.33 29.28 22.09
CA GLU E 514 -37.59 29.99 23.12
C GLU E 514 -37.63 29.24 24.45
N MET E 515 -38.78 28.68 24.80
CA MET E 515 -38.90 27.98 26.07
C MET E 515 -38.22 26.62 26.04
N SER E 516 -38.11 26.00 24.85
CA SER E 516 -37.57 24.65 24.76
C SER E 516 -36.08 24.58 24.48
N ILE E 517 -35.55 25.42 23.58
CA ILE E 517 -34.16 25.29 23.16
C ILE E 517 -33.39 26.57 23.47
N ILE E 518 -33.94 27.71 23.05
CA ILE E 518 -33.23 28.98 23.21
C ILE E 518 -33.00 29.28 24.68
N GLY E 519 -34.01 29.09 25.51
CA GLY E 519 -33.93 29.38 26.92
C GLY E 519 -32.84 28.63 27.66
N PRO E 520 -32.78 27.30 27.48
CA PRO E 520 -31.65 26.56 28.08
C PRO E 520 -30.29 27.06 27.61
N ILE E 521 -30.16 27.40 26.33
CA ILE E 521 -28.89 27.91 25.83
C ILE E 521 -28.63 29.31 26.36
N LYS E 522 -29.65 30.16 26.38
CA LYS E 522 -29.48 31.55 26.83
C LYS E 522 -29.09 31.61 28.30
N ASN E 523 -29.87 30.95 29.16
CA ASN E 523 -29.66 30.98 30.61
C ASN E 523 -29.70 29.56 31.16
N PRO E 524 -28.63 28.79 30.96
CA PRO E 524 -28.59 27.44 31.53
C PRO E 524 -28.68 27.43 33.04
N GLU E 525 -28.10 28.42 33.71
CA GLU E 525 -28.16 28.47 35.17
C GLU E 525 -29.59 28.65 35.67
N LEU E 526 -30.34 29.56 35.03
CA LEU E 526 -31.71 29.81 35.45
C LEU E 526 -32.59 28.58 35.26
N PHE E 527 -32.42 27.88 34.14
CA PHE E 527 -33.21 26.69 33.88
C PHE E 527 -32.82 25.56 34.82
N THR E 528 -31.52 25.38 35.06
CA THR E 528 -31.08 24.36 36.00
C THR E 528 -31.49 24.66 37.43
N ARG E 529 -31.77 25.92 37.74
CA ARG E 529 -32.34 26.26 39.04
C ARG E 529 -33.67 25.55 39.25
N VAL E 530 -34.52 25.55 38.21
CA VAL E 530 -35.76 24.78 38.24
C VAL E 530 -35.53 23.30 37.99
N GLY E 531 -34.32 22.91 37.62
CA GLY E 531 -34.03 21.51 37.30
C GLY E 531 -34.68 21.03 36.02
N ILE E 532 -34.68 21.87 34.98
CA ILE E 532 -35.23 21.49 33.68
C ILE E 532 -34.10 20.93 32.83
N LYS E 533 -34.13 19.63 32.58
CA LYS E 533 -33.17 19.03 31.66
C LYS E 533 -33.52 19.48 30.25
N PRO E 534 -32.60 20.12 29.53
CA PRO E 534 -32.93 20.61 28.18
C PRO E 534 -33.27 19.49 27.22
N ALA E 535 -34.49 19.51 26.69
CA ALA E 535 -34.90 18.50 25.72
C ALA E 535 -34.02 18.58 24.49
N ALA E 536 -33.52 17.42 24.05
CA ALA E 536 -32.59 17.35 22.93
C ALA E 536 -33.30 17.35 21.58
N GLY E 537 -34.60 17.12 21.54
CA GLY E 537 -35.29 16.92 20.28
C GLY E 537 -36.57 17.73 20.17
N ILE E 538 -36.78 18.28 18.98
CA ILE E 538 -38.01 18.96 18.62
C ILE E 538 -38.36 18.57 17.19
N LEU E 539 -39.66 18.48 16.91
CA LEU E 539 -40.16 18.03 15.61
C LEU E 539 -41.00 19.13 14.98
N LEU E 540 -40.72 19.44 13.72
CA LEU E 540 -41.48 20.40 12.94
C LEU E 540 -42.15 19.66 11.79
N TRP E 541 -43.48 19.80 11.68
CA TRP E 541 -44.25 19.05 10.71
C TRP E 541 -45.35 19.92 10.14
N GLY E 542 -45.87 19.50 8.97
CA GLY E 542 -46.95 20.20 8.33
C GLY E 542 -46.80 20.26 6.82
N PRO E 543 -46.82 21.47 6.27
CA PRO E 543 -46.66 21.64 4.83
C PRO E 543 -45.31 21.13 4.35
N PRO E 544 -45.11 21.00 3.03
CA PRO E 544 -43.82 20.50 2.53
C PRO E 544 -42.66 21.43 2.83
N GLY E 545 -41.46 21.07 2.38
CA GLY E 545 -40.27 21.78 2.76
C GLY E 545 -40.13 23.14 2.10
N CYS E 546 -41.02 24.06 2.48
CA CYS E 546 -40.97 25.42 1.94
C CYS E 546 -39.94 26.27 2.65
N GLY E 547 -40.10 26.44 3.96
CA GLY E 547 -39.20 27.30 4.71
C GLY E 547 -38.90 26.83 6.12
N LYS E 548 -39.12 25.54 6.40
CA LYS E 548 -38.84 25.01 7.73
C LYS E 548 -37.35 25.08 8.07
N THR E 549 -36.48 25.11 7.07
CA THR E 549 -35.06 25.28 7.34
C THR E 549 -34.78 26.64 7.97
N LEU E 550 -35.44 27.68 7.47
CA LEU E 550 -35.24 29.02 8.01
C LEU E 550 -35.67 29.11 9.47
N VAL E 551 -36.65 28.30 9.87
CA VAL E 551 -37.05 28.25 11.27
C VAL E 551 -35.89 27.79 12.14
N ALA E 552 -35.18 26.75 11.69
CA ALA E 552 -34.01 26.26 12.42
C ALA E 552 -32.89 27.30 12.41
N LYS E 553 -32.69 27.95 11.27
CA LYS E 553 -31.65 28.99 11.21
C LYS E 553 -31.95 30.14 12.16
N ALA E 554 -33.23 30.47 12.35
CA ALA E 554 -33.59 31.53 13.28
C ALA E 554 -33.18 31.16 14.70
N VAL E 555 -33.45 29.92 15.10
CA VAL E 555 -33.05 29.46 16.43
C VAL E 555 -31.53 29.47 16.57
N ALA E 556 -30.83 29.00 15.53
CA ALA E 556 -29.38 28.97 15.57
C ALA E 556 -28.81 30.38 15.72
N ASN E 557 -29.38 31.35 14.99
CA ASN E 557 -28.90 32.73 15.09
C ASN E 557 -29.21 33.33 16.45
N GLU E 558 -30.42 33.06 16.97
CA GLU E 558 -30.79 33.60 18.28
C GLU E 558 -29.90 33.05 19.38
N SER E 559 -29.59 31.76 19.34
CA SER E 559 -28.75 31.12 20.34
C SER E 559 -27.27 31.41 20.13
N LYS E 560 -26.89 32.00 19.00
CA LYS E 560 -25.49 32.25 18.67
C LYS E 560 -24.67 30.97 18.73
N ALA E 561 -25.25 29.87 18.24
CA ALA E 561 -24.62 28.56 18.27
C ALA E 561 -24.38 28.07 16.85
N ASN E 562 -23.40 27.17 16.71
CA ASN E 562 -23.07 26.63 15.41
C ASN E 562 -24.24 25.81 14.85
N PHE E 563 -24.42 25.90 13.54
CA PHE E 563 -25.50 25.23 12.84
C PHE E 563 -24.91 24.27 11.80
N ILE E 564 -25.38 23.03 11.81
CA ILE E 564 -24.97 22.03 10.84
C ILE E 564 -26.22 21.35 10.28
N SER E 565 -26.33 21.33 8.96
CA SER E 565 -27.47 20.75 8.27
C SER E 565 -27.03 19.56 7.42
N ILE E 566 -28.03 18.83 6.92
CA ILE E 566 -27.80 17.65 6.08
C ILE E 566 -28.75 17.72 4.90
N LYS E 567 -28.22 17.45 3.70
CA LYS E 567 -29.01 17.52 2.47
C LYS E 567 -29.96 16.33 2.35
N GLY E 568 -31.02 16.33 3.14
CA GLY E 568 -32.02 15.29 3.08
C GLY E 568 -31.46 13.92 3.41
N PRO E 569 -31.97 12.88 2.73
CA PRO E 569 -31.47 11.51 2.91
C PRO E 569 -30.17 11.24 2.17
N GLU E 570 -29.21 12.16 2.29
CA GLU E 570 -27.90 11.97 1.70
C GLU E 570 -27.10 10.92 2.45
N LEU E 571 -27.48 10.60 3.68
CA LEU E 571 -26.74 9.67 4.51
C LEU E 571 -26.92 8.22 4.07
N LEU E 572 -27.98 7.92 3.31
CA LEU E 572 -28.26 6.55 2.89
C LEU E 572 -27.44 6.23 1.66
N ASN E 573 -26.52 5.27 1.77
CA ASN E 573 -25.73 4.81 0.66
C ASN E 573 -25.78 3.29 0.56
N LYS E 574 -25.27 2.76 -0.56
CA LYS E 574 -25.44 1.33 -0.84
C LYS E 574 -24.56 0.47 0.07
N TYR E 575 -23.46 1.00 0.58
CA TYR E 575 -22.58 0.18 1.40
C TYR E 575 -23.20 -0.11 2.76
N VAL E 576 -22.75 -1.22 3.35
CA VAL E 576 -23.33 -1.68 4.62
C VAL E 576 -22.91 -0.78 5.77
N GLY E 577 -21.66 -0.31 5.78
CA GLY E 577 -21.12 0.34 6.94
C GLY E 577 -21.20 1.85 6.97
N GLU E 578 -20.92 2.49 5.83
CA GLU E 578 -20.83 3.95 5.79
C GLU E 578 -22.18 4.64 5.96
N SER E 579 -23.28 3.90 5.94
CA SER E 579 -24.60 4.52 6.10
C SER E 579 -24.73 5.19 7.47
N GLU E 580 -24.23 4.52 8.52
CA GLU E 580 -24.28 5.09 9.86
C GLU E 580 -22.99 5.80 10.25
N ARG E 581 -21.91 5.58 9.49
CA ARG E 581 -20.65 6.25 9.80
C ARG E 581 -20.77 7.76 9.67
N ALA E 582 -21.45 8.24 8.63
CA ALA E 582 -21.66 9.68 8.49
C ALA E 582 -22.53 10.21 9.63
N VAL E 583 -23.54 9.45 10.04
CA VAL E 583 -24.41 9.87 11.13
C VAL E 583 -23.59 10.05 12.41
N ARG E 584 -22.74 9.07 12.72
CA ARG E 584 -21.92 9.17 13.92
C ARG E 584 -20.86 10.26 13.81
N GLN E 585 -20.29 10.48 12.63
CA GLN E 585 -19.34 11.57 12.45
C GLN E 585 -20.01 12.92 12.65
N LEU E 586 -21.28 13.05 12.25
CA LEU E 586 -22.03 14.27 12.53
C LEU E 586 -22.03 14.59 14.02
N PHE E 587 -22.39 13.61 14.84
CA PHE E 587 -22.44 13.81 16.27
C PHE E 587 -21.06 14.03 16.88
N SER E 588 -20.02 13.37 16.34
CA SER E 588 -18.67 13.62 16.83
C SER E 588 -18.24 15.05 16.55
N ARG E 589 -18.51 15.56 15.35
CA ARG E 589 -18.20 16.94 15.03
C ARG E 589 -19.00 17.90 15.90
N ALA E 590 -20.25 17.55 16.18
CA ALA E 590 -21.06 18.35 17.11
C ALA E 590 -20.45 18.35 18.50
N LYS E 591 -19.86 17.22 18.92
CA LYS E 591 -19.09 17.20 20.16
C LYS E 591 -17.94 18.19 20.10
N SER E 592 -17.23 18.22 18.97
CA SER E 592 -16.07 19.10 18.84
C SER E 592 -16.48 20.56 18.96
N SER E 593 -17.55 20.96 18.27
CA SER E 593 -18.00 22.34 18.26
C SER E 593 -19.24 22.48 19.15
N ALA E 594 -18.99 22.77 20.43
CA ALA E 594 -20.09 22.93 21.37
C ALA E 594 -20.26 24.40 21.74
N PRO E 595 -21.51 24.91 21.76
CA PRO E 595 -22.73 24.18 21.40
C PRO E 595 -22.90 24.03 19.90
N CYS E 596 -23.84 23.20 19.48
CA CYS E 596 -24.05 22.92 18.06
C CYS E 596 -25.53 22.70 17.80
N ILE E 597 -25.92 22.95 16.55
CA ILE E 597 -27.28 22.72 16.09
C ILE E 597 -27.22 21.72 14.94
N LEU E 598 -27.80 20.56 15.14
CA LEU E 598 -27.84 19.50 14.13
C LEU E 598 -29.26 19.41 13.59
N PHE E 599 -29.50 20.01 12.43
CA PHE E 599 -30.83 20.06 11.82
C PHE E 599 -30.84 19.12 10.62
N PHE E 600 -31.53 18.01 10.76
CA PHE E 600 -31.70 17.10 9.63
C PHE E 600 -32.78 17.63 8.68
N ASP E 601 -32.85 17.04 7.49
CA ASP E 601 -33.80 17.43 6.48
C ASP E 601 -34.59 16.20 6.03
N GLN E 602 -35.91 16.28 6.13
CA GLN E 602 -36.82 15.27 5.60
C GLN E 602 -36.51 13.87 6.15
N MET E 603 -36.71 13.73 7.46
CA MET E 603 -36.51 12.45 8.13
C MET E 603 -37.43 11.35 7.62
N ASP E 604 -38.53 11.70 6.92
CA ASP E 604 -39.49 10.68 6.51
C ASP E 604 -38.87 9.63 5.61
N ALA E 605 -37.83 9.98 4.86
CA ALA E 605 -37.13 9.03 4.01
C ALA E 605 -35.87 8.48 4.68
N LEU E 606 -35.60 8.85 5.92
CA LEU E 606 -34.38 8.43 6.61
C LEU E 606 -34.64 7.61 7.86
N VAL E 607 -35.77 7.81 8.52
CA VAL E 607 -36.13 7.03 9.71
C VAL E 607 -37.53 6.43 9.55
N PRO E 608 -37.72 5.45 8.68
CA PRO E 608 -39.04 4.86 8.49
C PRO E 608 -39.48 4.11 9.74
N ARG E 609 -40.79 3.95 9.86
CA ARG E 609 -41.39 3.20 10.96
C ARG E 609 -40.96 1.74 10.88
N ARG E 610 -40.12 1.31 11.82
CA ARG E 610 -39.58 -0.04 11.82
C ARG E 610 -40.46 -1.03 12.55
N ASP E 611 -41.66 -0.63 12.98
CA ASP E 611 -42.58 -1.57 13.59
C ASP E 611 -42.95 -2.68 12.61
N ASP E 612 -43.21 -2.34 11.36
CA ASP E 612 -43.41 -3.34 10.34
C ASP E 612 -42.13 -4.09 10.05
N SER E 613 -42.25 -5.39 9.77
CA SER E 613 -41.09 -6.22 9.46
C SER E 613 -40.68 -6.03 7.99
N LEU E 614 -40.39 -4.78 7.65
CA LEU E 614 -40.02 -4.39 6.30
C LEU E 614 -38.68 -3.65 6.34
N SER E 615 -37.78 -4.03 5.43
CA SER E 615 -36.47 -3.40 5.26
C SER E 615 -35.53 -3.70 6.43
N ASP E 616 -34.25 -3.83 6.14
CA ASP E 616 -33.24 -4.13 7.15
C ASP E 616 -32.14 -3.07 7.21
N ALA E 617 -31.70 -2.55 6.07
CA ALA E 617 -30.66 -1.52 6.06
C ALA E 617 -31.12 -0.25 6.77
N SER E 618 -32.40 0.12 6.60
CA SER E 618 -32.91 1.33 7.22
C SER E 618 -32.86 1.23 8.75
N ALA E 619 -33.20 0.07 9.29
CA ALA E 619 -33.14 -0.11 10.74
C ALA E 619 -31.72 0.04 11.27
N ARG E 620 -30.73 -0.39 10.49
CA ARG E 620 -29.34 -0.31 10.91
C ARG E 620 -28.87 1.14 11.12
N VAL E 621 -29.58 2.10 10.54
CA VAL E 621 -29.26 3.52 10.71
C VAL E 621 -30.11 4.14 11.81
N VAL E 622 -31.40 3.79 11.85
CA VAL E 622 -32.27 4.36 12.87
C VAL E 622 -31.85 3.89 14.25
N ASN E 623 -31.30 2.68 14.37
CA ASN E 623 -30.80 2.24 15.66
C ASN E 623 -29.65 3.11 16.14
N THR E 624 -28.71 3.43 15.25
CA THR E 624 -27.64 4.34 15.59
C THR E 624 -28.17 5.73 15.95
N LEU E 625 -29.20 6.18 15.24
CA LEU E 625 -29.78 7.48 15.55
C LEU E 625 -30.39 7.50 16.94
N LEU E 626 -31.14 6.46 17.30
CA LEU E 626 -31.68 6.37 18.66
C LEU E 626 -30.58 6.32 19.70
N THR E 627 -29.53 5.54 19.45
CA THR E 627 -28.44 5.48 20.42
C THR E 627 -27.77 6.84 20.60
N GLU E 628 -27.51 7.54 19.50
CA GLU E 628 -26.86 8.85 19.58
C GLU E 628 -27.76 9.86 20.30
N LEU E 629 -29.05 9.86 19.99
CA LEU E 629 -29.96 10.78 20.66
C LEU E 629 -30.04 10.48 22.16
N ASP E 630 -30.13 9.21 22.52
CA ASP E 630 -30.13 8.82 23.93
C ASP E 630 -28.81 9.12 24.62
N GLY E 631 -27.72 9.24 23.87
CA GLY E 631 -26.41 9.45 24.46
C GLY E 631 -26.22 10.82 25.08
N VAL E 632 -26.47 11.87 24.31
CA VAL E 632 -26.18 13.25 24.75
C VAL E 632 -27.42 14.10 24.46
N GLY E 633 -28.15 14.45 25.52
CA GLY E 633 -29.19 15.45 25.42
C GLY E 633 -29.24 16.35 26.64
N ASP E 634 -28.44 16.03 27.65
CA ASP E 634 -28.56 16.71 28.94
C ASP E 634 -27.82 18.05 28.95
N ARG E 635 -26.49 18.00 28.81
CA ARG E 635 -25.66 19.19 28.90
C ARG E 635 -24.66 19.32 27.77
N SER E 636 -24.70 18.42 26.77
CA SER E 636 -23.72 18.48 25.69
C SER E 636 -23.91 19.72 24.82
N GLY E 637 -25.12 20.26 24.78
CA GLY E 637 -25.41 21.41 23.95
C GLY E 637 -25.74 21.10 22.51
N ILE E 638 -25.82 19.82 22.13
CA ILE E 638 -26.16 19.42 20.78
C ILE E 638 -27.65 19.09 20.76
N TYR E 639 -28.44 19.97 20.15
CA TYR E 639 -29.88 19.79 20.05
C TYR E 639 -30.24 19.49 18.61
N VAL E 640 -31.12 18.51 18.41
CA VAL E 640 -31.52 18.06 17.08
C VAL E 640 -32.91 18.59 16.78
N ILE E 641 -33.09 19.11 15.57
CA ILE E 641 -34.36 19.66 15.11
C ILE E 641 -34.86 18.79 13.96
N GLY E 642 -36.06 18.23 14.12
CA GLY E 642 -36.62 17.37 13.11
C GLY E 642 -37.22 18.15 11.95
N ALA E 643 -37.22 17.50 10.78
CA ALA E 643 -37.84 18.06 9.59
C ALA E 643 -38.65 16.96 8.93
N THR E 644 -39.96 17.17 8.82
CA THR E 644 -40.84 16.15 8.28
C THR E 644 -42.13 16.82 7.78
N ASN E 645 -42.86 16.06 6.96
CA ASN E 645 -44.19 16.48 6.52
C ASN E 645 -45.26 15.41 6.73
N ARG E 646 -44.89 14.21 7.15
CA ARG E 646 -45.84 13.16 7.52
C ARG E 646 -45.40 12.56 8.85
N PRO E 647 -45.56 13.31 9.94
CA PRO E 647 -45.12 12.79 11.24
C PRO E 647 -45.88 11.55 11.69
N ASP E 648 -47.11 11.36 11.22
CA ASP E 648 -47.89 10.19 11.63
C ASP E 648 -47.30 8.90 11.10
N MET E 649 -46.45 8.96 10.08
CA MET E 649 -45.80 7.78 9.52
C MET E 649 -44.38 7.58 10.02
N ILE E 650 -43.90 8.46 10.90
CA ILE E 650 -42.56 8.29 11.46
C ILE E 650 -42.60 7.25 12.57
N ASP E 651 -41.42 6.73 12.92
CA ASP E 651 -41.33 5.71 13.95
C ASP E 651 -41.56 6.31 15.33
N GLU E 652 -42.18 5.52 16.20
CA GLU E 652 -42.56 6.01 17.52
C GLU E 652 -41.36 6.09 18.46
N ALA E 653 -40.35 5.25 18.27
CA ALA E 653 -39.21 5.24 19.16
C ALA E 653 -38.44 6.55 19.16
N ILE E 654 -38.43 7.27 18.04
CA ILE E 654 -37.78 8.57 17.98
C ILE E 654 -38.58 9.65 18.71
N ARG E 655 -39.91 9.60 18.63
CA ARG E 655 -40.77 10.61 19.25
C ARG E 655 -40.87 10.44 20.76
N ARG E 656 -40.03 9.60 21.35
CA ARG E 656 -39.99 9.48 22.80
C ARG E 656 -39.43 10.77 23.41
N PRO E 657 -39.94 11.18 24.58
CA PRO E 657 -39.39 12.36 25.24
C PRO E 657 -37.90 12.21 25.54
N GLY E 658 -37.19 13.34 25.49
CA GLY E 658 -35.75 13.37 25.55
C GLY E 658 -35.14 13.29 24.15
N ARG E 659 -35.71 12.43 23.32
CA ARG E 659 -35.42 12.37 21.90
C ARG E 659 -36.36 13.33 21.18
N LEU E 660 -36.50 13.19 19.86
CA LEU E 660 -37.32 14.13 19.09
C LEU E 660 -38.79 13.94 19.41
N GLY E 661 -39.19 14.28 20.63
CA GLY E 661 -40.56 14.08 21.06
C GLY E 661 -41.39 15.35 21.11
N THR E 662 -40.74 16.50 20.99
CA THR E 662 -41.44 17.77 20.99
C THR E 662 -41.97 18.04 19.59
N SER E 663 -43.27 17.88 19.41
CA SER E 663 -43.91 18.05 18.11
C SER E 663 -44.48 19.45 17.99
N ILE E 664 -44.04 20.18 16.97
CA ILE E 664 -44.50 21.54 16.70
C ILE E 664 -44.99 21.61 15.26
N TYR E 665 -46.18 22.13 15.06
CA TYR E 665 -46.80 22.23 13.73
C TYR E 665 -46.52 23.63 13.18
N VAL E 666 -45.55 23.73 12.30
CA VAL E 666 -45.22 24.99 11.64
C VAL E 666 -46.04 25.07 10.36
N GLY E 667 -46.92 26.06 10.29
CA GLY E 667 -47.80 26.21 9.14
C GLY E 667 -47.21 27.07 8.04
N LEU E 668 -48.05 27.91 7.43
CA LEU E 668 -47.62 28.80 6.36
C LEU E 668 -48.01 30.23 6.72
N PRO E 669 -47.11 31.19 6.57
CA PRO E 669 -47.47 32.59 6.88
C PRO E 669 -48.60 33.07 5.99
N SER E 670 -49.47 33.90 6.58
CA SER E 670 -50.62 34.42 5.85
C SER E 670 -50.20 35.56 4.94
N ALA E 671 -51.17 36.05 4.15
CA ALA E 671 -50.88 37.11 3.19
C ALA E 671 -50.44 38.39 3.88
N GLU E 672 -51.12 38.77 4.96
CA GLU E 672 -50.75 40.00 5.67
C GLU E 672 -49.39 39.84 6.36
N ASP E 673 -48.98 38.61 6.65
CA ASP E 673 -47.65 38.39 7.21
C ASP E 673 -46.56 38.74 6.21
N ARG E 674 -46.84 38.50 4.92
CA ARG E 674 -45.85 38.74 3.87
C ARG E 674 -45.48 40.20 3.73
N VAL E 675 -46.31 41.11 4.25
CA VAL E 675 -46.00 42.54 4.19
C VAL E 675 -44.68 42.83 4.90
N LYS E 676 -44.53 42.33 6.12
CA LYS E 676 -43.29 42.54 6.85
C LYS E 676 -42.13 41.78 6.21
N ILE E 677 -42.41 40.59 5.67
CA ILE E 677 -41.35 39.77 5.09
C ILE E 677 -40.73 40.47 3.89
N LEU E 678 -41.56 40.95 2.97
CA LEU E 678 -41.05 41.64 1.79
C LEU E 678 -40.31 42.92 2.20
N LYS E 679 -40.86 43.65 3.16
CA LYS E 679 -40.25 44.89 3.61
C LYS E 679 -38.85 44.64 4.18
N THR E 680 -38.72 43.61 5.02
CA THR E 680 -37.42 43.35 5.64
C THR E 680 -36.45 42.74 4.64
N LEU E 681 -36.95 41.98 3.66
CA LEU E 681 -36.09 41.44 2.63
C LEU E 681 -35.52 42.55 1.75
N TYR E 682 -36.35 43.52 1.37
CA TYR E 682 -35.88 44.59 0.51
C TYR E 682 -35.03 45.60 1.28
N ARG E 683 -35.35 45.81 2.56
CA ARG E 683 -34.69 46.86 3.33
C ARG E 683 -33.25 46.50 3.66
N ASN E 684 -33.00 45.25 4.04
CA ASN E 684 -31.65 44.83 4.43
C ASN E 684 -30.77 44.47 3.25
N THR E 685 -31.29 44.56 2.02
CA THR E 685 -30.54 44.17 0.84
C THR E 685 -30.15 45.35 -0.03
N VAL E 686 -31.11 46.17 -0.47
CA VAL E 686 -30.77 47.22 -1.43
C VAL E 686 -30.49 48.54 -0.74
N LYS E 687 -31.55 49.22 -0.29
CA LYS E 687 -31.50 50.48 0.47
C LYS E 687 -30.31 51.35 0.06
N ALA E 688 -30.19 51.60 -1.25
CA ALA E 688 -28.98 52.26 -1.74
C ALA E 688 -29.31 53.42 -2.68
N PRO E 689 -28.89 54.65 -2.32
CA PRO E 689 -29.08 55.83 -3.17
C PRO E 689 -28.16 55.83 -4.38
N GLN E 710 -37.70 59.06 -3.17
CA GLN E 710 -38.44 60.07 -3.94
C GLN E 710 -38.44 59.73 -5.43
N HIS E 711 -37.26 59.78 -6.05
CA HIS E 711 -37.11 59.45 -7.46
C HIS E 711 -36.71 58.00 -7.69
N GLN E 712 -36.61 57.20 -6.64
CA GLN E 712 -36.24 55.80 -6.77
C GLN E 712 -37.49 54.98 -7.10
N GLY E 713 -37.36 53.65 -7.03
CA GLY E 713 -38.48 52.77 -7.32
C GLY E 713 -38.84 51.89 -6.15
N THR E 714 -38.67 52.39 -4.92
CA THR E 714 -39.04 51.62 -3.74
C THR E 714 -40.54 51.34 -3.73
N THR E 715 -41.35 52.39 -3.62
CA THR E 715 -42.82 52.30 -3.72
C THR E 715 -43.37 51.27 -2.72
N ASP E 716 -43.24 51.63 -1.44
CA ASP E 716 -43.58 50.71 -0.37
C ASP E 716 -45.00 50.17 -0.48
N ALA E 717 -45.94 50.95 -1.04
CA ALA E 717 -47.30 50.46 -1.23
C ALA E 717 -47.33 49.28 -2.19
N ASP E 718 -46.40 49.23 -3.14
CA ASP E 718 -46.34 48.10 -4.06
C ASP E 718 -46.03 46.81 -3.32
N LEU E 719 -45.28 46.89 -2.22
CA LEU E 719 -45.03 45.71 -1.41
C LEU E 719 -46.32 45.17 -0.80
N GLU E 720 -47.16 46.05 -0.27
CA GLU E 720 -48.45 45.61 0.25
C GLU E 720 -49.33 45.03 -0.85
N LYS E 721 -49.31 45.66 -2.04
CA LYS E 721 -50.10 45.14 -3.14
C LYS E 721 -49.62 43.74 -3.55
N VAL E 722 -48.30 43.53 -3.57
CA VAL E 722 -47.75 42.23 -3.93
C VAL E 722 -48.08 41.20 -2.84
N ALA E 723 -48.08 41.63 -1.58
CA ALA E 723 -48.34 40.71 -0.48
C ALA E 723 -49.74 40.11 -0.56
N LEU E 724 -50.65 40.77 -1.28
CA LEU E 724 -52.01 40.28 -1.47
C LEU E 724 -52.24 39.69 -2.85
N ASP E 725 -51.17 39.30 -3.54
CA ASP E 725 -51.31 38.66 -4.85
C ASP E 725 -52.05 37.34 -4.72
N LEU E 726 -53.06 37.15 -5.56
CA LEU E 726 -53.86 35.93 -5.50
C LEU E 726 -53.08 34.70 -5.94
N ARG E 727 -52.06 34.87 -6.78
CA ARG E 727 -51.24 33.76 -7.24
C ARG E 727 -49.99 33.54 -6.41
N CYS E 728 -49.81 34.31 -5.33
CA CYS E 728 -48.67 34.17 -4.43
C CYS E 728 -49.07 33.53 -3.10
N THR E 729 -50.00 32.58 -3.14
CA THR E 729 -50.54 31.98 -1.93
C THR E 729 -49.53 31.07 -1.23
N GLY E 730 -49.09 30.02 -1.92
CA GLY E 730 -48.19 29.05 -1.31
C GLY E 730 -46.75 29.52 -1.25
N PHE E 731 -46.48 30.53 -0.42
CA PHE E 731 -45.15 31.11 -0.29
C PHE E 731 -44.78 31.22 1.17
N SER E 732 -43.50 31.05 1.47
CA SER E 732 -42.96 31.11 2.81
C SER E 732 -41.76 32.06 2.83
N GLY E 733 -41.02 32.04 3.94
CA GLY E 733 -39.87 32.91 4.09
C GLY E 733 -38.82 32.68 3.02
N ALA E 734 -38.55 31.42 2.68
CA ALA E 734 -37.62 31.13 1.59
C ALA E 734 -38.25 31.41 0.23
N ASP E 735 -39.53 31.09 0.07
CA ASP E 735 -40.20 31.33 -1.21
C ASP E 735 -40.28 32.82 -1.51
N LEU E 736 -40.62 33.64 -0.52
CA LEU E 736 -40.67 35.08 -0.74
C LEU E 736 -39.30 35.65 -1.06
N GLY E 737 -38.27 35.16 -0.38
CA GLY E 737 -36.92 35.60 -0.70
C GLY E 737 -36.52 35.24 -2.12
N ASN E 738 -36.84 34.02 -2.54
CA ASN E 738 -36.55 33.60 -3.91
C ASN E 738 -37.33 34.44 -4.92
N LEU E 739 -38.58 34.77 -4.60
CA LEU E 739 -39.38 35.61 -5.48
C LEU E 739 -38.77 37.00 -5.60
N MET E 740 -38.34 37.58 -4.49
CA MET E 740 -37.69 38.89 -4.54
C MET E 740 -36.39 38.82 -5.33
N GLN E 741 -35.62 37.73 -5.17
CA GLN E 741 -34.39 37.56 -5.93
C GLN E 741 -34.70 37.50 -7.44
N ALA E 742 -35.74 36.76 -7.81
CA ALA E 742 -36.12 36.66 -9.21
C ALA E 742 -36.58 38.01 -9.75
N ALA E 743 -37.33 38.77 -8.94
CA ALA E 743 -37.76 40.09 -9.36
C ALA E 743 -36.58 41.02 -9.59
N ALA E 744 -35.61 40.99 -8.68
CA ALA E 744 -34.42 41.81 -8.84
C ALA E 744 -33.62 41.39 -10.07
N GLN E 745 -33.53 40.07 -10.31
CA GLN E 745 -32.84 39.58 -11.50
C GLN E 745 -33.51 40.04 -12.78
N ALA E 746 -34.85 39.99 -12.82
CA ALA E 746 -35.58 40.44 -14.00
C ALA E 746 -35.42 41.96 -14.19
N CYS E 747 -35.45 42.72 -13.10
CA CYS E 747 -35.24 44.16 -13.19
C CYS E 747 -33.85 44.48 -13.72
N LEU E 748 -32.84 43.76 -13.23
CA LEU E 748 -31.48 43.98 -13.70
C LEU E 748 -31.34 43.56 -15.16
N GLU E 749 -32.06 42.51 -15.57
CA GLU E 749 -32.10 42.15 -16.98
C GLU E 749 -32.66 43.29 -17.82
N ARG E 750 -33.74 43.91 -17.36
CA ARG E 750 -34.32 45.03 -18.08
C ARG E 750 -33.33 46.20 -18.15
N VAL E 751 -32.64 46.47 -17.04
CA VAL E 751 -31.66 47.55 -17.01
C VAL E 751 -30.55 47.28 -18.02
N TYR E 752 -30.04 46.05 -18.05
CA TYR E 752 -28.97 45.71 -18.98
C TYR E 752 -29.44 45.81 -20.42
N THR E 753 -30.68 45.39 -20.71
CA THR E 753 -31.21 45.51 -22.06
C THR E 753 -31.32 46.97 -22.48
N GLN E 754 -31.86 47.82 -21.59
CA GLN E 754 -32.08 49.21 -21.96
C GLN E 754 -30.77 49.98 -22.05
N ARG E 755 -29.76 49.58 -21.27
CA ARG E 755 -28.51 50.32 -21.24
C ARG E 755 -27.74 50.18 -22.55
N GLN E 756 -27.93 49.09 -23.28
CA GLN E 756 -27.20 48.84 -24.51
C GLN E 756 -27.92 49.34 -25.75
N GLN E 757 -29.08 49.98 -25.59
CA GLN E 757 -29.83 50.51 -26.72
C GLN E 757 -29.91 52.02 -26.71
N LYS E 758 -30.40 52.62 -25.63
CA LYS E 758 -30.48 54.08 -25.56
C LYS E 758 -29.10 54.71 -25.56
N ARG E 759 -28.16 54.11 -24.83
CA ARG E 759 -26.78 54.61 -24.86
C ARG E 759 -26.16 54.45 -26.24
N LYS E 760 -26.42 53.31 -26.89
CA LYS E 760 -25.90 53.08 -28.24
C LYS E 760 -26.43 54.11 -29.22
N GLU E 761 -27.72 54.41 -29.15
CA GLU E 761 -28.33 55.40 -30.04
C GLU E 761 -28.70 56.66 -29.29
N GLU E 767 -23.41 57.73 -24.94
CA GLU E 767 -23.46 57.11 -23.63
C GLU E 767 -23.82 58.13 -22.55
N GLU E 768 -24.98 57.94 -21.92
CA GLU E 768 -25.38 58.84 -20.85
C GLU E 768 -24.73 58.46 -19.53
N GLU E 769 -25.11 57.29 -18.98
CA GLU E 769 -24.59 56.79 -17.72
C GLU E 769 -25.24 55.43 -17.44
N GLU E 770 -24.80 54.75 -16.39
CA GLU E 770 -25.58 53.65 -15.84
C GLU E 770 -26.88 54.24 -15.33
N ILE E 771 -27.98 53.96 -16.04
CA ILE E 771 -29.16 54.82 -15.95
C ILE E 771 -29.76 54.79 -14.54
N GLU E 772 -30.29 53.64 -14.12
CA GLU E 772 -31.02 53.55 -12.86
C GLU E 772 -31.15 52.11 -12.37
N PRO E 773 -31.09 51.88 -11.06
CA PRO E 773 -31.42 50.56 -10.52
C PRO E 773 -32.91 50.45 -10.18
N VAL E 774 -33.72 51.36 -10.74
CA VAL E 774 -35.12 51.47 -10.37
C VAL E 774 -35.85 50.16 -10.66
N ILE E 775 -36.66 49.73 -9.69
CA ILE E 775 -37.43 48.49 -9.80
C ILE E 775 -38.91 48.87 -9.86
N THR E 776 -39.59 48.45 -10.92
CA THR E 776 -40.97 48.82 -11.17
C THR E 776 -41.90 47.65 -10.87
N MET E 777 -43.21 47.88 -11.04
CA MET E 777 -44.19 46.82 -10.87
C MET E 777 -43.99 45.67 -11.86
N GLU E 778 -43.67 46.00 -13.11
CA GLU E 778 -43.57 44.94 -14.12
C GLU E 778 -42.50 43.91 -13.76
N ASP E 779 -41.47 44.32 -13.02
CA ASP E 779 -40.49 43.36 -12.53
C ASP E 779 -41.13 42.31 -11.63
N TRP E 780 -41.88 42.76 -10.62
CA TRP E 780 -42.54 41.83 -9.73
C TRP E 780 -43.62 41.03 -10.45
N GLU E 781 -44.29 41.66 -11.43
CA GLU E 781 -45.32 40.96 -12.18
C GLU E 781 -44.71 39.79 -12.97
N LYS E 782 -43.61 40.05 -13.67
CA LYS E 782 -42.95 38.98 -14.41
C LYS E 782 -42.36 37.94 -13.47
N ALA E 783 -41.89 38.38 -12.30
CA ALA E 783 -41.37 37.43 -11.31
C ALA E 783 -42.47 36.48 -10.83
N LEU E 784 -43.65 37.03 -10.53
CA LEU E 784 -44.73 36.19 -10.03
C LEU E 784 -45.30 35.31 -11.15
N ASN E 785 -45.27 35.79 -12.38
CA ASN E 785 -45.61 34.92 -13.51
C ASN E 785 -44.53 33.89 -13.80
N GLU E 786 -43.32 34.09 -13.27
CA GLU E 786 -42.21 33.17 -13.48
C GLU E 786 -41.70 32.61 -12.15
N VAL E 787 -42.63 32.18 -11.29
CA VAL E 787 -42.29 31.56 -10.02
C VAL E 787 -43.23 30.38 -9.80
N LYS E 788 -42.67 29.29 -9.26
CA LYS E 788 -43.43 28.08 -8.98
C LYS E 788 -43.30 27.74 -7.50
N PRO E 789 -44.41 27.61 -6.76
CA PRO E 789 -44.32 27.28 -5.35
C PRO E 789 -43.77 25.87 -5.13
N SER E 790 -43.15 25.69 -3.97
CA SER E 790 -42.56 24.40 -3.58
C SER E 790 -41.54 23.90 -4.60
N VAL F 199 14.21 58.07 -7.14
CA VAL F 199 14.62 57.41 -5.90
C VAL F 199 14.11 55.98 -5.86
N SER F 200 13.78 55.50 -4.65
CA SER F 200 13.33 54.12 -4.49
C SER F 200 12.03 53.88 -5.24
N ILE F 201 11.05 54.75 -5.04
CA ILE F 201 9.75 54.57 -5.68
C ILE F 201 9.82 54.93 -7.17
N LEU F 202 10.55 55.99 -7.52
CA LEU F 202 10.59 56.43 -8.90
C LEU F 202 11.16 55.36 -9.82
N ASP F 203 12.15 54.61 -9.34
CA ASP F 203 12.71 53.53 -10.14
C ASP F 203 11.85 52.28 -10.15
N ILE F 204 10.95 52.13 -9.19
CA ILE F 204 10.07 50.95 -9.09
C ILE F 204 8.64 51.44 -9.01
N ALA F 205 7.99 51.56 -10.16
CA ALA F 205 6.60 51.99 -10.23
C ALA F 205 5.70 50.82 -10.61
N GLY F 206 4.40 51.04 -10.52
CA GLY F 206 3.45 49.97 -10.76
C GLY F 206 3.31 48.99 -9.63
N VAL F 207 3.87 49.30 -8.45
CA VAL F 207 3.84 48.41 -7.30
C VAL F 207 3.05 49.09 -6.18
N ASP F 208 2.01 49.83 -6.56
CA ASP F 208 1.20 50.55 -5.58
C ASP F 208 0.66 49.61 -4.51
N ASP F 209 0.12 48.47 -4.92
CA ASP F 209 -0.41 47.51 -3.96
C ASP F 209 0.69 46.98 -3.05
N THR F 210 1.89 46.76 -3.60
CA THR F 210 2.99 46.25 -2.79
C THR F 210 3.34 47.23 -1.67
N LEU F 211 3.51 48.50 -2.00
CA LEU F 211 3.83 49.49 -0.98
C LEU F 211 2.67 49.70 -0.02
N GLN F 212 1.44 49.67 -0.51
CA GLN F 212 0.29 49.83 0.36
C GLN F 212 0.21 48.70 1.39
N ARG F 213 0.48 47.47 0.96
CA ARG F 213 0.48 46.34 1.90
C ARG F 213 1.73 46.36 2.78
N LEU F 214 2.82 46.94 2.29
CA LEU F 214 4.07 46.99 3.05
C LEU F 214 4.06 48.07 4.12
N LEU F 215 3.25 49.10 3.95
CA LEU F 215 3.31 50.26 4.84
C LEU F 215 3.14 49.88 6.30
N LYS F 216 1.96 49.38 6.67
CA LYS F 216 1.65 49.19 8.07
C LYS F 216 2.27 47.94 8.69
N GLU F 217 2.96 47.11 7.90
CA GLU F 217 3.75 46.02 8.46
C GLU F 217 5.25 46.28 8.46
N VAL F 218 5.73 47.34 7.80
CA VAL F 218 7.17 47.57 7.75
C VAL F 218 7.53 48.95 8.27
N TRP F 219 6.90 50.00 7.71
CA TRP F 219 7.27 51.36 8.09
C TRP F 219 6.88 51.65 9.53
N PHE F 220 5.76 51.12 9.98
CA PHE F 220 5.28 51.40 11.33
C PHE F 220 6.24 50.93 12.41
N PRO F 221 6.74 49.68 12.43
CA PRO F 221 7.64 49.29 13.52
C PRO F 221 9.02 49.88 13.41
N LEU F 222 9.61 49.89 12.21
CA LEU F 222 11.01 50.29 12.06
C LEU F 222 11.23 51.75 12.44
N ARG F 223 10.36 52.64 11.95
CA ARG F 223 10.52 54.06 12.24
C ARG F 223 9.71 54.48 13.46
N GLY F 224 8.39 54.26 13.43
CA GLY F 224 7.53 54.63 14.53
C GLY F 224 7.36 53.56 15.57
N GLY F 225 8.48 53.01 16.06
CA GLY F 225 8.42 51.94 17.04
C GLY F 225 7.91 52.41 18.39
N GLU F 226 8.04 53.71 18.68
CA GLU F 226 7.57 54.24 19.96
C GLU F 226 6.06 54.20 20.08
N ALA F 227 5.34 54.10 18.97
CA ALA F 227 3.88 53.92 19.04
C ALA F 227 3.53 52.62 19.75
N CYS F 228 4.26 51.55 19.44
CA CYS F 228 4.04 50.29 20.14
C CYS F 228 4.46 50.36 21.60
N GLU F 229 5.55 51.10 21.89
CA GLU F 229 5.97 51.27 23.28
C GLU F 229 4.90 51.97 24.09
N LYS F 230 4.29 53.01 23.52
CA LYS F 230 3.14 53.63 24.17
C LYS F 230 1.97 52.66 24.26
N MET F 231 1.77 51.85 23.22
CA MET F 231 0.74 50.83 23.24
C MET F 231 1.10 49.66 24.15
N GLY F 232 2.38 49.46 24.42
CA GLY F 232 2.81 48.34 25.24
C GLY F 232 2.60 46.99 24.60
N TYR F 233 2.79 46.88 23.29
CA TYR F 233 2.57 45.65 22.56
C TYR F 233 3.80 45.37 21.70
N ARG F 234 4.43 44.22 21.93
CA ARG F 234 5.54 43.79 21.09
C ARG F 234 5.02 43.48 19.69
N TYR F 235 5.79 43.89 18.67
CA TYR F 235 5.38 43.69 17.28
C TYR F 235 6.44 42.86 16.57
N ASP F 236 6.20 41.55 16.49
CA ASP F 236 7.10 40.61 15.83
C ASP F 236 6.39 40.05 14.60
N ASN F 237 7.03 40.15 13.44
CA ASN F 237 6.49 39.54 12.23
C ASN F 237 7.61 39.19 11.27
N GLY F 238 7.32 38.25 10.37
CA GLY F 238 8.18 37.97 9.23
C GLY F 238 7.40 38.06 7.93
N VAL F 239 7.75 39.04 7.10
CA VAL F 239 6.98 39.27 5.88
C VAL F 239 7.36 38.23 4.84
N LEU F 240 6.36 37.52 4.33
CA LEU F 240 6.56 36.49 3.32
C LEU F 240 6.40 37.14 1.94
N LEU F 241 7.51 37.32 1.24
CA LEU F 241 7.51 37.89 -0.10
C LEU F 241 7.69 36.77 -1.11
N HIS F 242 6.75 36.66 -2.05
CA HIS F 242 6.76 35.60 -3.04
C HIS F 242 6.64 36.20 -4.44
N GLY F 243 7.23 35.51 -5.41
CA GLY F 243 7.23 35.95 -6.78
C GLY F 243 8.39 35.37 -7.57
N PRO F 244 8.20 35.21 -8.88
CA PRO F 244 9.28 34.67 -9.71
C PRO F 244 10.49 35.58 -9.73
N SER F 245 11.65 34.97 -9.93
CA SER F 245 12.90 35.73 -9.98
C SER F 245 12.85 36.77 -11.08
N GLY F 246 13.31 37.99 -10.77
CA GLY F 246 13.25 39.10 -11.67
C GLY F 246 12.03 39.99 -11.52
N CYS F 247 11.04 39.56 -10.74
CA CYS F 247 9.87 40.40 -10.50
C CYS F 247 10.23 41.67 -9.73
N GLY F 248 11.31 41.64 -8.94
CA GLY F 248 11.76 42.83 -8.25
C GLY F 248 11.87 42.68 -6.75
N LYS F 249 12.03 41.45 -6.25
CA LYS F 249 12.18 41.25 -4.81
C LYS F 249 13.43 41.95 -4.29
N THR F 250 14.57 41.71 -4.94
CA THR F 250 15.80 42.37 -4.53
C THR F 250 15.71 43.89 -4.72
N THR F 251 15.05 44.31 -5.80
CA THR F 251 14.92 45.75 -6.05
C THR F 251 14.10 46.42 -4.96
N LEU F 252 12.97 45.84 -4.57
CA LEU F 252 12.15 46.43 -3.53
C LEU F 252 12.86 46.36 -2.17
N ALA F 253 13.62 45.29 -1.95
CA ALA F 253 14.39 45.18 -0.72
C ALA F 253 15.43 46.30 -0.61
N HIS F 254 16.18 46.53 -1.69
CA HIS F 254 17.14 47.63 -1.68
C HIS F 254 16.46 48.99 -1.70
N ALA F 255 15.23 49.07 -2.19
CA ALA F 255 14.47 50.32 -2.13
C ALA F 255 14.06 50.66 -0.70
N ILE F 256 13.53 49.68 0.03
CA ILE F 256 13.19 49.93 1.43
C ILE F 256 14.45 50.18 2.25
N ALA F 257 15.55 49.48 1.92
CA ALA F 257 16.81 49.73 2.62
C ALA F 257 17.33 51.14 2.38
N GLY F 258 17.25 51.63 1.14
CA GLY F 258 17.68 52.97 0.84
C GLY F 258 16.72 54.06 1.25
N SER F 259 15.46 53.71 1.51
CA SER F 259 14.46 54.68 1.95
C SER F 259 14.38 54.82 3.46
N ILE F 260 14.65 53.74 4.21
CA ILE F 260 14.61 53.84 5.67
C ILE F 260 15.72 54.76 6.17
N GLY F 261 16.88 54.76 5.51
CA GLY F 261 17.98 55.63 5.88
C GLY F 261 18.89 55.08 6.96
N VAL F 262 18.49 54.01 7.64
CA VAL F 262 19.33 53.41 8.68
C VAL F 262 20.27 52.41 8.02
N ALA F 263 21.32 52.02 8.73
CA ALA F 263 22.26 51.05 8.21
C ALA F 263 21.56 49.73 7.94
N PHE F 264 21.82 49.15 6.77
CA PHE F 264 21.21 47.90 6.34
C PHE F 264 22.30 46.89 6.03
N ILE F 265 22.05 45.64 6.43
CA ILE F 265 23.00 44.55 6.13
C ILE F 265 22.45 43.71 4.99
N PRO F 266 23.15 43.65 3.85
CA PRO F 266 22.67 42.85 2.72
C PRO F 266 22.97 41.37 2.93
N VAL F 267 21.92 40.58 3.07
CA VAL F 267 22.05 39.14 3.28
C VAL F 267 21.29 38.42 2.17
N SER F 268 21.97 37.48 1.51
CA SER F 268 21.38 36.62 0.49
C SER F 268 21.60 35.17 0.87
N ALA F 269 21.13 34.26 0.01
CA ALA F 269 21.36 32.84 0.25
C ALA F 269 22.83 32.47 0.27
N PRO F 270 23.67 32.86 -0.69
CA PRO F 270 25.09 32.54 -0.60
C PRO F 270 25.89 33.50 0.26
N SER F 271 25.27 34.56 0.79
CA SER F 271 26.02 35.52 1.59
C SER F 271 26.53 34.90 2.88
N VAL F 272 25.71 34.08 3.54
CA VAL F 272 26.10 33.44 4.78
C VAL F 272 26.35 31.95 4.55
N SER F 277 28.24 24.77 8.80
CA SER F 277 27.82 23.82 9.82
C SER F 277 28.21 24.30 11.21
N GLY F 278 27.94 25.57 11.49
CA GLY F 278 28.27 26.15 12.78
C GLY F 278 28.88 27.53 12.67
N GLU F 279 29.65 27.76 11.60
CA GLU F 279 30.25 29.08 11.39
C GLU F 279 29.24 30.06 10.80
N SER F 280 28.43 29.61 9.84
CA SER F 280 27.38 30.46 9.30
C SER F 280 26.33 30.77 10.35
N GLU F 281 26.05 29.81 11.23
CA GLU F 281 25.15 30.07 12.34
C GLU F 281 25.72 31.17 13.25
N LYS F 282 27.03 31.11 13.52
CA LYS F 282 27.67 32.16 14.30
C LYS F 282 27.62 33.50 13.57
N ASN F 283 27.75 33.49 12.24
CA ASN F 283 27.63 34.74 11.49
C ASN F 283 26.23 35.34 11.60
N ILE F 284 25.19 34.50 11.53
CA ILE F 284 23.83 34.99 11.68
C ILE F 284 23.59 35.50 13.10
N ARG F 285 24.18 34.83 14.10
CA ARG F 285 24.13 35.36 15.46
C ARG F 285 24.80 36.73 15.55
N ASP F 286 25.96 36.87 14.90
CA ASP F 286 26.64 38.16 14.85
C ASP F 286 25.76 39.23 14.23
N VAL F 287 25.08 38.91 13.14
CA VAL F 287 24.17 39.85 12.49
C VAL F 287 23.02 40.23 13.42
N PHE F 288 22.35 39.24 13.99
CA PHE F 288 21.11 39.49 14.72
C PHE F 288 21.37 40.19 16.05
N ASP F 289 22.44 39.79 16.76
CA ASP F 289 22.73 40.41 18.04
C ASP F 289 23.07 41.88 17.87
N GLU F 290 23.85 42.22 16.84
CA GLU F 290 24.13 43.62 16.57
C GLU F 290 22.89 44.35 16.04
N ALA F 291 22.03 43.65 15.30
CA ALA F 291 20.81 44.29 14.80
C ALA F 291 19.91 44.71 15.94
N ILE F 292 19.69 43.82 16.91
CA ILE F 292 18.89 44.19 18.07
C ILE F 292 19.64 45.19 18.93
N ARG F 293 20.96 45.05 19.04
CA ARG F 293 21.76 46.01 19.78
C ARG F 293 21.73 47.38 19.12
N LEU F 294 21.89 47.42 17.79
CA LEU F 294 21.84 48.67 17.02
C LEU F 294 20.43 48.83 16.48
N ALA F 295 19.53 49.30 17.35
CA ALA F 295 18.14 49.48 16.99
C ALA F 295 17.79 50.96 16.91
N PRO F 296 16.90 51.36 15.98
CA PRO F 296 16.23 50.49 14.99
C PRO F 296 17.14 50.13 13.82
N CYS F 297 16.82 49.05 13.13
CA CYS F 297 17.59 48.63 11.97
C CYS F 297 16.72 47.74 11.09
N LEU F 298 17.11 47.61 9.83
CA LEU F 298 16.39 46.82 8.85
C LEU F 298 17.24 45.61 8.46
N ILE F 299 16.63 44.43 8.52
CA ILE F 299 17.29 43.16 8.19
C ILE F 299 16.51 42.49 7.06
N PHE F 300 17.21 42.13 6.00
CA PHE F 300 16.61 41.40 4.89
C PHE F 300 17.53 40.25 4.48
N LEU F 301 16.93 39.08 4.25
CA LEU F 301 17.66 37.87 3.87
C LEU F 301 17.14 37.42 2.51
N ASP F 302 17.93 37.66 1.46
CA ASP F 302 17.47 37.37 0.11
C ASP F 302 17.61 35.87 -0.21
N GLU F 303 16.70 35.38 -1.05
CA GLU F 303 16.56 33.95 -1.34
C GLU F 303 16.61 33.12 -0.06
N ILE F 304 15.74 33.45 0.89
CA ILE F 304 15.73 32.76 2.17
C ILE F 304 15.38 31.28 2.02
N ASP F 305 14.66 30.91 0.96
CA ASP F 305 14.27 29.52 0.77
C ASP F 305 15.48 28.63 0.55
N ALA F 306 16.46 29.12 -0.22
CA ALA F 306 17.61 28.30 -0.62
C ALA F 306 18.50 27.90 0.55
N ILE F 307 18.34 28.54 1.72
CA ILE F 307 19.18 28.21 2.87
C ILE F 307 18.29 27.89 4.07
N ALA F 308 17.03 27.50 3.80
CA ALA F 308 16.09 27.16 4.86
C ALA F 308 15.39 25.86 4.53
N GLY F 309 16.10 24.92 3.93
CA GLY F 309 15.54 23.63 3.59
C GLY F 309 15.53 22.65 4.74
N MET F 318 23.25 21.58 7.20
CA MET F 318 23.57 22.98 7.43
C MET F 318 22.31 23.85 7.42
N GLU F 319 21.40 23.55 6.49
CA GLU F 319 20.21 24.38 6.32
C GLU F 319 19.25 24.24 7.50
N SER F 320 19.12 23.02 8.03
CA SER F 320 18.28 22.84 9.22
C SER F 320 18.85 23.58 10.43
N ARG F 321 20.18 23.61 10.56
CA ARG F 321 20.81 24.44 11.59
C ARG F 321 20.51 25.91 11.33
N ILE F 322 20.46 26.32 10.06
CA ILE F 322 20.12 27.71 9.75
C ILE F 322 18.69 28.01 10.19
N VAL F 323 17.77 27.07 9.97
CA VAL F 323 16.38 27.25 10.38
C VAL F 323 16.28 27.35 11.90
N ALA F 324 17.01 26.48 12.61
CA ALA F 324 17.02 26.56 14.07
C ALA F 324 17.59 27.89 14.56
N GLU F 325 18.65 28.38 13.90
CA GLU F 325 19.19 29.69 14.25
C GLU F 325 18.19 30.80 14.00
N ILE F 326 17.43 30.71 12.90
CA ILE F 326 16.42 31.72 12.60
C ILE F 326 15.32 31.70 13.66
N MET F 327 14.91 30.51 14.08
CA MET F 327 13.90 30.40 15.13
C MET F 327 14.39 31.03 16.43
N ASN F 328 15.61 30.67 16.84
CA ASN F 328 16.17 31.23 18.07
C ASN F 328 16.33 32.74 17.97
N GLY F 329 16.72 33.22 16.79
CA GLY F 329 16.88 34.65 16.60
C GLY F 329 15.57 35.41 16.67
N MET F 330 14.51 34.86 16.06
CA MET F 330 13.22 35.53 16.15
C MET F 330 12.69 35.52 17.58
N ASP F 331 12.93 34.43 18.31
CA ASP F 331 12.56 34.42 19.73
C ASP F 331 13.35 35.45 20.53
N ARG F 332 14.64 35.59 20.25
CA ARG F 332 15.47 36.53 21.01
C ARG F 332 15.14 37.97 20.65
N ILE F 333 14.67 38.19 19.41
CA ILE F 333 14.14 39.51 19.06
C ILE F 333 12.83 39.76 19.78
N ARG F 334 11.97 38.73 19.89
CA ARG F 334 10.72 38.89 20.62
C ARG F 334 10.95 39.26 22.07
N GLN F 335 11.93 38.63 22.71
CA GLN F 335 12.14 38.80 24.15
C GLN F 335 13.13 39.89 24.52
N ASN F 336 14.05 40.25 23.63
CA ASN F 336 15.11 41.19 23.96
C ASN F 336 14.91 42.58 23.37
N THR F 337 13.81 42.82 22.66
CA THR F 337 13.59 44.11 22.05
C THR F 337 13.36 45.18 23.12
N PRO F 338 13.81 46.42 22.89
CA PRO F 338 13.55 47.50 23.84
C PRO F 338 12.11 47.95 23.88
N LEU F 339 11.22 47.33 23.09
CA LEU F 339 9.79 47.60 23.01
C LEU F 339 9.48 48.95 22.36
N GLY F 340 10.49 49.75 22.05
CA GLY F 340 10.26 51.03 21.40
C GLY F 340 11.08 51.19 20.13
N LYS F 341 12.13 50.38 20.00
CA LYS F 341 12.98 50.36 18.80
C LYS F 341 13.28 48.90 18.49
N ASN F 342 12.48 48.30 17.61
CA ASN F 342 12.61 46.91 17.25
C ASN F 342 13.17 46.76 15.84
N VAL F 343 13.49 45.52 15.47
CA VAL F 343 13.99 45.18 14.16
C VAL F 343 13.09 44.10 13.56
N VAL F 344 12.85 44.21 12.25
CA VAL F 344 11.94 43.33 11.54
C VAL F 344 12.76 42.40 10.65
N VAL F 345 12.54 41.09 10.79
CA VAL F 345 13.20 40.10 9.95
C VAL F 345 12.42 40.03 8.63
N LEU F 346 12.98 40.63 7.58
CA LEU F 346 12.37 40.66 6.27
C LEU F 346 13.05 39.62 5.37
N ALA F 347 12.25 38.97 4.52
CA ALA F 347 12.80 37.96 3.64
C ALA F 347 11.93 37.87 2.39
N ALA F 348 12.52 37.32 1.33
CA ALA F 348 11.82 37.11 0.07
C ALA F 348 12.16 35.74 -0.47
N THR F 349 11.15 35.02 -0.93
CA THR F 349 11.32 33.68 -1.48
C THR F 349 10.72 33.61 -2.87
N ASN F 350 11.40 32.88 -3.76
CA ASN F 350 10.87 32.65 -5.10
C ASN F 350 9.74 31.62 -5.10
N ARG F 351 9.57 30.88 -4.01
CA ARG F 351 8.49 29.92 -3.86
C ARG F 351 8.14 29.78 -2.38
N PRO F 352 6.93 30.15 -1.97
CA PRO F 352 6.57 30.00 -0.55
C PRO F 352 6.58 28.57 -0.06
N GLU F 353 6.32 27.61 -0.96
CA GLU F 353 6.23 26.21 -0.56
C GLU F 353 7.57 25.65 -0.10
N PHE F 354 8.68 26.24 -0.52
CA PHE F 354 9.99 25.67 -0.17
C PHE F 354 10.32 25.90 1.30
N LEU F 355 9.74 26.92 1.92
CA LEU F 355 10.10 27.25 3.30
C LEU F 355 9.57 26.21 4.27
N ASP F 356 10.19 26.18 5.45
CA ASP F 356 9.78 25.26 6.50
C ASP F 356 8.36 25.60 6.95
N PRO F 357 7.49 24.61 7.14
CA PRO F 357 6.13 24.92 7.61
C PRO F 357 6.09 25.69 8.92
N ALA F 358 7.02 25.44 9.84
CA ALA F 358 7.10 26.25 11.05
C ALA F 358 7.41 27.71 10.70
N ILE F 359 8.35 27.93 9.79
CA ILE F 359 8.61 29.27 9.29
C ILE F 359 7.38 29.82 8.58
N ARG F 360 6.65 28.95 7.86
CA ARG F 360 5.45 29.39 7.16
C ARG F 360 4.41 29.94 8.14
N ARG F 361 4.14 29.21 9.23
CA ARG F 361 3.20 29.72 10.22
C ARG F 361 3.74 30.97 10.91
N ARG F 362 5.04 30.99 11.23
CA ARG F 362 5.62 32.17 11.85
C ARG F 362 5.58 33.37 10.91
N PHE F 363 5.87 33.14 9.63
CA PHE F 363 5.79 34.19 8.62
C PHE F 363 4.37 34.28 8.07
N SER F 364 3.49 34.81 8.92
CA SER F 364 2.07 34.96 8.60
C SER F 364 1.76 36.25 7.85
N VAL F 365 2.74 37.12 7.64
CA VAL F 365 2.55 38.37 6.92
C VAL F 365 2.97 38.17 5.48
N GLU F 366 2.05 38.43 4.55
CA GLU F 366 2.28 38.18 3.13
C GLU F 366 1.97 39.42 2.32
N ILE F 367 2.77 39.64 1.27
CA ILE F 367 2.54 40.69 0.29
C ILE F 367 2.60 40.07 -1.09
N ASP F 368 1.57 40.32 -1.90
CA ASP F 368 1.43 39.64 -3.20
C ASP F 368 2.02 40.53 -4.30
N MET F 369 3.14 40.09 -4.87
CA MET F 369 3.71 40.72 -6.06
C MET F 369 3.22 39.93 -7.27
N GLY F 370 2.04 40.31 -7.76
CA GLY F 370 1.40 39.58 -8.84
C GLY F 370 1.97 39.91 -10.21
N MET F 371 1.08 40.01 -11.19
CA MET F 371 1.49 40.27 -12.56
C MET F 371 2.09 41.67 -12.66
N PRO F 372 3.35 41.82 -13.07
CA PRO F 372 4.01 43.13 -13.04
C PRO F 372 3.33 44.13 -13.96
N SER F 373 3.23 45.37 -13.49
CA SER F 373 2.55 46.42 -14.22
C SER F 373 3.32 46.79 -15.49
N GLU F 374 2.63 47.44 -16.41
CA GLU F 374 3.26 47.85 -17.67
C GLU F 374 4.39 48.84 -17.42
N ARG F 375 4.16 49.80 -16.52
CA ARG F 375 5.24 50.71 -16.15
C ARG F 375 6.38 49.96 -15.47
N ALA F 376 6.05 49.01 -14.60
CA ALA F 376 7.07 48.19 -13.95
C ALA F 376 7.87 47.40 -14.98
N ARG F 377 7.18 46.80 -15.95
CA ARG F 377 7.86 46.02 -16.98
C ARG F 377 8.77 46.91 -17.82
N GLU F 378 8.28 48.10 -18.20
CA GLU F 378 9.11 49.02 -18.99
C GLU F 378 10.34 49.46 -18.20
N GLN F 379 10.16 49.79 -16.92
CA GLN F 379 11.28 50.29 -16.13
C GLN F 379 12.28 49.17 -15.83
N ILE F 380 11.81 47.94 -15.68
CA ILE F 380 12.75 46.84 -15.44
C ILE F 380 13.44 46.45 -16.74
N LEU F 381 12.79 46.68 -17.87
CA LEU F 381 13.47 46.54 -19.16
C LEU F 381 14.59 47.54 -19.30
N ARG F 382 14.33 48.79 -18.92
CA ARG F 382 15.39 49.79 -18.94
C ARG F 382 16.46 49.48 -17.89
N SER F 383 16.06 48.85 -16.78
CA SER F 383 17.01 48.47 -15.75
C SER F 383 17.80 47.23 -16.16
N LEU F 384 17.38 46.55 -17.23
CA LEU F 384 18.22 45.54 -17.83
C LEU F 384 19.23 46.16 -18.78
N THR F 385 18.82 47.22 -19.49
CA THR F 385 19.66 47.87 -20.50
C THR F 385 20.31 49.15 -19.98
N ARG F 386 21.25 49.03 -19.04
CA ARG F 386 22.05 50.20 -18.64
C ARG F 386 23.28 50.36 -19.52
N ASP F 387 24.15 49.34 -19.53
CA ASP F 387 25.41 49.41 -20.26
C ASP F 387 25.29 48.93 -21.69
N LEU F 388 24.09 48.57 -22.14
CA LEU F 388 23.92 48.11 -23.52
C LEU F 388 24.07 49.27 -24.49
N SER F 389 24.93 49.08 -25.50
CA SER F 389 25.11 50.06 -26.55
C SER F 389 23.89 50.00 -27.47
N LEU F 390 22.96 50.92 -27.28
CA LEU F 390 21.68 50.89 -27.98
C LEU F 390 21.51 52.15 -28.83
N ALA F 391 20.71 52.02 -29.88
CA ALA F 391 20.42 53.14 -30.75
C ALA F 391 19.35 54.03 -30.12
N ASP F 392 19.05 55.15 -30.79
CA ASP F 392 18.08 56.11 -30.29
C ASP F 392 16.66 55.77 -30.70
N ASP F 393 16.45 54.70 -31.47
CA ASP F 393 15.12 54.33 -31.95
C ASP F 393 14.32 53.53 -30.93
N ILE F 394 14.92 53.17 -29.81
CA ILE F 394 14.23 52.32 -28.83
C ILE F 394 13.11 53.12 -28.16
N ASN F 395 11.93 52.52 -28.09
CA ASN F 395 10.75 53.12 -27.45
C ASN F 395 10.21 52.08 -26.47
N PHE F 396 10.68 52.14 -25.22
CA PHE F 396 10.33 51.12 -24.24
C PHE F 396 8.83 51.10 -23.94
N LYS F 397 8.12 52.19 -24.25
CA LYS F 397 6.70 52.27 -23.91
C LYS F 397 5.89 51.19 -24.60
N GLU F 398 6.12 50.98 -25.90
CA GLU F 398 5.29 50.05 -26.65
C GLU F 398 5.62 48.59 -26.33
N LEU F 399 6.88 48.30 -26.01
CA LEU F 399 7.27 46.93 -25.69
C LEU F 399 6.51 46.43 -24.47
N ALA F 400 6.43 47.25 -23.42
CA ALA F 400 5.67 46.87 -22.23
C ALA F 400 4.20 46.71 -22.55
N LYS F 401 3.65 47.58 -23.40
CA LYS F 401 2.24 47.49 -23.76
C LYS F 401 1.93 46.23 -24.57
N MET F 402 2.91 45.70 -25.31
CA MET F 402 2.71 44.42 -25.98
C MET F 402 3.44 43.27 -25.27
N THR F 403 3.67 43.40 -23.97
CA THR F 403 4.29 42.34 -23.16
C THR F 403 3.38 42.06 -21.97
N PRO F 404 2.23 41.42 -22.20
CA PRO F 404 1.30 41.18 -21.10
C PRO F 404 1.63 39.97 -20.24
N GLY F 405 2.18 38.93 -20.86
CA GLY F 405 2.30 37.65 -20.18
C GLY F 405 3.71 37.21 -19.81
N TYR F 406 4.60 38.16 -19.52
CA TYR F 406 5.98 37.85 -19.20
C TYR F 406 6.33 38.38 -17.81
N VAL F 407 7.30 37.73 -17.18
CA VAL F 407 7.81 38.13 -15.87
C VAL F 407 9.28 38.48 -16.01
N GLY F 408 9.92 38.86 -14.90
CA GLY F 408 11.29 39.36 -14.96
C GLY F 408 12.24 38.39 -15.65
N SER F 409 12.14 37.10 -15.32
CA SER F 409 12.94 36.10 -16.01
C SER F 409 12.56 36.01 -17.48
N ASP F 410 11.27 36.13 -17.78
CA ASP F 410 10.82 36.11 -19.17
C ASP F 410 11.35 37.33 -19.93
N LEU F 411 11.36 38.50 -19.29
CA LEU F 411 11.94 39.67 -19.95
C LEU F 411 13.44 39.51 -20.13
N GLN F 412 14.11 38.84 -19.19
CA GLN F 412 15.53 38.53 -19.38
C GLN F 412 15.74 37.64 -20.60
N TYR F 413 14.89 36.62 -20.74
CA TYR F 413 14.95 35.77 -21.93
C TYR F 413 14.72 36.59 -23.20
N VAL F 414 13.76 37.52 -23.15
CA VAL F 414 13.44 38.33 -24.33
C VAL F 414 14.62 39.20 -24.71
N VAL F 415 15.24 39.87 -23.74
CA VAL F 415 16.35 40.76 -24.06
C VAL F 415 17.57 39.97 -24.51
N LYS F 416 17.78 38.78 -23.94
CA LYS F 416 18.89 37.96 -24.40
C LYS F 416 18.68 37.48 -25.83
N ALA F 417 17.44 37.09 -26.16
CA ALA F 417 17.14 36.71 -27.54
C ALA F 417 17.30 37.91 -28.48
N ALA F 418 16.91 39.09 -28.03
CA ALA F 418 17.10 40.30 -28.85
C ALA F 418 18.57 40.56 -29.10
N VAL F 419 19.41 40.41 -28.08
CA VAL F 419 20.85 40.58 -28.25
C VAL F 419 21.39 39.57 -29.24
N SER F 420 20.96 38.31 -29.11
CA SER F 420 21.44 37.26 -30.01
C SER F 420 21.02 37.55 -31.45
N GLU F 421 19.77 37.94 -31.66
CA GLU F 421 19.30 38.24 -33.02
C GLU F 421 20.00 39.47 -33.59
N SER F 422 20.23 40.49 -32.76
CA SER F 422 20.91 41.69 -33.22
C SER F 422 22.34 41.37 -33.66
N PHE F 423 23.04 40.56 -32.89
CA PHE F 423 24.40 40.17 -33.27
C PHE F 423 24.42 39.09 -34.36
N GLN F 424 23.29 38.43 -34.61
CA GLN F 424 23.20 37.56 -35.78
C GLN F 424 23.38 38.35 -37.07
N ALA F 425 22.99 39.63 -37.06
CA ALA F 425 23.25 40.49 -38.20
C ALA F 425 24.75 40.65 -38.43
N ASN F 426 25.51 40.86 -37.36
CA ASN F 426 26.96 40.92 -37.49
C ASN F 426 27.52 39.58 -37.97
N ILE F 427 27.00 38.48 -37.42
CA ILE F 427 27.51 37.15 -37.75
C ILE F 427 27.31 36.85 -39.23
N ASP F 428 26.10 37.07 -39.74
CA ASP F 428 25.87 36.73 -41.15
C ASP F 428 26.42 37.81 -42.07
N SER F 429 26.70 39.01 -41.56
CA SER F 429 27.50 39.96 -42.33
C SER F 429 28.90 39.41 -42.56
N LEU F 430 29.52 38.88 -41.51
CA LEU F 430 30.80 38.19 -41.67
C LEU F 430 30.66 36.98 -42.59
N LEU F 431 29.55 36.26 -42.49
CA LEU F 431 29.34 35.11 -43.37
C LEU F 431 29.30 35.51 -44.83
N ALA F 432 28.55 36.57 -45.15
CA ALA F 432 28.48 37.05 -46.53
C ALA F 432 29.82 37.59 -46.99
N GLN F 433 30.53 38.30 -46.11
CA GLN F 433 31.85 38.81 -46.47
C GLN F 433 32.81 37.67 -46.78
N ALA F 434 32.76 36.60 -45.98
CA ALA F 434 33.60 35.43 -46.24
C ALA F 434 33.21 34.76 -47.55
N ARG F 435 31.91 34.64 -47.82
CA ARG F 435 31.47 34.00 -49.06
C ARG F 435 31.94 34.80 -50.28
N ALA F 436 31.82 36.12 -50.23
CA ALA F 436 32.28 36.94 -51.35
C ALA F 436 33.80 36.96 -51.44
N LYS F 437 34.49 36.86 -50.30
CA LYS F 437 35.95 36.91 -50.30
C LYS F 437 36.54 35.69 -51.01
N HIS F 438 35.98 34.51 -50.78
CA HIS F 438 36.55 33.28 -51.31
C HIS F 438 35.87 32.93 -52.63
N PRO F 439 36.59 32.91 -53.74
CA PRO F 439 35.97 32.57 -55.04
C PRO F 439 35.66 31.08 -55.18
N ALA F 440 35.26 30.69 -56.38
CA ALA F 440 34.99 29.29 -56.74
C ALA F 440 33.70 28.78 -56.08
N ASP F 441 32.66 29.60 -56.11
CA ASP F 441 31.29 29.20 -55.78
C ASP F 441 31.16 28.78 -54.32
N HIS F 442 31.67 27.60 -53.97
CA HIS F 442 31.60 27.12 -52.60
C HIS F 442 32.79 26.21 -52.34
N LEU F 443 33.01 25.93 -51.05
CA LEU F 443 34.04 24.99 -50.63
C LEU F 443 33.49 23.77 -49.89
N ALA F 444 32.21 23.77 -49.53
CA ALA F 444 31.59 22.64 -48.82
C ALA F 444 30.25 22.35 -49.50
N ASN F 445 30.13 21.14 -50.04
CA ASN F 445 28.91 20.71 -50.72
C ASN F 445 27.98 19.90 -49.82
N VAL F 446 28.29 19.80 -48.52
CA VAL F 446 27.48 18.95 -47.64
C VAL F 446 26.16 19.62 -47.29
N SER F 447 26.21 20.80 -46.68
CA SER F 447 25.01 21.52 -46.27
C SER F 447 25.39 22.94 -45.90
N GLN F 448 24.39 23.82 -45.89
CA GLN F 448 24.67 25.25 -45.69
C GLN F 448 25.27 25.58 -44.33
N PRO F 449 24.79 25.06 -43.20
CA PRO F 449 25.42 25.44 -41.92
C PRO F 449 26.82 24.87 -41.77
N GLN F 450 27.03 23.62 -42.20
CA GLN F 450 28.36 23.05 -42.20
C GLN F 450 29.28 23.83 -43.15
N ARG F 451 28.72 24.29 -44.27
CA ARG F 451 29.50 25.15 -45.18
C ARG F 451 29.91 26.44 -44.48
N ASP F 452 28.99 27.05 -43.73
CA ASP F 452 29.32 28.27 -43.00
C ASP F 452 30.43 28.02 -41.99
N TRP F 453 30.33 26.92 -41.25
CA TRP F 453 31.34 26.60 -40.25
C TRP F 453 32.69 26.33 -40.90
N LEU F 454 32.70 25.62 -42.03
CA LEU F 454 33.95 25.36 -42.74
C LEU F 454 34.57 26.64 -43.25
N LEU F 455 33.76 27.56 -43.78
CA LEU F 455 34.28 28.85 -44.21
C LEU F 455 34.87 29.63 -43.05
N LEU F 456 34.18 29.61 -41.90
CA LEU F 456 34.67 30.33 -40.72
C LEU F 456 35.93 29.71 -40.15
N GLU F 457 36.12 28.40 -40.29
CA GLU F 457 37.29 27.74 -39.74
C GLU F 457 38.57 28.24 -40.39
N ALA F 458 38.61 28.24 -41.74
CA ALA F 458 39.84 28.56 -42.44
C ALA F 458 40.27 30.01 -42.20
N HIS F 459 39.32 30.94 -42.23
CA HIS F 459 39.64 32.35 -42.06
C HIS F 459 40.21 32.62 -40.67
N ARG F 460 39.39 32.42 -39.64
CA ARG F 460 39.82 32.49 -38.24
C ARG F 460 40.58 33.77 -37.92
N ASP F 461 41.90 33.77 -38.16
CA ASP F 461 42.77 34.80 -37.61
C ASP F 461 42.69 36.12 -38.36
N GLU F 462 42.17 36.15 -39.59
CA GLU F 462 42.08 37.39 -40.35
C GLU F 462 40.95 38.24 -39.78
N GLU F 463 41.26 38.95 -38.69
CA GLU F 463 40.27 39.74 -37.98
C GLU F 463 39.83 40.93 -38.81
N VAL F 464 38.62 41.41 -38.51
CA VAL F 464 38.02 42.54 -39.22
C VAL F 464 37.47 43.51 -38.17
N SER F 465 37.30 44.76 -38.59
CA SER F 465 36.67 45.76 -37.72
C SER F 465 35.20 45.41 -37.52
N TRP F 466 34.87 44.88 -36.35
CA TRP F 466 33.49 44.56 -36.05
C TRP F 466 32.65 45.83 -35.97
N PRO F 467 31.55 45.93 -36.70
CA PRO F 467 30.77 47.17 -36.68
C PRO F 467 30.25 47.49 -35.28
N SER F 468 30.23 48.78 -34.96
CA SER F 468 29.71 49.25 -33.67
C SER F 468 28.17 49.24 -33.71
N THR F 469 27.62 48.03 -33.81
CA THR F 469 26.18 47.87 -33.95
C THR F 469 25.48 48.22 -32.65
N LYS F 470 24.34 48.91 -32.78
CA LYS F 470 23.48 49.23 -31.65
C LYS F 470 22.17 48.50 -31.83
N ILE F 471 21.73 47.80 -30.77
CA ILE F 471 20.53 46.97 -30.87
C ILE F 471 19.33 47.86 -31.14
N THR F 472 18.53 47.48 -32.15
CA THR F 472 17.41 48.29 -32.60
C THR F 472 16.09 47.72 -32.09
N MET F 473 15.06 48.59 -32.14
CA MET F 473 13.74 48.19 -31.67
C MET F 473 13.13 47.12 -32.57
N GLU F 474 13.50 47.10 -33.85
CA GLU F 474 13.03 46.05 -34.75
C GLU F 474 13.52 44.68 -34.30
N GLN F 475 14.78 44.60 -33.85
CA GLN F 475 15.29 43.35 -33.31
C GLN F 475 14.55 42.94 -32.05
N PHE F 476 14.17 43.91 -31.21
CA PHE F 476 13.34 43.60 -30.05
C PHE F 476 11.99 43.02 -30.47
N ARG F 477 11.37 43.61 -31.50
CA ARG F 477 10.11 43.07 -31.99
C ARG F 477 10.28 41.64 -32.48
N LYS F 478 11.37 41.38 -33.21
CA LYS F 478 11.64 40.03 -33.68
C LYS F 478 11.82 39.07 -32.52
N ALA F 479 12.51 39.51 -31.46
CA ALA F 479 12.73 38.64 -30.31
C ALA F 479 11.45 38.38 -29.53
N VAL F 480 10.49 39.32 -29.57
CA VAL F 480 9.25 39.13 -28.82
C VAL F 480 8.54 37.85 -29.26
N SER F 481 8.46 37.62 -30.57
CA SER F 481 7.76 36.44 -31.06
C SER F 481 8.50 35.15 -30.70
N LEU F 482 9.82 35.17 -30.75
CA LEU F 482 10.59 33.95 -30.51
C LEU F 482 10.43 33.45 -29.08
N VAL F 483 10.49 34.34 -28.10
CA VAL F 483 10.42 33.95 -26.69
C VAL F 483 8.97 33.98 -26.25
N GLN F 484 8.51 32.85 -25.70
CA GLN F 484 7.14 32.76 -25.20
C GLN F 484 7.04 31.65 -24.16
N PRO F 485 7.65 31.81 -22.97
CA PRO F 485 7.52 30.79 -21.93
C PRO F 485 6.22 30.89 -21.16
N ALA F 486 5.76 32.13 -20.93
CA ALA F 486 4.51 32.42 -20.23
C ALA F 486 4.49 31.86 -18.81
N SER F 487 5.63 31.39 -18.32
CA SER F 487 5.79 30.81 -16.99
C SER F 487 4.90 29.60 -16.74
N LYS F 488 4.31 29.05 -17.80
CA LYS F 488 3.44 27.87 -17.70
C LYS F 488 3.25 27.31 -19.09
N ARG F 489 2.35 26.34 -19.23
CA ARG F 489 2.00 25.82 -20.55
C ARG F 489 1.36 26.90 -21.40
N GLU F 490 0.49 27.72 -20.80
CA GLU F 490 -0.16 28.82 -21.49
C GLU F 490 -0.05 30.15 -20.75
N GLY F 491 0.52 30.16 -19.55
CA GLY F 491 0.45 31.37 -18.74
C GLY F 491 -0.98 31.65 -18.36
N PHE F 492 -1.32 32.94 -18.31
CA PHE F 492 -2.72 33.30 -18.15
C PHE F 492 -3.43 33.47 -19.48
N SER F 493 -2.78 33.16 -20.60
CA SER F 493 -3.40 33.13 -21.92
C SER F 493 -4.10 34.46 -22.22
N THR F 494 -3.25 35.47 -22.43
CA THR F 494 -3.69 36.86 -22.65
C THR F 494 -4.90 36.90 -23.59
N ILE F 495 -5.76 37.89 -23.33
CA ILE F 495 -7.17 37.93 -23.77
C ILE F 495 -7.36 37.35 -25.16
N PRO F 496 -8.21 36.34 -25.30
CA PRO F 496 -8.44 35.73 -26.62
C PRO F 496 -9.09 36.71 -27.57
N ASP F 497 -8.81 36.53 -28.86
CA ASP F 497 -9.33 37.39 -29.91
C ASP F 497 -10.68 36.93 -30.45
N THR F 498 -11.21 35.82 -29.95
CA THR F 498 -12.48 35.31 -30.47
C THR F 498 -13.60 36.30 -30.19
N THR F 499 -14.44 36.52 -31.21
CA THR F 499 -15.58 37.42 -31.11
C THR F 499 -16.87 36.62 -31.08
N TRP F 500 -17.97 37.31 -30.79
CA TRP F 500 -19.28 36.67 -30.77
C TRP F 500 -19.75 36.26 -32.16
N SER F 501 -19.14 36.81 -33.21
CA SER F 501 -19.42 36.30 -34.55
C SER F 501 -18.86 34.90 -34.74
N HIS F 502 -17.74 34.58 -34.07
CA HIS F 502 -17.15 33.25 -34.19
C HIS F 502 -18.08 32.18 -33.63
N VAL F 503 -18.64 32.42 -32.44
CA VAL F 503 -19.58 31.48 -31.85
C VAL F 503 -20.89 31.53 -32.62
N GLY F 504 -21.44 30.36 -32.93
CA GLY F 504 -22.60 30.28 -33.80
C GLY F 504 -23.89 30.46 -33.04
N ALA F 505 -24.62 31.54 -33.33
CA ALA F 505 -25.97 31.78 -32.80
C ALA F 505 -25.91 31.81 -31.29
N LEU F 506 -26.66 30.96 -30.57
CA LEU F 506 -26.69 30.95 -29.11
C LEU F 506 -27.10 32.31 -28.54
N GLU F 507 -28.07 32.95 -29.19
CA GLU F 507 -28.51 34.28 -28.74
C GLU F 507 -29.06 34.22 -27.32
N ASP F 508 -29.92 33.25 -27.04
CA ASP F 508 -30.39 33.05 -25.66
C ASP F 508 -29.23 32.70 -24.74
N VAL F 509 -28.34 31.83 -25.22
CA VAL F 509 -27.16 31.47 -24.43
C VAL F 509 -26.26 32.69 -24.24
N ARG F 510 -26.10 33.49 -25.30
CA ARG F 510 -25.30 34.70 -25.19
C ARG F 510 -25.87 35.64 -24.13
N LYS F 511 -27.19 35.83 -24.13
CA LYS F 511 -27.83 36.70 -23.16
C LYS F 511 -27.68 36.15 -21.74
N LYS F 512 -27.81 34.83 -21.59
CA LYS F 512 -27.65 34.22 -20.27
C LYS F 512 -26.24 34.41 -19.75
N LEU F 513 -25.24 34.20 -20.61
CA LEU F 513 -23.86 34.50 -20.21
C LEU F 513 -23.68 35.96 -19.85
N GLU F 514 -24.25 36.88 -20.65
CA GLU F 514 -24.22 38.29 -20.29
C GLU F 514 -24.66 38.49 -18.86
N MET F 515 -25.93 38.18 -18.56
CA MET F 515 -26.49 38.51 -17.27
C MET F 515 -25.81 37.74 -16.14
N SER F 516 -25.31 36.53 -16.41
CA SER F 516 -24.71 35.73 -15.36
C SER F 516 -23.31 36.21 -14.99
N ILE F 517 -22.48 36.51 -15.98
CA ILE F 517 -21.06 36.74 -15.71
C ILE F 517 -20.61 38.11 -16.19
N ILE F 518 -21.01 38.50 -17.40
CA ILE F 518 -20.43 39.70 -18.00
C ILE F 518 -20.92 40.95 -17.28
N GLY F 519 -22.19 40.97 -16.89
CA GLY F 519 -22.76 42.05 -16.13
C GLY F 519 -22.04 42.28 -14.81
N PRO F 520 -21.82 41.22 -14.02
CA PRO F 520 -21.00 41.39 -12.81
C PRO F 520 -19.60 41.90 -13.09
N ILE F 521 -18.97 41.45 -14.17
CA ILE F 521 -17.60 41.86 -14.46
C ILE F 521 -17.55 43.33 -14.88
N LYS F 522 -18.46 43.72 -15.77
CA LYS F 522 -18.43 45.09 -16.30
C LYS F 522 -18.78 46.10 -15.21
N ASN F 523 -19.82 45.81 -14.42
CA ASN F 523 -20.33 46.74 -13.41
C ASN F 523 -20.43 46.03 -12.07
N PRO F 524 -19.29 45.86 -11.37
CA PRO F 524 -19.34 45.19 -10.06
C PRO F 524 -20.21 45.90 -9.05
N GLU F 525 -20.21 47.24 -9.06
CA GLU F 525 -21.03 47.98 -8.11
C GLU F 525 -22.51 47.86 -8.39
N LEU F 526 -22.89 47.55 -9.64
CA LEU F 526 -24.30 47.48 -9.99
C LEU F 526 -25.00 46.35 -9.23
N PHE F 527 -24.37 45.18 -9.16
CA PHE F 527 -24.97 44.06 -8.45
C PHE F 527 -25.10 44.35 -6.96
N THR F 528 -24.08 44.96 -6.35
CA THR F 528 -24.16 45.32 -4.94
C THR F 528 -25.27 46.34 -4.71
N ARG F 529 -25.42 47.30 -5.63
CA ARG F 529 -26.51 48.25 -5.51
C ARG F 529 -27.86 47.56 -5.63
N VAL F 530 -27.97 46.54 -6.50
CA VAL F 530 -29.19 45.72 -6.55
C VAL F 530 -29.23 44.70 -5.42
N GLY F 531 -28.08 44.36 -4.83
CA GLY F 531 -28.06 43.43 -3.71
C GLY F 531 -28.17 41.97 -4.09
N ILE F 532 -27.57 41.57 -5.20
CA ILE F 532 -27.50 40.17 -5.61
C ILE F 532 -26.03 39.80 -5.74
N LYS F 533 -25.58 38.86 -4.93
CA LYS F 533 -24.21 38.37 -5.06
C LYS F 533 -24.06 37.59 -6.36
N PRO F 534 -23.05 37.88 -7.16
CA PRO F 534 -22.86 37.13 -8.41
C PRO F 534 -22.59 35.66 -8.13
N ALA F 535 -23.06 34.82 -9.04
CA ALA F 535 -22.83 33.39 -8.92
C ALA F 535 -21.34 33.08 -9.07
N ALA F 536 -20.91 31.96 -8.49
CA ALA F 536 -19.51 31.57 -8.58
C ALA F 536 -19.07 31.32 -10.01
N GLY F 537 -20.01 31.10 -10.92
CA GLY F 537 -19.65 30.89 -12.31
C GLY F 537 -20.78 30.24 -13.07
N ILE F 538 -20.41 29.45 -14.09
CA ILE F 538 -21.37 28.82 -14.98
C ILE F 538 -21.04 27.35 -15.12
N LEU F 539 -22.01 26.59 -15.61
CA LEU F 539 -21.83 25.19 -15.96
C LEU F 539 -22.33 24.98 -17.38
N LEU F 540 -21.53 24.28 -18.19
CA LEU F 540 -21.86 24.03 -19.59
C LEU F 540 -22.03 22.54 -19.82
N TRP F 541 -23.02 22.19 -20.62
CA TRP F 541 -23.32 20.79 -20.91
C TRP F 541 -23.94 20.67 -22.29
N GLY F 542 -23.91 19.46 -22.83
CA GLY F 542 -24.50 19.18 -24.11
C GLY F 542 -23.67 18.21 -24.93
N PRO F 543 -23.48 18.53 -26.21
CA PRO F 543 -22.64 17.69 -27.08
C PRO F 543 -21.21 17.68 -26.60
N PRO F 544 -20.36 16.80 -27.15
CA PRO F 544 -18.96 16.76 -26.72
C PRO F 544 -18.21 18.06 -26.97
N GLY F 545 -16.94 18.10 -26.56
CA GLY F 545 -16.19 19.34 -26.57
C GLY F 545 -15.78 19.81 -27.95
N CYS F 546 -16.77 20.23 -28.74
CA CYS F 546 -16.49 20.74 -30.08
C CYS F 546 -16.12 22.22 -30.05
N GLY F 547 -16.95 23.04 -29.41
CA GLY F 547 -16.71 24.48 -29.40
C GLY F 547 -16.97 25.16 -28.08
N LYS F 548 -16.86 24.41 -26.97
CA LYS F 548 -17.01 25.03 -25.65
C LYS F 548 -15.91 26.04 -25.38
N THR F 549 -14.69 25.77 -25.84
CA THR F 549 -13.60 26.72 -25.66
C THR F 549 -13.90 28.03 -26.38
N LEU F 550 -14.57 27.96 -27.53
CA LEU F 550 -14.98 29.19 -28.22
C LEU F 550 -15.97 29.98 -27.37
N VAL F 551 -16.92 29.30 -26.74
CA VAL F 551 -17.91 29.99 -25.90
C VAL F 551 -17.23 30.66 -24.73
N ALA F 552 -16.30 29.95 -24.08
CA ALA F 552 -15.58 30.54 -22.95
C ALA F 552 -14.72 31.71 -23.38
N LYS F 553 -14.04 31.57 -24.52
CA LYS F 553 -13.12 32.61 -24.98
C LYS F 553 -13.88 33.86 -25.43
N ALA F 554 -15.08 33.69 -25.98
CA ALA F 554 -15.88 34.86 -26.33
C ALA F 554 -16.25 35.67 -25.09
N VAL F 555 -16.66 34.99 -24.02
CA VAL F 555 -16.98 35.68 -22.76
C VAL F 555 -15.75 36.37 -22.22
N ALA F 556 -14.60 35.68 -22.26
CA ALA F 556 -13.36 36.29 -21.78
C ALA F 556 -13.00 37.53 -22.58
N ASN F 557 -13.14 37.46 -23.92
CA ASN F 557 -12.80 38.59 -24.77
C ASN F 557 -13.72 39.78 -24.51
N GLU F 558 -15.03 39.52 -24.39
CA GLU F 558 -15.95 40.63 -24.12
C GLU F 558 -15.68 41.24 -22.75
N SER F 559 -15.42 40.39 -21.75
CA SER F 559 -15.05 40.89 -20.43
C SER F 559 -13.66 41.54 -20.41
N LYS F 560 -12.83 41.26 -21.41
CA LYS F 560 -11.47 41.80 -21.50
C LYS F 560 -10.68 41.51 -20.23
N ALA F 561 -10.77 40.27 -19.76
CA ALA F 561 -10.06 39.81 -18.57
C ALA F 561 -9.19 38.61 -18.93
N ASN F 562 -8.45 38.12 -17.94
CA ASN F 562 -7.55 37.00 -18.17
C ASN F 562 -8.34 35.71 -18.32
N PHE F 563 -7.85 34.82 -19.19
CA PHE F 563 -8.51 33.56 -19.50
C PHE F 563 -7.57 32.41 -19.22
N ILE F 564 -7.85 31.64 -18.17
CA ILE F 564 -7.03 30.49 -17.80
C ILE F 564 -7.89 29.24 -17.92
N SER F 565 -7.39 28.25 -18.66
CA SER F 565 -8.12 27.01 -18.88
C SER F 565 -7.29 25.82 -18.41
N ILE F 566 -8.00 24.78 -17.95
CA ILE F 566 -7.38 23.54 -17.51
C ILE F 566 -7.97 22.41 -18.33
N LYS F 567 -7.11 21.61 -18.94
CA LYS F 567 -7.53 20.58 -19.89
C LYS F 567 -7.97 19.29 -19.20
N GLY F 568 -8.90 19.42 -18.25
CA GLY F 568 -9.52 18.28 -17.62
C GLY F 568 -8.57 17.44 -16.80
N PRO F 569 -8.37 16.18 -17.21
CA PRO F 569 -7.57 15.25 -16.41
C PRO F 569 -6.07 15.47 -16.54
N GLU F 570 -5.63 16.73 -16.41
CA GLU F 570 -4.21 17.05 -16.38
C GLU F 570 -3.71 17.47 -15.01
N LEU F 571 -4.53 18.20 -14.26
CA LEU F 571 -4.12 18.63 -12.92
C LEU F 571 -3.91 17.44 -12.00
N LEU F 572 -4.62 16.34 -12.23
CA LEU F 572 -4.50 15.15 -11.39
C LEU F 572 -3.37 14.28 -11.92
N ASN F 573 -2.29 14.17 -11.15
CA ASN F 573 -1.17 13.31 -11.50
C ASN F 573 -0.85 12.37 -10.34
N LYS F 574 0.30 11.70 -10.40
CA LYS F 574 0.65 10.72 -9.38
C LYS F 574 0.80 11.34 -7.99
N TYR F 575 1.03 12.64 -7.91
CA TYR F 575 1.11 13.29 -6.60
C TYR F 575 -0.29 13.43 -6.00
N VAL F 576 -0.36 13.25 -4.68
CA VAL F 576 -1.60 13.44 -3.92
C VAL F 576 -1.50 14.65 -3.00
N GLY F 577 -0.31 14.91 -2.45
CA GLY F 577 -0.12 16.11 -1.65
C GLY F 577 -0.23 17.38 -2.47
N GLU F 578 0.36 17.38 -3.66
CA GLU F 578 0.33 18.53 -4.54
C GLU F 578 -0.89 18.55 -5.46
N SER F 579 -1.72 17.51 -5.43
CA SER F 579 -2.94 17.52 -6.24
C SER F 579 -3.86 18.68 -5.85
N GLU F 580 -4.07 18.88 -4.54
CA GLU F 580 -4.82 20.02 -4.07
C GLU F 580 -4.00 21.30 -4.11
N ARG F 581 -2.67 21.20 -3.99
CA ARG F 581 -1.82 22.37 -4.05
C ARG F 581 -1.90 23.05 -5.41
N ALA F 582 -2.00 22.26 -6.48
CA ALA F 582 -2.16 22.84 -7.81
C ALA F 582 -3.47 23.63 -7.91
N VAL F 583 -4.55 23.07 -7.36
CA VAL F 583 -5.83 23.78 -7.37
C VAL F 583 -5.71 25.08 -6.59
N ARG F 584 -5.08 25.02 -5.42
CA ARG F 584 -4.91 26.23 -4.61
C ARG F 584 -4.09 27.27 -5.35
N GLN F 585 -3.01 26.85 -6.01
CA GLN F 585 -2.15 27.78 -6.73
C GLN F 585 -2.85 28.42 -7.91
N LEU F 586 -3.70 27.66 -8.61
CA LEU F 586 -4.44 28.23 -9.73
C LEU F 586 -5.33 29.38 -9.26
N PHE F 587 -6.06 29.17 -8.16
CA PHE F 587 -6.91 30.24 -7.63
C PHE F 587 -6.08 31.38 -7.07
N SER F 588 -4.91 31.08 -6.50
CA SER F 588 -4.04 32.14 -6.01
C SER F 588 -3.58 33.05 -7.15
N ARG F 589 -3.12 32.45 -8.25
CA ARG F 589 -2.72 33.25 -9.40
C ARG F 589 -3.90 34.01 -10.01
N ALA F 590 -5.07 33.37 -10.07
CA ALA F 590 -6.24 34.06 -10.59
C ALA F 590 -6.61 35.27 -9.74
N LYS F 591 -6.52 35.13 -8.41
CA LYS F 591 -6.75 36.27 -7.53
C LYS F 591 -5.69 37.35 -7.74
N SER F 592 -4.44 36.93 -7.94
CA SER F 592 -3.38 37.90 -8.20
C SER F 592 -3.62 38.63 -9.52
N SER F 593 -4.10 37.93 -10.54
CA SER F 593 -4.34 38.51 -11.87
C SER F 593 -5.79 38.93 -12.06
N ALA F 594 -6.46 39.35 -10.99
CA ALA F 594 -7.84 39.78 -11.12
C ALA F 594 -7.94 41.05 -11.95
N PRO F 595 -8.98 41.19 -12.80
CA PRO F 595 -10.04 40.20 -13.01
C PRO F 595 -9.61 39.07 -13.93
N CYS F 596 -10.21 37.89 -13.77
CA CYS F 596 -9.85 36.73 -14.56
C CYS F 596 -11.06 35.80 -14.68
N ILE F 597 -11.03 34.97 -15.71
CA ILE F 597 -12.01 33.92 -15.91
C ILE F 597 -11.26 32.59 -15.96
N LEU F 598 -11.80 31.57 -15.29
CA LEU F 598 -11.16 30.27 -15.20
C LEU F 598 -12.02 29.23 -15.90
N PHE F 599 -11.41 28.46 -16.79
CA PHE F 599 -12.12 27.49 -17.63
C PHE F 599 -11.77 26.07 -17.21
N PHE F 600 -12.79 25.28 -16.89
CA PHE F 600 -12.65 23.87 -16.56
C PHE F 600 -13.46 23.05 -17.56
N ASP F 601 -12.83 22.66 -18.66
CA ASP F 601 -13.45 21.73 -19.58
C ASP F 601 -13.28 20.30 -19.05
N GLN F 602 -14.17 19.41 -19.49
CA GLN F 602 -14.19 18.03 -19.02
C GLN F 602 -14.26 17.99 -17.49
N MET F 603 -15.32 18.61 -16.96
CA MET F 603 -15.43 18.80 -15.51
C MET F 603 -15.53 17.46 -14.80
N ASP F 604 -15.91 16.40 -15.51
CA ASP F 604 -16.00 15.07 -14.94
C ASP F 604 -14.67 14.56 -14.40
N ALA F 605 -13.55 15.09 -14.91
CA ALA F 605 -12.24 14.56 -14.54
C ALA F 605 -11.87 14.87 -13.10
N LEU F 606 -12.56 15.81 -12.46
CA LEU F 606 -12.25 16.24 -11.10
C LEU F 606 -13.26 15.73 -10.08
N VAL F 607 -14.55 15.99 -10.31
CA VAL F 607 -15.56 15.73 -9.28
C VAL F 607 -16.76 14.96 -9.83
N PRO F 608 -16.63 13.66 -10.13
CA PRO F 608 -17.81 12.86 -10.48
C PRO F 608 -18.77 12.73 -9.30
N ARG F 609 -19.89 12.05 -9.51
CA ARG F 609 -20.89 11.94 -8.45
C ARG F 609 -20.32 11.21 -7.24
N ARG F 610 -20.40 11.85 -6.07
CA ARG F 610 -19.96 11.23 -4.82
C ARG F 610 -21.16 10.63 -4.09
N ASP F 611 -21.78 9.66 -4.77
CA ASP F 611 -22.75 8.81 -4.09
C ASP F 611 -22.07 7.91 -3.08
N ASP F 612 -20.84 7.48 -3.38
CA ASP F 612 -20.03 6.66 -2.51
C ASP F 612 -18.74 7.45 -2.24
N SER F 613 -18.67 8.07 -1.07
CA SER F 613 -17.50 8.89 -0.71
C SER F 613 -16.43 7.98 -0.09
N LEU F 614 -15.75 7.24 -0.96
CA LEU F 614 -14.72 6.30 -0.56
C LEU F 614 -13.31 6.81 -0.82
N SER F 615 -13.05 7.31 -2.02
CA SER F 615 -11.71 7.77 -2.40
C SER F 615 -11.35 8.99 -1.57
N ASP F 616 -10.38 8.83 -0.65
CA ASP F 616 -9.98 9.92 0.21
C ASP F 616 -9.35 11.07 -0.57
N ALA F 617 -8.54 10.76 -1.59
CA ALA F 617 -7.95 11.82 -2.41
C ALA F 617 -9.02 12.61 -3.14
N SER F 618 -10.06 11.93 -3.63
CA SER F 618 -11.14 12.62 -4.32
C SER F 618 -11.85 13.58 -3.38
N ALA F 619 -12.10 13.15 -2.14
CA ALA F 619 -12.72 14.04 -1.15
C ALA F 619 -11.81 15.21 -0.82
N ARG F 620 -10.51 14.96 -0.64
CA ARG F 620 -9.56 16.03 -0.37
C ARG F 620 -9.53 17.05 -1.50
N VAL F 621 -9.67 16.61 -2.74
CA VAL F 621 -9.69 17.50 -3.89
C VAL F 621 -11.00 18.29 -3.96
N VAL F 622 -12.14 17.61 -3.81
CA VAL F 622 -13.43 18.27 -4.01
C VAL F 622 -13.68 19.29 -2.90
N ASN F 623 -13.37 18.94 -1.64
CA ASN F 623 -13.61 19.87 -0.56
C ASN F 623 -12.74 21.12 -0.70
N THR F 624 -11.46 20.93 -1.02
CA THR F 624 -10.57 22.07 -1.20
C THR F 624 -11.03 22.94 -2.37
N LEU F 625 -11.38 22.32 -3.49
CA LEU F 625 -11.83 23.09 -4.65
C LEU F 625 -13.11 23.87 -4.33
N LEU F 626 -14.05 23.24 -3.64
CA LEU F 626 -15.27 23.94 -3.23
C LEU F 626 -14.95 25.12 -2.33
N THR F 627 -14.06 24.93 -1.36
CA THR F 627 -13.72 26.01 -0.45
C THR F 627 -13.10 27.18 -1.19
N GLU F 628 -12.13 26.89 -2.08
CA GLU F 628 -11.46 27.97 -2.80
C GLU F 628 -12.42 28.72 -3.72
N LEU F 629 -13.29 28.00 -4.43
CA LEU F 629 -14.19 28.70 -5.35
C LEU F 629 -15.27 29.47 -4.59
N ASP F 630 -15.70 28.95 -3.45
CA ASP F 630 -16.70 29.66 -2.64
C ASP F 630 -16.10 30.90 -2.01
N GLY F 631 -14.81 30.86 -1.68
CA GLY F 631 -14.17 31.99 -1.02
C GLY F 631 -14.25 33.27 -1.83
N VAL F 632 -14.02 33.19 -3.13
CA VAL F 632 -13.97 34.36 -4.01
C VAL F 632 -14.93 34.13 -5.17
N GLY F 633 -16.16 34.64 -5.03
CA GLY F 633 -17.14 34.54 -6.09
C GLY F 633 -17.98 35.78 -6.31
N ASP F 634 -17.82 36.79 -5.45
CA ASP F 634 -18.71 37.95 -5.46
C ASP F 634 -18.06 39.21 -6.01
N ARG F 635 -16.93 39.63 -5.44
CA ARG F 635 -16.31 40.90 -5.79
C ARG F 635 -14.87 40.80 -6.25
N SER F 636 -14.17 39.70 -5.98
CA SER F 636 -12.77 39.58 -6.35
C SER F 636 -12.54 39.61 -7.86
N GLY F 637 -13.59 39.42 -8.66
CA GLY F 637 -13.45 39.45 -10.10
C GLY F 637 -13.05 38.14 -10.73
N ILE F 638 -12.96 37.06 -9.95
CA ILE F 638 -12.62 35.74 -10.48
C ILE F 638 -13.90 34.93 -10.60
N TYR F 639 -14.14 34.38 -11.80
CA TYR F 639 -15.30 33.54 -12.05
C TYR F 639 -14.82 32.27 -12.74
N VAL F 640 -15.29 31.13 -12.28
CA VAL F 640 -14.86 29.83 -12.80
C VAL F 640 -15.93 29.28 -13.74
N ILE F 641 -15.50 28.77 -14.88
CA ILE F 641 -16.40 28.22 -15.89
C ILE F 641 -16.29 26.70 -15.85
N GLY F 642 -17.43 26.04 -15.65
CA GLY F 642 -17.49 24.59 -15.66
C GLY F 642 -18.03 24.08 -16.98
N ALA F 643 -17.32 23.14 -17.59
CA ALA F 643 -17.70 22.57 -18.87
C ALA F 643 -17.59 21.05 -18.79
N THR F 644 -18.60 20.36 -19.31
CA THR F 644 -18.63 18.91 -19.34
C THR F 644 -19.57 18.47 -20.46
N ASN F 645 -19.88 17.18 -20.49
CA ASN F 645 -20.80 16.62 -21.47
C ASN F 645 -22.18 16.31 -20.90
N ARG F 646 -22.24 15.90 -19.63
CA ARG F 646 -23.51 15.59 -18.98
C ARG F 646 -23.57 16.28 -17.63
N PRO F 647 -24.65 16.98 -17.31
CA PRO F 647 -24.76 17.58 -15.96
C PRO F 647 -24.78 16.56 -14.85
N ASP F 648 -25.23 15.34 -15.13
CA ASP F 648 -25.54 14.36 -14.10
C ASP F 648 -24.32 13.56 -13.64
N MET F 649 -23.14 13.79 -14.20
CA MET F 649 -21.93 13.13 -13.72
C MET F 649 -21.00 14.07 -12.96
N ILE F 650 -21.55 15.07 -12.28
CA ILE F 650 -20.78 16.03 -11.51
C ILE F 650 -21.18 15.92 -10.05
N ASP F 651 -20.26 16.29 -9.16
CA ASP F 651 -20.55 16.26 -7.73
C ASP F 651 -21.77 17.10 -7.42
N GLU F 652 -22.67 16.54 -6.59
CA GLU F 652 -23.93 17.17 -6.26
C GLU F 652 -23.75 18.44 -5.44
N ALA F 653 -22.70 18.52 -4.62
CA ALA F 653 -22.49 19.66 -3.75
C ALA F 653 -22.03 20.91 -4.49
N ILE F 654 -22.11 20.92 -5.82
CA ILE F 654 -21.69 22.06 -6.63
C ILE F 654 -22.92 22.69 -7.27
N ARG F 655 -23.88 21.86 -7.67
CA ARG F 655 -25.00 22.33 -8.47
C ARG F 655 -25.98 23.22 -7.73
N ARG F 656 -25.96 23.25 -6.40
CA ARG F 656 -26.93 24.07 -5.69
C ARG F 656 -26.48 25.53 -5.72
N PRO F 657 -27.41 26.47 -5.52
CA PRO F 657 -27.09 27.88 -5.72
C PRO F 657 -25.95 28.35 -4.84
N GLY F 658 -25.40 29.51 -5.21
CA GLY F 658 -24.22 30.05 -4.57
C GLY F 658 -22.94 29.68 -5.29
N ARG F 659 -22.71 28.38 -5.43
CA ARG F 659 -21.59 27.83 -6.18
C ARG F 659 -22.06 27.58 -7.62
N LEU F 660 -21.32 26.75 -8.36
CA LEU F 660 -21.55 26.58 -9.81
C LEU F 660 -22.88 25.88 -10.01
N GLY F 661 -23.96 26.62 -9.81
CA GLY F 661 -25.31 26.12 -10.01
C GLY F 661 -25.97 26.54 -11.30
N THR F 662 -25.32 27.40 -12.08
CA THR F 662 -25.89 27.89 -13.34
C THR F 662 -25.50 26.92 -14.45
N SER F 663 -26.44 26.04 -14.82
CA SER F 663 -26.22 25.05 -15.86
C SER F 663 -26.77 25.58 -17.17
N ILE F 664 -25.92 25.67 -18.18
CA ILE F 664 -26.26 26.23 -19.49
C ILE F 664 -25.99 25.18 -20.55
N TYR F 665 -26.95 24.98 -21.45
CA TYR F 665 -26.83 24.00 -22.52
C TYR F 665 -26.26 24.68 -23.77
N VAL F 666 -25.14 24.17 -24.26
CA VAL F 666 -24.51 24.68 -25.47
C VAL F 666 -25.05 23.92 -26.66
N GLY F 667 -25.51 24.65 -27.68
CA GLY F 667 -26.12 24.03 -28.84
C GLY F 667 -25.11 23.69 -29.93
N LEU F 668 -25.55 22.83 -30.85
CA LEU F 668 -24.72 22.43 -31.97
C LEU F 668 -24.64 23.55 -33.00
N PRO F 669 -23.57 23.59 -33.79
CA PRO F 669 -23.45 24.62 -34.82
C PRO F 669 -24.54 24.47 -35.88
N SER F 670 -24.92 25.60 -36.48
CA SER F 670 -25.97 25.63 -37.49
C SER F 670 -25.38 25.35 -38.86
N ALA F 671 -26.24 25.39 -39.89
CA ALA F 671 -25.81 25.12 -41.25
C ALA F 671 -24.78 26.14 -41.72
N GLU F 672 -25.04 27.42 -41.45
CA GLU F 672 -24.09 28.46 -41.81
C GLU F 672 -22.75 28.25 -41.10
N ASP F 673 -22.81 27.83 -39.84
CA ASP F 673 -21.59 27.46 -39.12
C ASP F 673 -20.93 26.24 -39.75
N ARG F 674 -21.74 25.27 -40.18
CA ARG F 674 -21.20 24.06 -40.79
C ARG F 674 -20.45 24.35 -42.08
N VAL F 675 -20.92 25.34 -42.85
CA VAL F 675 -20.20 25.72 -44.07
C VAL F 675 -18.79 26.18 -43.74
N LYS F 676 -18.66 27.04 -42.72
CA LYS F 676 -17.33 27.51 -42.31
C LYS F 676 -16.49 26.37 -41.75
N ILE F 677 -17.12 25.46 -41.00
CA ILE F 677 -16.38 24.33 -40.45
C ILE F 677 -15.79 23.49 -41.56
N LEU F 678 -16.58 23.18 -42.59
CA LEU F 678 -16.04 22.47 -43.74
C LEU F 678 -14.99 23.29 -44.47
N LYS F 679 -15.20 24.60 -44.59
CA LYS F 679 -14.29 25.43 -45.36
C LYS F 679 -12.89 25.46 -44.75
N THR F 680 -12.82 25.63 -43.42
CA THR F 680 -11.51 25.68 -42.77
C THR F 680 -10.74 24.38 -42.95
N LEU F 681 -11.40 23.25 -42.68
CA LEU F 681 -10.72 21.96 -42.80
C LEU F 681 -10.33 21.67 -44.24
N TYR F 682 -11.20 22.00 -45.20
CA TYR F 682 -10.88 21.73 -46.59
C TYR F 682 -9.75 22.62 -47.09
N ARG F 683 -9.69 23.87 -46.61
CA ARG F 683 -8.54 24.71 -46.89
C ARG F 683 -7.27 24.12 -46.31
N ASN F 684 -7.35 23.56 -45.09
CA ASN F 684 -6.22 22.88 -44.50
C ASN F 684 -5.81 21.63 -45.25
N THR F 685 -6.72 20.98 -45.97
CA THR F 685 -6.39 19.78 -46.73
C THR F 685 -5.54 20.08 -47.96
N VAL F 686 -5.44 21.34 -48.37
CA VAL F 686 -4.65 21.69 -49.54
C VAL F 686 -3.20 21.94 -49.16
N GLY F 713 -10.85 21.73 -57.21
CA GLY F 713 -11.05 23.10 -56.77
C GLY F 713 -11.63 23.19 -55.37
N THR F 714 -11.82 24.42 -54.90
CA THR F 714 -12.36 24.62 -53.56
C THR F 714 -13.86 24.32 -53.52
N THR F 715 -14.60 24.74 -54.54
CA THR F 715 -16.03 24.47 -54.67
C THR F 715 -16.79 24.86 -53.41
N ASP F 716 -16.74 26.16 -53.09
CA ASP F 716 -17.40 26.66 -51.89
C ASP F 716 -18.91 26.50 -51.99
N ALA F 717 -19.49 26.82 -53.15
CA ALA F 717 -20.92 26.65 -53.33
C ALA F 717 -21.34 25.20 -53.20
N ASP F 718 -20.51 24.28 -53.71
CA ASP F 718 -20.77 22.86 -53.53
C ASP F 718 -20.75 22.47 -52.05
N LEU F 719 -19.78 23.00 -51.29
CA LEU F 719 -19.74 22.73 -49.86
C LEU F 719 -20.95 23.30 -49.16
N GLU F 720 -21.52 24.40 -49.67
CA GLU F 720 -22.77 24.91 -49.10
C GLU F 720 -23.89 23.87 -49.21
N LYS F 721 -24.06 23.29 -50.40
CA LYS F 721 -25.08 22.25 -50.55
C LYS F 721 -24.77 21.03 -49.69
N VAL F 722 -23.49 20.67 -49.59
CA VAL F 722 -23.10 19.55 -48.74
C VAL F 722 -23.52 19.81 -47.30
N ALA F 723 -23.28 21.03 -46.80
CA ALA F 723 -23.70 21.39 -45.46
C ALA F 723 -25.21 21.50 -45.33
N LEU F 724 -25.92 21.70 -46.43
CA LEU F 724 -27.38 21.78 -46.40
C LEU F 724 -28.05 20.43 -46.60
N ASP F 725 -27.29 19.34 -46.67
CA ASP F 725 -27.89 18.01 -46.83
C ASP F 725 -28.72 17.65 -45.60
N LEU F 726 -29.89 17.07 -45.85
CA LEU F 726 -30.78 16.68 -44.76
C LEU F 726 -30.16 15.57 -43.91
N ARG F 727 -29.51 14.59 -44.54
CA ARG F 727 -28.90 13.49 -43.80
C ARG F 727 -27.68 13.93 -43.02
N CYS F 728 -27.11 15.10 -43.33
CA CYS F 728 -25.98 15.65 -42.62
C CYS F 728 -26.39 16.47 -41.40
N THR F 729 -27.70 16.64 -41.18
CA THR F 729 -28.17 17.51 -40.11
C THR F 729 -27.74 16.98 -38.74
N GLY F 730 -27.84 15.68 -38.51
CA GLY F 730 -27.57 15.11 -37.21
C GLY F 730 -26.11 14.95 -36.87
N PHE F 731 -25.31 15.95 -37.19
CA PHE F 731 -23.87 15.96 -36.93
C PHE F 731 -23.52 17.09 -35.97
N SER F 732 -22.25 17.17 -35.62
CA SER F 732 -21.73 18.23 -34.76
C SER F 732 -20.28 18.48 -35.13
N GLY F 733 -19.59 19.27 -34.31
CA GLY F 733 -18.26 19.73 -34.68
C GLY F 733 -17.28 18.60 -34.97
N ALA F 734 -17.33 17.54 -34.17
CA ALA F 734 -16.46 16.40 -34.40
C ALA F 734 -16.93 15.57 -35.61
N ASP F 735 -18.23 15.56 -35.86
CA ASP F 735 -18.80 14.65 -36.85
C ASP F 735 -18.43 15.06 -38.27
N LEU F 736 -18.44 16.36 -38.56
CA LEU F 736 -18.14 16.82 -39.91
C LEU F 736 -16.70 16.48 -40.32
N GLY F 737 -15.76 16.60 -39.38
CA GLY F 737 -14.39 16.21 -39.68
C GLY F 737 -14.26 14.74 -40.03
N ASN F 738 -14.90 13.87 -39.26
CA ASN F 738 -14.87 12.44 -39.57
C ASN F 738 -15.57 12.17 -40.90
N LEU F 739 -16.64 12.90 -41.19
CA LEU F 739 -17.32 12.76 -42.48
C LEU F 739 -16.39 13.11 -43.63
N MET F 740 -15.64 14.20 -43.48
CA MET F 740 -14.68 14.58 -44.53
C MET F 740 -13.58 13.54 -44.67
N GLN F 741 -13.09 13.01 -43.54
CA GLN F 741 -12.05 11.99 -43.60
C GLN F 741 -12.56 10.73 -44.28
N ALA F 742 -13.82 10.36 -44.04
CA ALA F 742 -14.41 9.22 -44.72
C ALA F 742 -14.63 9.48 -46.20
N ALA F 743 -14.99 10.73 -46.56
CA ALA F 743 -15.11 11.09 -47.97
C ALA F 743 -13.77 10.96 -48.67
N ALA F 744 -12.70 11.38 -48.00
CA ALA F 744 -11.36 11.17 -48.52
C ALA F 744 -11.08 9.69 -48.74
N GLN F 745 -11.62 8.83 -47.87
CA GLN F 745 -11.44 7.39 -48.04
C GLN F 745 -12.06 6.90 -49.34
N ALA F 746 -13.31 7.29 -49.62
CA ALA F 746 -13.95 6.88 -50.86
C ALA F 746 -13.23 7.48 -52.07
N CYS F 747 -12.78 8.73 -51.94
CA CYS F 747 -12.04 9.36 -53.03
C CYS F 747 -10.77 8.58 -53.35
N LEU F 748 -10.01 8.17 -52.32
CA LEU F 748 -8.78 7.45 -52.59
C LEU F 748 -9.06 6.03 -53.06
N GLU F 749 -10.18 5.44 -52.63
CA GLU F 749 -10.58 4.15 -53.17
C GLU F 749 -10.83 4.25 -54.68
N ARG F 750 -11.55 5.30 -55.09
CA ARG F 750 -11.75 5.53 -56.51
C ARG F 750 -10.42 5.79 -57.22
N VAL F 751 -9.50 6.50 -56.56
CA VAL F 751 -8.19 6.76 -57.14
C VAL F 751 -7.43 5.45 -57.36
N TYR F 752 -7.47 4.54 -56.39
CA TYR F 752 -6.83 3.24 -56.55
C TYR F 752 -7.46 2.45 -57.69
N THR F 753 -8.79 2.47 -57.78
CA THR F 753 -9.44 1.74 -58.86
C THR F 753 -9.04 2.30 -60.22
N GLN F 754 -9.01 3.63 -60.35
CA GLN F 754 -8.58 4.24 -61.60
C GLN F 754 -7.13 3.92 -61.91
N ARG F 755 -6.26 3.95 -60.89
CA ARG F 755 -4.85 3.66 -61.08
C ARG F 755 -4.66 2.23 -61.57
N GLN F 756 -5.39 1.28 -60.98
CA GLN F 756 -5.29 -0.10 -61.43
C GLN F 756 -5.80 -0.26 -62.86
N GLN F 757 -6.98 0.32 -63.15
CA GLN F 757 -7.60 0.11 -64.45
C GLN F 757 -6.78 0.74 -65.57
N LYS F 758 -6.36 2.00 -65.40
CA LYS F 758 -5.61 2.68 -66.45
C LYS F 758 -4.28 2.01 -66.71
N ARG F 759 -3.57 1.61 -65.65
CA ARG F 759 -2.29 0.93 -65.83
C ARG F 759 -2.48 -0.42 -66.50
N LYS F 760 -3.51 -1.17 -66.11
CA LYS F 760 -3.71 -2.52 -66.64
C LYS F 760 -4.51 -2.50 -67.95
N GLU F 761 -5.73 -1.95 -67.92
CA GLU F 761 -6.57 -1.97 -69.10
C GLU F 761 -6.23 -0.83 -70.05
N GLY F 762 -6.33 0.41 -69.58
CA GLY F 762 -6.07 1.57 -70.42
C GLY F 762 -4.62 1.71 -70.84
N ALA F 766 2.98 3.19 -69.05
CA ALA F 766 1.61 2.90 -68.62
C ALA F 766 1.39 3.39 -67.19
N GLU F 767 2.30 2.99 -66.29
CA GLU F 767 2.22 3.39 -64.88
C GLU F 767 2.84 4.77 -64.73
N GLU F 768 2.04 5.78 -65.05
CA GLU F 768 2.46 7.17 -64.97
C GLU F 768 2.05 7.85 -63.66
N GLU F 769 1.63 7.06 -62.67
CA GLU F 769 1.19 7.54 -61.36
C GLU F 769 0.42 8.86 -61.45
N GLU F 770 -0.61 8.84 -62.30
CA GLU F 770 -1.48 10.00 -62.51
C GLU F 770 -2.40 10.16 -61.30
N ILE F 771 -1.80 10.62 -60.20
CA ILE F 771 -2.51 10.79 -58.93
C ILE F 771 -3.30 12.09 -58.98
N GLU F 772 -4.58 12.00 -58.58
CA GLU F 772 -5.46 13.17 -58.54
C GLU F 772 -6.25 13.19 -57.25
N PRO F 773 -6.15 14.26 -56.45
CA PRO F 773 -6.90 14.35 -55.19
C PRO F 773 -8.23 15.07 -55.28
N VAL F 774 -8.74 15.35 -56.48
CA VAL F 774 -9.97 16.12 -56.63
C VAL F 774 -11.15 15.34 -56.05
N ILE F 775 -12.00 16.04 -55.31
CA ILE F 775 -13.16 15.45 -54.64
C ILE F 775 -14.41 16.07 -55.23
N THR F 776 -15.33 15.23 -55.68
CA THR F 776 -16.58 15.66 -56.30
C THR F 776 -17.78 15.24 -55.45
N MET F 777 -18.97 15.65 -55.90
CA MET F 777 -20.21 15.33 -55.20
C MET F 777 -20.41 13.84 -54.98
N GLU F 778 -19.87 12.99 -55.86
CA GLU F 778 -20.02 11.55 -55.67
C GLU F 778 -19.37 11.10 -54.37
N ASP F 779 -18.17 11.63 -54.08
CA ASP F 779 -17.46 11.23 -52.87
C ASP F 779 -18.21 11.66 -51.62
N TRP F 780 -18.62 12.94 -51.54
CA TRP F 780 -19.35 13.40 -50.37
C TRP F 780 -20.68 12.67 -50.22
N GLU F 781 -21.39 12.44 -51.32
CA GLU F 781 -22.67 11.74 -51.25
C GLU F 781 -22.49 10.32 -50.73
N LYS F 782 -21.49 9.60 -51.28
CA LYS F 782 -21.26 8.23 -50.85
C LYS F 782 -20.85 8.16 -49.39
N ALA F 783 -19.96 9.07 -48.96
CA ALA F 783 -19.55 9.09 -47.56
C ALA F 783 -20.73 9.42 -46.64
N LEU F 784 -21.55 10.40 -47.04
CA LEU F 784 -22.69 10.78 -46.23
C LEU F 784 -23.68 9.63 -46.08
N ASN F 785 -23.90 8.88 -47.17
CA ASN F 785 -24.73 7.68 -47.05
C ASN F 785 -24.06 6.63 -46.17
N GLU F 786 -22.74 6.51 -46.25
CA GLU F 786 -22.01 5.50 -45.49
C GLU F 786 -21.70 5.93 -44.05
N VAL F 787 -21.94 7.19 -43.69
CA VAL F 787 -21.70 7.66 -42.34
C VAL F 787 -23.03 7.84 -41.63
N LYS F 788 -23.02 7.62 -40.32
CA LYS F 788 -24.22 7.67 -39.50
C LYS F 788 -24.09 8.75 -38.44
N PRO F 789 -25.21 9.35 -38.03
CA PRO F 789 -25.15 10.37 -36.96
C PRO F 789 -24.76 9.76 -35.63
N SER F 790 -24.12 10.58 -34.80
CA SER F 790 -23.70 10.15 -33.47
C SER F 790 -24.83 10.33 -32.47
N VAL F 791 -24.57 9.96 -31.23
CA VAL F 791 -25.57 10.07 -30.17
C VAL F 791 -25.24 11.26 -29.26
N UNK G 1 44.05 12.10 2.35
CA UNK G 1 43.66 11.35 3.52
C UNK G 1 43.39 9.89 3.17
N UNK G 2 43.52 9.56 1.89
CA UNK G 2 43.30 8.21 1.37
C UNK G 2 41.91 7.70 1.78
N UNK G 3 40.91 8.56 1.60
CA UNK G 3 39.55 8.19 1.96
C UNK G 3 39.07 6.99 1.15
N UNK G 4 38.45 6.04 1.85
CA UNK G 4 37.95 4.82 1.23
C UNK G 4 36.42 4.90 1.14
N UNK G 5 35.89 4.61 -0.04
CA UNK G 5 34.44 4.63 -0.25
C UNK G 5 33.80 3.53 0.58
N UNK G 6 33.11 3.90 1.65
CA UNK G 6 32.46 2.95 2.55
C UNK G 6 30.97 2.91 2.25
N UNK G 7 30.49 1.76 1.80
CA UNK G 7 29.08 1.61 1.51
C UNK G 7 28.26 1.70 2.79
N UNK G 8 27.15 2.44 2.72
CA UNK G 8 26.27 2.64 3.86
C UNK G 8 24.85 2.25 3.48
N UNK G 9 24.20 1.45 4.33
CA UNK G 9 22.83 1.05 4.08
C UNK G 9 21.91 2.26 4.16
N UNK G 10 20.93 2.30 3.26
CA UNK G 10 19.99 3.42 3.16
C UNK G 10 18.60 2.95 3.59
N UNK G 11 18.00 3.67 4.53
CA UNK G 11 16.66 3.38 5.02
C UNK G 11 15.67 4.26 4.26
N UNK G 12 15.42 3.88 3.01
CA UNK G 12 14.52 4.61 2.13
C UNK G 12 13.12 4.00 2.19
N UNK G 13 12.12 4.86 1.98
CA UNK G 13 10.72 4.45 2.04
C UNK G 13 10.13 4.44 0.64
N UNK G 14 9.44 3.34 0.31
CA UNK G 14 8.77 3.19 -0.99
C UNK G 14 7.41 2.56 -0.72
N UNK G 15 6.39 3.40 -0.59
CA UNK G 15 5.05 2.91 -0.28
C UNK G 15 4.51 2.06 -1.42
N UNK G 16 3.78 1.01 -1.06
CA UNK G 16 3.18 0.10 -2.03
C UNK G 16 1.67 0.09 -1.85
N UNK G 17 0.94 0.09 -2.96
CA UNK G 17 -0.51 0.06 -2.92
C UNK G 17 -1.00 -1.32 -2.51
N UNK G 18 -2.28 -1.40 -2.18
CA UNK G 18 -2.88 -2.66 -1.75
C UNK G 18 -4.35 -2.66 -2.11
N UNK G 19 -4.81 -3.73 -2.75
CA UNK G 19 -6.22 -3.86 -3.09
C UNK G 19 -7.05 -4.15 -1.85
N UNK G 20 -8.37 -3.99 -1.99
CA UNK G 20 -9.28 -4.21 -0.87
C UNK G 20 -10.66 -4.53 -1.41
N UNK G 21 -11.33 -5.49 -0.77
CA UNK G 21 -12.69 -5.85 -1.15
C UNK G 21 -13.66 -4.81 -0.61
N UNK G 22 -14.94 -4.96 -0.98
CA UNK G 22 -15.96 -4.01 -0.55
C UNK G 22 -17.31 -4.71 -0.56
N UNK G 23 -17.89 -4.89 0.63
CA UNK G 23 -19.21 -5.49 0.74
C UNK G 23 -20.27 -4.47 0.35
N UNK G 24 -21.51 -4.92 0.21
CA UNK G 24 -22.60 -4.05 -0.17
C UNK G 24 -23.91 -4.61 0.36
N UNK G 25 -24.90 -3.73 0.45
CA UNK G 25 -26.24 -4.11 0.89
C UNK G 25 -27.07 -4.54 -0.31
N UNK G 26 -27.87 -5.59 -0.12
CA UNK G 26 -28.70 -6.11 -1.19
C UNK G 26 -29.71 -5.07 -1.66
N UNK G 27 -29.81 -4.92 -2.97
CA UNK G 27 -30.73 -3.95 -3.56
C UNK G 27 -31.10 -4.33 -4.98
#